data_4KI8
#
_entry.id   4KI8
#
_cell.length_a   235.222
_cell.length_b   141.655
_cell.length_c   156.693
_cell.angle_alpha   90.00
_cell.angle_beta   113.84
_cell.angle_gamma   90.00
#
_symmetry.space_group_name_H-M   'C 1 2 1'
#
loop_
_entity.id
_entity.type
_entity.pdbx_description
1 polymer 'GroEL protein'
2 non-polymer "ADENOSINE-5'-DIPHOSPHATE"
3 non-polymer 'MAGNESIUM ION'
4 non-polymer 'POTASSIUM ION'
5 non-polymer (4S)-2-METHYL-2,4-PENTANEDIOL
6 non-polymer 'CALCIUM ION'
7 water water
#
_entity_poly.entity_id   1
_entity_poly.type   'polypeptide(L)'
_entity_poly.pdbx_seq_one_letter_code
;MAAKDVKFGNDARVKMLRGVNVLADAVKVTLGPKGRNVVLDKSFGAPTITKDGVSVAREIELEDKFENMGAQMVKEVASK
ANAAAGDGTTTATVLAQAIITEGLKAVAAGMNPMDLKRGIDKAVTAAVEELKALSVPCSDSKAIAQVGTISANSDETVGK
LIAEAMDKVGKEGVITVEDGTGLQDELDVVEGMQFDAGYLSPYFINKPETGAVELESPFILLADKKISNIREMLPVLEAV
AKAGKPLLIIAEDVEGEALATLVVNTMRGIVKVAAVKAPGFGDRRKAMLQDIATLTGGTVISEEIGMELEKATLEDLGQA
KRVVINKDTTTIIDGVGEEAAIQGRVAQIRQQIEEATSDYDREKLQERVAKLAGGVAVIKVGAATEVEMKEKKARVEDAL
HATRAAVEEGVVAGGGVALIRVASKLADLRGQNEDQNVGIKVALRAMEAPLRQIVLNCGEEPSVVANTVKGGDGNYGYNA
ATEEYGNMIDMGILDPTKVTRSALQYAASVAGLMITTECMVTDLPKNDAADLGAAGGMGGMGGMGGMM
;
_entity_poly.pdbx_strand_id   A,B,C,D,E,F,G
#
# COMPACT_ATOMS: atom_id res chain seq x y z
N ALA A 2 19.31 7.85 17.22
CA ALA A 2 18.02 8.43 17.57
C ALA A 2 18.13 9.35 18.78
N ALA A 3 17.32 10.41 18.78
CA ALA A 3 17.25 11.31 19.91
C ALA A 3 16.89 10.55 21.19
N LYS A 4 17.48 11.00 22.29
CA LYS A 4 17.40 10.28 23.56
C LYS A 4 16.68 11.10 24.62
N ASP A 5 16.06 10.41 25.58
CA ASP A 5 15.53 11.05 26.76
C ASP A 5 16.61 10.90 27.84
N VAL A 6 17.00 11.99 28.49
CA VAL A 6 18.04 11.92 29.50
C VAL A 6 17.58 12.46 30.87
N LYS A 7 17.64 11.62 31.90
CA LYS A 7 17.32 12.05 33.26
C LYS A 7 18.53 11.97 34.21
N PHE A 8 18.48 12.79 35.25
CA PHE A 8 19.60 12.93 36.16
C PHE A 8 19.16 12.72 37.60
N GLY A 9 20.07 12.24 38.43
CA GLY A 9 19.90 12.26 39.87
C GLY A 9 18.59 11.71 40.37
N ASN A 10 17.96 12.45 41.28
CA ASN A 10 16.75 11.98 41.92
C ASN A 10 15.64 11.65 40.95
N ASP A 11 15.45 12.51 39.97
CA ASP A 11 14.46 12.31 38.92
C ASP A 11 14.69 10.96 38.22
N ALA A 12 15.96 10.60 38.03
CA ALA A 12 16.31 9.31 37.43
C ALA A 12 16.15 8.12 38.39
N ARG A 13 16.69 8.27 39.60
CA ARG A 13 16.63 7.22 40.59
C ARG A 13 15.18 6.86 40.98
N VAL A 14 14.31 7.85 41.05
CA VAL A 14 12.90 7.62 41.36
C VAL A 14 12.23 6.72 40.32
N LYS A 15 12.51 6.95 39.04
CA LYS A 15 11.86 6.18 38.00
C LYS A 15 12.38 4.75 37.96
N MET A 16 13.69 4.63 38.14
CA MET A 16 14.35 3.35 38.28
C MET A 16 13.76 2.55 39.46
N LEU A 17 13.62 3.19 40.62
CA LEU A 17 13.04 2.53 41.78
C LEU A 17 11.61 2.06 41.51
N ARG A 18 10.85 2.88 40.79
CA ARG A 18 9.46 2.57 40.49
CA ARG A 18 9.46 2.59 40.47
C ARG A 18 9.33 1.33 39.61
N GLY A 19 10.26 1.17 38.66
CA GLY A 19 10.25 0.00 37.80
C GLY A 19 10.70 -1.25 38.53
N VAL A 20 11.61 -1.09 39.47
CA VAL A 20 12.03 -2.17 40.35
C VAL A 20 10.85 -2.65 41.20
N ASN A 21 10.09 -1.70 41.75
CA ASN A 21 8.93 -2.05 42.56
C ASN A 21 7.91 -2.87 41.78
N VAL A 22 7.60 -2.47 40.56
CA VAL A 22 6.65 -3.22 39.75
C VAL A 22 7.12 -4.65 39.54
N LEU A 23 8.37 -4.81 39.16
CA LEU A 23 8.95 -6.13 38.98
C LEU A 23 8.91 -6.94 40.27
N ALA A 24 9.44 -6.38 41.34
CA ALA A 24 9.58 -7.14 42.59
C ALA A 24 8.24 -7.42 43.26
N ASP A 25 7.32 -6.46 43.20
CA ASP A 25 6.02 -6.66 43.81
C ASP A 25 5.27 -7.80 43.13
N ALA A 26 5.48 -7.96 41.82
CA ALA A 26 4.81 -8.99 41.04
C ALA A 26 5.48 -10.34 41.27
N VAL A 27 6.82 -10.32 41.30
CA VAL A 27 7.59 -11.54 41.58
C VAL A 27 7.48 -12.01 43.03
N LYS A 28 7.60 -11.09 43.99
CA LYS A 28 7.74 -11.48 45.40
C LYS A 28 6.49 -12.14 46.04
N VAL A 29 5.32 -11.99 45.43
CA VAL A 29 4.12 -12.56 46.03
C VAL A 29 4.05 -14.07 45.83
N THR A 30 4.94 -14.58 44.98
CA THR A 30 5.04 -15.99 44.69
C THR A 30 6.09 -16.73 45.53
N LEU A 31 6.69 -16.03 46.48
CA LEU A 31 7.79 -16.59 47.26
C LEU A 31 7.29 -17.62 48.27
N GLY A 32 7.90 -18.80 48.27
CA GLY A 32 7.63 -19.79 49.30
C GLY A 32 6.39 -20.63 49.05
N PRO A 33 6.10 -21.55 49.97
CA PRO A 33 5.04 -22.58 49.82
C PRO A 33 3.63 -21.97 49.79
N LYS A 34 3.47 -20.81 50.40
CA LYS A 34 2.23 -20.02 50.42
C LYS A 34 2.14 -18.96 49.33
N GLY A 35 3.06 -18.98 48.37
CA GLY A 35 3.02 -18.05 47.27
C GLY A 35 1.65 -17.95 46.60
N ARG A 36 1.26 -16.71 46.36
CA ARG A 36 0.05 -16.38 45.63
C ARG A 36 0.22 -16.61 44.13
N ASN A 37 -0.89 -16.70 43.40
CA ASN A 37 -0.84 -16.86 41.95
C ASN A 37 -0.68 -15.55 41.22
N VAL A 38 0.11 -15.61 40.14
CA VAL A 38 0.21 -14.52 39.19
C VAL A 38 -0.30 -15.04 37.84
N VAL A 39 -1.26 -14.33 37.25
CA VAL A 39 -1.79 -14.74 35.95
C VAL A 39 -1.08 -14.04 34.81
N LEU A 40 -0.55 -14.81 33.88
CA LEU A 40 0.21 -14.27 32.76
C LEU A 40 -0.49 -14.57 31.43
N ASP A 41 -0.75 -13.51 30.68
CA ASP A 41 -1.50 -13.64 29.44
C ASP A 41 -0.70 -14.26 28.29
N LYS A 42 -1.39 -14.97 27.42
CA LYS A 42 -0.85 -15.36 26.13
C LYS A 42 -1.69 -14.70 25.05
N SER A 43 -1.04 -14.27 23.97
CA SER A 43 -1.73 -13.63 22.86
C SER A 43 -2.88 -14.46 22.32
N PHE A 44 -2.77 -15.78 22.46
CA PHE A 44 -3.83 -16.71 22.08
C PHE A 44 -3.95 -17.80 23.15
N GLY A 45 -5.10 -18.45 23.22
CA GLY A 45 -5.31 -19.51 24.19
C GLY A 45 -5.73 -19.01 25.56
N ALA A 46 -5.31 -19.74 26.60
CA ALA A 46 -5.76 -19.41 27.94
C ALA A 46 -4.60 -18.98 28.82
N PRO A 47 -4.87 -18.08 29.76
CA PRO A 47 -3.84 -17.50 30.62
C PRO A 47 -3.10 -18.56 31.42
N THR A 48 -1.83 -18.30 31.67
CA THR A 48 -1.00 -19.17 32.46
C THR A 48 -1.10 -18.69 33.90
N ILE A 49 -1.32 -19.62 34.82
CA ILE A 49 -1.37 -19.28 36.23
C ILE A 49 -0.20 -19.94 36.92
N THR A 50 0.66 -19.13 37.56
CA THR A 50 1.93 -19.64 38.08
C THR A 50 2.33 -19.08 39.44
N LYS A 51 2.99 -19.92 40.22
CA LYS A 51 3.70 -19.50 41.43
C LYS A 51 5.21 -19.32 41.24
N ASP A 52 5.67 -19.47 39.99
CA ASP A 52 7.10 -19.49 39.70
C ASP A 52 7.64 -18.10 39.35
N GLY A 53 8.47 -17.57 40.26
CA GLY A 53 9.07 -16.25 40.09
C GLY A 53 9.78 -16.10 38.76
N VAL A 54 10.42 -17.16 38.29
CA VAL A 54 11.17 -17.12 37.05
C VAL A 54 10.25 -16.76 35.87
N SER A 55 9.07 -17.36 35.84
CA SER A 55 8.11 -17.10 34.74
C SER A 55 7.48 -15.72 34.81
N VAL A 56 7.23 -15.24 36.02
CA VAL A 56 6.70 -13.91 36.21
C VAL A 56 7.72 -12.87 35.76
N ALA A 57 8.94 -12.99 36.28
CA ALA A 57 10.01 -12.07 35.94
C ALA A 57 10.21 -11.93 34.42
N ARG A 58 10.21 -13.06 33.72
CA ARG A 58 10.47 -13.05 32.29
C ARG A 58 9.44 -12.22 31.49
N GLU A 59 8.23 -12.10 32.02
CA GLU A 59 7.17 -11.40 31.28
C GLU A 59 7.19 -9.90 31.52
N ILE A 60 7.92 -9.45 32.52
CA ILE A 60 7.82 -8.05 32.90
C ILE A 60 8.64 -7.13 32.01
N GLU A 61 7.94 -6.22 31.34
CA GLU A 61 8.54 -5.10 30.63
C GLU A 61 7.58 -3.93 30.80
N LEU A 62 8.12 -2.74 31.06
CA LEU A 62 7.34 -1.56 31.37
C LEU A 62 7.31 -0.53 30.22
N GLU A 63 6.22 0.21 30.09
CA GLU A 63 6.09 1.17 29.00
C GLU A 63 7.03 2.34 29.20
N ASP A 64 7.00 2.93 30.39
CA ASP A 64 7.95 3.96 30.75
C ASP A 64 9.36 3.40 30.66
N LYS A 65 10.21 4.07 29.90
CA LYS A 65 11.48 3.51 29.52
C LYS A 65 12.53 3.54 30.64
N PHE A 66 12.41 4.53 31.52
CA PHE A 66 13.30 4.62 32.68
C PHE A 66 12.94 3.58 33.73
N GLU A 67 11.65 3.45 34.01
CA GLU A 67 11.14 2.42 34.90
C GLU A 67 11.56 1.05 34.40
N ASN A 68 11.38 0.83 33.11
CA ASN A 68 11.75 -0.44 32.50
C ASN A 68 13.23 -0.78 32.63
N MET A 69 14.09 0.22 32.55
CA MET A 69 15.53 -0.02 32.71
C MET A 69 15.80 -0.56 34.11
N GLY A 70 15.18 0.05 35.10
CA GLY A 70 15.25 -0.46 36.47
C GLY A 70 14.81 -1.91 36.60
N ALA A 71 13.64 -2.22 36.06
CA ALA A 71 13.15 -3.59 36.05
C ALA A 71 14.14 -4.55 35.37
N GLN A 72 14.61 -4.20 34.18
CA GLN A 72 15.50 -5.09 33.44
C GLN A 72 16.84 -5.29 34.16
N MET A 73 17.32 -4.24 34.83
CA MET A 73 18.54 -4.30 35.63
C MET A 73 18.49 -5.35 36.73
N VAL A 74 17.38 -5.38 37.47
CA VAL A 74 17.20 -6.34 38.56
C VAL A 74 16.91 -7.73 38.04
N LYS A 75 16.17 -7.82 36.93
CA LYS A 75 15.92 -9.08 36.27
C LYS A 75 17.20 -9.81 35.87
N GLU A 76 18.10 -9.09 35.22
CA GLU A 76 19.33 -9.69 34.71
C GLU A 76 20.14 -10.27 35.85
N VAL A 77 20.21 -9.50 36.93
CA VAL A 77 20.97 -9.88 38.09
C VAL A 77 20.36 -11.14 38.74
N ALA A 78 19.05 -11.16 38.90
CA ALA A 78 18.39 -12.34 39.43
C ALA A 78 18.53 -13.58 38.53
N SER A 79 18.53 -13.40 37.22
CA SER A 79 18.68 -14.56 36.35
C SER A 79 20.13 -15.04 36.30
N LYS A 80 21.05 -14.12 36.51
CA LYS A 80 22.46 -14.48 36.61
C LYS A 80 22.63 -15.39 37.82
N ALA A 81 21.93 -15.05 38.91
CA ALA A 81 21.96 -15.86 40.12
C ALA A 81 21.42 -17.26 39.87
N ASN A 82 20.19 -17.34 39.37
CA ASN A 82 19.57 -18.61 39.01
C ASN A 82 20.46 -19.45 38.09
N ALA A 83 21.07 -18.79 37.10
CA ALA A 83 21.96 -19.48 36.17
C ALA A 83 23.20 -20.03 36.87
N ALA A 84 23.72 -19.28 37.83
CA ALA A 84 24.88 -19.72 38.62
C ALA A 84 24.54 -20.76 39.69
N ALA A 85 23.53 -20.50 40.51
CA ALA A 85 23.16 -21.41 41.59
C ALA A 85 22.04 -22.45 41.34
N GLY A 86 21.29 -22.31 40.25
CA GLY A 86 20.19 -23.22 39.96
C GLY A 86 18.81 -22.81 40.45
N ASP A 87 18.75 -21.87 41.38
CA ASP A 87 17.49 -21.42 41.97
C ASP A 87 17.73 -20.06 42.60
N GLY A 88 16.71 -19.48 43.22
CA GLY A 88 16.87 -18.25 43.99
C GLY A 88 16.44 -16.93 43.34
N THR A 89 15.88 -17.00 42.13
CA THR A 89 15.40 -15.80 41.43
C THR A 89 14.47 -14.93 42.29
N THR A 90 13.45 -15.56 42.87
CA THR A 90 12.50 -14.81 43.67
C THR A 90 13.21 -14.20 44.88
N THR A 91 13.97 -15.00 45.60
CA THR A 91 14.73 -14.50 46.75
C THR A 91 15.66 -13.33 46.39
N ALA A 92 16.40 -13.48 45.30
CA ALA A 92 17.30 -12.44 44.83
C ALA A 92 16.58 -11.12 44.57
N THR A 93 15.38 -11.20 43.98
CA THR A 93 14.56 -10.03 43.66
C THR A 93 14.04 -9.36 44.92
N VAL A 94 13.56 -10.15 45.86
CA VAL A 94 13.16 -9.62 47.16
C VAL A 94 14.32 -8.89 47.83
N LEU A 95 15.51 -9.48 47.77
CA LEU A 95 16.69 -8.88 48.37
C LEU A 95 17.09 -7.58 47.68
N ALA A 96 17.14 -7.62 46.35
CA ALA A 96 17.41 -6.42 45.55
C ALA A 96 16.46 -5.28 45.89
N GLN A 97 15.16 -5.58 45.99
CA GLN A 97 14.21 -4.52 46.31
C GLN A 97 14.45 -3.91 47.68
N ALA A 98 14.84 -4.73 48.66
CA ALA A 98 15.04 -4.24 50.01
C ALA A 98 16.27 -3.35 50.10
N ILE A 99 17.37 -3.77 49.50
CA ILE A 99 18.60 -3.01 49.54
C ILE A 99 18.45 -1.69 48.80
N ILE A 100 17.89 -1.74 47.60
CA ILE A 100 17.68 -0.56 46.77
C ILE A 100 16.77 0.46 47.45
N THR A 101 15.62 0.00 47.92
CA THR A 101 14.67 0.88 48.59
C THR A 101 15.28 1.66 49.76
N GLU A 102 15.96 0.99 50.69
CA GLU A 102 16.54 1.66 51.85
C GLU A 102 17.77 2.47 51.48
N GLY A 103 18.55 1.93 50.55
CA GLY A 103 19.74 2.60 50.05
C GLY A 103 19.37 3.93 49.42
N LEU A 104 18.31 3.93 48.62
CA LEU A 104 17.84 5.15 47.96
C LEU A 104 17.27 6.15 48.97
N LYS A 105 16.61 5.64 50.00
CA LYS A 105 16.13 6.50 51.07
C LYS A 105 17.29 7.22 51.74
N ALA A 106 18.40 6.51 51.93
CA ALA A 106 19.57 7.10 52.55
C ALA A 106 20.20 8.16 51.64
N VAL A 107 20.21 7.93 50.33
CA VAL A 107 20.79 8.87 49.39
C VAL A 107 19.96 10.16 49.34
N ALA A 108 18.64 9.98 49.31
CA ALA A 108 17.70 11.10 49.38
C ALA A 108 17.83 11.90 50.67
N ALA A 109 18.29 11.24 51.73
CA ALA A 109 18.57 11.92 53.00
C ALA A 109 19.88 12.68 52.90
N GLY A 110 20.67 12.35 51.87
CA GLY A 110 21.90 13.07 51.60
C GLY A 110 23.19 12.40 52.01
N MET A 111 23.12 11.12 52.34
CA MET A 111 24.32 10.38 52.68
C MET A 111 25.14 10.07 51.44
N ASN A 112 26.45 9.92 51.63
CA ASN A 112 27.34 9.62 50.53
C ASN A 112 27.04 8.24 49.94
N PRO A 113 26.62 8.21 48.67
CA PRO A 113 26.24 6.94 48.02
C PRO A 113 27.41 5.97 47.89
N MET A 114 28.62 6.50 47.68
CA MET A 114 29.80 5.64 47.60
C MET A 114 30.05 4.93 48.92
N ASP A 115 29.97 5.67 50.03
CA ASP A 115 30.09 5.10 51.37
C ASP A 115 28.97 4.11 51.68
N LEU A 116 27.76 4.40 51.22
CA LEU A 116 26.64 3.49 51.41
C LEU A 116 26.92 2.17 50.72
N LYS A 117 27.43 2.23 49.50
CA LYS A 117 27.75 1.01 48.75
C LYS A 117 28.88 0.21 49.41
N ARG A 118 29.89 0.90 49.91
CA ARG A 118 31.00 0.24 50.60
C ARG A 118 30.48 -0.50 51.84
N GLY A 119 29.53 0.13 52.53
CA GLY A 119 28.95 -0.48 53.73
C GLY A 119 28.22 -1.76 53.42
N ILE A 120 27.34 -1.69 52.43
CA ILE A 120 26.61 -2.86 51.94
C ILE A 120 27.55 -3.96 51.49
N ASP A 121 28.59 -3.60 50.75
CA ASP A 121 29.54 -4.57 50.23
C ASP A 121 30.28 -5.27 51.35
N LYS A 122 30.63 -4.50 52.38
CA LYS A 122 31.30 -5.04 53.54
C LYS A 122 30.43 -6.02 54.32
N ALA A 123 29.14 -5.72 54.39
CA ALA A 123 28.24 -6.57 55.16
C ALA A 123 28.00 -7.87 54.40
N VAL A 124 27.93 -7.77 53.09
CA VAL A 124 27.70 -8.94 52.24
C VAL A 124 28.89 -9.91 52.24
N THR A 125 30.10 -9.34 52.12
CA THR A 125 31.32 -10.12 52.19
C THR A 125 31.39 -10.92 53.48
N ALA A 126 31.07 -10.27 54.58
CA ALA A 126 31.08 -10.91 55.89
C ALA A 126 29.94 -11.93 55.97
N ALA A 127 28.79 -11.57 55.41
CA ALA A 127 27.63 -12.47 55.40
C ALA A 127 27.94 -13.72 54.59
N VAL A 128 28.64 -13.56 53.48
CA VAL A 128 29.02 -14.71 52.66
C VAL A 128 29.92 -15.70 53.40
N GLU A 129 30.93 -15.19 54.11
CA GLU A 129 31.78 -16.02 54.96
C GLU A 129 30.98 -16.72 56.06
N GLU A 130 30.16 -15.93 56.74
CA GLU A 130 29.34 -16.45 57.83
C GLU A 130 28.47 -17.59 57.30
N LEU A 131 27.98 -17.42 56.08
CA LEU A 131 27.18 -18.42 55.40
C LEU A 131 27.97 -19.70 55.11
N LYS A 132 29.23 -19.54 54.68
CA LYS A 132 30.09 -20.67 54.38
C LYS A 132 30.37 -21.47 55.63
N ALA A 133 30.43 -20.77 56.76
CA ALA A 133 30.74 -21.39 58.04
C ALA A 133 29.52 -22.12 58.56
N LEU A 134 28.36 -21.51 58.35
CA LEU A 134 27.11 -22.04 58.84
C LEU A 134 26.71 -23.25 58.03
N SER A 135 27.28 -23.35 56.83
CA SER A 135 26.88 -24.39 55.90
C SER A 135 27.26 -25.78 56.36
N VAL A 136 26.56 -26.76 55.82
CA VAL A 136 26.80 -28.16 56.12
C VAL A 136 26.68 -28.98 54.84
N PRO A 137 27.52 -30.01 54.67
CA PRO A 137 27.50 -30.82 53.45
C PRO A 137 26.18 -31.57 53.28
N CYS A 138 25.69 -31.76 52.05
CA CYS A 138 24.62 -32.75 51.82
C CYS A 138 25.35 -34.00 51.44
N SER A 139 25.40 -34.96 52.36
CA SER A 139 26.08 -36.21 52.07
C SER A 139 25.27 -37.25 51.32
N ASP A 140 24.02 -37.43 51.73
CA ASP A 140 23.28 -38.65 51.41
C ASP A 140 22.02 -38.42 50.59
N SER A 141 21.35 -39.53 50.27
CA SER A 141 20.15 -39.50 49.43
C SER A 141 18.98 -38.79 50.10
N LYS A 142 18.90 -38.87 51.42
CA LYS A 142 17.80 -38.23 52.13
C LYS A 142 17.85 -36.70 52.00
N ALA A 143 18.97 -36.11 52.38
CA ALA A 143 19.15 -34.67 52.31
C ALA A 143 19.07 -34.20 50.86
N ILE A 144 19.58 -35.03 49.96
CA ILE A 144 19.54 -34.72 48.54
C ILE A 144 18.10 -34.68 48.05
N ALA A 145 17.33 -35.69 48.45
CA ALA A 145 15.90 -35.74 48.13
C ALA A 145 15.20 -34.50 48.66
N GLN A 146 15.50 -34.15 49.91
CA GLN A 146 14.91 -32.98 50.55
C GLN A 146 15.17 -31.71 49.74
N VAL A 147 16.42 -31.51 49.32
CA VAL A 147 16.76 -30.31 48.55
C VAL A 147 15.96 -30.27 47.25
N GLY A 148 15.99 -31.37 46.52
CA GLY A 148 15.21 -31.50 45.31
C GLY A 148 13.74 -31.18 45.53
N THR A 149 13.15 -31.83 46.54
CA THR A 149 11.76 -31.64 46.90
C THR A 149 11.39 -30.16 47.11
N ILE A 150 12.26 -29.42 47.79
CA ILE A 150 12.01 -28.00 48.06
C ILE A 150 12.11 -27.16 46.79
N SER A 151 13.12 -27.46 45.97
CA SER A 151 13.32 -26.76 44.70
C SER A 151 12.20 -27.11 43.71
N ALA A 152 11.53 -28.22 43.99
CA ALA A 152 10.41 -28.71 43.20
C ALA A 152 9.07 -28.19 43.72
N ASN A 153 9.11 -27.25 44.65
CA ASN A 153 7.91 -26.74 45.32
C ASN A 153 7.21 -27.78 46.17
N SER A 154 8.01 -28.47 46.97
CA SER A 154 7.52 -29.46 47.93
C SER A 154 6.89 -30.67 47.28
N ASP A 155 7.32 -30.99 46.06
CA ASP A 155 6.90 -32.21 45.40
C ASP A 155 7.93 -33.29 45.72
N GLU A 156 7.53 -34.26 46.53
CA GLU A 156 8.47 -35.26 47.01
C GLU A 156 8.81 -36.30 45.95
N THR A 157 7.93 -36.45 44.96
CA THR A 157 8.19 -37.40 43.89
C THR A 157 9.39 -36.95 43.06
N VAL A 158 9.53 -35.64 42.91
CA VAL A 158 10.65 -35.08 42.17
C VAL A 158 11.97 -35.32 42.90
N GLY A 159 12.00 -34.95 44.18
CA GLY A 159 13.18 -35.15 45.00
C GLY A 159 13.60 -36.61 45.01
N LYS A 160 12.60 -37.50 45.08
CA LYS A 160 12.87 -38.93 45.05
C LYS A 160 13.54 -39.34 43.74
N LEU A 161 13.07 -38.77 42.63
CA LEU A 161 13.63 -39.08 41.31
C LEU A 161 15.08 -38.66 41.20
N ILE A 162 15.34 -37.40 41.52
CA ILE A 162 16.67 -36.85 41.41
C ILE A 162 17.65 -37.61 42.29
N ALA A 163 17.21 -37.95 43.49
CA ALA A 163 18.03 -38.70 44.43
C ALA A 163 18.39 -40.06 43.84
N GLU A 164 17.45 -40.65 43.12
CA GLU A 164 17.65 -41.96 42.51
C GLU A 164 18.49 -41.83 41.25
N ALA A 165 18.23 -40.80 40.46
CA ALA A 165 19.03 -40.55 39.26
C ALA A 165 20.51 -40.39 39.64
N MET A 166 20.79 -39.55 40.63
CA MET A 166 22.16 -39.31 41.09
C MET A 166 22.75 -40.54 41.77
N ASP A 167 21.88 -41.39 42.32
CA ASP A 167 22.34 -42.63 42.91
C ASP A 167 22.85 -43.58 41.82
N LYS A 168 22.17 -43.59 40.68
CA LYS A 168 22.53 -44.49 39.58
C LYS A 168 23.75 -44.02 38.81
N VAL A 169 23.76 -42.75 38.44
CA VAL A 169 24.85 -42.19 37.65
C VAL A 169 26.05 -41.80 38.53
N GLY A 170 25.78 -41.62 39.82
CA GLY A 170 26.79 -41.11 40.73
C GLY A 170 26.68 -39.61 40.77
N LYS A 171 27.05 -39.01 41.90
CA LYS A 171 26.88 -37.57 42.09
C LYS A 171 27.68 -36.74 41.08
N GLU A 172 28.71 -37.36 40.51
CA GLU A 172 29.39 -36.76 39.36
C GLU A 172 29.07 -37.63 38.15
N GLY A 173 28.26 -37.11 37.25
CA GLY A 173 27.76 -37.90 36.12
C GLY A 173 26.55 -37.24 35.47
N VAL A 174 26.08 -37.82 34.37
CA VAL A 174 25.09 -37.17 33.52
C VAL A 174 23.64 -37.53 33.83
N ILE A 175 22.81 -36.51 34.00
CA ILE A 175 21.38 -36.68 34.19
C ILE A 175 20.63 -35.70 33.30
N THR A 176 19.78 -36.20 32.42
CA THR A 176 18.98 -35.32 31.60
C THR A 176 17.49 -35.49 31.92
N VAL A 177 16.65 -34.66 31.30
CA VAL A 177 15.20 -34.76 31.49
C VAL A 177 14.43 -34.41 30.23
N GLU A 178 13.42 -35.23 29.92
CA GLU A 178 12.62 -35.10 28.72
C GLU A 178 11.16 -35.47 28.98
N ASP A 179 10.28 -35.12 28.05
CA ASP A 179 8.84 -35.41 28.17
C ASP A 179 8.52 -36.90 28.20
N GLY A 180 7.64 -37.28 29.13
CA GLY A 180 7.22 -38.67 29.26
C GLY A 180 6.06 -39.02 28.34
N THR A 181 5.94 -40.30 28.03
CA THR A 181 4.88 -40.81 27.16
C THR A 181 3.55 -41.00 27.88
N GLY A 182 3.58 -41.09 29.21
CA GLY A 182 2.39 -41.40 29.97
C GLY A 182 2.38 -40.79 31.37
N LEU A 183 1.28 -41.01 32.09
CA LEU A 183 1.09 -40.44 33.41
C LEU A 183 2.25 -40.68 34.39
N GLN A 184 2.80 -41.89 34.38
CA GLN A 184 3.84 -42.28 35.32
C GLN A 184 5.21 -41.66 35.00
N ASP A 185 6.06 -41.55 36.02
CA ASP A 185 7.44 -41.12 35.82
C ASP A 185 8.32 -42.28 35.39
N GLU A 186 9.32 -41.98 34.57
CA GLU A 186 10.26 -42.99 34.13
C GLU A 186 11.69 -42.57 34.38
N LEU A 187 12.44 -43.42 35.07
CA LEU A 187 13.88 -43.23 35.23
C LEU A 187 14.63 -44.42 34.65
N ASP A 188 15.39 -44.17 33.60
CA ASP A 188 16.17 -45.22 32.98
C ASP A 188 17.55 -44.71 32.58
N VAL A 189 18.56 -45.58 32.66
CA VAL A 189 19.91 -45.22 32.24
C VAL A 189 20.21 -45.83 30.89
N VAL A 190 20.46 -44.97 29.91
CA VAL A 190 20.68 -45.43 28.54
C VAL A 190 22.13 -45.18 28.10
N GLU A 191 22.45 -45.58 26.89
CA GLU A 191 23.77 -45.28 26.33
C GLU A 191 23.75 -43.86 25.81
N GLY A 192 24.75 -43.07 26.21
CA GLY A 192 24.82 -41.68 25.83
C GLY A 192 26.16 -41.12 26.22
N MET A 193 26.28 -39.80 26.22
CA MET A 193 27.56 -39.17 26.51
C MET A 193 27.45 -37.65 26.49
N GLN A 194 28.41 -37.00 27.16
CA GLN A 194 28.49 -35.55 27.16
C GLN A 194 29.94 -35.09 27.09
N PHE A 195 30.24 -34.21 26.15
CA PHE A 195 31.57 -33.61 26.04
C PHE A 195 31.42 -32.10 26.15
N ASP A 196 32.52 -31.36 26.13
CA ASP A 196 32.38 -29.91 26.21
C ASP A 196 32.57 -29.30 24.83
N ALA A 197 31.46 -28.89 24.25
CA ALA A 197 31.43 -28.07 23.04
C ALA A 197 30.11 -27.33 23.07
N GLY A 198 30.09 -26.11 22.55
CA GLY A 198 28.82 -25.39 22.47
C GLY A 198 28.32 -25.31 21.04
N TYR A 199 27.30 -24.49 20.84
CA TYR A 199 26.85 -24.17 19.50
C TYR A 199 27.76 -23.11 18.91
N LEU A 200 27.94 -23.15 17.59
CA LEU A 200 28.78 -22.16 16.92
C LEU A 200 28.05 -20.83 16.79
N SER A 201 26.72 -20.88 16.77
CA SER A 201 25.90 -19.69 16.76
C SER A 201 24.71 -19.85 17.71
N PRO A 202 24.36 -18.78 18.42
CA PRO A 202 23.25 -18.77 19.39
C PRO A 202 21.89 -18.92 18.71
N TYR A 203 21.82 -18.64 17.40
CA TYR A 203 20.55 -18.69 16.67
C TYR A 203 20.02 -20.11 16.51
N PHE A 204 20.85 -21.09 16.85
CA PHE A 204 20.48 -22.50 16.78
C PHE A 204 19.49 -22.88 17.87
N ILE A 205 19.21 -21.95 18.78
CA ILE A 205 18.35 -22.25 19.93
C ILE A 205 16.89 -22.22 19.57
N ASN A 206 16.22 -23.36 19.74
CA ASN A 206 14.77 -23.44 19.56
C ASN A 206 13.99 -23.32 20.86
N LYS A 207 14.70 -23.21 21.98
CA LYS A 207 14.08 -23.09 23.29
C LYS A 207 14.67 -21.92 24.08
N PRO A 208 14.09 -20.72 23.93
CA PRO A 208 14.60 -19.48 24.51
C PRO A 208 14.70 -19.51 26.04
N GLU A 209 13.87 -20.31 26.70
CA GLU A 209 13.84 -20.35 28.16
C GLU A 209 15.14 -20.86 28.77
N THR A 210 15.56 -22.06 28.35
CA THR A 210 16.79 -22.66 28.87
C THR A 210 18.01 -22.27 28.05
N GLY A 211 17.78 -21.55 26.95
CA GLY A 211 18.86 -21.14 26.06
C GLY A 211 19.54 -22.34 25.42
N ALA A 212 18.80 -23.43 25.28
CA ALA A 212 19.37 -24.68 24.79
C ALA A 212 18.75 -25.12 23.47
N VAL A 213 19.51 -25.90 22.71
CA VAL A 213 19.05 -26.43 21.43
C VAL A 213 18.47 -27.82 21.66
N GLU A 214 17.16 -27.96 21.45
CA GLU A 214 16.49 -29.24 21.59
C GLU A 214 16.22 -29.86 20.21
N LEU A 215 16.80 -31.03 19.96
CA LEU A 215 16.58 -31.72 18.70
C LEU A 215 16.09 -33.15 18.93
N GLU A 216 14.94 -33.49 18.37
CA GLU A 216 14.32 -34.79 18.60
C GLU A 216 14.57 -35.75 17.44
N SER A 217 15.17 -36.91 17.74
CA SER A 217 15.53 -37.91 16.73
C SER A 217 16.37 -37.34 15.59
N PRO A 218 17.42 -36.57 15.93
CA PRO A 218 18.26 -35.91 14.91
C PRO A 218 19.26 -36.86 14.27
N PHE A 219 19.62 -36.58 13.03
CA PHE A 219 20.73 -37.26 12.38
C PHE A 219 22.02 -36.57 12.81
N ILE A 220 23.10 -37.34 12.93
CA ILE A 220 24.36 -36.79 13.39
C ILE A 220 25.46 -36.95 12.35
N LEU A 221 25.96 -35.82 11.84
CA LEU A 221 27.08 -35.83 10.91
C LEU A 221 28.40 -35.66 11.66
N LEU A 222 29.30 -36.63 11.49
CA LEU A 222 30.60 -36.56 12.12
C LEU A 222 31.67 -36.40 11.05
N ALA A 223 32.28 -35.22 10.98
CA ALA A 223 33.24 -34.89 9.93
C ALA A 223 34.64 -34.66 10.48
N ASP A 224 35.63 -35.31 9.87
CA ASP A 224 37.02 -35.20 10.30
C ASP A 224 37.70 -33.99 9.68
N LYS A 225 36.95 -33.23 8.89
CA LYS A 225 37.48 -32.02 8.25
C LYS A 225 36.79 -30.77 8.77
N LYS A 226 37.17 -29.62 8.21
CA LYS A 226 36.53 -28.36 8.53
C LYS A 226 35.66 -27.94 7.35
N ILE A 227 34.47 -27.42 7.62
CA ILE A 227 33.57 -27.05 6.56
C ILE A 227 33.42 -25.54 6.44
N SER A 228 34.03 -24.97 5.41
CA SER A 228 33.84 -23.56 5.08
C SER A 228 32.84 -23.32 3.97
N ASN A 229 32.31 -24.40 3.39
CA ASN A 229 31.53 -24.30 2.16
C ASN A 229 30.29 -25.19 2.19
N ILE A 230 29.14 -24.62 1.86
CA ILE A 230 27.87 -25.35 1.92
C ILE A 230 27.62 -26.29 0.73
N ARG A 231 28.21 -25.98 -0.42
CA ARG A 231 27.98 -26.74 -1.65
C ARG A 231 28.28 -28.23 -1.52
N GLU A 232 29.24 -28.58 -0.66
CA GLU A 232 29.57 -29.98 -0.42
C GLU A 232 28.69 -30.57 0.68
N MET A 233 27.90 -29.72 1.32
CA MET A 233 26.92 -30.18 2.31
C MET A 233 25.54 -30.37 1.68
N LEU A 234 25.41 -30.00 0.42
CA LEU A 234 24.13 -30.07 -0.28
C LEU A 234 23.51 -31.45 -0.34
N PRO A 235 24.22 -32.43 -0.93
CA PRO A 235 23.67 -33.78 -1.09
C PRO A 235 23.34 -34.45 0.23
N VAL A 236 24.07 -34.08 1.29
CA VAL A 236 23.83 -34.62 2.62
C VAL A 236 22.57 -34.00 3.25
N LEU A 237 22.44 -32.69 3.13
CA LEU A 237 21.30 -31.97 3.69
C LEU A 237 19.98 -32.37 3.04
N GLU A 238 19.94 -32.34 1.71
CA GLU A 238 18.75 -32.73 0.96
C GLU A 238 18.22 -34.08 1.42
N ALA A 239 19.13 -34.99 1.71
CA ALA A 239 18.77 -36.31 2.21
C ALA A 239 18.12 -36.20 3.59
N VAL A 240 18.55 -35.22 4.37
CA VAL A 240 18.04 -35.04 5.73
C VAL A 240 16.67 -34.38 5.76
N ALA A 241 16.48 -33.36 4.92
CA ALA A 241 15.21 -32.65 4.82
C ALA A 241 14.13 -33.56 4.24
N LYS A 242 14.56 -34.59 3.53
CA LYS A 242 13.65 -35.57 2.94
C LYS A 242 13.18 -36.58 3.98
N ALA A 243 14.02 -36.87 4.98
CA ALA A 243 13.69 -37.86 6.00
C ALA A 243 12.83 -37.28 7.11
N GLY A 244 12.67 -35.96 7.11
CA GLY A 244 11.86 -35.29 8.10
C GLY A 244 12.48 -35.33 9.49
N LYS A 245 13.80 -35.24 9.54
CA LYS A 245 14.53 -35.23 10.79
C LYS A 245 15.54 -34.09 10.81
N PRO A 246 15.86 -33.57 12.01
CA PRO A 246 16.88 -32.52 12.12
C PRO A 246 18.28 -33.10 12.00
N LEU A 247 19.30 -32.24 12.05
CA LEU A 247 20.68 -32.67 11.83
C LEU A 247 21.66 -31.98 12.79
N LEU A 248 22.47 -32.78 13.47
CA LEU A 248 23.55 -32.25 14.29
C LEU A 248 24.90 -32.41 13.59
N ILE A 249 25.59 -31.30 13.36
CA ILE A 249 26.87 -31.35 12.67
C ILE A 249 28.03 -31.23 13.66
N ILE A 250 28.87 -32.26 13.69
CA ILE A 250 30.07 -32.24 14.51
C ILE A 250 31.30 -32.41 13.62
N ALA A 251 32.13 -31.36 13.51
CA ALA A 251 33.32 -31.40 12.67
C ALA A 251 34.43 -30.57 13.29
N GLU A 252 35.53 -30.37 12.55
CA GLU A 252 36.62 -29.52 13.03
C GLU A 252 36.11 -28.11 13.30
N ASP A 253 35.50 -27.51 12.28
CA ASP A 253 34.88 -26.21 12.42
C ASP A 253 33.83 -25.99 11.34
N VAL A 254 32.93 -25.04 11.58
CA VAL A 254 31.96 -24.63 10.57
C VAL A 254 32.01 -23.11 10.42
N GLU A 255 32.39 -22.64 9.25
CA GLU A 255 32.61 -21.22 9.04
C GLU A 255 32.28 -20.79 7.61
N GLY A 256 32.62 -19.55 7.29
CA GLY A 256 32.38 -19.01 5.96
C GLY A 256 30.91 -18.94 5.63
N GLU A 257 30.59 -19.15 4.35
CA GLU A 257 29.20 -19.14 3.89
C GLU A 257 28.44 -20.32 4.48
N ALA A 258 29.16 -21.37 4.84
CA ALA A 258 28.56 -22.56 5.43
C ALA A 258 27.78 -22.19 6.69
N LEU A 259 28.47 -21.58 7.64
CA LEU A 259 27.82 -21.09 8.86
C LEU A 259 26.68 -20.14 8.55
N ALA A 260 27.02 -19.00 7.94
CA ALA A 260 26.06 -17.95 7.63
C ALA A 260 24.81 -18.51 6.94
N THR A 261 25.00 -19.45 6.03
CA THR A 261 23.87 -20.11 5.38
C THR A 261 23.18 -21.07 6.35
N LEU A 262 23.96 -21.78 7.15
CA LEU A 262 23.40 -22.70 8.13
C LEU A 262 22.67 -21.96 9.24
N VAL A 263 22.80 -20.64 9.28
CA VAL A 263 22.10 -19.81 10.25
C VAL A 263 20.72 -19.36 9.73
N VAL A 264 20.73 -18.57 8.67
CA VAL A 264 19.47 -18.10 8.08
C VAL A 264 18.57 -19.24 7.61
N ASN A 265 19.13 -20.17 6.84
CA ASN A 265 18.35 -21.32 6.40
C ASN A 265 17.78 -22.11 7.59
N THR A 266 18.50 -22.12 8.71
CA THR A 266 18.00 -22.80 9.90
C THR A 266 16.77 -22.11 10.46
N MET A 267 16.54 -20.86 10.04
CA MET A 267 15.40 -20.11 10.53
C MET A 267 14.09 -20.54 9.88
N ARG A 268 14.15 -20.98 8.63
CA ARG A 268 12.92 -21.34 7.93
C ARG A 268 12.95 -22.71 7.25
N GLY A 269 13.76 -22.84 6.21
CA GLY A 269 13.68 -23.99 5.34
C GLY A 269 14.70 -25.11 5.49
N ILE A 270 15.53 -25.09 6.54
CA ILE A 270 16.52 -26.15 6.68
C ILE A 270 15.96 -27.54 7.07
N VAL A 271 14.88 -27.65 7.84
CA VAL A 271 14.21 -26.61 8.63
C VAL A 271 14.80 -26.49 10.04
N LYS A 272 15.59 -27.47 10.43
CA LYS A 272 16.36 -27.41 11.67
C LYS A 272 17.74 -28.06 11.53
N VAL A 273 18.78 -27.34 11.93
CA VAL A 273 20.13 -27.92 12.00
C VAL A 273 20.93 -27.22 13.09
N ALA A 274 21.83 -27.98 13.72
CA ALA A 274 22.74 -27.43 14.71
C ALA A 274 24.15 -27.98 14.46
N ALA A 275 25.15 -27.19 14.81
CA ALA A 275 26.54 -27.59 14.60
C ALA A 275 27.42 -27.15 15.77
N VAL A 276 28.29 -28.05 16.20
CA VAL A 276 29.23 -27.74 17.29
C VAL A 276 30.66 -28.02 16.87
N LYS A 277 31.61 -27.38 17.54
CA LYS A 277 33.02 -27.62 17.27
C LYS A 277 33.49 -28.86 18.03
N ALA A 278 34.05 -29.82 17.30
CA ALA A 278 34.58 -31.04 17.90
C ALA A 278 35.67 -30.72 18.92
N PRO A 279 35.55 -31.27 20.13
CA PRO A 279 36.49 -30.99 21.22
C PRO A 279 37.88 -31.55 20.92
N GLY A 280 38.91 -30.90 21.45
CA GLY A 280 40.26 -31.39 21.29
C GLY A 280 40.82 -31.18 19.89
N PHE A 281 41.80 -32.00 19.54
CA PHE A 281 42.55 -31.85 18.30
C PHE A 281 43.39 -33.10 18.09
N GLY A 282 44.17 -33.12 17.02
CA GLY A 282 45.10 -34.21 16.76
C GLY A 282 44.44 -35.56 16.74
N ASP A 283 45.13 -36.58 17.26
CA ASP A 283 44.58 -37.93 17.31
C ASP A 283 43.49 -38.07 18.37
N ARG A 284 43.44 -37.10 19.29
CA ARG A 284 42.41 -37.10 20.31
C ARG A 284 41.05 -36.73 19.73
N ARG A 285 41.04 -35.70 18.88
CA ARG A 285 39.81 -35.24 18.24
C ARG A 285 39.26 -36.29 17.29
N LYS A 286 40.14 -37.05 16.65
CA LYS A 286 39.72 -38.11 15.74
C LYS A 286 39.15 -39.28 16.53
N ALA A 287 39.86 -39.65 17.59
CA ALA A 287 39.47 -40.76 18.45
C ALA A 287 38.15 -40.51 19.18
N MET A 288 37.88 -39.24 19.48
CA MET A 288 36.64 -38.86 20.15
C MET A 288 35.45 -38.88 19.19
N LEU A 289 35.71 -38.52 17.93
CA LEU A 289 34.67 -38.56 16.91
C LEU A 289 34.26 -40.00 16.63
N GLN A 290 35.23 -40.90 16.63
CA GLN A 290 34.98 -42.32 16.42
C GLN A 290 34.15 -42.87 17.57
N ASP A 291 34.41 -42.34 18.77
CA ASP A 291 33.64 -42.72 19.95
C ASP A 291 32.18 -42.34 19.77
N ILE A 292 31.96 -41.12 19.28
CA ILE A 292 30.61 -40.61 19.03
C ILE A 292 29.94 -41.37 17.88
N ALA A 293 30.74 -41.82 16.92
CA ALA A 293 30.22 -42.55 15.78
C ALA A 293 29.77 -43.95 16.18
N THR A 294 30.57 -44.61 17.02
CA THR A 294 30.25 -45.95 17.50
C THR A 294 29.00 -45.92 18.36
N LEU A 295 28.83 -44.83 19.11
CA LEU A 295 27.69 -44.67 20.00
C LEU A 295 26.39 -44.50 19.21
N THR A 296 26.42 -43.63 18.20
CA THR A 296 25.23 -43.35 17.39
C THR A 296 25.12 -44.26 16.18
N GLY A 297 26.07 -45.18 16.03
CA GLY A 297 26.08 -46.10 14.91
C GLY A 297 26.35 -45.39 13.60
N GLY A 298 27.14 -44.33 13.67
CA GLY A 298 27.52 -43.56 12.50
C GLY A 298 28.92 -43.87 12.04
N THR A 299 29.29 -43.33 10.87
CA THR A 299 30.64 -43.52 10.35
C THR A 299 31.33 -42.18 10.13
N VAL A 300 32.51 -42.04 10.71
CA VAL A 300 33.25 -40.79 10.60
C VAL A 300 33.78 -40.57 9.19
N ILE A 301 33.61 -39.36 8.68
CA ILE A 301 34.16 -39.00 7.36
C ILE A 301 35.53 -38.35 7.48
N SER A 302 36.54 -39.01 6.93
CA SER A 302 37.88 -38.46 6.90
C SER A 302 38.33 -38.31 5.45
N GLU A 303 39.01 -37.22 5.15
CA GLU A 303 39.49 -36.97 3.80
C GLU A 303 40.67 -37.89 3.46
N GLU A 304 41.41 -38.29 4.49
CA GLU A 304 42.63 -39.07 4.28
C GLU A 304 42.33 -40.54 3.97
N ILE A 305 41.10 -40.97 4.23
CA ILE A 305 40.67 -42.32 3.87
C ILE A 305 40.13 -42.33 2.45
N GLY A 306 39.93 -41.13 1.89
CA GLY A 306 39.42 -40.99 0.54
C GLY A 306 37.94 -40.63 0.50
N MET A 307 37.33 -40.51 1.68
CA MET A 307 35.91 -40.21 1.78
C MET A 307 35.61 -38.72 1.58
N GLU A 308 34.44 -38.43 1.03
CA GLU A 308 34.02 -37.06 0.76
C GLU A 308 32.62 -36.80 1.34
N LEU A 309 32.27 -35.53 1.46
CA LEU A 309 30.94 -35.16 1.97
C LEU A 309 29.85 -35.42 0.96
N GLU A 310 30.16 -35.25 -0.33
CA GLU A 310 29.17 -35.42 -1.39
C GLU A 310 28.87 -36.90 -1.64
N LYS A 311 29.81 -37.76 -1.25
CA LYS A 311 29.62 -39.20 -1.37
C LYS A 311 28.99 -39.76 -0.10
N ALA A 312 28.71 -38.88 0.87
CA ALA A 312 28.11 -39.29 2.12
C ALA A 312 26.62 -39.58 1.96
N THR A 313 26.21 -40.79 2.34
CA THR A 313 24.82 -41.18 2.28
C THR A 313 24.13 -41.00 3.62
N LEU A 314 22.88 -41.46 3.71
CA LEU A 314 22.10 -41.32 4.93
C LEU A 314 22.63 -42.22 6.06
N GLU A 315 23.29 -43.32 5.69
CA GLU A 315 23.75 -44.29 6.67
C GLU A 315 25.18 -44.01 7.16
N ASP A 316 25.81 -43.00 6.60
CA ASP A 316 27.09 -42.54 7.13
C ASP A 316 26.82 -41.61 8.31
N LEU A 317 25.56 -41.24 8.48
CA LEU A 317 25.14 -40.38 9.59
C LEU A 317 24.68 -41.20 10.79
N GLY A 318 25.17 -40.83 11.96
CA GLY A 318 24.74 -41.46 13.20
C GLY A 318 23.35 -40.99 13.59
N GLN A 319 22.76 -41.64 14.59
CA GLN A 319 21.42 -41.27 15.02
C GLN A 319 21.26 -41.45 16.52
N ALA A 320 20.53 -40.54 17.15
CA ALA A 320 20.22 -40.63 18.57
C ALA A 320 18.78 -40.20 18.82
N LYS A 321 18.21 -40.64 19.93
CA LYS A 321 16.83 -40.26 20.26
C LYS A 321 16.70 -38.75 20.51
N ARG A 322 17.68 -38.19 21.21
CA ARG A 322 17.62 -36.78 21.60
C ARG A 322 19.02 -36.19 21.73
N VAL A 323 19.15 -34.90 21.41
CA VAL A 323 20.43 -34.20 21.58
C VAL A 323 20.24 -32.77 22.06
N VAL A 324 20.99 -32.37 23.08
CA VAL A 324 20.87 -31.02 23.64
C VAL A 324 22.19 -30.27 23.58
N ILE A 325 22.14 -29.00 23.19
CA ILE A 325 23.35 -28.21 23.08
C ILE A 325 23.27 -26.88 23.85
N ASN A 326 24.12 -26.75 24.87
CA ASN A 326 24.28 -25.50 25.60
C ASN A 326 25.38 -24.64 24.98
N LYS A 327 25.74 -23.56 25.65
CA LYS A 327 26.84 -22.72 25.19
C LYS A 327 28.19 -23.43 25.39
N ASP A 328 28.36 -24.04 26.56
CA ASP A 328 29.55 -24.83 26.85
C ASP A 328 29.42 -26.36 26.70
N THR A 329 28.24 -26.86 26.35
CA THR A 329 27.98 -28.30 26.46
C THR A 329 27.13 -28.92 25.35
N THR A 330 27.45 -30.16 25.01
CA THR A 330 26.64 -30.94 24.07
C THR A 330 26.35 -32.34 24.62
N THR A 331 25.07 -32.72 24.65
CA THR A 331 24.65 -33.99 25.23
C THR A 331 23.91 -34.88 24.23
N ILE A 332 24.40 -36.10 24.07
CA ILE A 332 23.78 -37.06 23.16
C ILE A 332 23.10 -38.19 23.91
N ILE A 333 21.78 -38.25 23.80
CA ILE A 333 21.00 -39.22 24.58
C ILE A 333 20.48 -40.39 23.75
N ASP A 334 20.78 -41.60 24.21
CA ASP A 334 20.30 -42.82 23.58
C ASP A 334 20.70 -42.96 22.11
N GLY A 335 21.99 -43.22 21.89
CA GLY A 335 22.48 -43.52 20.56
C GLY A 335 21.92 -44.84 20.03
N VAL A 336 21.90 -44.99 18.72
CA VAL A 336 21.37 -46.20 18.10
C VAL A 336 22.46 -47.25 17.92
N GLY A 337 23.70 -46.84 18.17
CA GLY A 337 24.85 -47.73 18.01
C GLY A 337 24.69 -49.03 18.77
N GLU A 338 25.14 -50.12 18.15
CA GLU A 338 24.98 -51.46 18.72
C GLU A 338 25.91 -51.71 19.91
N GLU A 339 25.45 -52.56 20.83
CA GLU A 339 26.22 -52.93 22.01
C GLU A 339 27.63 -53.43 21.66
N ALA A 340 27.71 -54.53 20.91
CA ALA A 340 28.98 -55.15 20.56
C ALA A 340 30.01 -54.16 20.02
N ALA A 341 29.55 -53.20 19.22
CA ALA A 341 30.42 -52.14 18.73
C ALA A 341 30.82 -51.22 19.87
N ILE A 342 29.86 -50.93 20.76
CA ILE A 342 30.11 -50.09 21.93
C ILE A 342 30.97 -50.82 22.96
N GLN A 343 30.59 -52.06 23.29
CA GLN A 343 31.34 -52.87 24.23
C GLN A 343 32.72 -53.23 23.69
N GLY A 344 32.80 -53.46 22.38
CA GLY A 344 34.06 -53.72 21.74
C GLY A 344 34.97 -52.51 21.83
N ARG A 345 34.37 -51.33 21.85
CA ARG A 345 35.12 -50.08 21.93
C ARG A 345 35.72 -49.87 23.31
N VAL A 346 34.92 -50.09 24.35
CA VAL A 346 35.37 -49.87 25.73
C VAL A 346 36.50 -50.83 26.10
N ALA A 347 36.42 -52.06 25.60
CA ALA A 347 37.47 -53.05 25.85
C ALA A 347 38.74 -52.65 25.11
N GLN A 348 38.59 -51.85 24.05
CA GLN A 348 39.73 -51.40 23.26
C GLN A 348 40.50 -50.26 23.92
N ILE A 349 39.77 -49.34 24.54
CA ILE A 349 40.39 -48.22 25.21
C ILE A 349 41.08 -48.65 26.50
N ARG A 350 40.49 -49.64 27.18
CA ARG A 350 41.11 -50.23 28.36
C ARG A 350 42.43 -50.85 27.96
N GLN A 351 42.42 -51.59 26.85
CA GLN A 351 43.63 -52.20 26.31
C GLN A 351 44.68 -51.14 25.98
N GLN A 352 44.21 -49.91 25.79
CA GLN A 352 45.11 -48.79 25.52
C GLN A 352 45.70 -48.20 26.81
N ILE A 353 45.10 -48.55 27.94
CA ILE A 353 45.60 -48.11 29.25
C ILE A 353 46.94 -48.74 29.59
N GLU A 354 47.01 -50.07 29.53
CA GLU A 354 48.22 -50.80 29.91
C GLU A 354 49.35 -50.57 28.91
N GLU A 355 48.98 -50.37 27.65
CA GLU A 355 49.94 -50.05 26.60
C GLU A 355 50.45 -48.63 26.77
N ALA A 356 49.61 -47.78 27.37
CA ALA A 356 49.94 -46.37 27.54
C ALA A 356 51.17 -46.20 28.41
N THR A 357 52.14 -45.45 27.90
CA THR A 357 53.40 -45.25 28.58
C THR A 357 53.39 -44.01 29.46
N SER A 358 52.32 -43.22 29.35
CA SER A 358 52.25 -41.94 30.05
C SER A 358 51.10 -41.92 31.07
N ASP A 359 51.39 -41.40 32.26
CA ASP A 359 50.38 -41.28 33.31
C ASP A 359 49.31 -40.28 32.89
N TYR A 360 49.69 -39.32 32.06
CA TYR A 360 48.76 -38.34 31.52
C TYR A 360 47.76 -39.02 30.59
N ASP A 361 48.26 -39.93 29.77
CA ASP A 361 47.41 -40.64 28.81
C ASP A 361 46.37 -41.52 29.48
N ARG A 362 46.72 -42.08 30.64
CA ARG A 362 45.82 -42.96 31.38
C ARG A 362 44.58 -42.22 31.88
N GLU A 363 44.78 -40.98 32.32
CA GLU A 363 43.68 -40.15 32.79
C GLU A 363 42.86 -39.63 31.60
N LYS A 364 43.52 -39.50 30.46
CA LYS A 364 42.89 -38.99 29.24
C LYS A 364 42.05 -40.06 28.53
N LEU A 365 42.58 -41.27 28.45
CA LEU A 365 41.84 -42.39 27.88
C LEU A 365 40.70 -42.79 28.81
N GLN A 366 40.92 -42.59 30.11
CA GLN A 366 39.91 -42.87 31.12
C GLN A 366 38.62 -42.07 30.88
N GLU A 367 38.75 -40.77 30.66
CA GLU A 367 37.60 -39.89 30.43
C GLU A 367 36.75 -40.40 29.27
N ARG A 368 37.37 -41.10 28.33
CA ARG A 368 36.67 -41.63 27.19
C ARG A 368 35.89 -42.90 27.52
N VAL A 369 36.48 -43.80 28.31
CA VAL A 369 35.80 -45.02 28.70
C VAL A 369 34.67 -44.71 29.69
N ALA A 370 34.89 -43.70 30.52
CA ALA A 370 33.91 -43.30 31.51
C ALA A 370 32.61 -42.83 30.85
N LYS A 371 32.74 -42.20 29.68
CA LYS A 371 31.59 -41.69 28.94
C LYS A 371 30.83 -42.78 28.18
N LEU A 372 31.56 -43.69 27.56
CA LEU A 372 30.96 -44.79 26.80
C LEU A 372 30.33 -45.84 27.71
N ALA A 373 31.06 -46.21 28.76
CA ALA A 373 30.56 -47.20 29.71
C ALA A 373 29.60 -46.58 30.72
N GLY A 374 29.67 -45.26 30.87
CA GLY A 374 28.82 -44.56 31.81
C GLY A 374 27.38 -44.41 31.34
N GLY A 375 27.21 -44.02 30.08
CA GLY A 375 25.89 -43.76 29.55
C GLY A 375 25.30 -42.50 30.14
N VAL A 376 23.99 -42.36 30.03
CA VAL A 376 23.29 -41.16 30.50
C VAL A 376 21.96 -41.50 31.17
N ALA A 377 21.72 -40.93 32.34
CA ALA A 377 20.46 -41.15 33.04
C ALA A 377 19.36 -40.28 32.44
N VAL A 378 18.22 -40.90 32.16
CA VAL A 378 17.10 -40.19 31.56
C VAL A 378 15.88 -40.16 32.48
N ILE A 379 15.36 -38.96 32.73
CA ILE A 379 14.14 -38.79 33.50
C ILE A 379 13.00 -38.31 32.62
N LYS A 380 11.96 -39.13 32.49
CA LYS A 380 10.77 -38.75 31.74
C LYS A 380 9.67 -38.28 32.68
N VAL A 381 9.28 -37.01 32.55
CA VAL A 381 8.25 -36.43 33.42
C VAL A 381 6.87 -37.04 33.13
N GLY A 382 6.23 -37.60 34.14
CA GLY A 382 4.90 -38.15 33.99
C GLY A 382 3.77 -37.16 33.76
N ALA A 383 3.08 -37.33 32.63
CA ALA A 383 1.76 -36.75 32.35
C ALA A 383 1.67 -35.23 32.63
N ALA A 384 0.53 -34.72 33.14
CA ALA A 384 -0.79 -35.31 32.92
C ALA A 384 -1.44 -34.73 31.67
N THR A 385 -0.85 -33.65 31.17
CA THR A 385 -1.32 -32.97 29.96
C THR A 385 -0.17 -32.15 29.38
N GLU A 386 -0.30 -31.77 28.11
CA GLU A 386 0.78 -31.06 27.42
C GLU A 386 1.26 -29.78 28.12
N VAL A 387 0.36 -29.05 28.77
CA VAL A 387 0.77 -27.88 29.57
C VAL A 387 1.32 -28.25 30.95
N GLU A 388 0.67 -29.22 31.62
CA GLU A 388 1.10 -29.69 32.94
C GLU A 388 2.47 -30.33 32.87
N MET A 389 2.67 -31.15 31.83
CA MET A 389 3.94 -31.82 31.59
C MET A 389 5.08 -30.84 31.50
N LYS A 390 4.95 -29.87 30.60
CA LYS A 390 5.98 -28.87 30.37
C LYS A 390 6.31 -28.05 31.62
N GLU A 391 5.36 -27.99 32.55
CA GLU A 391 5.60 -27.33 33.84
C GLU A 391 6.40 -28.24 34.77
N LYS A 392 6.03 -29.52 34.81
CA LYS A 392 6.73 -30.49 35.67
C LYS A 392 8.15 -30.75 35.17
N LYS A 393 8.31 -30.82 33.86
CA LYS A 393 9.63 -30.94 33.25
C LYS A 393 10.48 -29.74 33.62
N ALA A 394 9.81 -28.60 33.82
CA ALA A 394 10.49 -27.37 34.22
C ALA A 394 11.01 -27.48 35.65
N ARG A 395 10.20 -28.03 36.54
CA ARG A 395 10.58 -28.20 37.94
C ARG A 395 11.71 -29.21 38.14
N VAL A 396 11.60 -30.36 37.48
CA VAL A 396 12.62 -31.39 37.60
C VAL A 396 14.00 -30.88 37.18
N GLU A 397 14.04 -30.11 36.10
CA GLU A 397 15.28 -29.49 35.67
C GLU A 397 15.79 -28.54 36.74
N ASP A 398 14.90 -27.70 37.25
CA ASP A 398 15.27 -26.75 38.29
C ASP A 398 15.85 -27.46 39.50
N ALA A 399 15.13 -28.46 40.01
CA ALA A 399 15.57 -29.24 41.16
C ALA A 399 16.93 -29.88 40.92
N LEU A 400 17.13 -30.37 39.70
CA LEU A 400 18.39 -30.97 39.30
C LEU A 400 19.55 -29.97 39.49
N HIS A 401 19.35 -28.76 39.02
CA HIS A 401 20.35 -27.71 39.15
C HIS A 401 20.60 -27.39 40.62
N ALA A 402 19.51 -27.17 41.35
CA ALA A 402 19.60 -26.82 42.76
C ALA A 402 20.26 -27.92 43.59
N THR A 403 20.00 -29.18 43.24
CA THR A 403 20.58 -30.30 43.96
C THR A 403 22.08 -30.33 43.74
N ARG A 404 22.50 -30.07 42.51
CA ARG A 404 23.91 -29.89 42.17
C ARG A 404 24.57 -28.94 43.16
N ALA A 405 24.08 -27.70 43.16
CA ALA A 405 24.59 -26.66 44.05
C ALA A 405 24.68 -27.12 45.50
N ALA A 406 23.67 -27.85 45.97
CA ALA A 406 23.68 -28.36 47.33
C ALA A 406 24.87 -29.30 47.51
N VAL A 407 25.15 -30.11 46.51
CA VAL A 407 26.26 -31.05 46.58
C VAL A 407 27.60 -30.34 46.71
N GLU A 408 27.84 -29.32 45.88
CA GLU A 408 29.10 -28.59 45.91
C GLU A 408 29.37 -27.81 47.21
N GLU A 409 28.47 -26.88 47.51
CA GLU A 409 28.63 -25.96 48.63
C GLU A 409 27.85 -26.31 49.91
N GLY A 410 27.06 -27.37 49.88
CA GLY A 410 26.28 -27.73 51.05
C GLY A 410 24.97 -26.98 51.19
N VAL A 411 24.29 -27.18 52.33
CA VAL A 411 23.00 -26.55 52.59
C VAL A 411 22.95 -25.75 53.89
N VAL A 412 21.96 -24.86 53.96
CA VAL A 412 21.65 -24.08 55.16
C VAL A 412 20.13 -24.12 55.38
N ALA A 413 19.69 -23.67 56.56
CA ALA A 413 18.25 -23.67 56.89
C ALA A 413 17.46 -22.80 55.93
N GLY A 414 16.38 -23.35 55.39
CA GLY A 414 15.53 -22.60 54.49
C GLY A 414 14.60 -21.63 55.20
N GLY A 415 13.58 -21.17 54.47
CA GLY A 415 12.60 -20.25 55.04
C GLY A 415 13.20 -18.91 55.40
N GLY A 416 14.38 -18.62 54.86
CA GLY A 416 15.03 -17.35 55.08
C GLY A 416 15.69 -17.23 56.44
N VAL A 417 15.85 -18.38 57.10
CA VAL A 417 16.38 -18.43 58.46
C VAL A 417 17.90 -18.20 58.47
N ALA A 418 18.58 -18.70 57.45
CA ALA A 418 20.03 -18.54 57.36
C ALA A 418 20.43 -17.07 57.37
N LEU A 419 19.85 -16.29 56.46
CA LEU A 419 20.13 -14.87 56.35
C LEU A 419 19.78 -14.11 57.63
N ILE A 420 18.73 -14.55 58.31
CA ILE A 420 18.34 -13.99 59.60
C ILE A 420 19.44 -14.24 60.63
N ARG A 421 19.95 -15.47 60.66
CA ARG A 421 20.98 -15.84 61.62
C ARG A 421 22.28 -15.10 61.33
N VAL A 422 22.67 -15.09 60.07
CA VAL A 422 23.89 -14.42 59.67
C VAL A 422 23.85 -12.94 60.03
N ALA A 423 22.70 -12.31 59.79
CA ALA A 423 22.50 -10.92 60.12
C ALA A 423 22.73 -10.61 61.60
N SER A 424 22.21 -11.48 62.47
CA SER A 424 22.33 -11.28 63.91
C SER A 424 23.78 -11.41 64.40
N LYS A 425 24.59 -12.15 63.65
CA LYS A 425 25.98 -12.36 63.99
C LYS A 425 26.83 -11.15 63.59
N LEU A 426 26.27 -10.34 62.69
CA LEU A 426 26.91 -9.16 62.15
C LEU A 426 26.52 -7.84 62.84
N ALA A 427 25.75 -7.94 63.92
CA ALA A 427 25.26 -6.76 64.65
C ALA A 427 26.35 -5.76 65.01
N ASP A 428 27.55 -6.25 65.32
CA ASP A 428 28.64 -5.38 65.76
C ASP A 428 29.49 -4.79 64.61
N LEU A 429 29.23 -5.24 63.39
CA LEU A 429 30.01 -4.80 62.23
C LEU A 429 29.96 -3.30 62.03
N ARG A 430 31.08 -2.70 61.65
CA ARG A 430 31.14 -1.26 61.46
C ARG A 430 32.00 -0.84 60.27
N GLY A 431 31.79 0.38 59.81
CA GLY A 431 32.58 0.94 58.74
C GLY A 431 33.53 2.03 59.19
N GLN A 432 34.07 2.75 58.20
CA GLN A 432 35.04 3.81 58.43
C GLN A 432 34.36 5.09 58.89
N ASN A 433 33.09 5.23 58.57
CA ASN A 433 32.33 6.40 58.96
C ASN A 433 30.86 6.03 59.11
N GLU A 434 30.04 7.00 59.51
CA GLU A 434 28.64 6.69 59.79
C GLU A 434 27.86 6.27 58.56
N ASP A 435 28.20 6.81 57.40
CA ASP A 435 27.48 6.48 56.18
C ASP A 435 27.69 5.02 55.79
N GLN A 436 28.91 4.52 55.95
CA GLN A 436 29.18 3.11 55.75
C GLN A 436 28.39 2.25 56.75
N ASN A 437 28.27 2.73 57.97
CA ASN A 437 27.48 2.05 58.99
C ASN A 437 26.03 1.89 58.56
N VAL A 438 25.44 2.95 58.04
CA VAL A 438 24.07 2.91 57.56
C VAL A 438 23.91 1.87 56.45
N GLY A 439 24.87 1.84 55.52
CA GLY A 439 24.91 0.82 54.49
C GLY A 439 24.94 -0.59 55.03
N ILE A 440 25.78 -0.83 56.04
CA ILE A 440 25.80 -2.13 56.70
C ILE A 440 24.43 -2.50 57.29
N LYS A 441 23.81 -1.57 58.01
CA LYS A 441 22.46 -1.76 58.52
C LYS A 441 21.41 -1.95 57.42
N VAL A 442 21.63 -1.34 56.25
CA VAL A 442 20.76 -1.55 55.11
C VAL A 442 20.79 -3.00 54.66
N ALA A 443 21.99 -3.54 54.45
CA ALA A 443 22.18 -4.93 54.05
C ALA A 443 21.64 -5.92 55.10
N LEU A 444 21.87 -5.62 56.38
CA LEU A 444 21.43 -6.51 57.45
C LEU A 444 19.90 -6.50 57.56
N ARG A 445 19.29 -5.33 57.43
CA ARG A 445 17.84 -5.26 57.40
C ARG A 445 17.29 -6.07 56.23
N ALA A 446 17.90 -5.93 55.06
CA ALA A 446 17.43 -6.63 53.86
C ALA A 446 17.48 -8.14 54.02
N MET A 447 18.41 -8.62 54.83
CA MET A 447 18.57 -10.05 55.03
C MET A 447 17.39 -10.68 55.76
N GLU A 448 16.49 -9.84 56.28
CA GLU A 448 15.25 -10.31 56.85
C GLU A 448 14.09 -10.35 55.83
N ALA A 449 14.31 -9.79 54.64
CA ALA A 449 13.23 -9.67 53.67
C ALA A 449 12.64 -11.02 53.23
N PRO A 450 13.49 -12.03 52.96
CA PRO A 450 12.92 -13.29 52.50
C PRO A 450 11.99 -13.96 53.52
N LEU A 451 12.41 -14.05 54.77
CA LEU A 451 11.58 -14.67 55.80
C LEU A 451 10.27 -13.93 55.95
N ARG A 452 10.37 -12.61 56.07
CA ARG A 452 9.19 -11.75 56.18
C ARG A 452 8.20 -11.93 55.04
N GLN A 453 8.73 -12.00 53.81
CA GLN A 453 7.88 -12.12 52.65
C GLN A 453 7.18 -13.48 52.63
N ILE A 454 7.91 -14.54 52.94
CA ILE A 454 7.30 -15.86 53.07
C ILE A 454 6.14 -15.82 54.05
N VAL A 455 6.39 -15.24 55.22
CA VAL A 455 5.39 -15.10 56.26
C VAL A 455 4.23 -14.22 55.78
N LEU A 456 4.56 -13.15 55.07
CA LEU A 456 3.53 -12.27 54.57
C LEU A 456 2.61 -12.99 53.58
N ASN A 457 3.19 -13.82 52.70
CA ASN A 457 2.40 -14.62 51.77
C ASN A 457 1.46 -15.63 52.45
N CYS A 458 1.80 -16.05 53.66
CA CYS A 458 0.93 -16.94 54.44
C CYS A 458 -0.33 -16.23 54.92
N GLY A 459 -0.25 -14.90 55.03
CA GLY A 459 -1.31 -14.12 55.63
C GLY A 459 -1.10 -13.90 57.11
N GLU A 460 0.11 -14.19 57.60
CA GLU A 460 0.46 -13.93 59.00
C GLU A 460 1.23 -12.63 59.11
N GLU A 461 1.59 -12.25 60.33
CA GLU A 461 2.27 -10.97 60.56
C GLU A 461 3.78 -11.14 60.64
N PRO A 462 4.49 -10.56 59.68
CA PRO A 462 5.93 -10.73 59.51
C PRO A 462 6.72 -10.34 60.76
N SER A 463 6.28 -9.30 61.45
CA SER A 463 6.98 -8.83 62.63
C SER A 463 7.04 -9.89 63.73
N VAL A 464 5.89 -10.50 64.02
CA VAL A 464 5.75 -11.46 65.09
C VAL A 464 6.56 -12.73 64.86
N VAL A 465 6.49 -13.26 63.65
CA VAL A 465 7.25 -14.46 63.29
C VAL A 465 8.75 -14.16 63.27
N ALA A 466 9.14 -13.08 62.59
CA ALA A 466 10.54 -12.66 62.53
C ALA A 466 11.15 -12.53 63.93
N ASN A 467 10.36 -11.94 64.82
CA ASN A 467 10.76 -11.77 66.21
C ASN A 467 10.98 -13.11 66.90
N THR A 468 10.03 -14.02 66.75
CA THR A 468 10.09 -15.33 67.38
C THR A 468 11.29 -16.13 66.88
N VAL A 469 11.55 -16.07 65.58
CA VAL A 469 12.69 -16.77 65.01
C VAL A 469 14.00 -16.17 65.52
N LYS A 470 14.05 -14.85 65.58
CA LYS A 470 15.22 -14.15 66.11
C LYS A 470 15.50 -14.55 67.55
N GLY A 471 14.44 -14.80 68.32
CA GLY A 471 14.56 -15.20 69.71
C GLY A 471 15.00 -16.64 69.83
N GLY A 472 14.74 -17.41 68.79
CA GLY A 472 15.17 -18.79 68.72
C GLY A 472 16.65 -18.85 68.42
N ASP A 473 17.14 -20.04 68.13
CA ASP A 473 18.57 -20.26 68.00
C ASP A 473 18.88 -21.31 66.94
N GLY A 474 19.96 -21.10 66.17
CA GLY A 474 20.39 -22.09 65.19
C GLY A 474 19.42 -22.31 64.04
N ASN A 475 19.02 -23.57 63.85
CA ASN A 475 18.14 -23.94 62.75
C ASN A 475 16.65 -23.83 63.08
N TYR A 476 16.35 -23.33 64.27
CA TYR A 476 14.99 -23.00 64.64
C TYR A 476 14.42 -22.00 63.64
N GLY A 477 13.22 -22.26 63.14
CA GLY A 477 12.62 -21.43 62.14
C GLY A 477 11.11 -21.57 62.06
N TYR A 478 10.53 -20.95 61.04
CA TYR A 478 9.10 -21.04 60.81
C TYR A 478 8.80 -21.87 59.57
N ASN A 479 8.11 -22.99 59.75
CA ASN A 479 7.68 -23.79 58.62
C ASN A 479 6.38 -23.15 58.12
N ALA A 480 6.39 -22.64 56.90
CA ALA A 480 5.28 -21.85 56.39
C ALA A 480 4.17 -22.71 55.78
N ALA A 481 4.50 -23.98 55.53
CA ALA A 481 3.54 -24.93 55.02
C ALA A 481 2.59 -25.37 56.15
N THR A 482 3.17 -25.67 57.31
CA THR A 482 2.36 -26.10 58.44
C THR A 482 2.04 -24.97 59.39
N GLU A 483 2.60 -23.79 59.13
CA GLU A 483 2.49 -22.67 60.06
C GLU A 483 2.97 -23.02 61.48
N GLU A 484 3.99 -23.85 61.56
CA GLU A 484 4.55 -24.30 62.84
C GLU A 484 6.05 -24.01 62.94
N TYR A 485 6.51 -23.59 64.12
CA TYR A 485 7.94 -23.41 64.35
C TYR A 485 8.62 -24.75 64.57
N GLY A 486 9.91 -24.82 64.32
CA GLY A 486 10.66 -26.06 64.50
C GLY A 486 12.08 -25.98 64.01
N ASN A 487 12.72 -27.14 63.88
CA ASN A 487 14.07 -27.22 63.34
C ASN A 487 14.03 -27.40 61.82
N MET A 488 14.51 -26.39 61.10
CA MET A 488 14.36 -26.34 59.65
C MET A 488 14.99 -27.54 58.93
N ILE A 489 16.16 -27.95 59.40
CA ILE A 489 16.83 -29.14 58.88
C ILE A 489 16.04 -30.43 59.19
N ASP A 490 15.49 -30.54 60.40
CA ASP A 490 14.74 -31.74 60.77
C ASP A 490 13.44 -31.85 59.98
N MET A 491 12.91 -30.70 59.60
CA MET A 491 11.66 -30.65 58.87
C MET A 491 11.89 -30.74 57.37
N GLY A 492 13.15 -30.92 56.99
CA GLY A 492 13.52 -31.12 55.60
C GLY A 492 13.43 -29.87 54.75
N ILE A 493 13.48 -28.71 55.39
CA ILE A 493 13.41 -27.47 54.62
C ILE A 493 14.83 -26.95 54.47
N LEU A 494 15.37 -27.09 53.27
CA LEU A 494 16.80 -26.88 53.06
C LEU A 494 17.02 -26.04 51.81
N ASP A 495 17.95 -25.09 51.90
CA ASP A 495 18.37 -24.39 50.70
C ASP A 495 19.83 -24.67 50.49
N PRO A 496 20.24 -24.83 49.23
CA PRO A 496 21.66 -24.97 48.94
C PRO A 496 22.36 -23.67 49.32
N THR A 497 23.49 -23.75 50.03
CA THR A 497 24.18 -22.55 50.47
C THR A 497 24.53 -21.65 49.29
N LYS A 498 24.90 -22.27 48.17
CA LYS A 498 25.27 -21.53 46.97
C LYS A 498 24.13 -20.64 46.46
N VAL A 499 22.89 -21.10 46.64
CA VAL A 499 21.71 -20.36 46.25
C VAL A 499 21.52 -19.10 47.09
N THR A 500 21.62 -19.25 48.40
CA THR A 500 21.42 -18.13 49.32
C THR A 500 22.53 -17.11 49.13
N ARG A 501 23.75 -17.60 49.12
CA ARG A 501 24.93 -16.80 48.80
C ARG A 501 24.73 -16.02 47.49
N SER A 502 24.56 -16.74 46.39
CA SER A 502 24.40 -16.10 45.07
C SER A 502 23.28 -15.07 45.02
N ALA A 503 22.21 -15.29 45.79
CA ALA A 503 21.07 -14.36 45.75
C ALA A 503 21.44 -13.05 46.42
N LEU A 504 22.09 -13.14 47.58
CA LEU A 504 22.50 -11.97 48.33
C LEU A 504 23.52 -11.17 47.54
N GLN A 505 24.50 -11.87 46.98
CA GLN A 505 25.56 -11.22 46.22
C GLN A 505 25.05 -10.45 44.99
N TYR A 506 24.28 -11.11 44.15
CA TYR A 506 23.76 -10.48 42.94
C TYR A 506 22.85 -9.30 43.24
N ALA A 507 21.93 -9.50 44.19
CA ALA A 507 21.06 -8.44 44.67
C ALA A 507 21.85 -7.22 45.11
N ALA A 508 22.85 -7.46 45.96
CA ALA A 508 23.70 -6.40 46.47
C ALA A 508 24.49 -5.73 45.35
N SER A 509 24.78 -6.49 44.30
CA SER A 509 25.53 -5.96 43.17
C SER A 509 24.75 -4.88 42.43
N VAL A 510 23.53 -5.23 42.00
CA VAL A 510 22.68 -4.29 41.30
C VAL A 510 22.26 -3.11 42.19
N ALA A 511 22.06 -3.37 43.47
CA ALA A 511 21.64 -2.31 44.39
C ALA A 511 22.73 -1.24 44.49
N GLY A 512 23.96 -1.70 44.72
CA GLY A 512 25.12 -0.83 44.74
C GLY A 512 25.25 0.00 43.47
N LEU A 513 25.01 -0.65 42.33
CA LEU A 513 24.98 0.04 41.04
C LEU A 513 23.93 1.15 40.97
N MET A 514 22.73 0.88 41.46
CA MET A 514 21.64 1.84 41.37
C MET A 514 21.78 2.99 42.37
N ILE A 515 22.34 2.68 43.54
CA ILE A 515 22.57 3.66 44.60
C ILE A 515 23.59 4.71 44.16
N THR A 516 24.51 4.27 43.31
CA THR A 516 25.57 5.08 42.71
C THR A 516 25.29 5.65 41.30
N THR A 517 24.07 5.50 40.79
CA THR A 517 23.69 5.99 39.46
C THR A 517 23.26 7.47 39.46
N GLU A 518 23.98 8.32 38.73
CA GLU A 518 23.52 9.70 38.54
C GLU A 518 22.75 10.04 37.27
N CYS A 519 22.77 9.17 36.29
CA CYS A 519 22.21 9.55 34.99
C CYS A 519 21.69 8.34 34.24
N MET A 520 20.55 8.52 33.54
CA MET A 520 20.01 7.48 32.68
C MET A 520 19.73 8.00 31.29
N VAL A 521 20.15 7.23 30.28
CA VAL A 521 19.89 7.57 28.90
C VAL A 521 19.07 6.50 28.21
N THR A 522 18.02 6.92 27.51
CA THR A 522 17.17 5.99 26.79
C THR A 522 16.52 6.62 25.56
N ASP A 523 15.67 5.85 24.87
CA ASP A 523 14.95 6.36 23.70
C ASP A 523 13.79 7.26 24.09
N LEU A 524 13.38 8.10 23.14
CA LEU A 524 12.17 8.91 23.30
C LEU A 524 10.94 8.02 23.25
N PRO A 525 9.90 8.39 24.02
CA PRO A 525 8.61 7.70 24.06
C PRO A 525 7.77 7.89 22.80
N ALA B 2 7.18 -6.87 24.49
CA ALA B 2 6.41 -5.64 24.49
C ALA B 2 6.11 -5.19 25.92
N ALA B 3 5.92 -3.88 26.08
CA ALA B 3 5.50 -3.33 27.36
C ALA B 3 4.22 -4.01 27.84
N LYS B 4 4.12 -4.23 29.14
CA LYS B 4 2.98 -4.90 29.73
C LYS B 4 2.18 -3.99 30.65
N ASP B 5 0.92 -4.33 30.81
CA ASP B 5 0.05 -3.71 31.81
C ASP B 5 0.04 -4.64 33.03
N VAL B 6 0.40 -4.12 34.19
CA VAL B 6 0.49 -4.97 35.38
C VAL B 6 -0.44 -4.50 36.49
N LYS B 7 -1.36 -5.38 36.90
CA LYS B 7 -2.30 -5.03 37.97
C LYS B 7 -2.13 -5.90 39.19
N PHE B 8 -2.46 -5.34 40.34
CA PHE B 8 -2.22 -6.00 41.62
C PHE B 8 -3.47 -6.08 42.47
N GLY B 9 -3.49 -7.08 43.33
CA GLY B 9 -4.46 -7.17 44.41
C GLY B 9 -5.88 -6.94 43.97
N ASN B 10 -6.56 -6.09 44.73
CA ASN B 10 -7.96 -5.79 44.48
C ASN B 10 -8.22 -5.26 43.08
N ASP B 11 -7.37 -4.36 42.63
CA ASP B 11 -7.52 -3.79 41.30
C ASP B 11 -7.53 -4.91 40.24
N ALA B 12 -6.65 -5.89 40.40
CA ALA B 12 -6.58 -7.03 39.51
C ALA B 12 -7.80 -7.97 39.63
N ARG B 13 -8.24 -8.21 40.86
CA ARG B 13 -9.32 -9.17 41.11
C ARG B 13 -10.72 -8.71 40.69
N VAL B 14 -11.04 -7.42 40.81
CA VAL B 14 -12.36 -6.98 40.37
C VAL B 14 -12.48 -7.13 38.86
N LYS B 15 -11.38 -6.93 38.14
CA LYS B 15 -11.39 -7.04 36.68
C LYS B 15 -11.57 -8.47 36.22
N MET B 16 -10.90 -9.40 36.89
CA MET B 16 -11.11 -10.82 36.67
C MET B 16 -12.59 -11.13 36.93
N LEU B 17 -13.11 -10.63 38.05
CA LEU B 17 -14.47 -10.91 38.46
C LEU B 17 -15.49 -10.42 37.45
N ARG B 18 -15.23 -9.24 36.88
CA ARG B 18 -16.13 -8.66 35.91
C ARG B 18 -16.16 -9.50 34.64
N GLY B 19 -14.98 -9.99 34.25
CA GLY B 19 -14.87 -10.85 33.09
C GLY B 19 -15.60 -12.17 33.29
N VAL B 20 -15.37 -12.79 34.44
CA VAL B 20 -16.12 -13.99 34.82
C VAL B 20 -17.62 -13.72 34.78
N ASN B 21 -18.04 -12.56 35.28
CA ASN B 21 -19.46 -12.21 35.28
C ASN B 21 -20.06 -12.10 33.86
N VAL B 22 -19.33 -11.51 32.92
CA VAL B 22 -19.83 -11.43 31.55
C VAL B 22 -19.96 -12.83 30.94
N LEU B 23 -18.90 -13.62 30.99
CA LEU B 23 -18.97 -15.01 30.56
C LEU B 23 -20.10 -15.77 31.22
N ALA B 24 -20.14 -15.73 32.55
CA ALA B 24 -21.10 -16.54 33.30
C ALA B 24 -22.56 -16.11 33.06
N ASP B 25 -22.81 -14.80 33.05
CA ASP B 25 -24.14 -14.30 32.83
C ASP B 25 -24.65 -14.59 31.40
N ALA B 26 -23.73 -14.76 30.46
CA ALA B 26 -24.13 -15.11 29.10
C ALA B 26 -24.46 -16.60 29.00
N VAL B 27 -23.67 -17.43 29.67
CA VAL B 27 -23.82 -18.87 29.64
C VAL B 27 -24.96 -19.37 30.51
N LYS B 28 -25.06 -18.84 31.72
CA LYS B 28 -25.98 -19.42 32.69
C LYS B 28 -27.47 -19.25 32.36
N VAL B 29 -27.80 -18.34 31.46
CA VAL B 29 -29.20 -18.12 31.11
C VAL B 29 -29.77 -19.27 30.29
N THR B 30 -28.88 -20.10 29.76
CA THR B 30 -29.25 -21.25 28.94
C THR B 30 -29.35 -22.57 29.74
N LEU B 31 -29.20 -22.48 31.05
CA LEU B 31 -29.19 -23.67 31.90
C LEU B 31 -30.56 -24.32 32.06
N GLY B 32 -30.65 -25.61 31.78
CA GLY B 32 -31.89 -26.33 32.02
C GLY B 32 -32.93 -26.20 30.92
N PRO B 33 -34.07 -26.87 31.08
CA PRO B 33 -35.09 -27.00 30.02
C PRO B 33 -35.78 -25.67 29.69
N LYS B 34 -35.83 -24.78 30.66
CA LYS B 34 -36.36 -23.42 30.54
C LYS B 34 -35.29 -22.36 30.22
N GLY B 35 -34.08 -22.82 29.89
CA GLY B 35 -33.02 -21.92 29.47
C GLY B 35 -33.48 -20.93 28.41
N ARG B 36 -33.05 -19.68 28.56
CA ARG B 36 -33.35 -18.62 27.61
C ARG B 36 -32.46 -18.71 26.36
N ASN B 37 -32.93 -18.13 25.26
CA ASN B 37 -32.11 -18.05 24.05
C ASN B 37 -30.96 -17.05 24.13
N VAL B 38 -29.85 -17.40 23.51
CA VAL B 38 -28.78 -16.46 23.28
C VAL B 38 -28.53 -16.34 21.77
N VAL B 39 -28.46 -15.11 21.27
CA VAL B 39 -28.22 -14.88 19.85
C VAL B 39 -26.75 -14.60 19.56
N LEU B 40 -26.18 -15.39 18.67
CA LEU B 40 -24.77 -15.30 18.32
C LEU B 40 -24.61 -14.85 16.88
N ASP B 41 -23.87 -13.77 16.66
CA ASP B 41 -23.74 -13.19 15.32
C ASP B 41 -22.86 -13.99 14.37
N LYS B 42 -23.07 -13.77 13.09
CA LYS B 42 -22.16 -14.25 12.06
C LYS B 42 -21.94 -13.13 11.03
N SER B 43 -20.80 -13.16 10.36
CA SER B 43 -20.44 -12.06 9.45
C SER B 43 -21.40 -11.93 8.29
N PHE B 44 -22.27 -12.92 8.12
CA PHE B 44 -23.21 -12.94 7.01
C PHE B 44 -24.51 -13.63 7.40
N GLY B 45 -25.61 -13.20 6.78
CA GLY B 45 -26.90 -13.84 6.97
C GLY B 45 -27.44 -13.79 8.38
N ALA B 46 -28.43 -14.65 8.64
CA ALA B 46 -29.14 -14.67 9.91
C ALA B 46 -28.32 -15.25 11.05
N PRO B 47 -28.46 -14.65 12.24
CA PRO B 47 -27.76 -15.04 13.46
C PRO B 47 -28.10 -16.45 13.88
N THR B 48 -27.24 -17.00 14.74
CA THR B 48 -27.44 -18.30 15.34
C THR B 48 -28.11 -18.11 16.70
N ILE B 49 -29.16 -18.86 16.95
CA ILE B 49 -29.90 -18.79 18.20
C ILE B 49 -29.74 -20.10 18.95
N THR B 50 -29.14 -20.04 20.13
CA THR B 50 -28.82 -21.27 20.85
C THR B 50 -29.17 -21.24 22.33
N LYS B 51 -29.64 -22.38 22.81
CA LYS B 51 -29.80 -22.62 24.24
C LYS B 51 -28.60 -23.40 24.79
N ASP B 52 -27.60 -23.65 23.93
CA ASP B 52 -26.45 -24.48 24.30
C ASP B 52 -25.27 -23.66 24.87
N GLY B 53 -25.00 -23.85 26.16
CA GLY B 53 -23.94 -23.16 26.86
C GLY B 53 -22.57 -23.28 26.24
N VAL B 54 -22.22 -24.47 25.76
CA VAL B 54 -20.94 -24.70 25.11
C VAL B 54 -20.74 -23.75 23.92
N SER B 55 -21.80 -23.50 23.17
CA SER B 55 -21.70 -22.63 22.01
C SER B 55 -21.56 -21.15 22.39
N VAL B 56 -22.31 -20.72 23.39
CA VAL B 56 -22.20 -19.36 23.90
C VAL B 56 -20.79 -19.10 24.43
N ALA B 57 -20.31 -19.98 25.31
CA ALA B 57 -18.98 -19.83 25.92
C ALA B 57 -17.84 -19.74 24.91
N ARG B 58 -17.93 -20.52 23.83
CA ARG B 58 -16.94 -20.51 22.76
C ARG B 58 -16.72 -19.12 22.17
N GLU B 59 -17.79 -18.32 22.12
CA GLU B 59 -17.77 -17.05 21.43
C GLU B 59 -17.32 -15.88 22.32
N ILE B 60 -17.24 -16.10 23.62
CA ILE B 60 -16.96 -14.99 24.52
C ILE B 60 -15.47 -14.65 24.58
N GLU B 61 -15.16 -13.41 24.20
CA GLU B 61 -13.84 -12.81 24.36
C GLU B 61 -14.06 -11.32 24.59
N LEU B 62 -13.30 -10.74 25.51
CA LEU B 62 -13.55 -9.36 25.94
C LEU B 62 -12.43 -8.40 25.54
N GLU B 63 -12.78 -7.14 25.33
CA GLU B 63 -11.81 -6.15 24.89
C GLU B 63 -10.79 -5.86 25.97
N ASP B 64 -11.28 -5.55 27.17
CA ASP B 64 -10.42 -5.30 28.31
C ASP B 64 -9.62 -6.57 28.55
N LYS B 65 -8.30 -6.46 28.55
CA LYS B 65 -7.48 -7.67 28.53
C LYS B 65 -7.48 -8.43 29.85
N PHE B 66 -7.73 -7.71 30.95
CA PHE B 66 -7.83 -8.34 32.26
C PHE B 66 -9.16 -9.07 32.42
N GLU B 67 -10.24 -8.43 32.03
CA GLU B 67 -11.55 -9.04 32.06
C GLU B 67 -11.55 -10.30 31.21
N ASN B 68 -10.99 -10.20 30.01
CA ASN B 68 -10.83 -11.35 29.14
C ASN B 68 -10.07 -12.50 29.79
N MET B 69 -9.02 -12.17 30.55
CA MET B 69 -8.25 -13.23 31.21
C MET B 69 -9.14 -14.02 32.19
N GLY B 70 -9.94 -13.29 32.96
CA GLY B 70 -10.91 -13.90 33.85
C GLY B 70 -11.81 -14.88 33.14
N ALA B 71 -12.42 -14.44 32.04
CA ALA B 71 -13.34 -15.29 31.29
C ALA B 71 -12.67 -16.53 30.69
N GLN B 72 -11.48 -16.35 30.11
CA GLN B 72 -10.82 -17.48 29.47
C GLN B 72 -10.40 -18.55 30.50
N MET B 73 -10.04 -18.09 31.69
CA MET B 73 -9.72 -18.99 32.79
C MET B 73 -10.87 -19.93 33.15
N VAL B 74 -12.06 -19.36 33.28
CA VAL B 74 -13.25 -20.14 33.59
C VAL B 74 -13.70 -20.98 32.38
N LYS B 75 -13.53 -20.45 31.17
CA LYS B 75 -13.81 -21.22 29.98
C LYS B 75 -12.98 -22.48 29.90
N GLU B 76 -11.69 -22.35 30.19
CA GLU B 76 -10.78 -23.46 30.02
C GLU B 76 -11.19 -24.58 30.97
N VAL B 77 -11.64 -24.17 32.15
CA VAL B 77 -11.95 -25.13 33.20
C VAL B 77 -13.28 -25.84 32.94
N ALA B 78 -14.31 -25.07 32.59
CA ALA B 78 -15.58 -25.64 32.18
C ALA B 78 -15.37 -26.54 30.98
N SER B 79 -14.49 -26.14 30.07
CA SER B 79 -14.21 -26.94 28.89
C SER B 79 -13.54 -28.27 29.27
N LYS B 80 -12.65 -28.21 30.27
CA LYS B 80 -11.97 -29.40 30.74
C LYS B 80 -12.97 -30.38 31.34
N ALA B 81 -13.96 -29.84 32.07
CA ALA B 81 -14.99 -30.64 32.69
C ALA B 81 -15.77 -31.41 31.64
N ASN B 82 -16.23 -30.68 30.64
CA ASN B 82 -16.99 -31.23 29.53
C ASN B 82 -16.23 -32.34 28.80
N ALA B 83 -14.92 -32.17 28.64
CA ALA B 83 -14.12 -33.16 27.94
C ALA B 83 -13.97 -34.44 28.77
N ALA B 84 -13.82 -34.28 30.07
CA ALA B 84 -13.70 -35.41 31.00
C ALA B 84 -15.00 -36.19 31.21
N ALA B 85 -16.07 -35.48 31.59
CA ALA B 85 -17.36 -36.08 31.87
C ALA B 85 -18.42 -36.09 30.75
N GLY B 86 -18.19 -35.36 29.66
CA GLY B 86 -19.13 -35.33 28.55
C GLY B 86 -20.31 -34.38 28.64
N ASP B 87 -20.31 -33.47 29.62
CA ASP B 87 -21.37 -32.47 29.78
C ASP B 87 -21.06 -31.67 31.04
N GLY B 88 -21.83 -30.62 31.31
CA GLY B 88 -21.68 -29.88 32.55
C GLY B 88 -21.03 -28.50 32.43
N THR B 89 -20.71 -28.11 31.20
CA THR B 89 -20.14 -26.79 30.92
C THR B 89 -20.90 -25.65 31.59
N THR B 90 -22.23 -25.66 31.46
CA THR B 90 -23.05 -24.58 32.00
C THR B 90 -23.07 -24.65 33.50
N THR B 91 -23.28 -25.86 34.03
CA THR B 91 -23.28 -26.08 35.48
C THR B 91 -21.94 -25.61 36.09
N ALA B 92 -20.83 -26.04 35.49
CA ALA B 92 -19.50 -25.68 35.99
C ALA B 92 -19.29 -24.16 36.02
N THR B 93 -19.60 -23.51 34.91
CA THR B 93 -19.56 -22.05 34.82
C THR B 93 -20.42 -21.36 35.87
N VAL B 94 -21.59 -21.91 36.17
CA VAL B 94 -22.47 -21.35 37.20
C VAL B 94 -21.85 -21.51 38.61
N LEU B 95 -21.29 -22.69 38.86
CA LEU B 95 -20.67 -22.99 40.13
C LEU B 95 -19.44 -22.13 40.33
N ALA B 96 -18.61 -22.06 39.30
CA ALA B 96 -17.42 -21.23 39.31
C ALA B 96 -17.75 -19.77 39.66
N GLN B 97 -18.75 -19.20 38.98
CA GLN B 97 -19.14 -17.84 39.28
C GLN B 97 -19.58 -17.69 40.74
N ALA B 98 -20.28 -18.68 41.28
CA ALA B 98 -20.80 -18.62 42.64
C ALA B 98 -19.67 -18.65 43.68
N ILE B 99 -18.71 -19.54 43.49
CA ILE B 99 -17.59 -19.64 44.42
C ILE B 99 -16.69 -18.41 44.34
N ILE B 100 -16.37 -18.00 43.12
CA ILE B 100 -15.51 -16.85 42.91
C ILE B 100 -16.12 -15.60 43.53
N THR B 101 -17.41 -15.38 43.28
CA THR B 101 -18.10 -14.20 43.79
C THR B 101 -18.09 -14.14 45.32
N GLU B 102 -18.51 -15.22 45.97
CA GLU B 102 -18.55 -15.24 47.43
C GLU B 102 -17.15 -15.27 48.02
N GLY B 103 -16.25 -15.99 47.36
CA GLY B 103 -14.88 -16.07 47.80
C GLY B 103 -14.16 -14.73 47.79
N LEU B 104 -14.39 -13.94 46.74
CA LEU B 104 -13.82 -12.60 46.66
C LEU B 104 -14.41 -11.67 47.70
N LYS B 105 -15.69 -11.86 48.02
CA LYS B 105 -16.32 -11.07 49.07
C LYS B 105 -15.60 -11.30 50.37
N ALA B 106 -15.19 -12.55 50.59
CA ALA B 106 -14.51 -12.92 51.81
C ALA B 106 -13.09 -12.32 51.86
N VAL B 107 -12.41 -12.34 50.72
CA VAL B 107 -11.09 -11.72 50.61
C VAL B 107 -11.16 -10.24 50.95
N ALA B 108 -12.09 -9.54 50.34
CA ALA B 108 -12.31 -8.11 50.60
C ALA B 108 -12.59 -7.81 52.07
N ALA B 109 -13.24 -8.74 52.76
CA ALA B 109 -13.53 -8.56 54.18
C ALA B 109 -12.27 -8.73 55.02
N GLY B 110 -11.17 -9.13 54.40
CA GLY B 110 -9.91 -9.25 55.10
C GLY B 110 -9.58 -10.65 55.54
N MET B 111 -10.32 -11.63 55.04
CA MET B 111 -10.05 -13.02 55.36
C MET B 111 -8.86 -13.59 54.58
N ASN B 112 -8.16 -14.52 55.21
CA ASN B 112 -6.99 -15.13 54.62
C ASN B 112 -7.36 -15.95 53.38
N PRO B 113 -6.86 -15.53 52.21
CA PRO B 113 -7.23 -16.19 50.95
C PRO B 113 -6.79 -17.64 50.90
N MET B 114 -5.61 -17.96 51.42
CA MET B 114 -5.15 -19.35 51.43
C MET B 114 -6.06 -20.21 52.31
N ASP B 115 -6.50 -19.67 53.45
CA ASP B 115 -7.44 -20.38 54.32
C ASP B 115 -8.81 -20.57 53.65
N LEU B 116 -9.26 -19.53 52.96
CA LEU B 116 -10.53 -19.60 52.24
C LEU B 116 -10.48 -20.71 51.21
N LYS B 117 -9.34 -20.82 50.53
CA LYS B 117 -9.17 -21.85 49.52
C LYS B 117 -9.10 -23.24 50.18
N ARG B 118 -8.37 -23.32 51.28
CA ARG B 118 -8.26 -24.57 52.01
CA ARG B 118 -8.25 -24.54 52.05
C ARG B 118 -9.64 -25.05 52.45
N GLY B 119 -10.50 -24.12 52.84
CA GLY B 119 -11.84 -24.47 53.28
C GLY B 119 -12.73 -24.94 52.14
N ILE B 120 -12.59 -24.27 51.00
CA ILE B 120 -13.36 -24.63 49.81
C ILE B 120 -12.94 -26.01 49.34
N ASP B 121 -11.63 -26.24 49.30
CA ASP B 121 -11.08 -27.51 48.87
C ASP B 121 -11.56 -28.65 49.73
N LYS B 122 -11.58 -28.42 51.04
CA LYS B 122 -12.01 -29.43 51.99
C LYS B 122 -13.48 -29.78 51.78
N ALA B 123 -14.32 -28.77 51.62
CA ALA B 123 -15.76 -29.01 51.41
C ALA B 123 -16.00 -29.76 50.11
N VAL B 124 -15.20 -29.45 49.08
CA VAL B 124 -15.32 -30.11 47.79
C VAL B 124 -14.93 -31.59 47.81
N THR B 125 -13.82 -31.94 48.47
CA THR B 125 -13.44 -33.35 48.55
C THR B 125 -14.48 -34.14 49.35
N ALA B 126 -15.01 -33.52 50.40
CA ALA B 126 -16.12 -34.09 51.15
C ALA B 126 -17.36 -34.29 50.25
N ALA B 127 -17.66 -33.30 49.43
CA ALA B 127 -18.84 -33.35 48.56
C ALA B 127 -18.69 -34.43 47.51
N VAL B 128 -17.46 -34.64 47.06
CA VAL B 128 -17.15 -35.67 46.08
C VAL B 128 -17.38 -37.07 46.66
N GLU B 129 -17.00 -37.26 47.92
CA GLU B 129 -17.31 -38.51 48.61
C GLU B 129 -18.81 -38.71 48.78
N GLU B 130 -19.52 -37.64 49.08
CA GLU B 130 -20.96 -37.75 49.29
C GLU B 130 -21.68 -38.05 47.99
N LEU B 131 -21.16 -37.51 46.89
CA LEU B 131 -21.70 -37.80 45.56
C LEU B 131 -21.51 -39.27 45.20
N LYS B 132 -20.36 -39.83 45.60
CA LYS B 132 -20.09 -41.23 45.32
C LYS B 132 -21.02 -42.11 46.13
N ALA B 133 -21.27 -41.70 47.37
CA ALA B 133 -22.17 -42.43 48.26
C ALA B 133 -23.60 -42.34 47.75
N LEU B 134 -23.97 -41.14 47.29
CA LEU B 134 -25.30 -40.87 46.81
C LEU B 134 -25.55 -41.52 45.45
N SER B 135 -24.48 -41.75 44.70
CA SER B 135 -24.61 -42.25 43.35
C SER B 135 -25.23 -43.63 43.31
N VAL B 136 -26.01 -43.85 42.26
CA VAL B 136 -26.73 -45.11 42.06
C VAL B 136 -26.39 -45.62 40.65
N PRO B 137 -26.26 -46.95 40.51
CA PRO B 137 -25.87 -47.56 39.24
C PRO B 137 -26.81 -47.25 38.08
N CYS B 138 -26.26 -47.12 36.88
CA CYS B 138 -27.06 -46.98 35.68
C CYS B 138 -26.84 -48.25 34.86
N SER B 139 -27.85 -49.12 34.83
CA SER B 139 -27.69 -50.47 34.29
C SER B 139 -28.71 -50.75 33.22
N ASP B 140 -29.97 -50.73 33.61
CA ASP B 140 -31.09 -51.00 32.69
C ASP B 140 -31.13 -50.02 31.52
N SER B 141 -31.60 -50.51 30.37
CA SER B 141 -31.78 -49.69 29.19
C SER B 141 -32.65 -48.47 29.46
N LYS B 142 -33.53 -48.57 30.46
CA LYS B 142 -34.48 -47.51 30.72
C LYS B 142 -33.80 -46.30 31.33
N ALA B 143 -32.90 -46.56 32.29
CA ALA B 143 -32.18 -45.48 32.95
C ALA B 143 -31.17 -44.87 31.99
N ILE B 144 -30.54 -45.73 31.20
CA ILE B 144 -29.60 -45.29 30.18
C ILE B 144 -30.27 -44.35 29.19
N ALA B 145 -31.43 -44.76 28.68
CA ALA B 145 -32.18 -43.92 27.75
C ALA B 145 -32.62 -42.60 28.40
N GLN B 146 -32.89 -42.65 29.70
CA GLN B 146 -33.24 -41.44 30.43
C GLN B 146 -32.08 -40.47 30.44
N VAL B 147 -30.90 -40.98 30.77
CA VAL B 147 -29.69 -40.18 30.76
C VAL B 147 -29.47 -39.54 29.40
N GLY B 148 -29.51 -40.35 28.35
CA GLY B 148 -29.37 -39.86 27.00
C GLY B 148 -30.38 -38.78 26.67
N THR B 149 -31.62 -39.00 27.09
CA THR B 149 -32.70 -38.03 26.85
C THR B 149 -32.39 -36.65 27.45
N ILE B 150 -31.91 -36.62 28.69
CA ILE B 150 -31.60 -35.37 29.37
C ILE B 150 -30.44 -34.61 28.70
N SER B 151 -29.43 -35.35 28.24
CA SER B 151 -28.31 -34.78 27.52
C SER B 151 -28.78 -34.20 26.18
N ALA B 152 -29.85 -34.79 25.65
CA ALA B 152 -30.44 -34.42 24.36
C ALA B 152 -31.53 -33.35 24.45
N ASN B 153 -31.67 -32.72 25.62
CA ASN B 153 -32.73 -31.74 25.87
C ASN B 153 -34.11 -32.36 25.82
N SER B 154 -34.27 -33.46 26.53
CA SER B 154 -35.56 -34.13 26.60
C SER B 154 -35.96 -34.68 25.23
N ASP B 155 -34.97 -35.06 24.43
CA ASP B 155 -35.27 -35.79 23.20
C ASP B 155 -35.20 -37.26 23.56
N GLU B 156 -36.35 -37.91 23.57
CA GLU B 156 -36.48 -39.26 24.07
C GLU B 156 -36.10 -40.23 22.96
N THR B 157 -36.06 -39.71 21.74
CA THR B 157 -35.67 -40.49 20.58
C THR B 157 -34.17 -40.74 20.64
N VAL B 158 -33.42 -39.72 21.03
CA VAL B 158 -31.98 -39.84 21.14
C VAL B 158 -31.59 -40.84 22.22
N GLY B 159 -32.19 -40.71 23.41
CA GLY B 159 -31.95 -41.65 24.50
C GLY B 159 -32.29 -43.09 24.14
N LYS B 160 -33.37 -43.26 23.38
CA LYS B 160 -33.78 -44.59 22.93
C LYS B 160 -32.77 -45.19 21.96
N LEU B 161 -32.23 -44.35 21.07
CA LEU B 161 -31.26 -44.81 20.09
C LEU B 161 -29.98 -45.33 20.75
N ILE B 162 -29.45 -44.56 21.68
CA ILE B 162 -28.22 -44.93 22.37
C ILE B 162 -28.42 -46.19 23.18
N ALA B 163 -29.55 -46.27 23.88
CA ALA B 163 -29.88 -47.45 24.66
C ALA B 163 -29.92 -48.68 23.76
N GLU B 164 -30.50 -48.52 22.57
CA GLU B 164 -30.58 -49.62 21.60
C GLU B 164 -29.19 -50.02 21.11
N ALA B 165 -28.36 -49.02 20.81
CA ALA B 165 -26.99 -49.26 20.39
C ALA B 165 -26.21 -50.04 21.46
N MET B 166 -26.36 -49.64 22.73
CA MET B 166 -25.70 -50.34 23.82
C MET B 166 -26.26 -51.73 24.08
N ASP B 167 -27.51 -51.97 23.70
CA ASP B 167 -28.10 -53.31 23.84
C ASP B 167 -27.42 -54.31 22.92
N LYS B 168 -26.63 -53.80 21.98
CA LYS B 168 -26.02 -54.63 20.94
C LYS B 168 -24.50 -54.78 21.10
N VAL B 169 -23.77 -53.67 20.97
CA VAL B 169 -22.33 -53.72 21.12
C VAL B 169 -21.92 -53.77 22.59
N GLY B 170 -22.89 -53.57 23.47
CA GLY B 170 -22.64 -53.56 24.89
C GLY B 170 -22.47 -52.16 25.41
N LYS B 171 -22.34 -52.03 26.73
CA LYS B 171 -22.20 -50.73 27.37
C LYS B 171 -20.83 -50.09 27.09
N GLU B 172 -19.82 -50.93 26.93
CA GLU B 172 -18.48 -50.46 26.56
C GLU B 172 -18.21 -50.55 25.06
N GLY B 173 -19.22 -50.97 24.29
CA GLY B 173 -19.11 -51.12 22.85
C GLY B 173 -18.83 -49.82 22.10
N VAL B 174 -18.30 -49.96 20.88
CA VAL B 174 -17.99 -48.81 20.04
C VAL B 174 -19.21 -48.33 19.28
N ILE B 175 -19.48 -47.03 19.37
CA ILE B 175 -20.68 -46.48 18.75
C ILE B 175 -20.38 -45.21 17.97
N THR B 176 -20.71 -45.22 16.69
CA THR B 176 -20.52 -44.06 15.83
C THR B 176 -21.85 -43.66 15.24
N VAL B 177 -22.07 -42.35 15.15
CA VAL B 177 -23.28 -41.82 14.54
C VAL B 177 -22.92 -41.13 13.22
N GLU B 178 -23.79 -41.23 12.23
CA GLU B 178 -23.52 -40.64 10.92
C GLU B 178 -24.78 -40.33 10.12
N ASP B 179 -24.64 -39.48 9.11
CA ASP B 179 -25.76 -39.01 8.30
C ASP B 179 -26.51 -40.17 7.69
N GLY B 180 -27.83 -40.19 7.90
CA GLY B 180 -28.65 -41.28 7.41
C GLY B 180 -29.49 -40.91 6.20
N THR B 181 -30.36 -41.83 5.81
CA THR B 181 -31.33 -41.58 4.76
C THR B 181 -32.51 -40.84 5.39
N GLY B 182 -33.48 -40.46 4.57
CA GLY B 182 -34.55 -39.58 5.00
C GLY B 182 -35.47 -40.09 6.10
N LEU B 183 -35.58 -39.30 7.17
CA LEU B 183 -36.71 -39.37 8.10
C LEU B 183 -36.73 -40.57 9.04
N GLN B 184 -35.93 -41.58 8.77
CA GLN B 184 -36.02 -42.82 9.55
C GLN B 184 -34.67 -43.25 10.12
N ASP B 185 -34.63 -43.45 11.43
CA ASP B 185 -33.40 -43.88 12.09
C ASP B 185 -33.07 -45.32 11.74
N GLU B 186 -31.77 -45.60 11.62
CA GLU B 186 -31.31 -46.97 11.46
C GLU B 186 -30.21 -47.29 12.47
N LEU B 187 -30.19 -48.53 12.94
CA LEU B 187 -29.13 -49.02 13.79
C LEU B 187 -28.71 -50.40 13.31
N ASP B 188 -27.44 -50.52 12.93
CA ASP B 188 -26.92 -51.79 12.42
C ASP B 188 -25.49 -51.98 12.90
N VAL B 189 -25.19 -53.19 13.36
CA VAL B 189 -23.84 -53.50 13.82
C VAL B 189 -23.05 -54.10 12.67
N VAL B 190 -21.81 -53.64 12.53
CA VAL B 190 -20.98 -54.04 11.40
C VAL B 190 -19.57 -54.40 11.84
N GLU B 191 -18.83 -55.06 10.98
CA GLU B 191 -17.41 -55.34 11.23
C GLU B 191 -16.63 -54.03 11.26
N GLY B 192 -15.75 -53.90 12.25
CA GLY B 192 -14.93 -52.70 12.37
C GLY B 192 -14.36 -52.55 13.76
N MET B 193 -13.45 -51.59 13.91
CA MET B 193 -12.80 -51.38 15.20
C MET B 193 -12.36 -49.95 15.39
N GLN B 194 -11.82 -49.67 16.56
CA GLN B 194 -11.32 -48.36 16.90
C GLN B 194 -10.05 -48.51 17.71
N PHE B 195 -9.01 -47.78 17.32
CA PHE B 195 -7.75 -47.77 18.05
C PHE B 195 -7.32 -46.33 18.21
N ASP B 196 -6.35 -46.07 19.08
CA ASP B 196 -5.98 -44.68 19.31
C ASP B 196 -4.83 -44.29 18.40
N ALA B 197 -5.15 -43.48 17.40
CA ALA B 197 -4.18 -42.83 16.54
C ALA B 197 -4.84 -41.56 16.04
N GLY B 198 -4.06 -40.50 15.91
CA GLY B 198 -4.61 -39.25 15.39
C GLY B 198 -4.20 -39.01 13.97
N TYR B 199 -4.74 -37.93 13.38
CA TYR B 199 -4.28 -37.51 12.07
C TYR B 199 -2.87 -36.92 12.21
N LEU B 200 -1.99 -37.27 11.29
CA LEU B 200 -0.63 -36.76 11.32
C LEU B 200 -0.58 -35.29 10.91
N SER B 201 -1.39 -34.92 9.93
CA SER B 201 -1.59 -33.51 9.57
C SER B 201 -3.04 -33.10 9.81
N PRO B 202 -3.27 -32.15 10.73
CA PRO B 202 -4.62 -31.62 10.97
C PRO B 202 -5.27 -31.09 9.68
N TYR B 203 -4.46 -30.73 8.70
CA TYR B 203 -4.96 -30.22 7.42
C TYR B 203 -5.75 -31.26 6.63
N PHE B 204 -5.68 -32.52 7.05
CA PHE B 204 -6.39 -33.60 6.38
C PHE B 204 -7.91 -33.48 6.52
N ILE B 205 -8.34 -32.71 7.53
CA ILE B 205 -9.75 -32.60 7.86
C ILE B 205 -10.61 -32.08 6.71
N ASN B 206 -11.63 -32.86 6.35
CA ASN B 206 -12.68 -32.42 5.44
C ASN B 206 -13.93 -31.94 6.18
N LYS B 207 -13.87 -31.97 7.50
CA LYS B 207 -14.99 -31.54 8.35
C LYS B 207 -14.49 -30.67 9.50
N PRO B 208 -14.26 -29.38 9.23
CA PRO B 208 -13.67 -28.42 10.18
C PRO B 208 -14.46 -28.27 11.49
N GLU B 209 -15.74 -28.61 11.51
CA GLU B 209 -16.55 -28.47 12.72
C GLU B 209 -16.33 -29.63 13.71
N THR B 210 -16.70 -30.84 13.29
CA THR B 210 -16.49 -32.02 14.11
C THR B 210 -15.00 -32.28 14.34
N GLY B 211 -14.18 -31.64 13.50
CA GLY B 211 -12.73 -31.69 13.65
C GLY B 211 -12.09 -33.02 13.28
N ALA B 212 -12.74 -33.74 12.36
CA ALA B 212 -12.27 -35.07 11.97
C ALA B 212 -12.29 -35.28 10.46
N VAL B 213 -11.35 -36.09 9.97
CA VAL B 213 -11.29 -36.44 8.56
C VAL B 213 -12.23 -37.61 8.26
N GLU B 214 -12.98 -37.52 7.17
CA GLU B 214 -13.89 -38.59 6.81
C GLU B 214 -13.72 -39.08 5.36
N LEU B 215 -13.29 -40.32 5.23
CA LEU B 215 -13.06 -40.93 3.92
C LEU B 215 -14.18 -41.91 3.60
N GLU B 216 -14.75 -41.79 2.40
CA GLU B 216 -15.87 -42.66 2.04
C GLU B 216 -15.42 -43.78 1.11
N SER B 217 -15.64 -45.01 1.57
CA SER B 217 -15.19 -46.21 0.87
C SER B 217 -13.72 -46.12 0.48
N PRO B 218 -12.86 -45.74 1.42
CA PRO B 218 -11.43 -45.58 1.10
C PRO B 218 -10.69 -46.91 1.03
N PHE B 219 -9.62 -46.95 0.23
CA PHE B 219 -8.65 -48.04 0.32
C PHE B 219 -7.82 -47.82 1.57
N ILE B 220 -7.21 -48.87 2.09
CA ILE B 220 -6.40 -48.75 3.29
C ILE B 220 -5.04 -49.40 3.11
N LEU B 221 -3.98 -48.58 3.19
CA LEU B 221 -2.63 -49.08 3.07
C LEU B 221 -2.04 -49.41 4.43
N LEU B 222 -1.48 -50.61 4.54
CA LEU B 222 -0.83 -51.04 5.77
C LEU B 222 0.64 -51.37 5.52
N ALA B 223 1.51 -50.56 6.10
CA ALA B 223 2.95 -50.73 5.92
C ALA B 223 3.65 -50.84 7.27
N ASP B 224 4.63 -51.75 7.37
CA ASP B 224 5.32 -51.98 8.62
C ASP B 224 6.56 -51.10 8.79
N LYS B 225 6.84 -50.28 7.78
CA LYS B 225 8.03 -49.43 7.82
C LYS B 225 7.66 -47.93 7.86
N LYS B 226 8.70 -47.09 7.90
CA LYS B 226 8.53 -45.65 7.90
C LYS B 226 8.49 -45.11 6.47
N ILE B 227 7.46 -44.34 6.14
CA ILE B 227 7.34 -43.76 4.81
C ILE B 227 7.96 -42.36 4.80
N SER B 228 9.04 -42.23 4.03
CA SER B 228 9.77 -40.97 3.96
C SER B 228 9.70 -40.42 2.54
N ASN B 229 10.28 -41.15 1.59
CA ASN B 229 10.22 -40.76 0.19
C ASN B 229 8.86 -41.10 -0.44
N ILE B 230 8.31 -40.15 -1.18
CA ILE B 230 7.03 -40.33 -1.86
C ILE B 230 7.16 -41.30 -3.03
N ARG B 231 8.36 -41.38 -3.59
CA ARG B 231 8.62 -42.23 -4.77
C ARG B 231 8.26 -43.69 -4.53
N GLU B 232 8.59 -44.23 -3.35
CA GLU B 232 8.16 -45.57 -2.98
C GLU B 232 6.65 -45.63 -2.95
N MET B 233 6.04 -44.52 -2.55
CA MET B 233 4.59 -44.43 -2.43
C MET B 233 3.88 -44.14 -3.76
N LEU B 234 4.62 -43.64 -4.75
CA LEU B 234 4.04 -43.20 -6.02
C LEU B 234 3.14 -44.21 -6.76
N PRO B 235 3.64 -45.43 -7.01
CA PRO B 235 2.86 -46.44 -7.74
C PRO B 235 1.58 -46.85 -7.01
N VAL B 236 1.62 -46.89 -5.69
CA VAL B 236 0.43 -47.24 -4.90
C VAL B 236 -0.60 -46.12 -4.95
N LEU B 237 -0.15 -44.90 -5.25
CA LEU B 237 -1.04 -43.75 -5.37
C LEU B 237 -1.76 -43.74 -6.72
N GLU B 238 -1.03 -44.08 -7.78
CA GLU B 238 -1.59 -44.12 -9.13
C GLU B 238 -2.78 -45.07 -9.22
N ALA B 239 -2.71 -46.15 -8.44
CA ALA B 239 -3.82 -47.10 -8.36
C ALA B 239 -4.98 -46.47 -7.59
N VAL B 240 -4.65 -45.59 -6.66
CA VAL B 240 -5.68 -44.85 -5.91
C VAL B 240 -6.23 -43.69 -6.72
N ALA B 241 -5.38 -43.05 -7.51
CA ALA B 241 -5.81 -41.99 -8.42
C ALA B 241 -6.88 -42.54 -9.36
N LYS B 242 -6.61 -43.70 -9.94
CA LYS B 242 -7.61 -44.42 -10.71
C LYS B 242 -8.65 -45.00 -9.74
N ALA B 243 -9.83 -45.33 -10.25
CA ALA B 243 -10.89 -45.94 -9.45
C ALA B 243 -11.53 -44.98 -8.46
N GLY B 244 -10.92 -43.80 -8.30
CA GLY B 244 -11.49 -42.74 -7.48
C GLY B 244 -11.83 -43.13 -6.05
N LYS B 245 -10.99 -43.97 -5.45
CA LYS B 245 -11.17 -44.39 -4.07
C LYS B 245 -10.12 -43.72 -3.19
N PRO B 246 -10.58 -42.92 -2.22
CA PRO B 246 -9.68 -42.22 -1.30
C PRO B 246 -8.79 -43.20 -0.53
N LEU B 247 -7.62 -42.74 -0.11
CA LEU B 247 -6.66 -43.63 0.54
C LEU B 247 -6.48 -43.34 2.03
N LEU B 248 -6.35 -44.41 2.80
CA LEU B 248 -5.99 -44.32 4.21
C LEU B 248 -4.69 -45.07 4.45
N ILE B 249 -3.64 -44.34 4.80
CA ILE B 249 -2.34 -44.94 5.04
C ILE B 249 -2.11 -45.18 6.51
N ILE B 250 -1.95 -46.44 6.88
CA ILE B 250 -1.63 -46.80 8.25
C ILE B 250 -0.22 -47.40 8.27
N ALA B 251 0.72 -46.67 8.86
CA ALA B 251 2.12 -47.06 8.87
C ALA B 251 2.80 -46.71 10.19
N GLU B 252 3.98 -47.28 10.42
CA GLU B 252 4.74 -47.03 11.65
C GLU B 252 4.91 -45.53 11.89
N ASP B 253 5.01 -44.78 10.80
CA ASP B 253 5.01 -43.32 10.86
C ASP B 253 5.10 -42.76 9.44
N VAL B 254 4.75 -41.48 9.28
CA VAL B 254 4.87 -40.79 8.00
C VAL B 254 5.48 -39.42 8.23
N GLU B 255 6.63 -39.17 7.61
CA GLU B 255 7.41 -37.98 7.91
C GLU B 255 8.26 -37.51 6.73
N GLY B 256 8.72 -36.27 6.79
CA GLY B 256 9.59 -35.70 5.77
C GLY B 256 8.89 -35.42 4.44
N GLU B 257 9.50 -35.87 3.36
CA GLU B 257 8.99 -35.63 2.01
C GLU B 257 7.56 -36.12 1.82
N ALA B 258 7.28 -37.34 2.31
CA ALA B 258 5.96 -37.94 2.16
C ALA B 258 4.87 -37.16 2.88
N LEU B 259 5.13 -36.76 4.13
CA LEU B 259 4.17 -35.98 4.91
C LEU B 259 3.76 -34.70 4.20
N ALA B 260 4.73 -33.83 3.96
CA ALA B 260 4.47 -32.52 3.36
C ALA B 260 3.90 -32.64 1.95
N THR B 261 4.22 -33.74 1.27
CA THR B 261 3.77 -33.96 -0.10
C THR B 261 2.26 -34.22 -0.17
N LEU B 262 1.78 -35.12 0.68
CA LEU B 262 0.38 -35.52 0.69
C LEU B 262 -0.52 -34.49 1.36
N VAL B 263 -0.03 -33.90 2.44
CA VAL B 263 -0.80 -32.91 3.20
C VAL B 263 -1.21 -31.72 2.34
N VAL B 264 -0.32 -31.29 1.45
CA VAL B 264 -0.58 -30.15 0.58
C VAL B 264 -1.49 -30.55 -0.59
N ASN B 265 -1.27 -31.75 -1.11
CA ASN B 265 -2.08 -32.24 -2.24
C ASN B 265 -3.55 -32.46 -1.91
N THR B 266 -3.85 -32.69 -0.63
CA THR B 266 -5.24 -32.82 -0.20
C THR B 266 -5.90 -31.45 -0.02
N MET B 267 -5.08 -30.42 0.16
CA MET B 267 -5.60 -29.06 0.31
C MET B 267 -6.03 -28.52 -1.04
N ARG B 268 -5.21 -28.77 -2.06
CA ARG B 268 -5.44 -28.24 -3.40
C ARG B 268 -6.63 -28.90 -4.09
N GLY B 269 -7.10 -30.01 -3.53
CA GLY B 269 -8.20 -30.75 -4.12
C GLY B 269 -7.71 -31.70 -5.21
N ILE B 270 -8.65 -32.45 -5.77
CA ILE B 270 -8.33 -33.41 -6.84
C ILE B 270 -7.67 -34.67 -6.27
N VAL B 271 -7.38 -34.67 -4.98
CA VAL B 271 -6.81 -35.83 -4.28
C VAL B 271 -7.44 -36.03 -2.89
N LYS B 272 -7.58 -37.29 -2.48
CA LYS B 272 -8.08 -37.61 -1.14
C LYS B 272 -7.20 -38.63 -0.45
N VAL B 273 -6.58 -38.23 0.65
CA VAL B 273 -5.73 -39.13 1.43
C VAL B 273 -5.67 -38.73 2.91
N ALA B 274 -5.53 -39.72 3.78
CA ALA B 274 -5.35 -39.49 5.21
C ALA B 274 -4.31 -40.44 5.77
N ALA B 275 -3.41 -39.92 6.59
CA ALA B 275 -2.32 -40.72 7.15
C ALA B 275 -2.38 -40.78 8.67
N VAL B 276 -2.28 -42.00 9.19
CA VAL B 276 -2.22 -42.22 10.64
C VAL B 276 -1.11 -43.21 10.97
N LYS B 277 -0.56 -43.12 12.18
CA LYS B 277 0.50 -44.01 12.62
C LYS B 277 -0.04 -45.23 13.35
N ALA B 278 0.54 -46.40 13.08
CA ALA B 278 0.12 -47.63 13.74
C ALA B 278 0.38 -47.56 15.24
N PRO B 279 -0.59 -48.01 16.05
CA PRO B 279 -0.55 -47.95 17.51
C PRO B 279 0.46 -48.90 18.13
N GLY B 280 0.94 -48.57 19.32
CA GLY B 280 1.89 -49.41 20.04
C GLY B 280 3.25 -49.45 19.37
N PHE B 281 4.14 -50.27 19.89
CA PHE B 281 5.46 -50.43 19.31
C PHE B 281 5.99 -51.85 19.48
N GLY B 282 7.18 -52.12 18.95
CA GLY B 282 7.76 -53.44 19.00
C GLY B 282 6.97 -54.45 18.18
N ASP B 283 6.74 -55.62 18.74
CA ASP B 283 5.96 -56.67 18.08
C ASP B 283 4.46 -56.40 18.17
N ARG B 284 4.05 -55.71 19.22
CA ARG B 284 2.64 -55.39 19.43
C ARG B 284 2.12 -54.45 18.35
N ARG B 285 3.04 -53.73 17.71
CA ARG B 285 2.71 -52.82 16.62
C ARG B 285 2.41 -53.58 15.34
N LYS B 286 3.24 -54.59 15.07
CA LYS B 286 3.11 -55.39 13.86
C LYS B 286 1.88 -56.29 13.93
N ALA B 287 1.49 -56.66 15.15
CA ALA B 287 0.32 -57.50 15.35
C ALA B 287 -0.95 -56.73 15.05
N MET B 288 -1.02 -55.48 15.53
CA MET B 288 -2.20 -54.66 15.34
C MET B 288 -2.34 -54.18 13.90
N LEU B 289 -1.22 -54.07 13.20
CA LEU B 289 -1.24 -53.74 11.78
C LEU B 289 -1.92 -54.86 11.01
N GLN B 290 -1.51 -56.09 11.31
CA GLN B 290 -2.08 -57.27 10.68
C GLN B 290 -3.55 -57.42 11.04
N ASP B 291 -3.90 -56.98 12.25
CA ASP B 291 -5.29 -56.96 12.68
C ASP B 291 -6.11 -56.12 11.71
N ILE B 292 -5.66 -54.89 11.50
CA ILE B 292 -6.36 -53.98 10.60
C ILE B 292 -6.35 -54.52 9.17
N ALA B 293 -5.31 -55.27 8.84
CA ALA B 293 -5.20 -55.89 7.52
C ALA B 293 -6.21 -57.02 7.33
N THR B 294 -6.43 -57.80 8.39
CA THR B 294 -7.37 -58.91 8.34
C THR B 294 -8.80 -58.36 8.27
N LEU B 295 -9.04 -57.27 8.99
CA LEU B 295 -10.35 -56.66 9.08
C LEU B 295 -10.76 -56.02 7.76
N THR B 296 -9.80 -55.37 7.11
CA THR B 296 -10.08 -54.67 5.86
C THR B 296 -9.86 -55.58 4.65
N GLY B 297 -9.33 -56.77 4.89
CA GLY B 297 -9.03 -57.71 3.82
C GLY B 297 -7.81 -57.29 3.00
N GLY B 298 -6.85 -56.65 3.66
CA GLY B 298 -5.65 -56.19 2.99
C GLY B 298 -4.41 -57.01 3.31
N THR B 299 -3.24 -56.46 2.99
CA THR B 299 -1.97 -57.14 3.23
C THR B 299 -0.92 -56.18 3.77
N VAL B 300 -0.23 -56.59 4.83
CA VAL B 300 0.80 -55.76 5.44
C VAL B 300 2.11 -55.83 4.66
N ILE B 301 2.62 -54.67 4.27
CA ILE B 301 3.88 -54.60 3.52
C ILE B 301 5.04 -54.37 4.48
N SER B 302 5.90 -55.37 4.62
CA SER B 302 6.99 -55.30 5.58
C SER B 302 8.35 -55.37 4.89
N GLU B 303 9.36 -54.82 5.55
CA GLU B 303 10.70 -54.83 4.99
C GLU B 303 11.38 -56.18 5.16
N GLU B 304 11.03 -56.87 6.24
CA GLU B 304 11.71 -58.12 6.61
C GLU B 304 11.48 -59.26 5.62
N ILE B 305 10.23 -59.52 5.25
CA ILE B 305 9.91 -60.61 4.34
C ILE B 305 10.35 -60.28 2.91
N GLY B 306 10.78 -59.04 2.70
CA GLY B 306 11.28 -58.62 1.41
C GLY B 306 10.23 -57.97 0.55
N MET B 307 9.13 -57.55 1.18
CA MET B 307 8.04 -56.90 0.46
C MET B 307 8.34 -55.43 0.24
N GLU B 308 8.21 -54.98 -1.01
CA GLU B 308 8.52 -53.61 -1.36
C GLU B 308 7.26 -52.77 -1.55
N LEU B 309 7.27 -51.58 -0.96
CA LEU B 309 6.14 -50.68 -1.05
C LEU B 309 5.89 -50.21 -2.49
N GLU B 310 6.94 -50.28 -3.31
CA GLU B 310 6.85 -49.91 -4.72
C GLU B 310 6.19 -51.02 -5.54
N LYS B 311 6.26 -52.25 -5.04
CA LYS B 311 5.66 -53.40 -5.71
C LYS B 311 4.25 -53.71 -5.19
N ALA B 312 3.75 -52.88 -4.29
CA ALA B 312 2.42 -53.11 -3.74
C ALA B 312 1.35 -52.87 -4.80
N THR B 313 0.50 -53.87 -5.00
CA THR B 313 -0.53 -53.80 -6.03
C THR B 313 -1.85 -53.36 -5.40
N LEU B 314 -2.88 -53.25 -6.21
CA LEU B 314 -4.18 -52.76 -5.76
C LEU B 314 -4.84 -53.73 -4.78
N GLU B 315 -4.49 -55.00 -4.87
CA GLU B 315 -5.07 -56.03 -4.00
C GLU B 315 -4.37 -56.07 -2.64
N ASP B 316 -3.21 -55.45 -2.55
CA ASP B 316 -2.46 -55.39 -1.29
C ASP B 316 -3.14 -54.47 -0.29
N LEU B 317 -4.05 -53.64 -0.79
CA LEU B 317 -4.73 -52.67 0.05
C LEU B 317 -6.09 -53.19 0.49
N GLY B 318 -6.41 -52.98 1.77
CA GLY B 318 -7.70 -53.36 2.31
C GLY B 318 -8.75 -52.32 1.99
N GLN B 319 -10.01 -52.62 2.31
CA GLN B 319 -11.10 -51.68 2.03
C GLN B 319 -12.10 -51.55 3.17
N ALA B 320 -12.55 -50.33 3.40
CA ALA B 320 -13.58 -50.07 4.40
C ALA B 320 -14.69 -49.26 3.76
N LYS B 321 -15.90 -49.39 4.30
CA LYS B 321 -17.05 -48.63 3.80
C LYS B 321 -16.93 -47.16 4.18
N ARG B 322 -16.63 -46.91 5.45
CA ARG B 322 -16.38 -45.55 5.91
C ARG B 322 -15.27 -45.52 6.95
N VAL B 323 -14.46 -44.47 6.91
CA VAL B 323 -13.37 -44.32 7.87
C VAL B 323 -13.41 -42.92 8.49
N VAL B 324 -13.34 -42.85 9.81
CA VAL B 324 -13.38 -41.58 10.53
C VAL B 324 -12.20 -41.41 11.49
N ILE B 325 -11.37 -40.42 11.21
CA ILE B 325 -10.17 -40.19 12.02
C ILE B 325 -10.24 -38.88 12.80
N ASN B 326 -10.31 -39.00 14.12
CA ASN B 326 -10.28 -37.86 15.02
C ASN B 326 -8.83 -37.52 15.33
N LYS B 327 -8.61 -36.49 16.15
CA LYS B 327 -7.26 -36.20 16.63
C LYS B 327 -6.78 -37.28 17.59
N ASP B 328 -7.70 -37.76 18.43
CA ASP B 328 -7.40 -38.83 19.37
C ASP B 328 -7.45 -40.25 18.80
N THR B 329 -8.46 -40.55 17.99
CA THR B 329 -8.70 -41.94 17.56
C THR B 329 -9.04 -42.12 16.08
N THR B 330 -8.90 -43.35 15.61
CA THR B 330 -9.25 -43.73 14.25
C THR B 330 -10.31 -44.83 14.28
N THR B 331 -11.32 -44.72 13.43
CA THR B 331 -12.41 -45.69 13.42
C THR B 331 -12.68 -46.24 12.02
N ILE B 332 -12.45 -47.54 11.83
CA ILE B 332 -12.74 -48.19 10.57
C ILE B 332 -14.12 -48.85 10.61
N ILE B 333 -15.04 -48.37 9.77
CA ILE B 333 -16.41 -48.88 9.76
C ILE B 333 -16.66 -49.79 8.56
N ASP B 334 -17.15 -51.00 8.84
CA ASP B 334 -17.44 -51.99 7.81
C ASP B 334 -16.24 -52.39 6.95
N GLY B 335 -15.30 -53.13 7.54
CA GLY B 335 -14.19 -53.67 6.80
C GLY B 335 -14.63 -54.71 5.79
N VAL B 336 -13.88 -54.82 4.70
CA VAL B 336 -14.23 -55.72 3.60
C VAL B 336 -13.79 -57.17 3.87
N GLY B 337 -12.92 -57.34 4.86
CA GLY B 337 -12.37 -58.65 5.19
C GLY B 337 -13.43 -59.72 5.40
N GLU B 338 -13.18 -60.90 4.86
CA GLU B 338 -14.14 -62.00 4.92
C GLU B 338 -14.28 -62.58 6.32
N GLU B 339 -15.51 -62.91 6.69
CA GLU B 339 -15.84 -63.39 8.04
C GLU B 339 -14.98 -64.57 8.47
N ALA B 340 -14.72 -65.48 7.55
CA ALA B 340 -13.85 -66.62 7.82
C ALA B 340 -12.44 -66.14 8.16
N ALA B 341 -11.95 -65.15 7.41
CA ALA B 341 -10.65 -64.55 7.66
C ALA B 341 -10.55 -64.01 9.09
N ILE B 342 -11.37 -63.03 9.38
CA ILE B 342 -11.40 -62.38 10.69
C ILE B 342 -11.53 -63.36 11.85
N GLN B 343 -12.55 -64.21 11.79
CA GLN B 343 -12.83 -65.14 12.89
C GLN B 343 -11.74 -66.19 13.05
N GLY B 344 -10.93 -66.37 12.01
CA GLY B 344 -9.77 -67.25 12.09
C GLY B 344 -8.64 -66.55 12.81
N ARG B 345 -8.48 -65.25 12.53
CA ARG B 345 -7.48 -64.43 13.20
C ARG B 345 -7.81 -64.28 14.68
N VAL B 346 -9.10 -64.38 15.00
CA VAL B 346 -9.57 -64.26 16.37
C VAL B 346 -9.26 -65.50 17.20
N ALA B 347 -9.53 -66.67 16.62
CA ALA B 347 -9.25 -67.93 17.29
C ALA B 347 -7.75 -68.09 17.49
N GLN B 348 -6.98 -67.40 16.64
CA GLN B 348 -5.53 -67.43 16.73
C GLN B 348 -5.05 -66.62 17.94
N ILE B 349 -5.74 -65.52 18.22
CA ILE B 349 -5.45 -64.69 19.38
C ILE B 349 -5.94 -65.37 20.65
N ARG B 350 -7.14 -65.95 20.59
CA ARG B 350 -7.74 -66.63 21.73
C ARG B 350 -6.79 -67.68 22.29
N GLN B 351 -6.09 -68.37 21.39
CA GLN B 351 -5.13 -69.40 21.79
C GLN B 351 -3.96 -68.79 22.57
N GLN B 352 -3.44 -67.68 22.04
CA GLN B 352 -2.31 -67.02 22.67
C GLN B 352 -2.66 -66.48 24.05
N ILE B 353 -3.96 -66.31 24.31
CA ILE B 353 -4.44 -65.83 25.60
C ILE B 353 -4.19 -66.84 26.73
N GLU B 354 -4.28 -68.13 26.40
CA GLU B 354 -3.97 -69.18 27.37
C GLU B 354 -2.45 -69.41 27.48
N GLU B 355 -1.71 -68.96 26.47
CA GLU B 355 -0.27 -69.15 26.43
C GLU B 355 0.49 -68.03 27.15
N ALA B 356 -0.21 -66.95 27.48
CA ALA B 356 0.42 -65.79 28.10
C ALA B 356 1.04 -66.13 29.46
N THR B 357 2.32 -65.79 29.62
CA THR B 357 3.03 -66.02 30.87
C THR B 357 2.97 -64.80 31.77
N SER B 358 2.33 -63.74 31.27
CA SER B 358 2.15 -62.52 32.04
C SER B 358 0.70 -62.04 31.94
N ASP B 359 0.23 -61.34 32.98
CA ASP B 359 -1.14 -60.84 32.99
C ASP B 359 -1.26 -59.54 32.21
N TYR B 360 -0.12 -59.00 31.78
CA TYR B 360 -0.12 -57.82 30.93
C TYR B 360 -0.51 -58.19 29.50
N ASP B 361 0.01 -59.33 29.03
CA ASP B 361 -0.37 -59.84 27.72
C ASP B 361 -1.86 -60.20 27.69
N ARG B 362 -2.30 -60.95 28.71
CA ARG B 362 -3.68 -61.43 28.79
C ARG B 362 -4.70 -60.29 28.70
N GLU B 363 -4.33 -59.13 29.21
CA GLU B 363 -5.19 -57.95 29.11
C GLU B 363 -5.10 -57.34 27.72
N LYS B 364 -3.88 -57.31 27.17
CA LYS B 364 -3.65 -56.73 25.85
C LYS B 364 -4.25 -57.57 24.74
N LEU B 365 -4.01 -58.89 24.80
CA LEU B 365 -4.59 -59.82 23.83
C LEU B 365 -6.11 -59.79 23.91
N GLN B 366 -6.61 -59.62 25.13
CA GLN B 366 -8.05 -59.56 25.38
C GLN B 366 -8.67 -58.33 24.68
N GLU B 367 -7.93 -57.24 24.68
CA GLU B 367 -8.38 -56.00 24.06
C GLU B 367 -8.57 -56.16 22.56
N ARG B 368 -7.67 -56.91 21.93
CA ARG B 368 -7.70 -57.09 20.48
C ARG B 368 -8.90 -57.87 19.98
N VAL B 369 -9.14 -59.04 20.59
CA VAL B 369 -10.27 -59.87 20.19
C VAL B 369 -11.58 -59.11 20.34
N ALA B 370 -11.60 -58.21 21.32
CA ALA B 370 -12.76 -57.35 21.54
C ALA B 370 -12.99 -56.47 20.32
N LYS B 371 -11.92 -55.85 19.81
CA LYS B 371 -12.03 -54.98 18.65
C LYS B 371 -12.41 -55.74 17.38
N LEU B 372 -11.82 -56.91 17.19
CA LEU B 372 -12.09 -57.72 16.00
C LEU B 372 -13.49 -58.32 16.00
N ALA B 373 -13.86 -59.01 17.07
CA ALA B 373 -15.15 -59.70 17.12
C ALA B 373 -16.26 -58.80 17.64
N GLY B 374 -15.89 -57.63 18.16
CA GLY B 374 -16.85 -56.72 18.74
C GLY B 374 -17.74 -56.03 17.72
N GLY B 375 -17.13 -55.61 16.61
CA GLY B 375 -17.86 -54.85 15.61
C GLY B 375 -18.14 -53.44 16.09
N VAL B 376 -18.84 -52.67 15.26
CA VAL B 376 -19.19 -51.29 15.59
C VAL B 376 -20.66 -51.02 15.30
N ALA B 377 -21.34 -50.37 16.24
CA ALA B 377 -22.72 -49.97 16.03
C ALA B 377 -22.78 -48.64 15.28
N VAL B 378 -23.46 -48.64 14.15
CA VAL B 378 -23.58 -47.43 13.34
C VAL B 378 -24.98 -46.83 13.47
N ILE B 379 -25.08 -45.65 14.06
CA ILE B 379 -26.35 -44.97 14.17
C ILE B 379 -26.54 -44.02 13.00
N LYS B 380 -27.56 -44.29 12.18
CA LYS B 380 -27.90 -43.44 11.05
C LYS B 380 -29.12 -42.59 11.39
N VAL B 381 -28.94 -41.28 11.42
CA VAL B 381 -29.98 -40.37 11.86
C VAL B 381 -30.85 -39.86 10.71
N GLY B 382 -32.12 -40.25 10.71
CA GLY B 382 -33.08 -39.75 9.74
C GLY B 382 -33.77 -38.50 10.25
N ALA B 383 -34.17 -37.63 9.33
CA ALA B 383 -34.83 -36.39 9.68
C ALA B 383 -35.68 -35.84 8.53
N ALA B 384 -36.62 -34.96 8.87
CA ALA B 384 -37.50 -34.36 7.88
C ALA B 384 -36.72 -33.50 6.88
N THR B 385 -35.67 -32.84 7.36
CA THR B 385 -34.86 -31.97 6.51
C THR B 385 -33.38 -32.18 6.80
N GLU B 386 -32.53 -31.64 5.92
CA GLU B 386 -31.09 -31.73 6.10
C GLU B 386 -30.62 -31.04 7.37
N VAL B 387 -30.99 -29.76 7.51
CA VAL B 387 -30.60 -28.96 8.68
C VAL B 387 -31.14 -29.57 9.98
N GLU B 388 -32.27 -30.27 9.87
CA GLU B 388 -32.90 -30.90 11.01
C GLU B 388 -32.19 -32.21 11.38
N MET B 389 -31.50 -32.79 10.40
CA MET B 389 -30.77 -34.02 10.59
C MET B 389 -29.43 -33.79 11.31
N LYS B 390 -28.70 -32.76 10.89
CA LYS B 390 -27.39 -32.46 11.46
C LYS B 390 -27.44 -32.18 12.94
N GLU B 391 -28.42 -31.39 13.37
CA GLU B 391 -28.53 -31.02 14.78
C GLU B 391 -28.94 -32.22 15.65
N LYS B 392 -29.86 -33.04 15.13
CA LYS B 392 -30.23 -34.27 15.82
C LYS B 392 -29.03 -35.20 15.97
N LYS B 393 -28.23 -35.27 14.91
CA LYS B 393 -26.98 -36.02 14.94
C LYS B 393 -26.04 -35.47 16.01
N ALA B 394 -25.95 -34.14 16.10
CA ALA B 394 -25.11 -33.49 17.10
C ALA B 394 -25.67 -33.74 18.50
N ARG B 395 -26.98 -33.90 18.58
CA ARG B 395 -27.62 -34.18 19.85
C ARG B 395 -27.24 -35.58 20.32
N VAL B 396 -27.19 -36.51 19.37
CA VAL B 396 -26.81 -37.87 19.68
C VAL B 396 -25.35 -37.97 20.11
N GLU B 397 -24.45 -37.30 19.38
CA GLU B 397 -23.03 -37.31 19.72
C GLU B 397 -22.80 -36.82 21.14
N ASP B 398 -23.54 -35.79 21.54
CA ASP B 398 -23.42 -35.25 22.89
C ASP B 398 -23.89 -36.26 23.92
N ALA B 399 -25.11 -36.76 23.72
CA ALA B 399 -25.73 -37.67 24.67
C ALA B 399 -24.92 -38.96 24.84
N LEU B 400 -24.15 -39.30 23.80
CA LEU B 400 -23.35 -40.52 23.81
C LEU B 400 -22.27 -40.41 24.87
N HIS B 401 -21.58 -39.28 24.90
CA HIS B 401 -20.57 -38.99 25.91
C HIS B 401 -21.12 -39.10 27.34
N ALA B 402 -22.24 -38.44 27.60
CA ALA B 402 -22.83 -38.41 28.93
C ALA B 402 -23.31 -39.77 29.37
N THR B 403 -23.82 -40.55 28.42
CA THR B 403 -24.36 -41.86 28.71
C THR B 403 -23.25 -42.79 29.18
N ARG B 404 -22.12 -42.77 28.47
CA ARG B 404 -20.94 -43.51 28.90
C ARG B 404 -20.53 -43.16 30.33
N ALA B 405 -20.48 -41.87 30.65
CA ALA B 405 -20.19 -41.42 32.00
C ALA B 405 -21.20 -41.94 33.04
N ALA B 406 -22.48 -41.92 32.68
CA ALA B 406 -23.52 -42.44 33.57
C ALA B 406 -23.26 -43.93 33.85
N VAL B 407 -22.88 -44.66 32.80
CA VAL B 407 -22.59 -46.08 32.91
C VAL B 407 -21.39 -46.37 33.81
N GLU B 408 -20.32 -45.59 33.66
CA GLU B 408 -19.13 -45.77 34.48
C GLU B 408 -19.34 -45.47 35.97
N GLU B 409 -19.71 -44.23 36.27
CA GLU B 409 -19.85 -43.78 37.65
C GLU B 409 -21.25 -43.69 38.24
N GLY B 410 -22.26 -44.04 37.46
CA GLY B 410 -23.63 -44.02 37.94
C GLY B 410 -24.34 -42.69 37.77
N VAL B 411 -25.51 -42.56 38.40
CA VAL B 411 -26.33 -41.35 38.26
C VAL B 411 -26.84 -40.81 39.59
N VAL B 412 -27.19 -39.53 39.58
CA VAL B 412 -27.78 -38.86 40.74
C VAL B 412 -28.95 -37.99 40.30
N ALA B 413 -29.72 -37.50 41.27
CA ALA B 413 -30.86 -36.65 40.97
C ALA B 413 -30.44 -35.36 40.26
N GLY B 414 -31.05 -35.11 39.11
CA GLY B 414 -30.76 -33.93 38.33
C GLY B 414 -31.43 -32.69 38.88
N GLY B 415 -31.49 -31.64 38.07
CA GLY B 415 -32.07 -30.37 38.49
C GLY B 415 -31.32 -29.72 39.64
N GLY B 416 -30.05 -30.11 39.83
CA GLY B 416 -29.23 -29.56 40.89
C GLY B 416 -29.68 -29.97 42.29
N VAL B 417 -30.39 -31.07 42.36
CA VAL B 417 -30.84 -31.61 43.63
C VAL B 417 -29.72 -32.38 44.33
N ALA B 418 -28.95 -33.15 43.56
CA ALA B 418 -27.80 -33.85 44.08
C ALA B 418 -26.86 -32.92 44.86
N LEU B 419 -26.51 -31.76 44.28
CA LEU B 419 -25.62 -30.81 44.96
C LEU B 419 -26.24 -30.18 46.21
N ILE B 420 -27.53 -29.82 46.13
CA ILE B 420 -28.29 -29.37 47.30
C ILE B 420 -28.22 -30.39 48.44
N ARG B 421 -28.40 -31.67 48.11
CA ARG B 421 -28.49 -32.73 49.13
C ARG B 421 -27.15 -32.95 49.81
N VAL B 422 -26.09 -32.97 49.01
CA VAL B 422 -24.75 -33.11 49.53
C VAL B 422 -24.36 -31.93 50.40
N ALA B 423 -24.81 -30.73 50.03
CA ALA B 423 -24.51 -29.56 50.82
C ALA B 423 -25.15 -29.61 52.21
N SER B 424 -26.41 -30.02 52.29
CA SER B 424 -27.10 -30.07 53.58
C SER B 424 -26.42 -31.10 54.47
N LYS B 425 -25.81 -32.09 53.85
CA LYS B 425 -25.20 -33.18 54.59
C LYS B 425 -23.85 -32.75 55.17
N LEU B 426 -23.29 -31.68 54.62
CA LEU B 426 -21.99 -31.14 55.03
C LEU B 426 -22.06 -30.00 56.06
N ALA B 427 -23.26 -29.71 56.55
CA ALA B 427 -23.50 -28.60 57.47
C ALA B 427 -22.62 -28.53 58.73
N ASP B 428 -22.14 -29.67 59.21
CA ASP B 428 -21.32 -29.69 60.42
C ASP B 428 -19.84 -29.60 60.10
N LEU B 429 -19.49 -29.69 58.82
CA LEU B 429 -18.11 -29.68 58.40
C LEU B 429 -17.41 -28.39 58.86
N ARG B 430 -16.18 -28.55 59.35
CA ARG B 430 -15.39 -27.44 59.84
C ARG B 430 -13.92 -27.60 59.47
N GLY B 431 -13.22 -26.48 59.39
CA GLY B 431 -11.78 -26.49 59.18
C GLY B 431 -10.98 -26.08 60.40
N GLN B 432 -9.69 -25.80 60.16
CA GLN B 432 -8.74 -25.49 61.24
C GLN B 432 -8.94 -24.10 61.86
N ASN B 433 -9.65 -23.22 61.19
CA ASN B 433 -9.91 -21.88 61.74
C ASN B 433 -11.14 -21.23 61.16
N GLU B 434 -11.49 -20.04 61.63
CA GLU B 434 -12.72 -19.40 61.18
C GLU B 434 -12.71 -19.11 59.68
N ASP B 435 -11.56 -18.69 59.14
CA ASP B 435 -11.46 -18.40 57.72
C ASP B 435 -11.67 -19.65 56.87
N GLN B 436 -11.12 -20.77 57.32
CA GLN B 436 -11.36 -22.03 56.63
C GLN B 436 -12.87 -22.41 56.69
N ASN B 437 -13.50 -22.10 57.82
CA ASN B 437 -14.94 -22.33 57.95
C ASN B 437 -15.75 -21.53 56.93
N VAL B 438 -15.40 -20.25 56.77
CA VAL B 438 -16.11 -19.40 55.82
C VAL B 438 -15.96 -19.94 54.40
N GLY B 439 -14.76 -20.43 54.09
CA GLY B 439 -14.50 -21.03 52.79
C GLY B 439 -15.41 -22.22 52.53
N ILE B 440 -15.62 -23.05 53.56
CA ILE B 440 -16.48 -24.21 53.46
C ILE B 440 -17.91 -23.76 53.16
N LYS B 441 -18.42 -22.82 53.95
CA LYS B 441 -19.74 -22.25 53.71
C LYS B 441 -19.84 -21.63 52.31
N VAL B 442 -18.75 -21.05 51.80
CA VAL B 442 -18.75 -20.48 50.46
C VAL B 442 -19.08 -21.56 49.43
N ALA B 443 -18.31 -22.64 49.48
CA ALA B 443 -18.60 -23.83 48.68
C ALA B 443 -20.00 -24.41 48.87
N LEU B 444 -20.45 -24.54 50.10
CA LEU B 444 -21.79 -25.11 50.35
C LEU B 444 -22.90 -24.23 49.78
N ARG B 445 -22.77 -22.92 49.93
CA ARG B 445 -23.78 -22.02 49.40
C ARG B 445 -23.79 -22.12 47.89
N ALA B 446 -22.59 -22.25 47.32
CA ALA B 446 -22.42 -22.30 45.87
C ALA B 446 -23.08 -23.54 45.25
N MET B 447 -23.17 -24.61 46.02
CA MET B 447 -23.76 -25.85 45.51
C MET B 447 -25.25 -25.70 45.22
N GLU B 448 -25.85 -24.63 45.74
CA GLU B 448 -27.25 -24.36 45.45
C GLU B 448 -27.44 -23.61 44.16
N ALA B 449 -26.34 -23.15 43.57
CA ALA B 449 -26.46 -22.23 42.43
C ALA B 449 -27.15 -22.83 41.21
N PRO B 450 -26.84 -24.08 40.86
CA PRO B 450 -27.47 -24.69 39.68
C PRO B 450 -29.00 -24.80 39.77
N LEU B 451 -29.54 -25.28 40.87
CA LEU B 451 -31.00 -25.38 41.01
C LEU B 451 -31.65 -24.00 40.94
N ARG B 452 -31.07 -23.05 41.66
CA ARG B 452 -31.56 -21.69 41.67
C ARG B 452 -31.57 -21.06 40.29
N GLN B 453 -30.53 -21.33 39.52
CA GLN B 453 -30.41 -20.75 38.19
C GLN B 453 -31.46 -21.38 37.26
N ILE B 454 -31.54 -22.71 37.27
CA ILE B 454 -32.58 -23.43 36.53
C ILE B 454 -33.98 -22.90 36.85
N VAL B 455 -34.24 -22.67 38.13
CA VAL B 455 -35.51 -22.11 38.55
C VAL B 455 -35.66 -20.67 38.07
N LEU B 456 -34.55 -19.94 38.04
CA LEU B 456 -34.57 -18.54 37.64
C LEU B 456 -34.88 -18.40 36.15
N ASN B 457 -34.32 -19.31 35.35
CA ASN B 457 -34.65 -19.38 33.92
C ASN B 457 -36.11 -19.77 33.66
N CYS B 458 -36.76 -20.39 34.64
CA CYS B 458 -38.19 -20.70 34.54
C CYS B 458 -39.06 -19.47 34.72
N GLY B 459 -38.52 -18.44 35.39
CA GLY B 459 -39.31 -17.27 35.72
C GLY B 459 -39.97 -17.41 37.08
N GLU B 460 -39.52 -18.41 37.84
CA GLU B 460 -40.02 -18.61 39.19
C GLU B 460 -39.03 -18.06 40.20
N GLU B 461 -39.39 -18.14 41.48
CA GLU B 461 -38.58 -17.58 42.55
C GLU B 461 -37.63 -18.61 43.13
N PRO B 462 -36.32 -18.41 42.91
CA PRO B 462 -35.29 -19.40 43.26
C PRO B 462 -35.28 -19.69 44.77
N SER B 463 -35.53 -18.68 45.58
CA SER B 463 -35.55 -18.83 47.03
C SER B 463 -36.67 -19.76 47.48
N VAL B 464 -37.84 -19.58 46.90
CA VAL B 464 -39.01 -20.36 47.29
C VAL B 464 -38.84 -21.83 46.89
N VAL B 465 -38.48 -22.05 45.64
CA VAL B 465 -38.28 -23.41 45.16
C VAL B 465 -37.13 -24.10 45.89
N ALA B 466 -36.00 -23.40 46.04
CA ALA B 466 -34.82 -23.96 46.70
C ALA B 466 -35.15 -24.33 48.14
N ASN B 467 -35.90 -23.46 48.81
CA ASN B 467 -36.31 -23.66 50.19
C ASN B 467 -37.23 -24.87 50.35
N THR B 468 -38.07 -25.09 49.35
CA THR B 468 -39.00 -26.21 49.35
C THR B 468 -38.26 -27.53 49.11
N VAL B 469 -37.38 -27.55 48.12
CA VAL B 469 -36.55 -28.72 47.86
C VAL B 469 -35.69 -29.06 49.09
N LYS B 470 -35.02 -28.06 49.66
CA LYS B 470 -34.26 -28.27 50.88
C LYS B 470 -35.10 -28.89 52.00
N GLY B 471 -36.37 -28.52 52.04
CA GLY B 471 -37.29 -29.02 53.05
C GLY B 471 -37.66 -30.49 52.91
N GLY B 472 -37.55 -31.03 51.69
CA GLY B 472 -37.85 -32.42 51.42
C GLY B 472 -36.62 -33.29 51.63
N ASP B 473 -36.73 -34.58 51.34
CA ASP B 473 -35.58 -35.48 51.46
C ASP B 473 -35.30 -36.20 50.16
N GLY B 474 -34.22 -36.97 50.16
CA GLY B 474 -33.90 -37.87 49.08
C GLY B 474 -33.84 -37.24 47.70
N ASN B 475 -34.57 -37.85 46.77
CA ASN B 475 -34.54 -37.43 45.36
C ASN B 475 -35.66 -36.47 45.01
N TYR B 476 -36.44 -36.11 46.02
CA TYR B 476 -37.43 -35.04 45.90
C TYR B 476 -36.80 -33.75 45.37
N GLY B 477 -37.41 -33.17 44.34
CA GLY B 477 -36.87 -32.00 43.69
C GLY B 477 -37.93 -31.27 42.87
N TYR B 478 -37.48 -30.30 42.09
CA TYR B 478 -38.36 -29.49 41.24
C TYR B 478 -38.17 -29.88 39.80
N ASN B 479 -39.26 -30.16 39.12
CA ASN B 479 -39.20 -30.41 37.69
C ASN B 479 -39.49 -29.09 36.96
N ALA B 480 -38.47 -28.53 36.32
CA ALA B 480 -38.57 -27.24 35.69
C ALA B 480 -39.39 -27.27 34.40
N ALA B 481 -39.49 -28.45 33.79
CA ALA B 481 -40.23 -28.59 32.55
C ALA B 481 -41.71 -28.44 32.83
N THR B 482 -42.19 -29.18 33.83
CA THR B 482 -43.60 -29.18 34.17
C THR B 482 -43.93 -28.20 35.31
N GLU B 483 -42.88 -27.61 35.88
CA GLU B 483 -43.02 -26.73 37.05
C GLU B 483 -43.67 -27.39 38.27
N GLU B 484 -43.46 -28.70 38.42
CA GLU B 484 -44.00 -29.45 39.56
C GLU B 484 -42.90 -30.16 40.36
N TYR B 485 -43.12 -30.35 41.66
CA TYR B 485 -42.17 -31.10 42.46
C TYR B 485 -42.47 -32.59 42.36
N GLY B 486 -41.61 -33.40 42.97
CA GLY B 486 -41.75 -34.83 42.91
C GLY B 486 -40.42 -35.54 43.01
N ASN B 487 -40.42 -36.82 42.70
CA ASN B 487 -39.20 -37.62 42.74
C ASN B 487 -38.42 -37.48 41.42
N MET B 488 -37.19 -36.96 41.51
CA MET B 488 -36.42 -36.68 40.31
C MET B 488 -36.11 -37.95 39.51
N ILE B 489 -35.86 -39.06 40.21
CA ILE B 489 -35.56 -40.31 39.52
C ILE B 489 -36.81 -40.91 38.86
N ASP B 490 -37.96 -40.80 39.51
CA ASP B 490 -39.20 -41.32 38.91
C ASP B 490 -39.58 -40.53 37.67
N MET B 491 -39.26 -39.24 37.66
CA MET B 491 -39.61 -38.37 36.55
C MET B 491 -38.56 -38.42 35.44
N GLY B 492 -37.54 -39.24 35.64
CA GLY B 492 -36.50 -39.44 34.65
C GLY B 492 -35.50 -38.31 34.51
N ILE B 493 -35.32 -37.50 35.56
CA ILE B 493 -34.34 -36.44 35.44
C ILE B 493 -33.06 -36.87 36.14
N LEU B 494 -32.08 -37.25 35.32
CA LEU B 494 -30.89 -37.91 35.80
C LEU B 494 -29.63 -37.22 35.32
N ASP B 495 -28.75 -36.92 36.26
CA ASP B 495 -27.40 -36.48 35.96
C ASP B 495 -26.38 -37.60 36.15
N PRO B 496 -25.48 -37.79 35.17
CA PRO B 496 -24.36 -38.70 35.42
C PRO B 496 -23.54 -38.17 36.60
N THR B 497 -23.24 -39.02 37.57
CA THR B 497 -22.53 -38.57 38.77
C THR B 497 -21.20 -37.93 38.37
N LYS B 498 -20.58 -38.47 37.31
CA LYS B 498 -19.29 -37.95 36.84
C LYS B 498 -19.39 -36.47 36.44
N VAL B 499 -20.46 -36.14 35.75
CA VAL B 499 -20.73 -34.76 35.34
C VAL B 499 -20.84 -33.82 36.52
N THR B 500 -21.66 -34.16 37.50
CA THR B 500 -21.87 -33.32 38.67
C THR B 500 -20.55 -33.16 39.42
N ARG B 501 -19.88 -34.28 39.65
CA ARG B 501 -18.58 -34.30 40.32
C ARG B 501 -17.55 -33.42 39.60
N SER B 502 -17.32 -33.69 38.32
CA SER B 502 -16.36 -32.94 37.52
C SER B 502 -16.68 -31.44 37.45
N ALA B 503 -17.95 -31.10 37.27
CA ALA B 503 -18.31 -29.70 37.18
C ALA B 503 -17.97 -28.98 38.47
N LEU B 504 -18.23 -29.63 39.61
CA LEU B 504 -17.92 -29.06 40.92
C LEU B 504 -16.41 -28.94 41.14
N GLN B 505 -15.69 -30.00 40.84
CA GLN B 505 -14.25 -30.05 41.04
C GLN B 505 -13.51 -29.00 40.21
N TYR B 506 -13.80 -28.96 38.92
CA TYR B 506 -13.17 -28.01 38.02
C TYR B 506 -13.52 -26.55 38.36
N ALA B 507 -14.78 -26.30 38.70
CA ALA B 507 -15.22 -24.98 39.14
C ALA B 507 -14.47 -24.53 40.40
N ALA B 508 -14.30 -25.45 41.36
CA ALA B 508 -13.66 -25.12 42.62
C ALA B 508 -12.18 -24.86 42.39
N SER B 509 -11.62 -25.61 41.45
CA SER B 509 -10.24 -25.45 41.03
C SER B 509 -9.94 -24.02 40.61
N VAL B 510 -10.59 -23.55 39.55
CA VAL B 510 -10.31 -22.22 39.03
C VAL B 510 -10.72 -21.15 40.05
N ALA B 511 -11.72 -21.46 40.87
CA ALA B 511 -12.21 -20.47 41.82
C ALA B 511 -11.18 -20.23 42.90
N GLY B 512 -10.56 -21.31 43.38
CA GLY B 512 -9.51 -21.19 44.37
C GLY B 512 -8.29 -20.49 43.81
N LEU B 513 -7.99 -20.74 42.54
CA LEU B 513 -6.90 -20.08 41.86
C LEU B 513 -7.08 -18.57 41.84
N MET B 514 -8.28 -18.12 41.49
CA MET B 514 -8.58 -16.68 41.40
C MET B 514 -8.62 -15.99 42.76
N ILE B 515 -9.17 -16.68 43.75
CA ILE B 515 -9.24 -16.19 45.11
C ILE B 515 -7.83 -15.94 45.67
N THR B 516 -6.87 -16.72 45.17
CA THR B 516 -5.45 -16.64 45.51
C THR B 516 -4.52 -15.85 44.56
N THR B 517 -5.05 -15.17 43.55
CA THR B 517 -4.17 -14.43 42.64
C THR B 517 -3.95 -13.01 43.14
N GLU B 518 -2.69 -12.60 43.28
CA GLU B 518 -2.38 -11.19 43.58
C GLU B 518 -1.93 -10.31 42.42
N CYS B 519 -1.68 -10.91 41.26
CA CYS B 519 -1.09 -10.13 40.18
C CYS B 519 -1.50 -10.65 38.81
N MET B 520 -1.73 -9.72 37.88
CA MET B 520 -2.01 -10.09 36.52
C MET B 520 -1.15 -9.28 35.57
N VAL B 521 -0.56 -9.98 34.61
CA VAL B 521 0.29 -9.34 33.61
C VAL B 521 -0.30 -9.63 32.23
N THR B 522 -0.50 -8.58 31.45
CA THR B 522 -1.04 -8.73 30.10
C THR B 522 -0.47 -7.65 29.19
N ASP B 523 -0.86 -7.67 27.92
CA ASP B 523 -0.39 -6.67 26.96
C ASP B 523 -1.07 -5.33 27.14
N LEU B 524 -0.44 -4.28 26.63
CA LEU B 524 -1.07 -2.96 26.60
C LEU B 524 -2.13 -2.88 25.51
N PRO B 525 -3.21 -2.14 25.78
CA PRO B 525 -4.29 -1.92 24.78
C PRO B 525 -3.86 -1.07 23.58
N ALA C 2 -11.96 -12.33 17.89
CA ALA C 2 -12.10 -10.89 18.10
C ALA C 2 -12.91 -10.67 19.36
N ALA C 3 -12.66 -9.55 20.05
CA ALA C 3 -13.41 -9.21 21.25
C ALA C 3 -14.87 -8.95 20.87
N LYS C 4 -15.76 -9.17 21.82
CA LYS C 4 -17.20 -9.11 21.56
C LYS C 4 -17.89 -8.00 22.33
N ASP C 5 -18.96 -7.48 21.72
CA ASP C 5 -19.90 -6.61 22.40
C ASP C 5 -20.99 -7.55 22.92
N VAL C 6 -21.30 -7.47 24.20
CA VAL C 6 -22.24 -8.41 24.79
C VAL C 6 -23.35 -7.70 25.56
N LYS C 7 -24.59 -7.85 25.10
CA LYS C 7 -25.72 -7.20 25.76
C LYS C 7 -26.69 -8.21 26.39
N PHE C 8 -27.38 -7.77 27.43
CA PHE C 8 -28.29 -8.63 28.18
C PHE C 8 -29.68 -8.01 28.32
N GLY C 9 -30.67 -8.86 28.57
CA GLY C 9 -31.99 -8.43 29.02
C GLY C 9 -32.61 -7.35 28.17
N ASN C 10 -33.10 -6.29 28.81
CA ASN C 10 -33.80 -5.22 28.09
C ASN C 10 -32.88 -4.48 27.14
N ASP C 11 -31.63 -4.28 27.55
CA ASP C 11 -30.67 -3.59 26.72
C ASP C 11 -30.54 -4.31 25.37
N ALA C 12 -30.38 -5.63 25.42
CA ALA C 12 -30.35 -6.46 24.22
C ALA C 12 -31.68 -6.45 23.46
N ARG C 13 -32.78 -6.58 24.19
CA ARG C 13 -34.09 -6.70 23.57
C ARG C 13 -34.56 -5.42 22.88
N VAL C 14 -34.29 -4.27 23.49
CA VAL C 14 -34.56 -3.00 22.84
C VAL C 14 -33.87 -2.91 21.48
N LYS C 15 -32.63 -3.34 21.43
CA LYS C 15 -31.85 -3.31 20.19
C LYS C 15 -32.53 -4.13 19.10
N MET C 16 -32.81 -5.40 19.42
CA MET C 16 -33.55 -6.30 18.52
C MET C 16 -34.83 -5.65 18.00
N LEU C 17 -35.61 -5.08 18.91
CA LEU C 17 -36.89 -4.50 18.53
C LEU C 17 -36.71 -3.33 17.54
N ARG C 18 -35.68 -2.52 17.77
CA ARG C 18 -35.42 -1.39 16.89
CA ARG C 18 -35.40 -1.39 16.90
C ARG C 18 -35.07 -1.84 15.48
N GLY C 19 -34.31 -2.92 15.37
CA GLY C 19 -33.91 -3.44 14.08
C GLY C 19 -35.08 -4.09 13.38
N VAL C 20 -35.95 -4.73 14.16
CA VAL C 20 -37.18 -5.29 13.65
C VAL C 20 -38.10 -4.17 13.18
N ASN C 21 -38.17 -3.11 13.96
CA ASN C 21 -38.98 -1.95 13.59
C ASN C 21 -38.53 -1.32 12.29
N VAL C 22 -37.21 -1.25 12.05
CA VAL C 22 -36.73 -0.72 10.79
C VAL C 22 -37.16 -1.62 9.61
N LEU C 23 -36.90 -2.91 9.74
CA LEU C 23 -37.25 -3.86 8.69
C LEU C 23 -38.75 -3.83 8.41
N ALA C 24 -39.54 -3.99 9.47
CA ALA C 24 -40.99 -4.09 9.32
C ALA C 24 -41.62 -2.81 8.77
N ASP C 25 -41.19 -1.66 9.27
CA ASP C 25 -41.74 -0.39 8.82
C ASP C 25 -41.46 -0.12 7.33
N ALA C 26 -40.33 -0.61 6.84
CA ALA C 26 -39.99 -0.42 5.43
C ALA C 26 -40.74 -1.41 4.55
N VAL C 27 -40.90 -2.63 5.05
CA VAL C 27 -41.62 -3.66 4.31
C VAL C 27 -43.13 -3.44 4.37
N LYS C 28 -43.65 -3.01 5.51
CA LYS C 28 -45.11 -3.04 5.71
C LYS C 28 -45.90 -1.96 4.97
N VAL C 29 -45.23 -0.86 4.60
CA VAL C 29 -45.91 0.20 3.87
C VAL C 29 -46.34 -0.28 2.49
N THR C 30 -45.74 -1.37 2.02
CA THR C 30 -46.10 -1.92 0.71
C THR C 30 -47.24 -2.92 0.74
N LEU C 31 -47.85 -3.16 1.90
CA LEU C 31 -48.91 -4.16 2.03
C LEU C 31 -50.22 -3.70 1.40
N GLY C 32 -50.83 -4.58 0.61
CA GLY C 32 -52.14 -4.31 0.05
C GLY C 32 -52.10 -3.76 -1.36
N PRO C 33 -53.28 -3.58 -1.97
CA PRO C 33 -53.45 -2.98 -3.31
C PRO C 33 -53.13 -1.48 -3.26
N LYS C 34 -53.33 -0.90 -2.10
CA LYS C 34 -52.99 0.51 -1.88
C LYS C 34 -51.60 0.78 -1.30
N GLY C 35 -50.77 -0.26 -1.23
CA GLY C 35 -49.41 -0.13 -0.71
C GLY C 35 -48.61 1.02 -1.32
N ARG C 36 -47.84 1.67 -0.46
CA ARG C 36 -46.99 2.79 -0.85
C ARG C 36 -45.69 2.36 -1.54
N ASN C 37 -45.08 3.26 -2.31
CA ASN C 37 -43.78 2.97 -2.91
C ASN C 37 -42.62 3.08 -1.94
N VAL C 38 -41.61 2.25 -2.17
CA VAL C 38 -40.35 2.31 -1.46
C VAL C 38 -39.27 2.54 -2.53
N VAL C 39 -38.44 3.55 -2.34
CA VAL C 39 -37.36 3.80 -3.29
C VAL C 39 -36.08 3.11 -2.83
N LEU C 40 -35.50 2.31 -3.70
CA LEU C 40 -34.33 1.53 -3.38
C LEU C 40 -33.18 1.96 -4.27
N ASP C 41 -32.12 2.45 -3.65
CA ASP C 41 -31.01 3.03 -4.38
C ASP C 41 -30.15 1.97 -5.07
N LYS C 42 -29.51 2.36 -6.16
CA LYS C 42 -28.50 1.55 -6.80
C LYS C 42 -27.22 2.38 -6.88
N SER C 43 -26.07 1.71 -6.91
CA SER C 43 -24.80 2.43 -6.92
C SER C 43 -24.63 3.22 -8.20
N PHE C 44 -25.39 2.87 -9.22
CA PHE C 44 -25.35 3.56 -10.50
C PHE C 44 -26.76 3.86 -11.00
N GLY C 45 -26.89 4.96 -11.73
CA GLY C 45 -28.13 5.29 -12.41
C GLY C 45 -29.32 5.60 -11.52
N ALA C 46 -30.51 5.36 -12.04
CA ALA C 46 -31.74 5.74 -11.37
C ALA C 46 -32.16 4.74 -10.30
N PRO C 47 -32.71 5.23 -9.19
CA PRO C 47 -33.18 4.39 -8.09
C PRO C 47 -34.29 3.49 -8.57
N THR C 48 -34.50 2.39 -7.86
CA THR C 48 -35.60 1.49 -8.12
C THR C 48 -36.81 1.88 -7.26
N ILE C 49 -37.97 1.96 -7.89
CA ILE C 49 -39.20 2.22 -7.17
C ILE C 49 -40.09 0.99 -7.18
N THR C 50 -40.45 0.51 -6.01
CA THR C 50 -41.13 -0.77 -5.88
C THR C 50 -42.23 -0.75 -4.83
N LYS C 51 -43.32 -1.45 -5.12
CA LYS C 51 -44.31 -1.82 -4.10
C LYS C 51 -44.13 -3.25 -3.56
N ASP C 52 -43.07 -3.93 -3.99
CA ASP C 52 -42.87 -5.34 -3.62
C ASP C 52 -42.04 -5.54 -2.36
N GLY C 53 -42.69 -6.07 -1.32
CA GLY C 53 -42.08 -6.23 -0.01
C GLY C 53 -40.85 -7.12 0.04
N VAL C 54 -40.81 -8.11 -0.85
CA VAL C 54 -39.71 -9.03 -0.91
C VAL C 54 -38.44 -8.27 -1.33
N SER C 55 -38.58 -7.42 -2.34
CA SER C 55 -37.47 -6.58 -2.80
C SER C 55 -36.96 -5.67 -1.68
N VAL C 56 -37.88 -4.99 -1.01
CA VAL C 56 -37.55 -4.13 0.11
C VAL C 56 -36.85 -4.89 1.22
N ALA C 57 -37.30 -6.11 1.50
CA ALA C 57 -36.70 -6.88 2.58
C ALA C 57 -35.25 -7.28 2.29
N ARG C 58 -34.98 -7.71 1.06
CA ARG C 58 -33.64 -8.09 0.62
C ARG C 58 -32.60 -7.03 0.91
N GLU C 59 -33.00 -5.77 0.79
CA GLU C 59 -32.08 -4.65 0.83
C GLU C 59 -31.73 -4.20 2.23
N ILE C 60 -32.49 -4.66 3.21
CA ILE C 60 -32.37 -4.09 4.56
C ILE C 60 -31.23 -4.75 5.34
N GLU C 61 -30.24 -3.94 5.68
CA GLU C 61 -29.14 -4.31 6.56
C GLU C 61 -28.78 -3.09 7.39
N LEU C 62 -28.59 -3.27 8.69
CA LEU C 62 -28.43 -2.16 9.62
C LEU C 62 -27.02 -2.04 10.15
N GLU C 63 -26.60 -0.82 10.47
CA GLU C 63 -25.22 -0.59 10.90
C GLU C 63 -24.97 -1.15 12.28
N ASP C 64 -25.82 -0.79 13.23
CA ASP C 64 -25.79 -1.35 14.57
C ASP C 64 -25.94 -2.85 14.44
N LYS C 65 -25.02 -3.58 15.04
CA LYS C 65 -24.98 -5.02 14.82
C LYS C 65 -26.08 -5.79 15.56
N PHE C 66 -26.55 -5.23 16.68
CA PHE C 66 -27.62 -5.86 17.44
C PHE C 66 -28.97 -5.65 16.76
N GLU C 67 -29.22 -4.42 16.31
CA GLU C 67 -30.42 -4.08 15.57
C GLU C 67 -30.51 -4.93 14.31
N ASN C 68 -29.39 -5.01 13.60
CA ASN C 68 -29.28 -5.84 12.42
C ASN C 68 -29.57 -7.33 12.68
N MET C 69 -29.23 -7.82 13.87
CA MET C 69 -29.53 -9.22 14.19
C MET C 69 -31.04 -9.42 14.27
N GLY C 70 -31.72 -8.46 14.89
CA GLY C 70 -33.16 -8.42 14.91
C GLY C 70 -33.78 -8.45 13.52
N ALA C 71 -33.34 -7.55 12.66
CA ALA C 71 -33.89 -7.47 11.31
C ALA C 71 -33.67 -8.76 10.51
N GLN C 72 -32.49 -9.36 10.67
CA GLN C 72 -32.15 -10.56 9.93
C GLN C 72 -32.96 -11.78 10.39
N MET C 73 -33.25 -11.83 11.69
CA MET C 73 -34.02 -12.93 12.25
C MET C 73 -35.44 -12.96 11.67
N VAL C 74 -36.07 -11.79 11.62
CA VAL C 74 -37.40 -11.65 11.05
C VAL C 74 -37.38 -11.87 9.54
N LYS C 75 -36.35 -11.37 8.86
CA LYS C 75 -36.22 -11.56 7.42
C LYS C 75 -36.21 -13.02 7.04
N GLU C 76 -35.40 -13.81 7.76
CA GLU C 76 -35.23 -15.22 7.43
C GLU C 76 -36.54 -15.95 7.60
N VAL C 77 -37.17 -15.74 8.74
CA VAL C 77 -38.48 -16.32 9.03
C VAL C 77 -39.54 -15.95 7.98
N ALA C 78 -39.66 -14.67 7.67
CA ALA C 78 -40.61 -14.22 6.66
C ALA C 78 -40.36 -14.80 5.28
N SER C 79 -39.11 -15.07 4.94
CA SER C 79 -38.82 -15.63 3.63
C SER C 79 -39.11 -17.13 3.59
N LYS C 80 -38.93 -17.81 4.72
CA LYS C 80 -39.31 -19.22 4.85
C LYS C 80 -40.79 -19.41 4.51
N ALA C 81 -41.63 -18.52 5.06
CA ALA C 81 -43.05 -18.48 4.75
C ALA C 81 -43.33 -18.40 3.26
N ASN C 82 -42.72 -17.43 2.60
CA ASN C 82 -42.88 -17.22 1.17
C ASN C 82 -42.43 -18.43 0.36
N ALA C 83 -41.45 -19.16 0.89
CA ALA C 83 -40.92 -20.33 0.21
C ALA C 83 -41.89 -21.50 0.39
N ALA C 84 -42.48 -21.59 1.58
CA ALA C 84 -43.44 -22.65 1.87
C ALA C 84 -44.78 -22.48 1.15
N ALA C 85 -45.41 -21.32 1.33
CA ALA C 85 -46.74 -21.08 0.77
C ALA C 85 -46.76 -20.39 -0.60
N GLY C 86 -45.63 -19.84 -1.03
CA GLY C 86 -45.61 -19.11 -2.27
C GLY C 86 -46.00 -17.64 -2.19
N ASP C 87 -46.38 -17.17 -1.00
CA ASP C 87 -46.67 -15.74 -0.78
C ASP C 87 -46.69 -15.44 0.72
N GLY C 88 -46.88 -14.17 1.07
CA GLY C 88 -47.09 -13.78 2.46
C GLY C 88 -45.89 -13.23 3.24
N THR C 89 -44.80 -12.97 2.52
CA THR C 89 -43.63 -12.35 3.14
C THR C 89 -44.02 -11.08 3.86
N THR C 90 -44.79 -10.20 3.21
CA THR C 90 -45.13 -8.94 3.85
C THR C 90 -46.06 -9.15 5.04
N THR C 91 -47.06 -10.00 4.87
CA THR C 91 -48.00 -10.29 5.95
C THR C 91 -47.28 -10.89 7.17
N ALA C 92 -46.38 -11.84 6.92
CA ALA C 92 -45.60 -12.46 8.00
C ALA C 92 -44.76 -11.44 8.80
N THR C 93 -44.18 -10.48 8.08
CA THR C 93 -43.33 -9.47 8.69
C THR C 93 -44.16 -8.56 9.59
N VAL C 94 -45.33 -8.17 9.09
CA VAL C 94 -46.27 -7.34 9.86
C VAL C 94 -46.69 -8.06 11.15
N LEU C 95 -46.98 -9.35 11.04
CA LEU C 95 -47.37 -10.17 12.19
C LEU C 95 -46.26 -10.27 13.23
N ALA C 96 -45.07 -10.62 12.77
CA ALA C 96 -43.89 -10.69 13.60
C ALA C 96 -43.70 -9.41 14.40
N GLN C 97 -43.76 -8.26 13.73
CA GLN C 97 -43.61 -6.99 14.43
C GLN C 97 -44.69 -6.83 15.50
N ALA C 98 -45.92 -7.23 15.19
CA ALA C 98 -47.02 -7.07 16.14
C ALA C 98 -46.84 -7.90 17.41
N ILE C 99 -46.59 -9.19 17.25
CA ILE C 99 -46.40 -10.10 18.36
C ILE C 99 -45.16 -9.71 19.19
N ILE C 100 -44.07 -9.40 18.49
CA ILE C 100 -42.82 -8.98 19.12
C ILE C 100 -42.99 -7.72 19.96
N THR C 101 -43.67 -6.72 19.41
CA THR C 101 -43.88 -5.47 20.13
C THR C 101 -44.66 -5.67 21.42
N GLU C 102 -45.83 -6.31 21.35
CA GLU C 102 -46.66 -6.54 22.53
C GLU C 102 -46.00 -7.50 23.51
N GLY C 103 -45.42 -8.57 22.99
CA GLY C 103 -44.76 -9.56 23.79
C GLY C 103 -43.66 -8.95 24.64
N LEU C 104 -42.84 -8.11 24.01
CA LEU C 104 -41.76 -7.42 24.73
C LEU C 104 -42.34 -6.45 25.75
N LYS C 105 -43.49 -5.87 25.41
CA LYS C 105 -44.19 -4.96 26.32
C LYS C 105 -44.54 -5.73 27.59
N ALA C 106 -45.02 -6.95 27.42
CA ALA C 106 -45.39 -7.81 28.53
C ALA C 106 -44.17 -8.26 29.32
N VAL C 107 -43.07 -8.52 28.63
CA VAL C 107 -41.84 -8.90 29.30
C VAL C 107 -41.33 -7.78 30.19
N ALA C 108 -41.37 -6.56 29.66
CA ALA C 108 -40.88 -5.38 30.38
C ALA C 108 -41.77 -5.08 31.58
N ALA C 109 -43.04 -5.48 31.48
CA ALA C 109 -43.98 -5.32 32.58
C ALA C 109 -43.73 -6.36 33.69
N GLY C 110 -42.84 -7.31 33.43
CA GLY C 110 -42.47 -8.30 34.42
C GLY C 110 -43.21 -9.63 34.34
N MET C 111 -43.91 -9.87 33.22
CA MET C 111 -44.58 -11.14 33.00
C MET C 111 -43.63 -12.24 32.54
N ASN C 112 -43.98 -13.49 32.85
CA ASN C 112 -43.11 -14.62 32.56
C ASN C 112 -42.96 -14.81 31.05
N PRO C 113 -41.74 -14.66 30.54
CA PRO C 113 -41.46 -14.76 29.11
C PRO C 113 -41.81 -16.14 28.55
N MET C 114 -41.42 -17.19 29.25
CA MET C 114 -41.73 -18.53 28.82
C MET C 114 -43.25 -18.73 28.75
N ASP C 115 -43.96 -18.25 29.77
CA ASP C 115 -45.42 -18.30 29.78
C ASP C 115 -46.06 -17.49 28.65
N LEU C 116 -45.45 -16.35 28.31
CA LEU C 116 -45.94 -15.55 27.21
C LEU C 116 -45.76 -16.32 25.91
N LYS C 117 -44.63 -17.00 25.79
CA LYS C 117 -44.35 -17.74 24.56
C LYS C 117 -45.30 -18.92 24.46
N ARG C 118 -45.55 -19.56 25.59
CA ARG C 118 -46.44 -20.70 25.65
CA ARG C 118 -46.44 -20.70 25.65
C ARG C 118 -47.85 -20.30 25.20
N GLY C 119 -48.30 -19.14 25.65
CA GLY C 119 -49.63 -18.66 25.35
C GLY C 119 -49.81 -18.27 23.90
N ILE C 120 -48.80 -17.62 23.34
CA ILE C 120 -48.77 -17.26 21.92
C ILE C 120 -48.85 -18.51 21.06
N ASP C 121 -48.14 -19.55 21.45
CA ASP C 121 -48.14 -20.81 20.73
C ASP C 121 -49.49 -21.53 20.79
N LYS C 122 -50.14 -21.48 21.94
CA LYS C 122 -51.43 -22.12 22.08
C LYS C 122 -52.48 -21.42 21.22
N ALA C 123 -52.44 -20.10 21.21
CA ALA C 123 -53.30 -19.29 20.35
C ALA C 123 -53.08 -19.63 18.86
N VAL C 124 -51.82 -19.71 18.46
CA VAL C 124 -51.48 -20.02 17.08
C VAL C 124 -51.95 -21.43 16.68
N THR C 125 -51.62 -22.43 17.50
CA THR C 125 -52.07 -23.81 17.29
C THR C 125 -53.58 -23.87 17.10
N ALA C 126 -54.30 -23.11 17.93
CA ALA C 126 -55.75 -23.01 17.82
C ALA C 126 -56.17 -22.25 16.55
N ALA C 127 -55.51 -21.13 16.28
CA ALA C 127 -55.81 -20.30 15.13
C ALA C 127 -55.67 -21.06 13.81
N VAL C 128 -54.65 -21.90 13.76
CA VAL C 128 -54.38 -22.72 12.59
C VAL C 128 -55.49 -23.73 12.32
N GLU C 129 -56.00 -24.34 13.39
CA GLU C 129 -57.11 -25.26 13.26
C GLU C 129 -58.34 -24.52 12.78
N GLU C 130 -58.56 -23.36 13.38
CA GLU C 130 -59.69 -22.51 13.03
C GLU C 130 -59.67 -22.18 11.54
N LEU C 131 -58.50 -21.76 11.05
CA LEU C 131 -58.32 -21.52 9.61
C LEU C 131 -58.63 -22.72 8.72
N LYS C 132 -58.27 -23.92 9.17
CA LYS C 132 -58.58 -25.12 8.40
C LYS C 132 -60.09 -25.29 8.28
N ALA C 133 -60.80 -25.07 9.38
CA ALA C 133 -62.25 -25.22 9.40
C ALA C 133 -62.91 -24.14 8.55
N LEU C 134 -62.42 -22.91 8.70
CA LEU C 134 -62.93 -21.76 7.97
C LEU C 134 -62.62 -21.88 6.47
N SER C 135 -61.58 -22.64 6.14
CA SER C 135 -61.11 -22.77 4.77
C SER C 135 -62.18 -23.36 3.87
N VAL C 136 -62.08 -23.02 2.59
CA VAL C 136 -63.02 -23.48 1.59
C VAL C 136 -62.25 -23.84 0.33
N PRO C 137 -62.66 -24.92 -0.34
CA PRO C 137 -61.97 -25.44 -1.53
C PRO C 137 -61.90 -24.44 -2.68
N CYS C 138 -60.80 -24.51 -3.45
CA CYS C 138 -60.68 -23.73 -4.67
C CYS C 138 -60.89 -24.67 -5.84
N SER C 139 -62.02 -24.55 -6.54
CA SER C 139 -62.39 -25.53 -7.57
C SER C 139 -62.66 -24.93 -8.94
N ASP C 140 -63.72 -24.11 -9.01
CA ASP C 140 -64.11 -23.45 -10.27
C ASP C 140 -63.01 -22.50 -10.72
N SER C 141 -62.84 -22.35 -12.03
CA SER C 141 -61.71 -21.59 -12.55
C SER C 141 -61.81 -20.10 -12.24
N LYS C 142 -63.04 -19.62 -12.00
CA LYS C 142 -63.24 -18.21 -11.64
C LYS C 142 -62.53 -17.89 -10.33
N ALA C 143 -62.63 -18.79 -9.36
CA ALA C 143 -62.00 -18.61 -8.07
C ALA C 143 -60.48 -18.70 -8.20
N ILE C 144 -60.03 -19.67 -8.99
CA ILE C 144 -58.61 -19.85 -9.31
C ILE C 144 -58.02 -18.59 -9.96
N ALA C 145 -58.72 -18.05 -10.95
CA ALA C 145 -58.31 -16.79 -11.57
C ALA C 145 -58.21 -15.68 -10.51
N GLN C 146 -59.16 -15.66 -9.59
CA GLN C 146 -59.21 -14.63 -8.56
C GLN C 146 -58.01 -14.73 -7.66
N VAL C 147 -57.58 -15.96 -7.37
CA VAL C 147 -56.42 -16.18 -6.52
C VAL C 147 -55.15 -15.67 -7.21
N GLY C 148 -54.97 -16.07 -8.47
CA GLY C 148 -53.84 -15.61 -9.25
C GLY C 148 -53.81 -14.10 -9.32
N THR C 149 -54.94 -13.52 -9.70
CA THR C 149 -55.08 -12.08 -9.81
C THR C 149 -54.62 -11.35 -8.54
N ILE C 150 -55.02 -11.88 -7.39
CA ILE C 150 -54.60 -11.34 -6.09
C ILE C 150 -53.10 -11.48 -5.87
N SER C 151 -52.51 -12.60 -6.29
CA SER C 151 -51.08 -12.83 -6.14
C SER C 151 -50.23 -12.05 -7.15
N ALA C 152 -50.88 -11.63 -8.23
CA ALA C 152 -50.26 -10.84 -9.30
C ALA C 152 -50.40 -9.36 -9.03
N ASN C 153 -50.88 -9.03 -7.83
CA ASN C 153 -51.19 -7.65 -7.47
C ASN C 153 -52.26 -7.08 -8.38
N SER C 154 -53.45 -7.65 -8.30
CA SER C 154 -54.64 -7.12 -8.97
C SER C 154 -54.55 -7.12 -10.50
N ASP C 155 -53.72 -7.98 -11.07
CA ASP C 155 -53.64 -8.07 -12.53
C ASP C 155 -54.51 -9.22 -13.01
N GLU C 156 -55.60 -8.88 -13.68
CA GLU C 156 -56.59 -9.89 -14.04
C GLU C 156 -56.09 -10.77 -15.16
N THR C 157 -55.03 -10.34 -15.82
CA THR C 157 -54.47 -11.07 -16.95
C THR C 157 -53.71 -12.31 -16.51
N VAL C 158 -52.87 -12.16 -15.48
CA VAL C 158 -52.10 -13.27 -14.95
C VAL C 158 -53.02 -14.37 -14.43
N GLY C 159 -53.96 -13.99 -13.57
CA GLY C 159 -54.96 -14.92 -13.07
C GLY C 159 -55.71 -15.61 -14.20
N LYS C 160 -56.02 -14.86 -15.25
CA LYS C 160 -56.69 -15.43 -16.41
C LYS C 160 -55.79 -16.44 -17.12
N LEU C 161 -54.48 -16.19 -17.09
CA LEU C 161 -53.52 -17.08 -17.72
C LEU C 161 -53.39 -18.41 -16.98
N ILE C 162 -53.27 -18.32 -15.66
CA ILE C 162 -53.10 -19.50 -14.83
C ILE C 162 -54.33 -20.37 -14.85
N ALA C 163 -55.50 -19.72 -14.80
CA ALA C 163 -56.77 -20.46 -14.84
C ALA C 163 -56.97 -21.14 -16.18
N GLU C 164 -56.50 -20.51 -17.25
CA GLU C 164 -56.56 -21.10 -18.59
C GLU C 164 -55.63 -22.31 -18.70
N ALA C 165 -54.46 -22.21 -18.06
CA ALA C 165 -53.48 -23.29 -18.08
C ALA C 165 -54.04 -24.52 -17.38
N MET C 166 -54.50 -24.33 -16.15
CA MET C 166 -55.13 -25.39 -15.37
C MET C 166 -56.40 -25.94 -16.01
N ASP C 167 -57.05 -25.14 -16.84
CA ASP C 167 -58.25 -25.57 -17.56
C ASP C 167 -57.87 -26.55 -18.67
N LYS C 168 -56.59 -26.59 -19.00
CA LYS C 168 -56.07 -27.49 -20.02
C LYS C 168 -55.50 -28.77 -19.41
N VAL C 169 -54.44 -28.61 -18.60
CA VAL C 169 -53.73 -29.73 -17.99
C VAL C 169 -54.24 -30.08 -16.59
N GLY C 170 -55.29 -29.41 -16.13
CA GLY C 170 -55.83 -29.67 -14.81
C GLY C 170 -55.15 -28.88 -13.72
N LYS C 171 -55.79 -28.77 -12.56
CA LYS C 171 -55.26 -28.01 -11.44
C LYS C 171 -53.99 -28.65 -10.85
N GLU C 172 -53.89 -29.97 -11.02
CA GLU C 172 -52.75 -30.73 -10.57
C GLU C 172 -51.72 -30.89 -11.69
N GLY C 173 -52.05 -30.37 -12.87
CA GLY C 173 -51.19 -30.53 -14.04
C GLY C 173 -49.88 -29.79 -13.93
N VAL C 174 -48.96 -30.08 -14.85
CA VAL C 174 -47.66 -29.42 -14.87
C VAL C 174 -47.69 -28.15 -15.71
N ILE C 175 -47.17 -27.05 -15.16
CA ILE C 175 -47.18 -25.76 -15.83
C ILE C 175 -45.82 -25.06 -15.77
N THR C 176 -45.35 -24.58 -16.92
CA THR C 176 -44.09 -23.87 -17.01
C THR C 176 -44.30 -22.51 -17.67
N VAL C 177 -43.59 -21.50 -17.20
CA VAL C 177 -43.71 -20.15 -17.78
C VAL C 177 -42.45 -19.76 -18.56
N GLU C 178 -42.65 -19.10 -19.70
CA GLU C 178 -41.56 -18.74 -20.60
C GLU C 178 -41.73 -17.32 -21.13
N ASP C 179 -40.67 -16.81 -21.74
CA ASP C 179 -40.74 -15.53 -22.42
C ASP C 179 -41.29 -15.73 -23.82
N GLY C 180 -42.27 -14.93 -24.19
CA GLY C 180 -42.90 -15.07 -25.49
C GLY C 180 -42.23 -14.23 -26.56
N THR C 181 -42.54 -14.53 -27.81
CA THR C 181 -42.09 -13.72 -28.94
C THR C 181 -42.50 -12.27 -28.70
N GLY C 182 -43.78 -12.04 -28.42
CA GLY C 182 -44.19 -10.82 -27.75
C GLY C 182 -45.62 -10.30 -27.90
N LEU C 183 -45.92 -9.30 -27.08
CA LEU C 183 -47.11 -8.46 -27.17
C LEU C 183 -48.43 -9.06 -26.71
N GLN C 184 -48.50 -10.39 -26.61
CA GLN C 184 -49.70 -11.03 -26.07
C GLN C 184 -49.38 -12.37 -25.45
N ASP C 185 -50.11 -12.71 -24.40
CA ASP C 185 -49.88 -13.96 -23.70
C ASP C 185 -50.25 -15.11 -24.63
N GLU C 186 -49.47 -16.18 -24.55
CA GLU C 186 -49.72 -17.36 -25.38
C GLU C 186 -49.75 -18.59 -24.50
N LEU C 187 -50.54 -19.58 -24.92
CA LEU C 187 -50.69 -20.81 -24.15
C LEU C 187 -50.65 -21.99 -25.10
N ASP C 188 -49.77 -22.94 -24.82
CA ASP C 188 -49.68 -24.16 -25.62
C ASP C 188 -49.49 -25.34 -24.70
N VAL C 189 -50.13 -26.45 -25.01
CA VAL C 189 -49.89 -27.68 -24.27
C VAL C 189 -49.03 -28.61 -25.11
N VAL C 190 -47.79 -28.80 -24.69
CA VAL C 190 -46.84 -29.63 -25.42
C VAL C 190 -46.65 -30.97 -24.74
N GLU C 191 -45.85 -31.85 -25.34
CA GLU C 191 -45.59 -33.15 -24.75
C GLU C 191 -44.42 -33.04 -23.78
N GLY C 192 -44.55 -33.69 -22.64
CA GLY C 192 -43.52 -33.65 -21.61
C GLY C 192 -44.08 -34.16 -20.29
N MET C 193 -43.23 -34.25 -19.28
CA MET C 193 -43.66 -34.75 -17.99
C MET C 193 -42.77 -34.26 -16.86
N GLN C 194 -43.28 -34.35 -15.64
CA GLN C 194 -42.49 -34.05 -14.46
C GLN C 194 -42.55 -35.22 -13.48
N PHE C 195 -41.38 -35.68 -13.06
CA PHE C 195 -41.26 -36.78 -12.11
C PHE C 195 -40.37 -36.30 -10.98
N ASP C 196 -40.36 -36.99 -9.85
CA ASP C 196 -39.58 -36.50 -8.72
C ASP C 196 -38.19 -37.11 -8.72
N ALA C 197 -37.21 -36.26 -9.03
CA ALA C 197 -35.81 -36.59 -8.85
C ALA C 197 -35.07 -35.27 -8.68
N GLY C 198 -34.03 -35.26 -7.86
CA GLY C 198 -33.22 -34.07 -7.74
C GLY C 198 -31.92 -34.23 -8.50
N TYR C 199 -31.20 -33.13 -8.68
CA TYR C 199 -29.88 -33.22 -9.30
C TYR C 199 -28.91 -33.77 -8.25
N LEU C 200 -28.13 -34.77 -8.65
CA LEU C 200 -27.34 -35.53 -7.71
C LEU C 200 -26.30 -34.70 -6.94
N SER C 201 -25.82 -33.63 -7.56
CA SER C 201 -24.95 -32.70 -6.84
C SER C 201 -25.21 -31.26 -7.24
N PRO C 202 -25.16 -30.34 -6.26
CA PRO C 202 -25.22 -28.90 -6.54
C PRO C 202 -24.03 -28.42 -7.36
N TYR C 203 -23.97 -27.10 -7.58
CA TYR C 203 -23.04 -26.48 -8.52
C TYR C 203 -23.55 -26.62 -9.94
N PHE C 204 -24.55 -27.48 -10.14
CA PHE C 204 -25.16 -27.66 -11.44
C PHE C 204 -26.09 -26.51 -11.77
N ILE C 205 -26.44 -25.75 -10.75
CA ILE C 205 -27.38 -24.65 -10.91
C ILE C 205 -26.88 -23.60 -11.90
N ASN C 206 -27.75 -23.31 -12.85
CA ASN C 206 -27.63 -22.13 -13.68
C ASN C 206 -28.84 -21.26 -13.30
N LYS C 207 -28.75 -19.96 -13.51
CA LYS C 207 -29.72 -19.01 -12.97
C LYS C 207 -29.98 -19.24 -11.48
N PRO C 208 -29.00 -18.88 -10.65
CA PRO C 208 -28.94 -19.26 -9.22
C PRO C 208 -30.09 -18.69 -8.38
N GLU C 209 -30.75 -17.64 -8.86
CA GLU C 209 -31.85 -17.03 -8.12
C GLU C 209 -32.99 -18.03 -7.91
N THR C 210 -33.26 -18.83 -8.94
CA THR C 210 -34.29 -19.86 -8.87
C THR C 210 -33.78 -21.11 -8.17
N GLY C 211 -32.46 -21.26 -8.11
CA GLY C 211 -31.85 -22.39 -7.45
C GLY C 211 -32.13 -23.72 -8.14
N ALA C 212 -32.54 -23.64 -9.41
CA ALA C 212 -32.84 -24.82 -10.20
C ALA C 212 -32.03 -24.81 -11.50
N VAL C 213 -31.54 -25.98 -11.91
CA VAL C 213 -30.77 -26.07 -13.15
C VAL C 213 -31.68 -26.05 -14.38
N GLU C 214 -31.19 -25.40 -15.44
CA GLU C 214 -31.98 -25.21 -16.65
C GLU C 214 -31.10 -25.32 -17.90
N LEU C 215 -31.65 -25.95 -18.92
CA LEU C 215 -30.93 -26.16 -20.17
C LEU C 215 -31.81 -25.75 -21.35
N GLU C 216 -31.20 -25.56 -22.51
CA GLU C 216 -31.96 -25.20 -23.70
C GLU C 216 -31.66 -26.18 -24.84
N SER C 217 -32.69 -26.94 -25.23
CA SER C 217 -32.56 -27.95 -26.28
C SER C 217 -31.50 -29.00 -25.94
N PRO C 218 -31.67 -29.71 -24.82
CA PRO C 218 -30.76 -30.72 -24.29
C PRO C 218 -30.83 -32.06 -25.02
N PHE C 219 -29.70 -32.76 -25.10
CA PHE C 219 -29.70 -34.19 -25.40
C PHE C 219 -29.99 -34.94 -24.11
N ILE C 220 -30.65 -36.10 -24.21
CA ILE C 220 -31.03 -36.85 -23.03
C ILE C 220 -30.55 -38.31 -23.06
N LEU C 221 -29.82 -38.71 -22.01
CA LEU C 221 -29.27 -40.06 -21.92
C LEU C 221 -29.98 -40.90 -20.87
N LEU C 222 -30.19 -42.18 -21.17
CA LEU C 222 -30.90 -43.09 -20.29
C LEU C 222 -30.17 -44.43 -20.15
N ALA C 223 -29.93 -44.86 -18.90
CA ALA C 223 -29.24 -46.13 -18.66
C ALA C 223 -29.56 -46.77 -17.32
N ASP C 224 -28.99 -47.97 -17.10
CA ASP C 224 -29.12 -48.71 -15.84
C ASP C 224 -28.23 -48.15 -14.76
N LYS C 225 -27.10 -47.62 -15.19
CA LYS C 225 -26.24 -46.80 -14.37
C LYS C 225 -25.31 -47.58 -13.42
N LYS C 226 -25.55 -48.87 -13.29
CA LYS C 226 -24.61 -49.70 -12.55
C LYS C 226 -23.23 -49.49 -13.20
N ILE C 227 -23.17 -49.74 -14.51
CA ILE C 227 -22.11 -49.26 -15.41
C ILE C 227 -20.75 -49.55 -14.85
N SER C 228 -19.85 -48.58 -14.99
CA SER C 228 -18.62 -48.57 -14.24
C SER C 228 -18.38 -47.19 -13.61
N ASN C 229 -18.09 -46.22 -14.46
CA ASN C 229 -17.75 -44.85 -14.05
C ASN C 229 -17.39 -44.03 -15.29
N ILE C 230 -17.09 -42.75 -15.12
CA ILE C 230 -16.89 -41.80 -16.23
C ILE C 230 -15.98 -42.30 -17.35
N ARG C 231 -14.91 -43.01 -17.00
CA ARG C 231 -13.89 -43.41 -17.98
C ARG C 231 -14.45 -44.19 -19.16
N GLU C 232 -15.37 -45.12 -18.90
CA GLU C 232 -15.93 -45.95 -19.96
C GLU C 232 -16.89 -45.16 -20.86
N MET C 233 -17.67 -44.24 -20.29
CA MET C 233 -18.76 -43.59 -21.03
C MET C 233 -18.31 -42.41 -21.89
N LEU C 234 -17.01 -42.13 -21.88
CA LEU C 234 -16.43 -41.00 -22.61
C LEU C 234 -16.92 -40.82 -24.06
N PRO C 235 -16.94 -41.90 -24.86
CA PRO C 235 -17.23 -41.82 -26.30
C PRO C 235 -18.48 -41.01 -26.66
N VAL C 236 -19.50 -41.01 -25.81
CA VAL C 236 -20.72 -40.26 -26.08
C VAL C 236 -20.55 -38.77 -25.80
N LEU C 237 -19.59 -38.44 -24.94
CA LEU C 237 -19.37 -37.06 -24.53
C LEU C 237 -18.73 -36.21 -25.63
N GLU C 238 -17.96 -36.85 -26.50
CA GLU C 238 -17.31 -36.14 -27.60
C GLU C 238 -18.32 -35.67 -28.64
N ALA C 239 -19.25 -36.55 -28.99
CA ALA C 239 -20.24 -36.26 -30.03
C ALA C 239 -21.06 -35.02 -29.70
N VAL C 240 -21.56 -34.95 -28.47
CA VAL C 240 -22.39 -33.83 -28.04
C VAL C 240 -21.62 -32.52 -28.05
N ALA C 241 -20.36 -32.57 -27.63
CA ALA C 241 -19.53 -31.38 -27.53
C ALA C 241 -19.47 -30.61 -28.85
N LYS C 242 -19.60 -31.35 -29.96
CA LYS C 242 -19.53 -30.76 -31.29
C LYS C 242 -20.90 -30.41 -31.87
N ALA C 243 -21.95 -30.59 -31.08
CA ALA C 243 -23.30 -30.26 -31.54
C ALA C 243 -23.47 -28.75 -31.78
N GLY C 244 -23.19 -27.92 -30.77
CA GLY C 244 -23.04 -28.36 -29.39
C GLY C 244 -24.37 -28.33 -28.68
N LYS C 245 -24.55 -29.24 -27.73
CA LYS C 245 -25.80 -29.35 -27.01
C LYS C 245 -25.52 -29.79 -25.58
N PRO C 246 -26.31 -29.30 -24.61
CA PRO C 246 -26.11 -29.78 -23.24
C PRO C 246 -26.72 -31.16 -23.06
N LEU C 247 -26.21 -31.94 -22.11
CA LEU C 247 -26.75 -33.27 -21.86
C LEU C 247 -27.34 -33.40 -20.46
N LEU C 248 -28.50 -34.05 -20.39
CA LEU C 248 -29.10 -34.40 -19.11
C LEU C 248 -29.09 -35.92 -18.97
N ILE C 249 -28.29 -36.42 -18.03
CA ILE C 249 -28.14 -37.85 -17.84
C ILE C 249 -29.14 -38.36 -16.81
N ILE C 250 -30.01 -39.29 -17.22
CA ILE C 250 -30.93 -39.93 -16.29
C ILE C 250 -30.53 -41.40 -16.10
N ALA C 251 -30.40 -41.81 -14.84
CA ALA C 251 -29.85 -43.11 -14.50
C ALA C 251 -30.32 -43.56 -13.11
N GLU C 252 -30.12 -44.83 -12.77
CA GLU C 252 -30.54 -45.38 -11.50
C GLU C 252 -30.02 -44.53 -10.31
N ASP C 253 -28.82 -43.95 -10.47
CA ASP C 253 -28.17 -43.00 -9.52
C ASP C 253 -26.89 -42.44 -10.24
N VAL C 254 -26.06 -41.67 -9.55
CA VAL C 254 -24.69 -41.52 -10.04
C VAL C 254 -23.71 -41.70 -8.90
N GLU C 255 -23.00 -42.83 -8.92
CA GLU C 255 -22.01 -43.10 -7.88
C GLU C 255 -20.63 -42.50 -8.11
N GLY C 256 -20.12 -42.59 -9.33
CA GLY C 256 -18.69 -42.41 -9.56
C GLY C 256 -18.03 -41.12 -9.12
N GLU C 257 -16.82 -41.21 -8.56
CA GLU C 257 -16.04 -40.02 -8.25
C GLU C 257 -15.62 -39.36 -9.55
N ALA C 258 -15.10 -40.16 -10.47
CA ALA C 258 -14.82 -39.69 -11.82
C ALA C 258 -16.11 -39.21 -12.47
N LEU C 259 -17.22 -39.85 -12.09
CA LEU C 259 -18.55 -39.41 -12.46
C LEU C 259 -18.88 -38.11 -11.74
N ALA C 260 -18.27 -37.91 -10.58
CA ALA C 260 -18.42 -36.68 -9.82
C ALA C 260 -17.43 -35.63 -10.30
N THR C 261 -16.60 -36.00 -11.28
CA THR C 261 -15.72 -35.05 -11.94
C THR C 261 -16.45 -34.51 -13.17
N LEU C 262 -17.69 -34.97 -13.35
CA LEU C 262 -18.57 -34.45 -14.37
C LEU C 262 -19.02 -33.04 -13.98
N VAL C 263 -19.36 -32.89 -12.70
CA VAL C 263 -19.82 -31.62 -12.18
C VAL C 263 -18.74 -30.53 -12.25
N VAL C 264 -17.51 -30.89 -11.93
CA VAL C 264 -16.42 -29.91 -11.88
C VAL C 264 -16.12 -29.23 -13.21
N ASN C 265 -15.82 -30.02 -14.24
CA ASN C 265 -15.38 -29.44 -15.51
C ASN C 265 -16.44 -28.56 -16.18
N THR C 266 -17.71 -28.75 -15.80
CA THR C 266 -18.79 -27.91 -16.30
C THR C 266 -18.77 -26.57 -15.58
N MET C 267 -18.22 -26.56 -14.37
CA MET C 267 -18.04 -25.33 -13.62
C MET C 267 -17.05 -24.43 -14.37
N ARG C 268 -16.09 -25.07 -15.02
CA ARG C 268 -15.11 -24.35 -15.83
C ARG C 268 -15.75 -23.81 -17.11
N GLY C 269 -17.00 -24.19 -17.34
CA GLY C 269 -17.79 -23.63 -18.43
C GLY C 269 -17.64 -24.33 -19.76
N ILE C 270 -16.77 -25.33 -19.83
CA ILE C 270 -16.49 -26.03 -21.08
C ILE C 270 -17.74 -26.68 -21.69
N VAL C 271 -18.40 -27.53 -20.91
CA VAL C 271 -19.62 -28.19 -21.37
C VAL C 271 -20.66 -28.22 -20.24
N LYS C 272 -21.88 -27.80 -20.54
CA LYS C 272 -22.93 -27.72 -19.52
C LYS C 272 -23.72 -29.02 -19.43
N VAL C 273 -23.66 -29.67 -18.27
CA VAL C 273 -24.31 -30.97 -18.06
C VAL C 273 -24.93 -31.08 -16.66
N ALA C 274 -25.93 -31.95 -16.53
CA ALA C 274 -26.54 -32.24 -15.24
C ALA C 274 -26.98 -33.69 -15.14
N ALA C 275 -26.83 -34.29 -13.97
CA ALA C 275 -27.18 -35.70 -13.76
C ALA C 275 -28.31 -35.85 -12.74
N VAL C 276 -29.17 -36.84 -12.97
CA VAL C 276 -30.33 -37.06 -12.11
C VAL C 276 -30.71 -38.53 -12.02
N LYS C 277 -31.18 -38.94 -10.84
CA LYS C 277 -31.52 -40.34 -10.58
C LYS C 277 -32.86 -40.74 -11.20
N ALA C 278 -33.00 -42.04 -11.49
CA ALA C 278 -34.27 -42.59 -11.96
C ALA C 278 -35.10 -43.03 -10.76
N PRO C 279 -36.35 -42.56 -10.69
CA PRO C 279 -37.24 -42.79 -9.55
C PRO C 279 -37.66 -44.25 -9.39
N GLY C 280 -37.63 -44.75 -8.16
CA GLY C 280 -38.05 -46.10 -7.86
C GLY C 280 -36.99 -47.15 -8.11
N PHE C 281 -37.30 -48.39 -7.76
CA PHE C 281 -36.38 -49.52 -7.94
C PHE C 281 -37.09 -50.69 -8.62
N GLY C 282 -36.31 -51.65 -9.10
CA GLY C 282 -36.86 -52.85 -9.72
C GLY C 282 -37.43 -52.63 -11.11
N ASP C 283 -38.50 -53.35 -11.43
CA ASP C 283 -39.14 -53.25 -12.74
C ASP C 283 -39.95 -51.96 -12.85
N ARG C 284 -40.22 -51.33 -11.71
CA ARG C 284 -41.02 -50.10 -11.67
C ARG C 284 -40.25 -48.91 -12.26
N ARG C 285 -38.96 -48.82 -11.94
CA ARG C 285 -38.13 -47.71 -12.39
C ARG C 285 -37.71 -47.88 -13.85
N LYS C 286 -37.51 -49.13 -14.26
CA LYS C 286 -37.12 -49.42 -15.63
C LYS C 286 -38.25 -49.10 -16.59
N ALA C 287 -39.48 -49.45 -16.21
CA ALA C 287 -40.65 -49.14 -17.03
C ALA C 287 -40.80 -47.64 -17.18
N MET C 288 -40.42 -46.89 -16.16
CA MET C 288 -40.45 -45.42 -16.17
C MET C 288 -39.27 -44.82 -16.93
N LEU C 289 -38.16 -45.54 -16.98
CA LEU C 289 -37.00 -45.12 -17.77
C LEU C 289 -37.33 -45.13 -19.26
N GLN C 290 -38.03 -46.17 -19.70
CA GLN C 290 -38.49 -46.27 -21.08
C GLN C 290 -39.67 -45.33 -21.31
N ASP C 291 -40.40 -45.02 -20.24
CA ASP C 291 -41.48 -44.04 -20.29
C ASP C 291 -40.93 -42.70 -20.75
N ILE C 292 -39.75 -42.36 -20.24
CA ILE C 292 -39.09 -41.10 -20.60
C ILE C 292 -38.46 -41.21 -21.97
N ALA C 293 -37.93 -42.38 -22.29
CA ALA C 293 -37.28 -42.61 -23.58
C ALA C 293 -38.25 -42.43 -24.75
N THR C 294 -39.45 -42.97 -24.60
CA THR C 294 -40.49 -42.88 -25.64
C THR C 294 -40.95 -41.44 -25.82
N LEU C 295 -40.91 -40.67 -24.73
CA LEU C 295 -41.32 -39.27 -24.75
C LEU C 295 -40.29 -38.39 -25.47
N THR C 296 -39.01 -38.67 -25.23
CA THR C 296 -37.91 -37.89 -25.80
C THR C 296 -37.38 -38.47 -27.10
N GLY C 297 -38.03 -39.52 -27.60
CA GLY C 297 -37.65 -40.11 -28.87
C GLY C 297 -36.26 -40.69 -28.86
N GLY C 298 -36.00 -41.54 -27.86
CA GLY C 298 -34.73 -42.23 -27.76
C GLY C 298 -34.89 -43.58 -27.09
N THR C 299 -33.82 -44.37 -27.09
CA THR C 299 -33.86 -45.69 -26.48
C THR C 299 -32.98 -45.72 -25.23
N VAL C 300 -33.42 -46.46 -24.22
CA VAL C 300 -32.65 -46.59 -22.98
C VAL C 300 -31.55 -47.63 -23.15
N ILE C 301 -30.43 -47.41 -22.46
CA ILE C 301 -29.29 -48.31 -22.54
C ILE C 301 -29.22 -49.20 -21.30
N SER C 302 -29.48 -50.49 -21.50
CA SER C 302 -29.47 -51.43 -20.39
C SER C 302 -28.28 -52.38 -20.47
N GLU C 303 -27.48 -52.40 -19.41
CA GLU C 303 -26.31 -53.28 -19.35
C GLU C 303 -26.73 -54.72 -19.11
N GLU C 304 -28.02 -54.92 -18.90
CA GLU C 304 -28.59 -56.26 -18.82
C GLU C 304 -28.68 -56.84 -20.23
N ILE C 305 -29.47 -56.19 -21.07
CA ILE C 305 -29.71 -56.65 -22.44
C ILE C 305 -28.43 -56.72 -23.29
N GLY C 306 -27.35 -56.13 -22.79
CA GLY C 306 -26.07 -56.17 -23.49
C GLY C 306 -25.68 -54.84 -24.13
N MET C 307 -26.63 -53.93 -24.20
CA MET C 307 -26.39 -52.60 -24.78
C MET C 307 -25.28 -51.87 -24.02
N GLU C 308 -24.33 -51.32 -24.76
CA GLU C 308 -23.22 -50.60 -24.17
C GLU C 308 -23.35 -49.12 -24.49
N LEU C 309 -22.85 -48.27 -23.58
CA LEU C 309 -23.06 -46.84 -23.71
C LEU C 309 -22.32 -46.21 -24.89
N GLU C 310 -21.24 -46.83 -25.33
CA GLU C 310 -20.50 -46.34 -26.50
C GLU C 310 -21.07 -46.97 -27.76
N LYS C 311 -22.00 -47.88 -27.57
CA LYS C 311 -22.72 -48.51 -28.66
C LYS C 311 -23.91 -47.63 -29.06
N ALA C 312 -24.19 -46.64 -28.22
CA ALA C 312 -25.35 -45.77 -28.42
C ALA C 312 -25.00 -44.53 -29.24
N THR C 313 -25.59 -44.44 -30.42
CA THR C 313 -25.46 -43.25 -31.28
C THR C 313 -26.27 -42.07 -30.77
N LEU C 314 -25.92 -40.88 -31.25
CA LEU C 314 -26.64 -39.65 -30.90
C LEU C 314 -28.13 -39.72 -31.22
N GLU C 315 -28.47 -40.15 -32.42
CA GLU C 315 -29.89 -40.28 -32.81
C GLU C 315 -30.61 -41.28 -31.90
N ASP C 316 -29.85 -42.22 -31.36
CA ASP C 316 -30.40 -43.21 -30.43
C ASP C 316 -30.77 -42.56 -29.09
N LEU C 317 -29.99 -41.56 -28.69
CA LEU C 317 -30.29 -40.85 -27.45
C LEU C 317 -31.47 -39.90 -27.65
N GLY C 318 -32.38 -39.89 -26.67
CA GLY C 318 -33.58 -39.08 -26.73
C GLY C 318 -33.28 -37.60 -26.66
N GLN C 319 -34.24 -36.77 -27.02
CA GLN C 319 -34.02 -35.33 -27.01
C GLN C 319 -35.30 -34.51 -26.80
N ALA C 320 -35.14 -33.31 -26.25
CA ALA C 320 -36.26 -32.44 -25.92
C ALA C 320 -35.93 -30.97 -26.22
N LYS C 321 -36.83 -30.06 -25.82
CA LYS C 321 -36.64 -28.64 -26.08
C LYS C 321 -36.12 -27.88 -24.87
N ARG C 322 -36.90 -27.83 -23.80
CA ARG C 322 -36.46 -27.20 -22.57
C ARG C 322 -36.62 -28.16 -21.40
N VAL C 323 -35.63 -28.18 -20.50
CA VAL C 323 -35.69 -29.04 -19.33
C VAL C 323 -35.25 -28.29 -18.08
N VAL C 324 -35.99 -28.48 -17.00
CA VAL C 324 -35.65 -27.83 -15.74
C VAL C 324 -35.58 -28.86 -14.64
N ILE C 325 -34.39 -29.07 -14.10
CA ILE C 325 -34.24 -29.99 -12.98
C ILE C 325 -34.16 -29.13 -11.72
N ASN C 326 -34.11 -29.76 -10.55
CA ASN C 326 -34.33 -29.07 -9.29
C ASN C 326 -33.84 -29.94 -8.15
N LYS C 327 -34.04 -29.48 -6.92
CA LYS C 327 -33.67 -30.26 -5.74
C LYS C 327 -34.58 -31.48 -5.61
N ASP C 328 -35.88 -31.24 -5.63
CA ASP C 328 -36.85 -32.33 -5.59
C ASP C 328 -37.45 -32.76 -6.94
N THR C 329 -37.09 -32.09 -8.03
CA THR C 329 -37.87 -32.25 -9.28
C THR C 329 -37.11 -32.14 -10.61
N THR C 330 -37.53 -32.95 -11.59
CA THR C 330 -37.07 -32.86 -12.97
C THR C 330 -38.27 -32.71 -13.91
N THR C 331 -38.19 -31.77 -14.85
CA THR C 331 -39.29 -31.52 -15.77
C THR C 331 -38.84 -31.45 -17.22
N ILE C 332 -39.48 -32.23 -18.07
CA ILE C 332 -39.14 -32.29 -19.49
C ILE C 332 -40.20 -31.56 -20.31
N ILE C 333 -39.77 -30.54 -21.05
CA ILE C 333 -40.68 -29.73 -21.85
C ILE C 333 -40.44 -29.96 -23.33
N ASP C 334 -41.52 -30.17 -24.08
CA ASP C 334 -41.45 -30.35 -25.54
C ASP C 334 -40.55 -31.50 -25.97
N GLY C 335 -40.82 -32.70 -25.45
CA GLY C 335 -40.13 -33.90 -25.88
C GLY C 335 -40.30 -34.15 -27.38
N VAL C 336 -39.22 -34.57 -28.02
CA VAL C 336 -39.20 -34.72 -29.48
C VAL C 336 -39.72 -36.08 -29.93
N GLY C 337 -40.12 -36.92 -28.97
CA GLY C 337 -40.64 -38.23 -29.27
C GLY C 337 -41.91 -38.19 -30.11
N GLU C 338 -41.97 -39.07 -31.11
CA GLU C 338 -43.14 -39.16 -31.99
C GLU C 338 -44.40 -39.53 -31.21
N GLU C 339 -45.52 -38.90 -31.55
CA GLU C 339 -46.78 -39.13 -30.85
C GLU C 339 -47.31 -40.54 -31.05
N ALA C 340 -46.79 -41.23 -32.05
CA ALA C 340 -47.17 -42.62 -32.29
C ALA C 340 -46.59 -43.50 -31.19
N ALA C 341 -45.37 -43.19 -30.77
CA ALA C 341 -44.70 -43.97 -29.73
C ALA C 341 -45.32 -43.68 -28.37
N ILE C 342 -45.74 -42.43 -28.16
CA ILE C 342 -46.31 -42.02 -26.89
C ILE C 342 -47.70 -42.61 -26.67
N GLN C 343 -48.58 -42.44 -27.65
CA GLN C 343 -49.96 -42.92 -27.54
C GLN C 343 -50.04 -44.44 -27.60
N GLY C 344 -49.13 -45.04 -28.35
CA GLY C 344 -49.06 -46.48 -28.45
C GLY C 344 -48.77 -47.10 -27.09
N ARG C 345 -47.90 -46.45 -26.33
CA ARG C 345 -47.53 -46.93 -25.00
C ARG C 345 -48.58 -46.61 -23.95
N VAL C 346 -49.23 -45.45 -24.10
CA VAL C 346 -50.30 -45.05 -23.18
C VAL C 346 -51.41 -46.09 -23.14
N ALA C 347 -51.73 -46.67 -24.29
CA ALA C 347 -52.74 -47.72 -24.38
C ALA C 347 -52.28 -49.01 -23.69
N GLN C 348 -50.97 -49.20 -23.63
CA GLN C 348 -50.38 -50.36 -22.98
C GLN C 348 -50.47 -50.23 -21.48
N ILE C 349 -50.08 -49.07 -20.97
CA ILE C 349 -50.20 -48.75 -19.55
C ILE C 349 -51.64 -48.98 -19.13
N ARG C 350 -52.59 -48.65 -20.00
CA ARG C 350 -54.00 -48.95 -19.78
C ARG C 350 -54.24 -50.45 -19.62
N GLN C 351 -53.69 -51.23 -20.55
CA GLN C 351 -53.86 -52.69 -20.54
C GLN C 351 -53.44 -53.31 -19.22
N GLN C 352 -52.29 -52.86 -18.70
CA GLN C 352 -51.75 -53.42 -17.47
C GLN C 352 -52.61 -53.04 -16.27
N ILE C 353 -53.37 -51.97 -16.40
CA ILE C 353 -54.22 -51.47 -15.31
C ILE C 353 -55.24 -52.51 -14.84
N GLU C 354 -56.08 -52.96 -15.76
CA GLU C 354 -57.21 -53.82 -15.40
C GLU C 354 -56.90 -55.31 -15.33
N GLU C 355 -55.73 -55.69 -15.84
CA GLU C 355 -55.22 -57.03 -15.63
C GLU C 355 -54.62 -57.08 -14.22
N ALA C 356 -53.96 -55.99 -13.85
CA ALA C 356 -53.40 -55.84 -12.51
C ALA C 356 -54.50 -55.97 -11.46
N THR C 357 -54.20 -56.70 -10.39
CA THR C 357 -55.17 -56.99 -9.35
C THR C 357 -55.10 -55.98 -8.20
N SER C 358 -54.02 -56.01 -7.44
CA SER C 358 -53.85 -55.14 -6.28
C SER C 358 -53.99 -53.66 -6.63
N ASP C 359 -54.63 -52.89 -5.74
CA ASP C 359 -54.91 -51.48 -6.01
C ASP C 359 -53.69 -50.57 -5.89
N TYR C 360 -52.57 -51.12 -5.43
CA TYR C 360 -51.33 -50.36 -5.39
C TYR C 360 -50.70 -50.29 -6.78
N ASP C 361 -50.79 -51.38 -7.54
CA ASP C 361 -50.34 -51.39 -8.92
C ASP C 361 -51.30 -50.54 -9.76
N ARG C 362 -52.56 -50.54 -9.34
CA ARG C 362 -53.62 -49.84 -10.05
C ARG C 362 -53.38 -48.32 -10.04
N GLU C 363 -52.79 -47.82 -8.97
CA GLU C 363 -52.57 -46.39 -8.79
C GLU C 363 -51.30 -45.87 -9.48
N LYS C 364 -50.14 -46.32 -9.01
CA LYS C 364 -48.84 -45.90 -9.54
C LYS C 364 -48.79 -45.98 -11.06
N LEU C 365 -49.40 -47.02 -11.59
CA LEU C 365 -49.51 -47.22 -13.02
C LEU C 365 -50.38 -46.11 -13.62
N GLN C 366 -51.47 -45.80 -12.93
CA GLN C 366 -52.33 -44.68 -13.31
C GLN C 366 -51.59 -43.34 -13.22
N GLU C 367 -50.49 -43.33 -12.48
CA GLU C 367 -49.67 -42.12 -12.35
C GLU C 367 -48.80 -41.90 -13.59
N ARG C 368 -48.30 -42.99 -14.16
CA ARG C 368 -47.45 -42.91 -15.34
CA ARG C 368 -47.45 -42.90 -15.33
C ARG C 368 -48.23 -42.49 -16.57
N VAL C 369 -49.49 -42.92 -16.65
CA VAL C 369 -50.35 -42.59 -17.79
C VAL C 369 -50.76 -41.12 -17.74
N ALA C 370 -50.74 -40.55 -16.54
CA ALA C 370 -51.04 -39.14 -16.36
C ALA C 370 -49.86 -38.27 -16.83
N LYS C 371 -48.65 -38.80 -16.71
CA LYS C 371 -47.45 -38.07 -17.14
C LYS C 371 -47.28 -38.05 -18.66
N LEU C 372 -47.45 -39.21 -19.29
CA LEU C 372 -47.29 -39.31 -20.73
C LEU C 372 -48.45 -38.66 -21.48
N ALA C 373 -49.66 -38.89 -20.99
CA ALA C 373 -50.87 -38.34 -21.63
C ALA C 373 -51.19 -36.93 -21.15
N GLY C 374 -50.55 -36.50 -20.06
CA GLY C 374 -50.82 -35.20 -19.48
C GLY C 374 -50.18 -34.02 -20.19
N GLY C 375 -48.92 -34.18 -20.57
CA GLY C 375 -48.17 -33.10 -21.20
C GLY C 375 -47.79 -31.99 -20.24
N VAL C 376 -47.31 -30.88 -20.79
CA VAL C 376 -46.89 -29.72 -20.00
C VAL C 376 -47.43 -28.42 -20.55
N ALA C 377 -48.23 -27.71 -19.75
CA ALA C 377 -48.75 -26.42 -20.16
C ALA C 377 -47.64 -25.38 -20.15
N VAL C 378 -47.46 -24.70 -21.27
CA VAL C 378 -46.44 -23.67 -21.39
C VAL C 378 -47.07 -22.29 -21.58
N ILE C 379 -46.89 -21.44 -20.59
CA ILE C 379 -47.39 -20.08 -20.64
C ILE C 379 -46.31 -19.17 -21.23
N LYS C 380 -46.58 -18.56 -22.39
CA LYS C 380 -45.64 -17.62 -22.99
C LYS C 380 -46.13 -16.20 -22.72
N VAL C 381 -45.40 -15.47 -21.88
CA VAL C 381 -45.86 -14.16 -21.43
C VAL C 381 -45.59 -13.09 -22.48
N GLY C 382 -46.65 -12.43 -22.94
CA GLY C 382 -46.52 -11.33 -23.86
C GLY C 382 -46.50 -9.97 -23.19
N ALA C 383 -45.86 -9.00 -23.84
CA ALA C 383 -45.85 -7.62 -23.39
C ALA C 383 -45.29 -6.70 -24.48
N ALA C 384 -45.28 -5.40 -24.21
CA ALA C 384 -44.82 -4.42 -25.18
C ALA C 384 -43.29 -4.32 -25.26
N THR C 385 -42.63 -4.56 -24.13
CA THR C 385 -41.21 -4.27 -24.01
C THR C 385 -40.47 -5.47 -23.42
N GLU C 386 -39.14 -5.43 -23.49
CA GLU C 386 -38.32 -6.49 -22.93
C GLU C 386 -38.34 -6.49 -21.41
N VAL C 387 -38.11 -5.32 -20.81
CA VAL C 387 -38.07 -5.21 -19.34
C VAL C 387 -39.48 -5.22 -18.75
N GLU C 388 -40.44 -4.69 -19.50
CA GLU C 388 -41.83 -4.67 -19.08
C GLU C 388 -42.42 -6.08 -19.17
N MET C 389 -41.77 -6.93 -19.95
CA MET C 389 -42.15 -8.33 -20.11
C MET C 389 -41.62 -9.18 -18.95
N LYS C 390 -40.29 -9.22 -18.83
CA LYS C 390 -39.61 -10.00 -17.79
C LYS C 390 -40.17 -9.80 -16.39
N GLU C 391 -40.60 -8.58 -16.07
CA GLU C 391 -41.27 -8.34 -14.80
C GLU C 391 -42.53 -9.20 -14.73
N LYS C 392 -43.36 -9.14 -15.77
CA LYS C 392 -44.61 -9.88 -15.77
C LYS C 392 -44.41 -11.40 -15.71
N LYS C 393 -43.34 -11.89 -16.33
CA LYS C 393 -42.96 -13.29 -16.19
C LYS C 393 -42.68 -13.62 -14.71
N ALA C 394 -42.16 -12.65 -13.98
CA ALA C 394 -41.87 -12.82 -12.56
C ALA C 394 -43.17 -12.89 -11.77
N ARG C 395 -44.07 -11.96 -12.05
CA ARG C 395 -45.34 -11.88 -11.33
C ARG C 395 -46.24 -13.08 -11.62
N VAL C 396 -46.11 -13.64 -12.82
CA VAL C 396 -46.83 -14.86 -13.17
C VAL C 396 -46.31 -16.06 -12.38
N GLU C 397 -45.00 -16.13 -12.20
CA GLU C 397 -44.40 -17.24 -11.46
C GLU C 397 -44.77 -17.23 -9.98
N ASP C 398 -44.88 -16.03 -9.41
CA ASP C 398 -45.29 -15.90 -8.01
C ASP C 398 -46.76 -16.29 -7.83
N ALA C 399 -47.61 -15.76 -8.71
CA ALA C 399 -49.03 -16.06 -8.65
C ALA C 399 -49.33 -17.54 -8.82
N LEU C 400 -48.45 -18.23 -9.55
CA LEU C 400 -48.64 -19.64 -9.84
C LEU C 400 -48.47 -20.52 -8.61
N HIS C 401 -47.39 -20.29 -7.86
CA HIS C 401 -47.13 -21.08 -6.66
C HIS C 401 -48.23 -20.84 -5.62
N ALA C 402 -48.66 -19.59 -5.49
CA ALA C 402 -49.75 -19.25 -4.58
C ALA C 402 -51.06 -19.93 -4.98
N THR C 403 -51.27 -20.12 -6.28
CA THR C 403 -52.49 -20.72 -6.76
C THR C 403 -52.45 -22.20 -6.48
N ARG C 404 -51.25 -22.77 -6.63
CA ARG C 404 -51.00 -24.16 -6.32
C ARG C 404 -51.30 -24.39 -4.86
N ALA C 405 -50.81 -23.46 -4.04
CA ALA C 405 -51.07 -23.48 -2.60
C ALA C 405 -52.57 -23.48 -2.35
N ALA C 406 -53.26 -22.57 -3.02
CA ALA C 406 -54.71 -22.41 -2.89
C ALA C 406 -55.45 -23.66 -3.31
N VAL C 407 -54.91 -24.39 -4.28
CA VAL C 407 -55.55 -25.61 -4.74
C VAL C 407 -55.46 -26.69 -3.67
N GLU C 408 -54.31 -26.80 -3.02
CA GLU C 408 -54.09 -27.82 -2.00
C GLU C 408 -54.92 -27.62 -0.74
N GLU C 409 -54.73 -26.47 -0.09
CA GLU C 409 -55.39 -26.19 1.19
C GLU C 409 -56.63 -25.29 1.15
N GLY C 410 -57.00 -24.81 -0.03
CA GLY C 410 -58.19 -23.98 -0.17
C GLY C 410 -57.95 -22.49 0.02
N VAL C 411 -59.03 -21.73 0.18
CA VAL C 411 -58.93 -20.29 0.33
C VAL C 411 -59.74 -19.71 1.49
N VAL C 412 -59.35 -18.52 1.93
CA VAL C 412 -60.05 -17.79 3.00
C VAL C 412 -60.25 -16.33 2.62
N ALA C 413 -61.06 -15.62 3.40
CA ALA C 413 -61.27 -14.21 3.15
C ALA C 413 -59.95 -13.45 3.22
N GLY C 414 -59.64 -12.73 2.15
CA GLY C 414 -58.44 -11.92 2.08
C GLY C 414 -58.56 -10.63 2.87
N GLY C 415 -57.61 -9.73 2.67
CA GLY C 415 -57.63 -8.45 3.35
C GLY C 415 -57.48 -8.59 4.85
N GLY C 416 -56.94 -9.72 5.30
CA GLY C 416 -56.73 -9.95 6.71
C GLY C 416 -58.03 -10.18 7.45
N VAL C 417 -59.09 -10.46 6.70
CA VAL C 417 -60.38 -10.76 7.29
C VAL C 417 -60.34 -12.12 8.00
N ALA C 418 -59.77 -13.11 7.35
CA ALA C 418 -59.66 -14.45 7.94
C ALA C 418 -59.05 -14.41 9.34
N LEU C 419 -57.87 -13.80 9.47
CA LEU C 419 -57.22 -13.72 10.77
C LEU C 419 -58.06 -13.00 11.83
N ILE C 420 -58.80 -11.98 11.41
CA ILE C 420 -59.63 -11.21 12.34
C ILE C 420 -60.81 -12.03 12.84
N ARG C 421 -61.34 -12.88 11.97
CA ARG C 421 -62.44 -13.77 12.36
C ARG C 421 -61.94 -14.87 13.28
N VAL C 422 -60.82 -15.48 12.92
CA VAL C 422 -60.21 -16.50 13.75
C VAL C 422 -59.94 -15.96 15.16
N ALA C 423 -59.55 -14.70 15.24
CA ALA C 423 -59.28 -14.08 16.53
C ALA C 423 -60.53 -14.00 17.39
N SER C 424 -61.67 -13.69 16.76
CA SER C 424 -62.92 -13.59 17.51
C SER C 424 -63.35 -14.96 18.03
N LYS C 425 -63.13 -15.98 17.21
CA LYS C 425 -63.46 -17.34 17.60
C LYS C 425 -62.65 -17.81 18.81
N LEU C 426 -61.49 -17.19 19.02
CA LEU C 426 -60.58 -17.57 20.11
C LEU C 426 -60.72 -16.75 21.41
N ALA C 427 -61.69 -15.85 21.45
CA ALA C 427 -61.86 -14.94 22.59
C ALA C 427 -61.92 -15.64 23.95
N ASP C 428 -62.41 -16.89 23.96
CA ASP C 428 -62.57 -17.65 25.21
C ASP C 428 -61.39 -18.55 25.54
N LEU C 429 -60.36 -18.54 24.69
CA LEU C 429 -59.18 -19.37 24.86
C LEU C 429 -58.33 -18.95 26.07
N ARG C 430 -57.94 -19.92 26.89
CA ARG C 430 -57.13 -19.64 28.07
C ARG C 430 -55.92 -20.58 28.19
N GLY C 431 -54.96 -20.18 29.03
CA GLY C 431 -53.80 -21.00 29.32
C GLY C 431 -53.81 -21.55 30.74
N GLN C 432 -52.64 -21.93 31.24
CA GLN C 432 -52.49 -22.50 32.57
C GLN C 432 -52.37 -21.45 33.67
N ASN C 433 -52.13 -20.19 33.29
CA ASN C 433 -52.04 -19.10 34.24
C ASN C 433 -52.23 -17.75 33.55
N GLU C 434 -52.09 -16.66 34.29
CA GLU C 434 -52.36 -15.34 33.73
C GLU C 434 -51.36 -14.96 32.65
N ASP C 435 -50.08 -15.21 32.89
CA ASP C 435 -49.04 -14.90 31.92
C ASP C 435 -49.32 -15.52 30.56
N GLN C 436 -49.66 -16.81 30.55
CA GLN C 436 -50.05 -17.49 29.32
C GLN C 436 -51.28 -16.85 28.70
N ASN C 437 -52.23 -16.44 29.53
CA ASN C 437 -53.43 -15.77 29.04
C ASN C 437 -53.08 -14.49 28.29
N VAL C 438 -52.21 -13.67 28.87
CA VAL C 438 -51.74 -12.47 28.20
C VAL C 438 -51.05 -12.79 26.89
N GLY C 439 -50.32 -13.90 26.87
CA GLY C 439 -49.66 -14.36 25.66
C GLY C 439 -50.65 -14.68 24.56
N ILE C 440 -51.78 -15.28 24.94
CA ILE C 440 -52.85 -15.57 23.99
C ILE C 440 -53.44 -14.29 23.40
N LYS C 441 -53.77 -13.36 24.28
CA LYS C 441 -54.24 -12.03 23.86
C LYS C 441 -53.25 -11.27 22.97
N VAL C 442 -51.95 -11.37 23.25
CA VAL C 442 -50.95 -10.76 22.37
C VAL C 442 -51.12 -11.28 20.95
N ALA C 443 -51.19 -12.60 20.80
CA ALA C 443 -51.37 -13.21 19.50
C ALA C 443 -52.69 -12.79 18.84
N LEU C 444 -53.76 -12.73 19.61
CA LEU C 444 -55.07 -12.34 19.07
C LEU C 444 -55.08 -10.89 18.60
N ARG C 445 -54.49 -9.99 19.37
CA ARG C 445 -54.41 -8.58 18.96
C ARG C 445 -53.60 -8.44 17.67
N ALA C 446 -52.53 -9.22 17.57
CA ALA C 446 -51.63 -9.17 16.42
C ALA C 446 -52.32 -9.63 15.15
N MET C 447 -53.29 -10.53 15.30
CA MET C 447 -54.03 -11.03 14.15
C MET C 447 -54.80 -9.92 13.45
N GLU C 448 -54.94 -8.79 14.12
CA GLU C 448 -55.57 -7.63 13.52
C GLU C 448 -54.62 -6.77 12.68
N ALA C 449 -53.33 -7.04 12.76
CA ALA C 449 -52.34 -6.14 12.19
C ALA C 449 -52.43 -6.03 10.66
N PRO C 450 -52.57 -7.16 9.97
CA PRO C 450 -52.60 -7.04 8.50
C PRO C 450 -53.73 -6.15 7.96
N LEU C 451 -54.95 -6.33 8.43
CA LEU C 451 -56.07 -5.49 8.00
C LEU C 451 -55.83 -4.00 8.29
N ARG C 452 -55.38 -3.70 9.50
CA ARG C 452 -55.12 -2.32 9.88
C ARG C 452 -54.02 -1.68 9.04
N GLN C 453 -52.99 -2.45 8.71
CA GLN C 453 -51.90 -1.94 7.88
C GLN C 453 -52.40 -1.72 6.46
N ILE C 454 -53.16 -2.67 5.94
CA ILE C 454 -53.81 -2.49 4.64
C ILE C 454 -54.62 -1.19 4.61
N VAL C 455 -55.46 -0.99 5.63
CA VAL C 455 -56.26 0.23 5.72
C VAL C 455 -55.40 1.49 5.84
N LEU C 456 -54.36 1.41 6.64
CA LEU C 456 -53.46 2.53 6.85
C LEU C 456 -52.84 2.98 5.55
N ASN C 457 -52.45 2.01 4.72
CA ASN C 457 -51.82 2.31 3.44
C ASN C 457 -52.81 2.97 2.48
N CYS C 458 -54.10 2.81 2.78
CA CYS C 458 -55.17 3.40 1.97
C CYS C 458 -55.35 4.88 2.25
N GLY C 459 -54.85 5.34 3.40
CA GLY C 459 -55.09 6.69 3.85
C GLY C 459 -56.41 6.81 4.57
N GLU C 460 -56.81 5.72 5.23
CA GLU C 460 -58.06 5.68 5.96
C GLU C 460 -57.74 5.35 7.42
N GLU C 461 -58.70 5.59 8.30
CA GLU C 461 -58.48 5.31 9.72
C GLU C 461 -58.65 3.82 10.03
N PRO C 462 -57.55 3.17 10.44
CA PRO C 462 -57.54 1.73 10.73
C PRO C 462 -58.53 1.33 11.81
N SER C 463 -58.67 2.16 12.85
CA SER C 463 -59.57 1.85 13.95
C SER C 463 -61.02 1.78 13.46
N VAL C 464 -61.35 2.64 12.51
CA VAL C 464 -62.69 2.71 11.98
C VAL C 464 -63.04 1.50 11.11
N VAL C 465 -62.18 1.17 10.17
CA VAL C 465 -62.41 0.01 9.32
C VAL C 465 -62.41 -1.29 10.13
N ALA C 466 -61.41 -1.46 11.01
CA ALA C 466 -61.35 -2.65 11.86
C ALA C 466 -62.60 -2.82 12.71
N ASN C 467 -63.08 -1.72 13.26
CA ASN C 467 -64.24 -1.76 14.12
C ASN C 467 -65.48 -2.17 13.31
N THR C 468 -65.64 -1.56 12.14
CA THR C 468 -66.75 -1.89 11.25
C THR C 468 -66.70 -3.35 10.78
N VAL C 469 -65.52 -3.81 10.36
CA VAL C 469 -65.36 -5.20 9.94
C VAL C 469 -65.67 -6.17 11.08
N LYS C 470 -65.16 -5.87 12.28
CA LYS C 470 -65.39 -6.72 13.44
C LYS C 470 -66.86 -6.80 13.82
N GLY C 471 -67.62 -5.78 13.44
CA GLY C 471 -69.03 -5.72 13.77
C GLY C 471 -69.83 -6.56 12.79
N GLY C 472 -69.21 -6.89 11.67
CA GLY C 472 -69.82 -7.76 10.68
C GLY C 472 -69.50 -9.21 10.97
N ASP C 473 -69.92 -10.09 10.08
CA ASP C 473 -69.72 -11.52 10.29
C ASP C 473 -69.21 -12.22 9.04
N GLY C 474 -68.53 -13.35 9.24
CA GLY C 474 -68.13 -14.18 8.13
C GLY C 474 -67.12 -13.54 7.20
N ASN C 475 -67.48 -13.48 5.94
CA ASN C 475 -66.60 -13.00 4.88
C ASN C 475 -66.78 -11.53 4.58
N TYR C 476 -67.58 -10.87 5.41
CA TYR C 476 -67.70 -9.42 5.41
C TYR C 476 -66.38 -8.75 5.78
N GLY C 477 -65.93 -7.82 4.95
CA GLY C 477 -64.66 -7.17 5.15
C GLY C 477 -64.50 -5.90 4.33
N TYR C 478 -63.26 -5.41 4.28
CA TYR C 478 -62.97 -4.15 3.60
C TYR C 478 -62.19 -4.36 2.32
N ASN C 479 -62.74 -3.85 1.23
CA ASN C 479 -62.08 -3.91 -0.06
C ASN C 479 -61.26 -2.61 -0.19
N ALA C 480 -59.93 -2.75 -0.13
CA ALA C 480 -59.04 -1.60 -0.05
C ALA C 480 -58.85 -0.94 -1.40
N ALA C 481 -59.04 -1.72 -2.46
CA ALA C 481 -58.98 -1.23 -3.82
C ALA C 481 -60.11 -0.22 -4.08
N THR C 482 -61.33 -0.64 -3.76
CA THR C 482 -62.52 0.15 -4.06
C THR C 482 -63.05 1.00 -2.89
N GLU C 483 -62.44 0.85 -1.72
CA GLU C 483 -62.94 1.48 -0.49
C GLU C 483 -64.37 1.08 -0.13
N GLU C 484 -64.73 -0.18 -0.39
CA GLU C 484 -66.07 -0.66 -0.07
C GLU C 484 -66.03 -1.77 0.95
N TYR C 485 -67.04 -1.79 1.83
CA TYR C 485 -67.28 -2.97 2.66
C TYR C 485 -68.19 -3.91 1.89
N GLY C 486 -67.87 -5.20 1.97
CA GLY C 486 -68.72 -6.21 1.38
C GLY C 486 -68.23 -7.61 1.67
N ASN C 487 -68.79 -8.58 0.97
CA ASN C 487 -68.36 -9.98 1.12
C ASN C 487 -67.08 -10.17 0.33
N MET C 488 -66.01 -10.57 1.02
CA MET C 488 -64.67 -10.59 0.43
C MET C 488 -64.57 -11.61 -0.69
N ILE C 489 -65.16 -12.77 -0.46
CA ILE C 489 -65.19 -13.81 -1.48
C ILE C 489 -65.98 -13.39 -2.71
N ASP C 490 -67.14 -12.76 -2.50
CA ASP C 490 -67.95 -12.29 -3.61
C ASP C 490 -67.19 -11.24 -4.41
N MET C 491 -66.30 -10.51 -3.75
CA MET C 491 -65.57 -9.43 -4.39
C MET C 491 -64.26 -9.93 -5.02
N GLY C 492 -63.96 -11.21 -4.83
CA GLY C 492 -62.80 -11.81 -5.44
C GLY C 492 -61.49 -11.64 -4.69
N ILE C 493 -61.56 -11.30 -3.42
CA ILE C 493 -60.32 -11.08 -2.67
C ILE C 493 -60.07 -12.31 -1.81
N LEU C 494 -59.10 -13.11 -2.25
CA LEU C 494 -58.92 -14.46 -1.72
C LEU C 494 -57.46 -14.77 -1.41
N ASP C 495 -57.18 -15.07 -0.14
CA ASP C 495 -55.88 -15.61 0.22
C ASP C 495 -55.89 -17.13 0.24
N PRO C 496 -54.82 -17.77 -0.28
CA PRO C 496 -54.70 -19.20 -0.07
C PRO C 496 -54.54 -19.44 1.42
N THR C 497 -55.27 -20.40 1.97
CA THR C 497 -55.23 -20.67 3.40
C THR C 497 -53.83 -21.03 3.88
N LYS C 498 -53.08 -21.74 3.04
CA LYS C 498 -51.72 -22.13 3.39
C LYS C 498 -50.84 -20.91 3.63
N VAL C 499 -51.08 -19.85 2.88
CA VAL C 499 -50.31 -18.61 3.01
C VAL C 499 -50.60 -17.93 4.34
N THR C 500 -51.89 -17.76 4.63
CA THR C 500 -52.32 -17.13 5.87
C THR C 500 -51.81 -17.93 7.06
N ARG C 501 -51.94 -19.24 6.98
CA ARG C 501 -51.47 -20.14 8.01
C ARG C 501 -49.97 -20.01 8.22
N SER C 502 -49.22 -20.14 7.14
CA SER C 502 -47.76 -20.11 7.22
C SER C 502 -47.24 -18.78 7.76
N ALA C 503 -47.88 -17.69 7.35
CA ALA C 503 -47.46 -16.36 7.76
C ALA C 503 -47.55 -16.23 9.27
N LEU C 504 -48.67 -16.69 9.82
CA LEU C 504 -48.89 -16.68 11.26
C LEU C 504 -47.88 -17.56 12.00
N GLN C 505 -47.72 -18.79 11.54
CA GLN C 505 -46.83 -19.75 12.20
C GLN C 505 -45.38 -19.29 12.27
N TYR C 506 -44.86 -18.80 11.15
CA TYR C 506 -43.48 -18.34 11.08
C TYR C 506 -43.23 -17.08 11.92
N ALA C 507 -44.17 -16.14 11.85
CA ALA C 507 -44.07 -14.92 12.68
C ALA C 507 -44.05 -15.28 14.17
N ALA C 508 -44.93 -16.19 14.56
CA ALA C 508 -45.05 -16.60 15.95
C ALA C 508 -43.79 -17.33 16.41
N SER C 509 -43.20 -18.09 15.50
CA SER C 509 -41.94 -18.76 15.74
C SER C 509 -40.83 -17.80 16.16
N VAL C 510 -40.49 -16.88 15.26
CA VAL C 510 -39.42 -15.92 15.54
C VAL C 510 -39.76 -15.00 16.72
N ALA C 511 -41.03 -14.67 16.88
CA ALA C 511 -41.45 -13.83 18.00
C ALA C 511 -41.20 -14.56 19.31
N GLY C 512 -41.50 -15.84 19.33
CA GLY C 512 -41.29 -16.63 20.52
C GLY C 512 -39.84 -16.64 20.93
N LEU C 513 -38.95 -16.72 19.95
CA LEU C 513 -37.51 -16.74 20.20
C LEU C 513 -37.03 -15.39 20.75
N MET C 514 -37.45 -14.30 20.13
CA MET C 514 -37.00 -12.97 20.57
C MET C 514 -37.48 -12.65 21.98
N ILE C 515 -38.71 -13.04 22.29
CA ILE C 515 -39.30 -12.84 23.60
C ILE C 515 -38.53 -13.62 24.68
N THR C 516 -37.95 -14.73 24.25
CA THR C 516 -37.18 -15.63 25.12
C THR C 516 -35.67 -15.42 25.10
N THR C 517 -35.22 -14.35 24.45
CA THR C 517 -33.79 -14.04 24.32
C THR C 517 -33.25 -13.20 25.47
N GLU C 518 -32.32 -13.74 26.25
CA GLU C 518 -31.67 -12.93 27.28
C GLU C 518 -30.33 -12.31 26.94
N CYS C 519 -29.71 -12.75 25.85
CA CYS C 519 -28.36 -12.32 25.56
C CYS C 519 -28.05 -12.31 24.08
N MET C 520 -27.30 -11.30 23.65
CA MET C 520 -26.85 -11.22 22.27
C MET C 520 -25.34 -10.99 22.28
N VAL C 521 -24.67 -11.62 21.33
CA VAL C 521 -23.23 -11.50 21.18
C VAL C 521 -22.88 -11.18 19.73
N THR C 522 -22.15 -10.10 19.53
CA THR C 522 -21.74 -9.67 18.20
C THR C 522 -20.35 -9.08 18.31
N ASP C 523 -19.75 -8.67 17.18
CA ASP C 523 -18.40 -8.12 17.22
C ASP C 523 -18.41 -6.67 17.62
N LEU C 524 -17.21 -6.12 17.79
CA LEU C 524 -17.07 -4.73 18.16
C LEU C 524 -17.11 -3.84 16.95
N PRO C 525 -17.94 -2.80 17.01
CA PRO C 525 -18.10 -1.79 15.95
C PRO C 525 -16.79 -1.11 15.54
N ALA D 2 -23.99 -4.38 2.50
CA ALA D 2 -23.62 -3.17 3.23
C ALA D 2 -24.80 -2.64 4.04
N ALA D 3 -24.50 -2.12 5.22
CA ALA D 3 -25.51 -1.52 6.07
C ALA D 3 -26.14 -0.36 5.33
N LYS D 4 -27.43 -0.12 5.59
CA LYS D 4 -28.18 0.88 4.85
C LYS D 4 -28.61 2.04 5.73
N ASP D 5 -28.86 3.17 5.09
CA ASP D 5 -29.50 4.31 5.71
C ASP D 5 -30.97 4.26 5.28
N VAL D 6 -31.88 4.30 6.25
CA VAL D 6 -33.31 4.17 5.97
C VAL D 6 -34.12 5.35 6.48
N LYS D 7 -34.86 6.00 5.58
CA LYS D 7 -35.71 7.14 5.94
C LYS D 7 -37.19 6.94 5.57
N PHE D 8 -38.07 7.50 6.38
CA PHE D 8 -39.49 7.26 6.24
C PHE D 8 -40.31 8.52 6.11
N GLY D 9 -41.43 8.41 5.41
CA GLY D 9 -42.44 9.45 5.37
C GLY D 9 -41.89 10.84 5.08
N ASN D 10 -42.33 11.80 5.89
CA ASN D 10 -41.93 13.20 5.71
C ASN D 10 -40.42 13.41 5.64
N ASP D 11 -39.71 12.84 6.60
CA ASP D 11 -38.25 12.94 6.64
C ASP D 11 -37.62 12.52 5.31
N ALA D 12 -38.19 11.48 4.70
CA ALA D 12 -37.76 11.00 3.40
C ALA D 12 -38.15 11.93 2.27
N ARG D 13 -39.41 12.34 2.26
CA ARG D 13 -39.94 13.16 1.19
C ARG D 13 -39.29 14.55 1.13
N VAL D 14 -38.98 15.14 2.28
CA VAL D 14 -38.25 16.40 2.33
C VAL D 14 -36.92 16.27 1.60
N LYS D 15 -36.20 15.19 1.83
CA LYS D 15 -34.95 14.94 1.13
C LYS D 15 -35.16 14.83 -0.39
N MET D 16 -36.10 14.01 -0.82
CA MET D 16 -36.45 13.95 -2.24
C MET D 16 -36.75 15.33 -2.83
N LEU D 17 -37.58 16.10 -2.15
CA LEU D 17 -37.94 17.44 -2.62
C LEU D 17 -36.71 18.35 -2.80
N ARG D 18 -35.78 18.29 -1.86
CA ARG D 18 -34.54 19.06 -1.93
CA ARG D 18 -34.56 19.09 -1.94
C ARG D 18 -33.73 18.72 -3.17
N GLY D 19 -33.64 17.44 -3.47
CA GLY D 19 -32.86 16.99 -4.62
C GLY D 19 -33.53 17.38 -5.91
N VAL D 20 -34.86 17.27 -5.91
CA VAL D 20 -35.65 17.72 -7.04
C VAL D 20 -35.44 19.23 -7.23
N ASN D 21 -35.56 19.99 -6.15
CA ASN D 21 -35.29 21.42 -6.20
C ASN D 21 -33.92 21.77 -6.77
N VAL D 22 -32.86 21.09 -6.34
CA VAL D 22 -31.53 21.38 -6.89
C VAL D 22 -31.51 21.10 -8.39
N LEU D 23 -31.89 19.89 -8.77
CA LEU D 23 -31.97 19.54 -10.18
C LEU D 23 -32.81 20.52 -11.02
N ALA D 24 -34.06 20.73 -10.62
CA ALA D 24 -34.98 21.58 -11.37
C ALA D 24 -34.59 23.05 -11.39
N ASP D 25 -34.06 23.55 -10.27
CA ASP D 25 -33.67 24.96 -10.22
C ASP D 25 -32.50 25.24 -11.15
N ALA D 26 -31.63 24.26 -11.31
CA ALA D 26 -30.48 24.37 -12.22
C ALA D 26 -30.93 24.29 -13.68
N VAL D 27 -31.79 23.33 -13.96
CA VAL D 27 -32.29 23.08 -15.31
C VAL D 27 -33.26 24.16 -15.83
N LYS D 28 -34.16 24.64 -14.97
CA LYS D 28 -35.22 25.53 -15.44
C LYS D 28 -34.81 26.95 -15.80
N VAL D 29 -33.61 27.38 -15.39
CA VAL D 29 -33.14 28.71 -15.73
C VAL D 29 -32.79 28.78 -17.22
N THR D 30 -32.67 27.60 -17.84
CA THR D 30 -32.27 27.51 -19.24
C THR D 30 -33.46 27.40 -20.20
N LEU D 31 -34.67 27.43 -19.66
CA LEU D 31 -35.87 27.23 -20.48
C LEU D 31 -36.20 28.43 -21.35
N GLY D 32 -36.46 28.18 -22.63
CA GLY D 32 -36.97 29.23 -23.50
C GLY D 32 -35.95 30.26 -23.97
N PRO D 33 -36.33 31.07 -24.96
CA PRO D 33 -35.39 31.95 -25.66
C PRO D 33 -34.55 32.87 -24.76
N LYS D 34 -35.07 33.23 -23.59
CA LYS D 34 -34.35 34.06 -22.62
C LYS D 34 -33.58 33.26 -21.56
N GLY D 35 -33.52 31.95 -21.74
CA GLY D 35 -32.83 31.08 -20.79
C GLY D 35 -31.45 31.59 -20.42
N ARG D 36 -31.15 31.51 -19.13
CA ARG D 36 -29.84 31.85 -18.58
C ARG D 36 -28.80 30.77 -18.84
N ASN D 37 -27.52 31.15 -18.76
CA ASN D 37 -26.41 30.24 -18.91
C ASN D 37 -26.12 29.42 -17.66
N VAL D 38 -25.68 28.18 -17.87
CA VAL D 38 -25.20 27.33 -16.78
C VAL D 38 -23.77 26.90 -17.12
N VAL D 39 -22.84 27.07 -16.19
CA VAL D 39 -21.46 26.69 -16.44
C VAL D 39 -21.21 25.30 -15.89
N LEU D 40 -20.73 24.40 -16.74
CA LEU D 40 -20.47 23.04 -16.34
C LEU D 40 -18.96 22.78 -16.34
N ASP D 41 -18.45 22.39 -15.18
CA ASP D 41 -17.02 22.19 -15.04
C ASP D 41 -16.55 20.90 -15.69
N LYS D 42 -15.26 20.83 -15.95
CA LYS D 42 -14.64 19.62 -16.44
C LYS D 42 -13.29 19.45 -15.74
N SER D 43 -12.87 18.20 -15.58
CA SER D 43 -11.64 17.91 -14.86
C SER D 43 -10.42 18.56 -15.50
N PHE D 44 -10.35 18.48 -16.83
CA PHE D 44 -9.24 19.06 -17.55
C PHE D 44 -9.70 20.11 -18.56
N GLY D 45 -9.16 21.31 -18.43
CA GLY D 45 -9.45 22.35 -19.40
C GLY D 45 -10.55 23.32 -18.99
N ALA D 46 -11.03 24.08 -19.97
CA ALA D 46 -12.01 25.13 -19.72
C ALA D 46 -13.44 24.59 -19.61
N PRO D 47 -14.26 25.22 -18.76
CA PRO D 47 -15.63 24.82 -18.48
C PRO D 47 -16.51 24.97 -19.71
N THR D 48 -17.67 24.32 -19.68
CA THR D 48 -18.65 24.41 -20.75
C THR D 48 -19.76 25.35 -20.32
N ILE D 49 -20.25 26.15 -21.27
CA ILE D 49 -21.33 27.07 -20.98
C ILE D 49 -22.51 26.77 -21.88
N THR D 50 -23.67 26.50 -21.28
CA THR D 50 -24.81 26.00 -22.02
C THR D 50 -26.15 26.59 -21.55
N LYS D 51 -27.07 26.76 -22.49
CA LYS D 51 -28.50 26.94 -22.20
C LYS D 51 -29.31 25.66 -22.32
N ASP D 52 -28.67 24.54 -22.61
CA ASP D 52 -29.41 23.31 -22.91
C ASP D 52 -29.63 22.41 -21.68
N GLY D 53 -30.88 22.31 -21.25
CA GLY D 53 -31.25 21.56 -20.07
C GLY D 53 -30.84 20.10 -20.07
N VAL D 54 -30.68 19.52 -21.26
CA VAL D 54 -30.26 18.14 -21.35
C VAL D 54 -28.86 18.02 -20.80
N SER D 55 -27.99 18.93 -21.21
CA SER D 55 -26.59 18.92 -20.80
C SER D 55 -26.42 19.20 -19.31
N VAL D 56 -27.22 20.14 -18.82
CA VAL D 56 -27.20 20.49 -17.41
C VAL D 56 -27.65 19.32 -16.54
N ALA D 57 -28.80 18.74 -16.88
CA ALA D 57 -29.34 17.63 -16.10
C ALA D 57 -28.41 16.41 -16.08
N ARG D 58 -27.74 16.16 -17.19
CA ARG D 58 -26.85 15.01 -17.26
C ARG D 58 -25.75 15.10 -16.20
N GLU D 59 -25.39 16.33 -15.85
CA GLU D 59 -24.28 16.58 -14.94
C GLU D 59 -24.65 16.56 -13.45
N ILE D 60 -25.95 16.59 -13.16
CA ILE D 60 -26.39 16.69 -11.78
C ILE D 60 -26.34 15.37 -11.00
N GLU D 61 -25.54 15.38 -9.95
CA GLU D 61 -25.50 14.30 -8.97
C GLU D 61 -25.22 14.97 -7.64
N LEU D 62 -25.90 14.51 -6.59
CA LEU D 62 -25.84 15.19 -5.29
C LEU D 62 -25.15 14.35 -4.25
N GLU D 63 -24.53 15.00 -3.27
CA GLU D 63 -23.76 14.28 -2.26
C GLU D 63 -24.65 13.50 -1.34
N ASP D 64 -25.67 14.16 -0.79
CA ASP D 64 -26.65 13.50 0.06
C ASP D 64 -27.36 12.46 -0.79
N LYS D 65 -27.36 11.22 -0.32
CA LYS D 65 -27.78 10.10 -1.14
C LYS D 65 -29.28 10.04 -1.34
N PHE D 66 -30.04 10.55 -0.36
CA PHE D 66 -31.49 10.62 -0.48
C PHE D 66 -31.89 11.71 -1.47
N GLU D 67 -31.32 12.89 -1.31
CA GLU D 67 -31.49 13.99 -2.25
C GLU D 67 -31.15 13.57 -3.67
N ASN D 68 -30.01 12.90 -3.81
CA ASN D 68 -29.58 12.39 -5.11
C ASN D 68 -30.62 11.47 -5.73
N MET D 69 -31.29 10.67 -4.90
CA MET D 69 -32.31 9.77 -5.41
C MET D 69 -33.46 10.54 -6.02
N GLY D 70 -33.95 11.56 -5.32
CA GLY D 70 -34.98 12.43 -5.87
C GLY D 70 -34.57 13.00 -7.23
N ALA D 71 -33.35 13.49 -7.33
CA ALA D 71 -32.89 14.11 -8.57
C ALA D 71 -32.79 13.12 -9.73
N GLN D 72 -32.22 11.94 -9.44
CA GLN D 72 -32.10 10.90 -10.46
C GLN D 72 -33.45 10.43 -10.94
N MET D 73 -34.42 10.42 -10.02
CA MET D 73 -35.78 9.99 -10.36
C MET D 73 -36.41 10.91 -11.42
N VAL D 74 -36.36 12.21 -11.19
CA VAL D 74 -36.91 13.17 -12.13
C VAL D 74 -36.10 13.19 -13.43
N LYS D 75 -34.80 12.93 -13.31
CA LYS D 75 -33.92 12.89 -14.48
C LYS D 75 -34.28 11.75 -15.43
N GLU D 76 -34.58 10.59 -14.87
CA GLU D 76 -34.84 9.40 -15.67
C GLU D 76 -36.09 9.63 -16.46
N VAL D 77 -37.05 10.22 -15.78
CA VAL D 77 -38.35 10.51 -16.34
C VAL D 77 -38.30 11.60 -17.44
N ALA D 78 -37.50 12.64 -17.23
CA ALA D 78 -37.35 13.68 -18.24
C ALA D 78 -36.62 13.18 -19.49
N SER D 79 -35.72 12.23 -19.32
CA SER D 79 -34.97 11.74 -20.48
C SER D 79 -35.82 10.78 -21.31
N LYS D 80 -36.70 10.06 -20.64
CA LYS D 80 -37.66 9.20 -21.34
C LYS D 80 -38.60 10.04 -22.21
N ALA D 81 -39.06 11.16 -21.66
CA ALA D 81 -39.87 12.11 -22.41
C ALA D 81 -39.14 12.55 -23.66
N ASN D 82 -37.89 12.97 -23.48
CA ASN D 82 -37.00 13.31 -24.58
C ASN D 82 -36.84 12.16 -25.61
N ALA D 83 -36.74 10.93 -25.14
CA ALA D 83 -36.55 9.80 -26.03
C ALA D 83 -37.82 9.50 -26.83
N ALA D 84 -38.97 9.72 -26.20
CA ALA D 84 -40.24 9.55 -26.87
C ALA D 84 -40.56 10.65 -27.89
N ALA D 85 -40.51 11.91 -27.47
CA ALA D 85 -40.89 13.03 -28.36
C ALA D 85 -39.76 13.74 -29.11
N GLY D 86 -38.51 13.48 -28.75
CA GLY D 86 -37.40 14.18 -29.35
C GLY D 86 -37.06 15.53 -28.73
N ASP D 87 -37.84 15.96 -27.75
CA ASP D 87 -37.57 17.23 -27.06
C ASP D 87 -38.43 17.29 -25.80
N GLY D 88 -38.31 18.37 -25.03
CA GLY D 88 -39.15 18.57 -23.86
C GLY D 88 -38.53 18.28 -22.50
N THR D 89 -37.23 18.01 -22.47
CA THR D 89 -36.56 17.64 -21.21
C THR D 89 -36.72 18.69 -20.12
N THR D 90 -36.46 19.95 -20.46
CA THR D 90 -36.56 21.04 -19.51
C THR D 90 -38.01 21.28 -19.07
N THR D 91 -38.94 21.26 -20.02
CA THR D 91 -40.36 21.44 -19.71
C THR D 91 -40.87 20.34 -18.78
N ALA D 92 -40.53 19.09 -19.13
CA ALA D 92 -40.83 17.96 -18.27
C ALA D 92 -40.34 18.17 -16.84
N THR D 93 -39.11 18.66 -16.70
CA THR D 93 -38.47 18.84 -15.40
C THR D 93 -39.17 19.93 -14.59
N VAL D 94 -39.52 21.01 -15.28
CA VAL D 94 -40.28 22.10 -14.67
C VAL D 94 -41.67 21.64 -14.20
N LEU D 95 -42.40 20.89 -15.04
CA LEU D 95 -43.71 20.37 -14.67
C LEU D 95 -43.58 19.47 -13.44
N ALA D 96 -42.60 18.58 -13.49
CA ALA D 96 -42.32 17.66 -12.39
C ALA D 96 -42.12 18.39 -11.06
N GLN D 97 -41.31 19.44 -11.05
CA GLN D 97 -41.04 20.15 -9.81
C GLN D 97 -42.30 20.83 -9.28
N ALA D 98 -43.13 21.31 -10.20
CA ALA D 98 -44.37 21.99 -9.84
C ALA D 98 -45.39 21.05 -9.22
N ILE D 99 -45.63 19.91 -9.86
CA ILE D 99 -46.61 18.97 -9.37
C ILE D 99 -46.15 18.43 -8.03
N ILE D 100 -44.87 18.03 -7.97
CA ILE D 100 -44.31 17.48 -6.74
C ILE D 100 -44.39 18.46 -5.58
N THR D 101 -43.98 19.70 -5.81
CA THR D 101 -44.00 20.72 -4.77
C THR D 101 -45.37 20.91 -4.14
N GLU D 102 -46.38 21.11 -4.98
CA GLU D 102 -47.73 21.36 -4.49
C GLU D 102 -48.37 20.11 -3.89
N GLY D 103 -48.00 18.94 -4.43
CA GLY D 103 -48.52 17.68 -3.94
C GLY D 103 -48.02 17.36 -2.55
N LEU D 104 -46.72 17.58 -2.33
CA LEU D 104 -46.11 17.34 -1.03
C LEU D 104 -46.66 18.27 0.05
N LYS D 105 -47.00 19.49 -0.34
CA LYS D 105 -47.65 20.43 0.56
C LYS D 105 -48.95 19.83 1.06
N ALA D 106 -49.72 19.28 0.14
CA ALA D 106 -51.01 18.69 0.47
C ALA D 106 -50.86 17.44 1.35
N VAL D 107 -49.81 16.66 1.09
CA VAL D 107 -49.59 15.46 1.88
C VAL D 107 -49.26 15.81 3.33
N ALA D 108 -48.44 16.83 3.51
CA ALA D 108 -48.02 17.23 4.84
C ALA D 108 -49.14 18.00 5.55
N ALA D 109 -50.10 18.48 4.77
CA ALA D 109 -51.30 19.12 5.33
C ALA D 109 -52.35 18.06 5.72
N GLY D 110 -52.01 16.79 5.54
CA GLY D 110 -52.80 15.69 6.05
C GLY D 110 -53.72 15.03 5.05
N MET D 111 -53.62 15.44 3.79
CA MET D 111 -54.45 14.88 2.72
C MET D 111 -54.01 13.49 2.29
N ASN D 112 -54.93 12.77 1.66
CA ASN D 112 -54.67 11.41 1.23
C ASN D 112 -53.84 11.38 -0.05
N PRO D 113 -52.61 10.86 0.04
CA PRO D 113 -51.68 10.81 -1.09
C PRO D 113 -52.21 9.99 -2.27
N MET D 114 -52.91 8.89 -1.98
CA MET D 114 -53.49 8.07 -3.04
C MET D 114 -54.58 8.83 -3.80
N ASP D 115 -55.36 9.64 -3.07
CA ASP D 115 -56.39 10.47 -3.69
C ASP D 115 -55.76 11.63 -4.46
N LEU D 116 -54.78 12.29 -3.86
CA LEU D 116 -53.98 13.31 -4.56
C LEU D 116 -53.43 12.79 -5.88
N LYS D 117 -52.82 11.60 -5.85
CA LYS D 117 -52.29 11.00 -7.07
C LYS D 117 -53.39 10.71 -8.09
N ARG D 118 -54.55 10.28 -7.60
CA ARG D 118 -55.69 9.94 -8.45
CA ARG D 118 -55.69 9.95 -8.46
C ARG D 118 -56.20 11.19 -9.17
N GLY D 119 -56.28 12.30 -8.44
CA GLY D 119 -56.72 13.56 -8.99
C GLY D 119 -55.76 14.05 -10.06
N ILE D 120 -54.47 13.99 -9.75
CA ILE D 120 -53.45 14.34 -10.72
C ILE D 120 -53.60 13.52 -12.00
N ASP D 121 -53.72 12.20 -11.86
CA ASP D 121 -53.83 11.30 -13.00
C ASP D 121 -55.07 11.56 -13.83
N LYS D 122 -56.17 11.83 -13.16
CA LYS D 122 -57.42 12.12 -13.85
C LYS D 122 -57.27 13.42 -14.64
N ALA D 123 -56.64 14.42 -14.03
CA ALA D 123 -56.46 15.70 -14.69
C ALA D 123 -55.53 15.63 -15.90
N VAL D 124 -54.43 14.89 -15.75
CA VAL D 124 -53.50 14.70 -16.86
C VAL D 124 -54.16 13.96 -18.03
N THR D 125 -54.88 12.87 -17.72
CA THR D 125 -55.60 12.13 -18.75
C THR D 125 -56.54 13.04 -19.55
N ALA D 126 -57.31 13.87 -18.85
CA ALA D 126 -58.17 14.84 -19.50
C ALA D 126 -57.34 15.80 -20.35
N ALA D 127 -56.24 16.28 -19.80
CA ALA D 127 -55.37 17.22 -20.49
C ALA D 127 -54.77 16.63 -21.76
N VAL D 128 -54.51 15.34 -21.74
CA VAL D 128 -53.91 14.68 -22.89
C VAL D 128 -54.89 14.61 -24.06
N GLU D 129 -56.14 14.32 -23.77
CA GLU D 129 -57.18 14.31 -24.81
C GLU D 129 -57.42 15.72 -25.33
N GLU D 130 -57.54 16.64 -24.39
CA GLU D 130 -57.72 18.06 -24.68
C GLU D 130 -56.62 18.57 -25.62
N LEU D 131 -55.39 18.13 -25.37
CA LEU D 131 -54.25 18.47 -26.21
C LEU D 131 -54.39 17.88 -27.61
N LYS D 132 -54.89 16.64 -27.67
CA LYS D 132 -55.06 15.95 -28.95
C LYS D 132 -56.10 16.66 -29.80
N ALA D 133 -57.11 17.23 -29.15
CA ALA D 133 -58.16 17.95 -29.86
C ALA D 133 -57.62 19.30 -30.34
N LEU D 134 -56.78 19.91 -29.52
CA LEU D 134 -56.26 21.24 -29.81
C LEU D 134 -55.24 21.18 -30.91
N SER D 135 -54.69 19.99 -31.13
CA SER D 135 -53.64 19.78 -32.12
C SER D 135 -54.09 20.15 -33.53
N VAL D 136 -53.14 20.65 -34.31
CA VAL D 136 -53.37 21.03 -35.70
C VAL D 136 -52.23 20.49 -36.57
N PRO D 137 -52.55 20.12 -37.81
CA PRO D 137 -51.61 19.46 -38.73
C PRO D 137 -50.39 20.32 -39.08
N CYS D 138 -49.24 19.66 -39.21
CA CYS D 138 -48.02 20.31 -39.66
C CYS D 138 -47.67 19.70 -41.03
N SER D 139 -47.84 20.47 -42.09
CA SER D 139 -47.75 19.94 -43.45
C SER D 139 -46.86 20.76 -44.38
N ASP D 140 -47.24 22.01 -44.60
CA ASP D 140 -46.49 22.95 -45.45
C ASP D 140 -45.06 23.15 -44.98
N SER D 141 -44.16 23.43 -45.92
CA SER D 141 -42.74 23.65 -45.64
C SER D 141 -42.49 24.75 -44.60
N LYS D 142 -43.27 25.82 -44.65
CA LYS D 142 -43.09 26.93 -43.72
C LYS D 142 -43.27 26.47 -42.27
N ALA D 143 -44.24 25.60 -42.04
CA ALA D 143 -44.54 25.13 -40.70
C ALA D 143 -43.48 24.16 -40.20
N ILE D 144 -43.00 23.30 -41.09
CA ILE D 144 -41.97 22.34 -40.72
C ILE D 144 -40.69 23.05 -40.31
N ALA D 145 -40.25 24.03 -41.10
CA ALA D 145 -39.07 24.80 -40.76
C ALA D 145 -39.24 25.48 -39.40
N GLN D 146 -40.47 25.88 -39.09
CA GLN D 146 -40.76 26.56 -37.84
C GLN D 146 -40.61 25.63 -36.65
N VAL D 147 -41.14 24.42 -36.79
CA VAL D 147 -41.03 23.40 -35.74
C VAL D 147 -39.58 22.95 -35.58
N GLY D 148 -38.87 22.81 -36.70
CA GLY D 148 -37.45 22.50 -36.65
C GLY D 148 -36.65 23.55 -35.90
N THR D 149 -36.91 24.82 -36.19
CA THR D 149 -36.21 25.92 -35.52
C THR D 149 -36.47 25.94 -34.02
N ILE D 150 -37.70 25.70 -33.62
CA ILE D 150 -38.06 25.64 -32.20
C ILE D 150 -37.32 24.49 -31.52
N SER D 151 -37.30 23.34 -32.17
CA SER D 151 -36.60 22.16 -31.67
C SER D 151 -35.08 22.31 -31.81
N ALA D 152 -34.64 23.38 -32.47
CA ALA D 152 -33.24 23.58 -32.81
C ALA D 152 -32.25 23.56 -31.64
N ASN D 153 -32.34 24.50 -30.71
CA ASN D 153 -33.39 25.51 -30.64
C ASN D 153 -33.07 26.86 -31.30
N SER D 154 -34.07 27.44 -31.93
CA SER D 154 -33.98 28.80 -32.47
C SER D 154 -32.85 28.96 -33.47
N ASP D 155 -32.44 27.84 -34.05
CA ASP D 155 -31.40 27.84 -35.07
C ASP D 155 -32.11 27.67 -36.41
N GLU D 156 -32.13 28.73 -37.20
CA GLU D 156 -32.83 28.70 -38.49
C GLU D 156 -32.08 27.81 -39.46
N THR D 157 -30.83 27.49 -39.12
CA THR D 157 -30.00 26.63 -39.96
C THR D 157 -30.46 25.20 -39.85
N VAL D 158 -30.31 24.62 -38.66
CA VAL D 158 -30.77 23.26 -38.41
C VAL D 158 -32.26 23.16 -38.73
N GLY D 159 -33.01 24.19 -38.36
CA GLY D 159 -34.43 24.23 -38.61
C GLY D 159 -34.75 24.20 -40.09
N LYS D 160 -34.13 25.11 -40.84
CA LYS D 160 -34.30 25.12 -42.29
C LYS D 160 -33.82 23.80 -42.86
N LEU D 161 -32.59 23.42 -42.52
CA LEU D 161 -31.93 22.23 -43.06
C LEU D 161 -32.80 20.96 -43.04
N ILE D 162 -33.55 20.78 -41.95
CA ILE D 162 -34.49 19.68 -41.82
C ILE D 162 -35.63 19.84 -42.83
N ALA D 163 -35.93 21.08 -43.20
CA ALA D 163 -37.03 21.33 -44.13
C ALA D 163 -36.74 20.88 -45.56
N GLU D 164 -35.56 21.19 -46.09
CA GLU D 164 -35.19 20.74 -47.43
C GLU D 164 -35.08 19.24 -47.45
N ALA D 165 -34.55 18.67 -46.36
CA ALA D 165 -34.43 17.24 -46.21
C ALA D 165 -35.79 16.60 -46.49
N MET D 166 -36.82 17.06 -45.79
CA MET D 166 -38.17 16.55 -46.01
C MET D 166 -38.74 17.01 -47.36
N ASP D 167 -38.47 18.25 -47.71
CA ASP D 167 -38.97 18.80 -48.96
C ASP D 167 -38.46 17.97 -50.15
N LYS D 168 -37.22 17.50 -50.07
CA LYS D 168 -36.63 16.68 -51.12
C LYS D 168 -37.15 15.24 -51.17
N VAL D 169 -37.15 14.57 -50.02
CA VAL D 169 -37.59 13.18 -49.94
C VAL D 169 -39.04 13.00 -49.49
N GLY D 170 -39.75 14.09 -49.26
CA GLY D 170 -41.11 14.02 -48.75
C GLY D 170 -41.12 13.96 -47.24
N LYS D 171 -42.20 14.45 -46.63
CA LYS D 171 -42.32 14.50 -45.17
C LYS D 171 -42.35 13.09 -44.58
N GLU D 172 -42.74 12.12 -45.40
CA GLU D 172 -42.75 10.72 -44.97
C GLU D 172 -41.45 10.03 -45.36
N GLY D 173 -40.53 10.80 -45.95
CA GLY D 173 -39.29 10.26 -46.49
C GLY D 173 -38.30 9.70 -45.48
N VAL D 174 -37.21 9.16 -45.99
CA VAL D 174 -36.17 8.60 -45.14
C VAL D 174 -35.06 9.64 -44.92
N ILE D 175 -34.86 10.05 -43.68
CA ILE D 175 -33.82 11.03 -43.34
C ILE D 175 -32.89 10.51 -42.25
N THR D 176 -31.60 10.54 -42.54
CA THR D 176 -30.60 10.00 -41.62
C THR D 176 -29.54 11.04 -41.26
N VAL D 177 -29.04 10.95 -40.04
CA VAL D 177 -27.99 11.84 -39.58
C VAL D 177 -26.66 11.09 -39.46
N GLU D 178 -25.61 11.65 -40.05
CA GLU D 178 -24.27 11.05 -39.97
C GLU D 178 -23.24 12.08 -39.51
N ASP D 179 -22.07 11.58 -39.12
CA ASP D 179 -21.00 12.41 -38.56
C ASP D 179 -20.53 13.55 -39.46
N GLY D 180 -20.19 13.23 -40.70
CA GLY D 180 -19.76 14.23 -41.65
C GLY D 180 -18.31 14.66 -41.45
N THR D 181 -17.71 15.22 -42.50
CA THR D 181 -16.31 15.64 -42.45
C THR D 181 -16.13 16.97 -41.73
N GLY D 182 -17.01 17.93 -42.02
CA GLY D 182 -16.88 19.28 -41.50
C GLY D 182 -16.40 20.23 -42.57
N LEU D 183 -16.33 21.52 -42.23
CA LEU D 183 -16.69 22.00 -40.91
C LEU D 183 -18.15 22.44 -40.86
N GLN D 184 -18.86 22.28 -41.97
CA GLN D 184 -20.27 22.62 -42.02
C GLN D 184 -21.13 21.36 -41.98
N ASP D 185 -22.44 21.54 -42.01
CA ASP D 185 -23.34 20.41 -42.14
C ASP D 185 -23.87 20.36 -43.57
N GLU D 186 -23.80 19.18 -44.18
CA GLU D 186 -24.26 19.02 -45.55
C GLU D 186 -25.40 18.02 -45.66
N LEU D 187 -26.32 18.30 -46.57
CA LEU D 187 -27.41 17.40 -46.88
C LEU D 187 -27.19 16.79 -48.26
N ASP D 188 -27.20 15.47 -48.33
CA ASP D 188 -27.06 14.76 -49.59
C ASP D 188 -28.23 13.81 -49.76
N VAL D 189 -28.74 13.71 -50.99
CA VAL D 189 -29.75 12.70 -51.31
C VAL D 189 -29.15 11.64 -52.22
N VAL D 190 -29.14 10.40 -51.76
CA VAL D 190 -28.52 9.32 -52.50
C VAL D 190 -29.56 8.28 -52.85
N GLU D 191 -29.13 7.24 -53.55
CA GLU D 191 -30.05 6.17 -53.90
C GLU D 191 -30.17 5.21 -52.74
N GLY D 192 -31.40 5.03 -52.27
CA GLY D 192 -31.67 4.11 -51.17
C GLY D 192 -33.14 4.01 -50.88
N MET D 193 -33.50 3.06 -50.04
CA MET D 193 -34.90 2.88 -49.65
C MET D 193 -35.03 2.24 -48.28
N GLN D 194 -36.27 2.10 -47.83
CA GLN D 194 -36.56 1.39 -46.59
C GLN D 194 -37.79 0.52 -46.76
N PHE D 195 -37.66 -0.75 -46.38
CA PHE D 195 -38.77 -1.70 -46.45
C PHE D 195 -38.92 -2.40 -45.10
N ASP D 196 -40.02 -3.09 -44.86
CA ASP D 196 -40.21 -3.66 -43.54
C ASP D 196 -39.68 -5.09 -43.50
N ALA D 197 -38.55 -5.24 -42.81
CA ALA D 197 -37.92 -6.52 -42.55
C ALA D 197 -36.98 -6.28 -41.37
N GLY D 198 -36.62 -7.33 -40.66
CA GLY D 198 -35.74 -7.17 -39.52
C GLY D 198 -34.87 -8.38 -39.36
N TYR D 199 -33.89 -8.29 -38.48
CA TYR D 199 -32.97 -9.40 -38.25
C TYR D 199 -33.75 -10.66 -37.86
N LEU D 200 -33.49 -11.75 -38.57
CA LEU D 200 -34.13 -13.03 -38.27
C LEU D 200 -33.65 -13.56 -36.93
N SER D 201 -32.55 -12.99 -36.44
CA SER D 201 -32.07 -13.26 -35.08
C SER D 201 -31.61 -11.96 -34.41
N PRO D 202 -31.89 -11.82 -33.11
CA PRO D 202 -31.49 -10.62 -32.34
C PRO D 202 -29.98 -10.52 -32.14
N TYR D 203 -29.26 -11.64 -32.33
CA TYR D 203 -27.83 -11.70 -32.05
C TYR D 203 -26.99 -10.93 -33.06
N PHE D 204 -27.62 -10.43 -34.13
CA PHE D 204 -26.87 -9.76 -35.19
C PHE D 204 -26.57 -8.30 -34.86
N ILE D 205 -27.04 -7.84 -33.70
CA ILE D 205 -26.92 -6.42 -33.36
C ILE D 205 -25.50 -6.06 -32.97
N ASN D 206 -24.92 -5.12 -33.70
CA ASN D 206 -23.59 -4.59 -33.40
C ASN D 206 -23.64 -3.27 -32.64
N LYS D 207 -24.85 -2.77 -32.39
CA LYS D 207 -25.02 -1.49 -31.73
C LYS D 207 -26.17 -1.55 -30.73
N PRO D 208 -25.89 -2.07 -29.52
CA PRO D 208 -26.89 -2.38 -28.48
C PRO D 208 -27.80 -1.20 -28.08
N GLU D 209 -27.28 0.02 -28.05
CA GLU D 209 -28.08 1.17 -27.61
C GLU D 209 -29.36 1.34 -28.42
N THR D 210 -29.21 1.65 -29.70
CA THR D 210 -30.37 1.81 -30.58
C THR D 210 -30.90 0.47 -31.07
N GLY D 211 -30.18 -0.60 -30.74
CA GLY D 211 -30.63 -1.95 -31.01
C GLY D 211 -30.77 -2.29 -32.48
N ALA D 212 -29.71 -2.05 -33.25
CA ALA D 212 -29.74 -2.28 -34.69
C ALA D 212 -28.43 -2.87 -35.23
N VAL D 213 -28.50 -3.42 -36.44
CA VAL D 213 -27.33 -3.94 -37.13
C VAL D 213 -26.80 -2.89 -38.10
N GLU D 214 -25.50 -2.61 -38.03
CA GLU D 214 -24.90 -1.65 -38.95
C GLU D 214 -23.78 -2.30 -39.76
N LEU D 215 -23.98 -2.40 -41.06
CA LEU D 215 -22.98 -2.95 -41.95
C LEU D 215 -22.40 -1.84 -42.82
N GLU D 216 -21.08 -1.76 -42.86
CA GLU D 216 -20.41 -0.71 -43.62
C GLU D 216 -19.93 -1.24 -44.97
N SER D 217 -20.35 -0.58 -46.06
CA SER D 217 -19.98 -0.97 -47.41
C SER D 217 -20.18 -2.46 -47.68
N PRO D 218 -21.36 -2.99 -47.33
CA PRO D 218 -21.61 -4.44 -47.41
C PRO D 218 -21.91 -4.93 -48.83
N PHE D 219 -21.64 -6.20 -49.08
CA PHE D 219 -22.21 -6.89 -50.23
C PHE D 219 -23.65 -7.29 -49.88
N ILE D 220 -24.50 -7.41 -50.90
CA ILE D 220 -25.90 -7.75 -50.67
C ILE D 220 -26.34 -8.94 -51.50
N LEU D 221 -26.78 -9.99 -50.83
CA LEU D 221 -27.23 -11.20 -51.51
C LEU D 221 -28.74 -11.26 -51.63
N LEU D 222 -29.23 -11.42 -52.86
CA LEU D 222 -30.65 -11.49 -53.13
C LEU D 222 -31.01 -12.82 -53.76
N ALA D 223 -31.76 -13.64 -53.03
CA ALA D 223 -32.11 -14.98 -53.48
C ALA D 223 -33.58 -15.30 -53.20
N ASP D 224 -34.23 -15.97 -54.16
CA ASP D 224 -35.64 -16.33 -54.04
C ASP D 224 -35.85 -17.55 -53.14
N LYS D 225 -34.90 -18.47 -53.19
CA LYS D 225 -34.99 -19.71 -52.44
C LYS D 225 -34.99 -19.48 -50.94
N LYS D 226 -35.63 -20.38 -50.21
CA LYS D 226 -35.55 -20.41 -48.76
C LYS D 226 -34.20 -21.03 -48.38
N ILE D 227 -33.40 -20.33 -47.58
CA ILE D 227 -32.09 -20.83 -47.21
C ILE D 227 -32.14 -21.70 -45.96
N SER D 228 -31.61 -22.93 -46.07
CA SER D 228 -31.63 -23.88 -44.96
C SER D 228 -30.24 -24.42 -44.66
N ASN D 229 -29.65 -25.13 -45.63
CA ASN D 229 -28.31 -25.65 -45.48
C ASN D 229 -27.26 -24.56 -45.69
N ILE D 230 -26.28 -24.51 -44.80
CA ILE D 230 -25.22 -23.51 -44.88
C ILE D 230 -24.20 -23.85 -45.97
N ARG D 231 -24.32 -25.05 -46.54
CA ARG D 231 -23.40 -25.50 -47.57
C ARG D 231 -23.48 -24.68 -48.85
N GLU D 232 -24.69 -24.42 -49.32
CA GLU D 232 -24.88 -23.70 -50.58
C GLU D 232 -24.46 -22.23 -50.48
N MET D 233 -24.32 -21.74 -49.25
CA MET D 233 -23.88 -20.36 -49.01
C MET D 233 -22.37 -20.17 -49.15
N LEU D 234 -21.62 -21.24 -48.91
CA LEU D 234 -20.17 -21.16 -48.81
C LEU D 234 -19.42 -20.51 -49.97
N PRO D 235 -19.72 -20.92 -51.22
CA PRO D 235 -19.04 -20.32 -52.38
C PRO D 235 -19.09 -18.80 -52.36
N VAL D 236 -20.23 -18.25 -51.95
CA VAL D 236 -20.38 -16.81 -51.79
C VAL D 236 -19.77 -16.29 -50.48
N LEU D 237 -19.99 -17.03 -49.40
CA LEU D 237 -19.47 -16.65 -48.08
C LEU D 237 -17.95 -16.51 -48.07
N GLU D 238 -17.26 -17.42 -48.78
CA GLU D 238 -15.81 -17.35 -48.90
C GLU D 238 -15.39 -16.07 -49.64
N ALA D 239 -15.95 -15.86 -50.82
CA ALA D 239 -15.62 -14.71 -51.65
C ALA D 239 -15.87 -13.38 -50.92
N VAL D 240 -16.79 -13.40 -49.96
CA VAL D 240 -17.11 -12.21 -49.18
C VAL D 240 -16.06 -11.96 -48.09
N ALA D 241 -15.53 -13.04 -47.52
CA ALA D 241 -14.50 -12.92 -46.50
C ALA D 241 -13.22 -12.36 -47.11
N LYS D 242 -12.93 -12.74 -48.35
CA LYS D 242 -11.76 -12.23 -49.07
C LYS D 242 -11.86 -10.72 -49.28
N ALA D 243 -12.99 -10.28 -49.80
CA ALA D 243 -13.19 -8.87 -50.15
C ALA D 243 -13.00 -7.93 -48.97
N GLY D 244 -13.30 -8.41 -47.77
CA GLY D 244 -13.16 -7.61 -46.57
C GLY D 244 -14.36 -6.71 -46.33
N LYS D 245 -15.52 -7.12 -46.84
CA LYS D 245 -16.77 -6.39 -46.61
C LYS D 245 -17.80 -7.30 -45.99
N PRO D 246 -18.62 -6.76 -45.07
CA PRO D 246 -19.70 -7.52 -44.45
C PRO D 246 -20.79 -7.85 -45.47
N LEU D 247 -21.64 -8.82 -45.15
CA LEU D 247 -22.68 -9.22 -46.10
C LEU D 247 -24.09 -9.08 -45.52
N LEU D 248 -25.02 -8.69 -46.39
CA LEU D 248 -26.44 -8.68 -46.03
C LEU D 248 -27.20 -9.66 -46.91
N ILE D 249 -27.96 -10.54 -46.27
CA ILE D 249 -28.73 -11.56 -46.98
C ILE D 249 -30.23 -11.25 -46.98
N ILE D 250 -30.76 -10.99 -48.16
CA ILE D 250 -32.20 -10.81 -48.31
C ILE D 250 -32.76 -11.95 -49.16
N ALA D 251 -33.51 -12.85 -48.53
CA ALA D 251 -34.03 -14.03 -49.22
C ALA D 251 -35.46 -14.30 -48.79
N GLU D 252 -36.06 -15.34 -49.36
CA GLU D 252 -37.42 -15.73 -48.99
C GLU D 252 -37.44 -15.98 -47.48
N ASP D 253 -36.51 -16.81 -47.01
CA ASP D 253 -36.28 -16.97 -45.59
C ASP D 253 -34.88 -17.51 -45.32
N VAL D 254 -34.42 -17.34 -44.09
CA VAL D 254 -33.19 -17.97 -43.63
C VAL D 254 -33.50 -18.75 -42.35
N GLU D 255 -33.35 -20.07 -42.41
CA GLU D 255 -33.82 -20.94 -41.35
C GLU D 255 -32.90 -22.14 -41.12
N GLY D 256 -33.33 -23.02 -40.23
CA GLY D 256 -32.66 -24.29 -40.00
C GLY D 256 -31.18 -24.19 -39.72
N GLU D 257 -30.39 -24.98 -40.45
CA GLU D 257 -28.94 -24.97 -40.29
C GLU D 257 -28.36 -23.63 -40.70
N ALA D 258 -28.91 -23.06 -41.78
CA ALA D 258 -28.46 -21.77 -42.29
C ALA D 258 -28.53 -20.69 -41.21
N LEU D 259 -29.75 -20.37 -40.77
CA LEU D 259 -29.96 -19.34 -39.75
C LEU D 259 -29.14 -19.62 -38.50
N ALA D 260 -29.05 -20.88 -38.11
CA ALA D 260 -28.29 -21.27 -36.93
C ALA D 260 -26.79 -21.07 -37.13
N THR D 261 -26.27 -21.58 -38.24
CA THR D 261 -24.85 -21.43 -38.57
C THR D 261 -24.38 -19.98 -38.58
N LEU D 262 -24.95 -19.18 -39.49
CA LEU D 262 -24.55 -17.78 -39.67
C LEU D 262 -24.52 -16.96 -38.37
N VAL D 263 -25.46 -17.21 -37.48
CA VAL D 263 -25.49 -16.51 -36.20
C VAL D 263 -24.43 -17.04 -35.24
N VAL D 264 -24.00 -18.28 -35.45
CA VAL D 264 -22.95 -18.89 -34.64
C VAL D 264 -21.60 -18.19 -34.85
N ASN D 265 -21.22 -18.06 -36.11
CA ASN D 265 -19.95 -17.42 -36.46
C ASN D 265 -19.99 -15.90 -36.31
N THR D 266 -21.18 -15.33 -36.43
CA THR D 266 -21.34 -13.88 -36.32
C THR D 266 -20.95 -13.40 -34.92
N MET D 267 -21.35 -14.16 -33.91
CA MET D 267 -20.99 -13.86 -32.53
C MET D 267 -19.48 -13.93 -32.37
N ARG D 268 -18.88 -14.92 -33.02
CA ARG D 268 -17.43 -15.02 -33.07
C ARG D 268 -16.90 -13.94 -34.00
N GLY D 269 -15.58 -13.90 -34.17
CA GLY D 269 -14.98 -12.89 -35.03
C GLY D 269 -14.91 -13.31 -36.48
N ILE D 270 -15.11 -14.60 -36.74
CA ILE D 270 -14.93 -15.17 -38.08
C ILE D 270 -15.80 -14.54 -39.17
N VAL D 271 -16.93 -13.97 -38.79
CA VAL D 271 -17.83 -13.37 -39.77
C VAL D 271 -18.56 -12.13 -39.29
N LYS D 272 -18.84 -11.23 -40.22
CA LYS D 272 -19.76 -10.12 -39.98
C LYS D 272 -20.84 -10.18 -41.05
N VAL D 273 -22.07 -10.46 -40.63
CA VAL D 273 -23.16 -10.67 -41.56
C VAL D 273 -24.51 -10.43 -40.89
N ALA D 274 -25.54 -10.24 -41.70
CA ALA D 274 -26.91 -10.09 -41.21
C ALA D 274 -27.88 -10.58 -42.28
N ALA D 275 -29.07 -11.02 -41.88
CA ALA D 275 -30.05 -11.57 -42.81
C ALA D 275 -31.45 -11.08 -42.49
N VAL D 276 -32.27 -10.90 -43.52
CA VAL D 276 -33.66 -10.49 -43.31
C VAL D 276 -34.61 -11.23 -44.26
N LYS D 277 -35.88 -11.30 -43.87
CA LYS D 277 -36.91 -11.90 -44.70
C LYS D 277 -37.29 -10.93 -45.81
N ALA D 278 -37.36 -11.41 -47.05
CA ALA D 278 -37.79 -10.57 -48.16
C ALA D 278 -39.28 -10.25 -48.03
N PRO D 279 -39.62 -8.95 -48.06
CA PRO D 279 -40.98 -8.48 -47.82
C PRO D 279 -41.96 -8.94 -48.90
N GLY D 280 -43.17 -9.29 -48.50
CA GLY D 280 -44.21 -9.67 -49.44
C GLY D 280 -44.28 -11.16 -49.71
N PHE D 281 -45.06 -11.53 -50.71
CA PHE D 281 -45.23 -12.92 -51.11
C PHE D 281 -45.45 -12.97 -52.60
N GLY D 282 -45.57 -14.18 -53.14
CA GLY D 282 -45.89 -14.36 -54.55
C GLY D 282 -45.03 -13.54 -55.49
N ASP D 283 -45.68 -12.84 -56.42
CA ASP D 283 -44.99 -12.04 -57.41
C ASP D 283 -44.47 -10.72 -56.84
N ARG D 284 -45.11 -10.24 -55.77
CA ARG D 284 -44.69 -8.99 -55.17
C ARG D 284 -43.33 -9.12 -54.49
N ARG D 285 -43.14 -10.22 -53.76
CA ARG D 285 -41.86 -10.52 -53.11
C ARG D 285 -40.77 -10.63 -54.17
N LYS D 286 -41.11 -11.26 -55.30
CA LYS D 286 -40.21 -11.37 -56.43
C LYS D 286 -39.93 -10.00 -57.03
N ALA D 287 -40.98 -9.20 -57.17
CA ALA D 287 -40.86 -7.89 -57.80
C ALA D 287 -40.07 -6.94 -56.92
N MET D 288 -40.21 -7.08 -55.61
CA MET D 288 -39.51 -6.21 -54.68
C MET D 288 -38.02 -6.56 -54.60
N LEU D 289 -37.70 -7.85 -54.61
CA LEU D 289 -36.30 -8.28 -54.60
C LEU D 289 -35.54 -7.74 -55.80
N GLN D 290 -36.21 -7.65 -56.95
CA GLN D 290 -35.62 -7.10 -58.15
C GLN D 290 -35.50 -5.59 -58.03
N ASP D 291 -36.42 -4.98 -57.29
CA ASP D 291 -36.32 -3.56 -56.99
C ASP D 291 -35.01 -3.29 -56.25
N ILE D 292 -34.82 -4.01 -55.15
CA ILE D 292 -33.62 -3.87 -54.33
C ILE D 292 -32.37 -4.22 -55.13
N ALA D 293 -32.47 -5.24 -55.97
CA ALA D 293 -31.36 -5.64 -56.83
C ALA D 293 -30.94 -4.49 -57.74
N THR D 294 -31.91 -3.87 -58.40
CA THR D 294 -31.64 -2.75 -59.31
C THR D 294 -31.01 -1.55 -58.59
N LEU D 295 -31.40 -1.35 -57.34
CA LEU D 295 -30.90 -0.24 -56.55
C LEU D 295 -29.45 -0.47 -56.17
N THR D 296 -29.14 -1.70 -55.78
CA THR D 296 -27.81 -2.04 -55.27
C THR D 296 -26.87 -2.56 -56.35
N GLY D 297 -27.38 -2.68 -57.57
CA GLY D 297 -26.58 -3.15 -58.69
C GLY D 297 -26.34 -4.64 -58.66
N GLY D 298 -27.22 -5.37 -57.97
CA GLY D 298 -27.10 -6.81 -57.86
C GLY D 298 -28.05 -7.59 -58.75
N THR D 299 -27.83 -8.89 -58.84
CA THR D 299 -28.68 -9.76 -59.63
C THR D 299 -29.41 -10.71 -58.69
N VAL D 300 -30.72 -10.82 -58.86
CA VAL D 300 -31.49 -11.71 -58.01
C VAL D 300 -31.17 -13.15 -58.39
N ILE D 301 -30.88 -13.97 -57.39
CA ILE D 301 -30.60 -15.37 -57.62
C ILE D 301 -31.91 -16.13 -57.49
N SER D 302 -32.40 -16.66 -58.60
CA SER D 302 -33.69 -17.32 -58.64
C SER D 302 -33.52 -18.81 -58.91
N GLU D 303 -33.97 -19.63 -57.97
CA GLU D 303 -33.82 -21.08 -58.09
C GLU D 303 -34.83 -21.62 -59.08
N GLU D 304 -35.85 -20.81 -59.38
CA GLU D 304 -36.84 -21.16 -60.37
C GLU D 304 -36.21 -21.32 -61.76
N ILE D 305 -35.43 -20.33 -62.17
CA ILE D 305 -34.80 -20.34 -63.49
C ILE D 305 -33.68 -21.38 -63.58
N GLY D 306 -33.29 -21.91 -62.42
CA GLY D 306 -32.19 -22.86 -62.36
C GLY D 306 -30.91 -22.20 -61.89
N MET D 307 -31.03 -20.97 -61.41
CA MET D 307 -29.89 -20.26 -60.84
C MET D 307 -29.59 -20.84 -59.45
N GLU D 308 -28.32 -21.17 -59.23
CA GLU D 308 -27.92 -21.81 -57.99
C GLU D 308 -27.05 -20.89 -57.15
N LEU D 309 -27.09 -21.06 -55.84
CA LEU D 309 -26.28 -20.27 -54.92
C LEU D 309 -24.78 -20.47 -55.14
N GLU D 310 -24.37 -21.73 -55.26
CA GLU D 310 -22.96 -22.08 -55.42
C GLU D 310 -22.33 -21.40 -56.63
N LYS D 311 -23.10 -21.24 -57.70
CA LYS D 311 -22.60 -20.62 -58.93
C LYS D 311 -22.53 -19.10 -58.79
N ALA D 312 -23.29 -18.54 -57.84
CA ALA D 312 -23.33 -17.10 -57.62
C ALA D 312 -21.95 -16.55 -57.27
N THR D 313 -21.53 -15.54 -58.01
CA THR D 313 -20.20 -14.95 -57.84
C THR D 313 -20.25 -13.63 -57.08
N LEU D 314 -19.10 -13.00 -56.92
CA LEU D 314 -19.00 -11.74 -56.19
C LEU D 314 -19.69 -10.61 -56.96
N GLU D 315 -19.64 -10.68 -58.29
CA GLU D 315 -20.26 -9.66 -59.14
C GLU D 315 -21.78 -9.69 -59.03
N ASP D 316 -22.34 -10.86 -58.74
CA ASP D 316 -23.78 -11.03 -58.62
C ASP D 316 -24.35 -10.28 -57.43
N LEU D 317 -23.51 -10.00 -56.44
CA LEU D 317 -23.93 -9.29 -55.24
C LEU D 317 -24.06 -7.80 -55.50
N GLY D 318 -25.09 -7.20 -54.91
CA GLY D 318 -25.25 -5.76 -54.95
C GLY D 318 -24.40 -5.13 -53.86
N GLN D 319 -24.26 -3.81 -53.90
CA GLN D 319 -23.46 -3.10 -52.90
C GLN D 319 -24.12 -1.80 -52.47
N ALA D 320 -23.83 -1.40 -51.25
CA ALA D 320 -24.32 -0.13 -50.72
C ALA D 320 -23.31 0.41 -49.73
N LYS D 321 -23.41 1.71 -49.46
CA LYS D 321 -22.48 2.36 -48.55
C LYS D 321 -22.74 1.93 -47.11
N ARG D 322 -23.99 2.06 -46.69
CA ARG D 322 -24.38 1.75 -45.33
C ARG D 322 -25.77 1.14 -45.33
N VAL D 323 -25.95 0.06 -44.55
CA VAL D 323 -27.27 -0.53 -44.38
C VAL D 323 -27.58 -0.63 -42.88
N VAL D 324 -28.81 -0.35 -42.51
CA VAL D 324 -29.20 -0.37 -41.11
C VAL D 324 -30.41 -1.26 -40.90
N ILE D 325 -30.23 -2.35 -40.14
CA ILE D 325 -31.32 -3.26 -39.85
C ILE D 325 -31.69 -3.19 -38.37
N ASN D 326 -32.86 -2.63 -38.07
CA ASN D 326 -33.45 -2.75 -36.74
C ASN D 326 -34.41 -3.93 -36.67
N LYS D 327 -35.20 -4.01 -35.59
CA LYS D 327 -36.22 -5.03 -35.49
C LYS D 327 -37.23 -5.00 -36.63
N ASP D 328 -37.88 -3.84 -36.83
CA ASP D 328 -38.96 -3.73 -37.81
C ASP D 328 -38.60 -3.32 -39.25
N THR D 329 -37.40 -2.80 -39.47
CA THR D 329 -37.06 -2.27 -40.79
C THR D 329 -35.59 -2.40 -41.20
N THR D 330 -35.38 -2.48 -42.52
CA THR D 330 -34.06 -2.46 -43.12
C THR D 330 -33.89 -1.21 -43.99
N THR D 331 -32.79 -0.50 -43.81
CA THR D 331 -32.53 0.73 -44.57
C THR D 331 -31.25 0.61 -45.39
N ILE D 332 -31.39 0.71 -46.70
CA ILE D 332 -30.25 0.65 -47.61
C ILE D 332 -29.85 2.04 -48.09
N ILE D 333 -28.63 2.44 -47.74
CA ILE D 333 -28.20 3.81 -47.98
C ILE D 333 -27.13 3.92 -49.06
N ASP D 334 -27.43 4.73 -50.08
CA ASP D 334 -26.53 4.93 -51.21
C ASP D 334 -26.22 3.64 -51.98
N GLY D 335 -27.21 3.13 -52.70
CA GLY D 335 -27.02 1.98 -53.55
C GLY D 335 -26.07 2.26 -54.71
N VAL D 336 -25.43 1.21 -55.20
CA VAL D 336 -24.38 1.34 -56.21
C VAL D 336 -24.94 1.26 -57.64
N GLY D 337 -26.22 0.93 -57.75
CA GLY D 337 -26.86 0.77 -59.04
C GLY D 337 -26.77 1.98 -59.95
N GLU D 338 -26.77 1.74 -61.25
CA GLU D 338 -26.67 2.80 -62.24
C GLU D 338 -27.99 3.52 -62.44
N GLU D 339 -27.93 4.85 -62.56
CA GLU D 339 -29.13 5.67 -62.72
C GLU D 339 -29.97 5.24 -63.92
N ALA D 340 -29.32 4.90 -65.01
CA ALA D 340 -30.02 4.49 -66.23
C ALA D 340 -30.92 3.29 -65.96
N ALA D 341 -30.45 2.38 -65.11
CA ALA D 341 -31.18 1.17 -64.77
C ALA D 341 -32.32 1.47 -63.80
N ILE D 342 -32.01 2.25 -62.76
CA ILE D 342 -32.99 2.64 -61.77
C ILE D 342 -34.10 3.46 -62.41
N GLN D 343 -33.72 4.42 -63.25
CA GLN D 343 -34.70 5.20 -63.99
C GLN D 343 -35.56 4.34 -64.92
N GLY D 344 -34.94 3.33 -65.53
CA GLY D 344 -35.67 2.42 -66.40
C GLY D 344 -36.61 1.56 -65.59
N ARG D 345 -36.13 1.10 -64.43
CA ARG D 345 -36.94 0.30 -63.53
C ARG D 345 -38.14 1.11 -63.06
N VAL D 346 -37.92 2.39 -62.75
CA VAL D 346 -38.99 3.28 -62.36
C VAL D 346 -39.98 3.50 -63.49
N ALA D 347 -39.44 3.71 -64.70
CA ALA D 347 -40.26 3.89 -65.90
C ALA D 347 -41.14 2.67 -66.16
N GLN D 348 -40.58 1.49 -65.97
CA GLN D 348 -41.34 0.24 -66.13
C GLN D 348 -42.54 0.16 -65.18
N ILE D 349 -42.30 0.48 -63.92
CA ILE D 349 -43.36 0.38 -62.92
C ILE D 349 -44.46 1.42 -63.15
N ARG D 350 -44.06 2.63 -63.55
CA ARG D 350 -45.04 3.68 -63.85
C ARG D 350 -45.91 3.27 -65.03
N GLN D 351 -45.38 2.41 -65.89
CA GLN D 351 -46.17 1.86 -66.98
C GLN D 351 -47.24 0.94 -66.42
N GLN D 352 -46.83 0.00 -65.57
CA GLN D 352 -47.75 -0.97 -64.98
C GLN D 352 -48.91 -0.28 -64.25
N ILE D 353 -48.62 0.90 -63.69
CA ILE D 353 -49.62 1.69 -62.99
C ILE D 353 -50.73 2.14 -63.93
N GLU D 354 -50.36 2.58 -65.13
CA GLU D 354 -51.32 3.00 -66.13
C GLU D 354 -52.12 1.79 -66.61
N GLU D 355 -51.51 0.62 -66.53
CA GLU D 355 -52.15 -0.62 -66.97
C GLU D 355 -52.95 -1.28 -65.85
N ALA D 356 -52.95 -0.66 -64.67
CA ALA D 356 -53.55 -1.27 -63.49
C ALA D 356 -55.07 -1.09 -63.45
N THR D 357 -55.78 -2.21 -63.43
CA THR D 357 -57.24 -2.21 -63.31
C THR D 357 -57.70 -2.02 -61.86
N SER D 358 -56.98 -2.65 -60.94
CA SER D 358 -57.33 -2.62 -59.52
C SER D 358 -56.71 -1.43 -58.77
N ASP D 359 -57.53 -0.75 -57.97
CA ASP D 359 -57.04 0.33 -57.13
C ASP D 359 -56.03 -0.17 -56.12
N TYR D 360 -56.20 -1.41 -55.67
CA TYR D 360 -55.30 -1.97 -54.69
C TYR D 360 -53.93 -2.24 -55.31
N ASP D 361 -53.92 -2.95 -56.43
CA ASP D 361 -52.67 -3.26 -57.14
C ASP D 361 -51.92 -1.99 -57.50
N ARG D 362 -52.68 -0.94 -57.75
CA ARG D 362 -52.15 0.36 -58.15
C ARG D 362 -51.46 1.06 -56.99
N GLU D 363 -52.11 1.07 -55.82
CA GLU D 363 -51.53 1.67 -54.64
C GLU D 363 -50.22 0.98 -54.27
N LYS D 364 -50.19 -0.34 -54.41
CA LYS D 364 -49.01 -1.12 -54.06
C LYS D 364 -47.85 -0.79 -54.98
N LEU D 365 -48.15 -0.59 -56.26
CA LEU D 365 -47.15 -0.25 -57.25
C LEU D 365 -46.55 1.13 -56.96
N GLN D 366 -47.41 2.09 -56.64
CA GLN D 366 -46.97 3.45 -56.36
C GLN D 366 -46.08 3.49 -55.12
N GLU D 367 -46.30 2.55 -54.20
CA GLU D 367 -45.45 2.44 -53.02
C GLU D 367 -44.08 1.93 -53.42
N ARG D 368 -44.03 1.12 -54.48
CA ARG D 368 -42.76 0.60 -54.97
C ARG D 368 -41.92 1.68 -55.66
N VAL D 369 -42.57 2.59 -56.38
CA VAL D 369 -41.86 3.68 -57.05
C VAL D 369 -41.41 4.74 -56.04
N ALA D 370 -42.23 4.99 -55.02
CA ALA D 370 -41.87 5.96 -53.99
C ALA D 370 -40.60 5.56 -53.28
N LYS D 371 -40.39 4.26 -53.11
CA LYS D 371 -39.18 3.77 -52.47
C LYS D 371 -38.00 3.86 -53.43
N LEU D 372 -38.21 3.41 -54.66
CA LEU D 372 -37.15 3.38 -55.66
C LEU D 372 -36.75 4.79 -56.12
N ALA D 373 -37.72 5.60 -56.51
CA ALA D 373 -37.46 6.96 -56.97
C ALA D 373 -37.30 7.93 -55.79
N GLY D 374 -37.57 7.45 -54.59
CA GLY D 374 -37.58 8.29 -53.42
C GLY D 374 -36.21 8.66 -52.89
N GLY D 375 -35.30 7.70 -52.86
CA GLY D 375 -33.97 7.93 -52.34
C GLY D 375 -33.94 8.15 -50.84
N VAL D 376 -32.77 8.48 -50.32
CA VAL D 376 -32.57 8.68 -48.90
C VAL D 376 -31.79 9.97 -48.60
N ALA D 377 -32.29 10.73 -47.63
CA ALA D 377 -31.68 12.00 -47.25
C ALA D 377 -30.63 11.80 -46.15
N VAL D 378 -29.38 12.11 -46.45
CA VAL D 378 -28.32 11.96 -45.47
C VAL D 378 -27.85 13.32 -44.95
N ILE D 379 -27.93 13.50 -43.64
CA ILE D 379 -27.45 14.72 -43.01
C ILE D 379 -26.14 14.48 -42.29
N LYS D 380 -25.06 15.06 -42.81
CA LYS D 380 -23.76 14.95 -42.17
C LYS D 380 -23.49 16.17 -41.29
N VAL D 381 -23.31 15.92 -39.99
CA VAL D 381 -23.25 16.98 -38.98
C VAL D 381 -22.02 17.91 -39.09
N GLY D 382 -22.19 19.13 -38.57
CA GLY D 382 -21.23 20.21 -38.74
C GLY D 382 -20.25 20.59 -37.63
N ALA D 383 -19.99 21.89 -37.59
CA ALA D 383 -18.97 22.55 -36.76
C ALA D 383 -17.54 22.05 -36.94
N ALA D 384 -16.79 21.98 -35.84
CA ALA D 384 -15.35 21.76 -35.97
C ALA D 384 -14.78 20.68 -35.07
N THR D 385 -14.74 20.95 -33.78
CA THR D 385 -14.08 20.06 -32.82
C THR D 385 -14.89 18.79 -32.62
N GLU D 386 -14.23 17.76 -32.11
CA GLU D 386 -14.85 16.45 -31.95
C GLU D 386 -15.87 16.38 -30.80
N VAL D 387 -15.79 17.34 -29.87
CA VAL D 387 -16.68 17.34 -28.70
C VAL D 387 -18.11 17.75 -29.03
N GLU D 388 -18.26 18.84 -29.78
CA GLU D 388 -19.57 19.32 -30.23
C GLU D 388 -20.11 18.48 -31.38
N MET D 389 -19.24 18.20 -32.34
CA MET D 389 -19.59 17.42 -33.53
C MET D 389 -20.30 16.11 -33.19
N LYS D 390 -19.77 15.35 -32.24
CA LYS D 390 -20.43 14.13 -31.79
C LYS D 390 -21.67 14.46 -30.98
N GLU D 391 -21.62 15.55 -30.23
CA GLU D 391 -22.74 15.96 -29.41
C GLU D 391 -23.85 16.58 -30.26
N LYS D 392 -23.46 17.32 -31.29
CA LYS D 392 -24.41 17.97 -32.18
C LYS D 392 -25.29 16.94 -32.88
N LYS D 393 -24.67 15.84 -33.30
CA LYS D 393 -25.38 14.78 -34.01
C LYS D 393 -26.55 14.24 -33.19
N ALA D 394 -26.39 14.14 -31.88
CA ALA D 394 -27.47 13.68 -31.01
C ALA D 394 -28.54 14.77 -30.86
N ARG D 395 -28.15 16.01 -31.15
CA ARG D 395 -29.05 17.15 -31.11
C ARG D 395 -29.95 17.13 -32.35
N VAL D 396 -29.34 17.26 -33.52
CA VAL D 396 -30.05 17.20 -34.81
C VAL D 396 -30.95 15.97 -34.94
N GLU D 397 -30.45 14.81 -34.51
CA GLU D 397 -31.26 13.61 -34.41
C GLU D 397 -32.51 13.87 -33.57
N ASP D 398 -32.31 14.49 -32.42
CA ASP D 398 -33.42 14.83 -31.52
C ASP D 398 -34.33 15.86 -32.17
N ALA D 399 -33.74 16.82 -32.88
CA ALA D 399 -34.51 17.85 -33.57
C ALA D 399 -35.32 17.24 -34.70
N LEU D 400 -34.68 16.33 -35.44
CA LEU D 400 -35.35 15.64 -36.52
C LEU D 400 -36.51 14.78 -35.99
N HIS D 401 -36.26 14.08 -34.88
CA HIS D 401 -37.27 13.26 -34.23
C HIS D 401 -38.48 14.11 -33.85
N ALA D 402 -38.23 15.23 -33.19
CA ALA D 402 -39.30 16.12 -32.75
C ALA D 402 -40.06 16.68 -33.97
N THR D 403 -39.35 16.89 -35.07
CA THR D 403 -40.00 17.35 -36.29
C THR D 403 -40.92 16.27 -36.89
N ARG D 404 -40.43 15.03 -36.96
CA ARG D 404 -41.27 13.93 -37.44
C ARG D 404 -42.53 13.84 -36.59
N ALA D 405 -42.35 13.93 -35.27
CA ALA D 405 -43.46 13.84 -34.32
C ALA D 405 -44.48 14.95 -34.55
N ALA D 406 -44.01 16.09 -35.06
CA ALA D 406 -44.88 17.22 -35.35
C ALA D 406 -45.71 16.91 -36.59
N VAL D 407 -45.09 16.23 -37.55
CA VAL D 407 -45.79 15.84 -38.76
C VAL D 407 -46.83 14.76 -38.47
N GLU D 408 -46.48 13.80 -37.62
CA GLU D 408 -47.39 12.72 -37.28
C GLU D 408 -48.56 13.15 -36.40
N GLU D 409 -48.23 13.74 -35.26
CA GLU D 409 -49.25 14.16 -34.29
C GLU D 409 -49.65 15.64 -34.28
N GLY D 410 -49.04 16.45 -35.12
CA GLY D 410 -49.39 17.87 -35.21
C GLY D 410 -48.74 18.81 -34.20
N VAL D 411 -49.23 20.05 -34.17
CA VAL D 411 -48.63 21.11 -33.35
C VAL D 411 -49.63 21.92 -32.53
N VAL D 412 -49.15 22.45 -31.39
CA VAL D 412 -49.95 23.32 -30.53
C VAL D 412 -49.16 24.60 -30.23
N ALA D 413 -49.83 25.63 -29.73
CA ALA D 413 -49.16 26.90 -29.41
C ALA D 413 -47.97 26.66 -28.50
N GLY D 414 -46.82 27.23 -28.85
CA GLY D 414 -45.63 27.11 -28.03
C GLY D 414 -45.63 28.07 -26.86
N GLY D 415 -44.46 28.21 -26.22
CA GLY D 415 -44.29 29.16 -25.14
C GLY D 415 -45.17 28.86 -23.95
N GLY D 416 -45.53 27.60 -23.78
CA GLY D 416 -46.35 27.17 -22.65
C GLY D 416 -47.82 27.56 -22.75
N VAL D 417 -48.20 28.15 -23.88
CA VAL D 417 -49.59 28.57 -24.08
C VAL D 417 -50.57 27.40 -24.18
N ALA D 418 -50.20 26.38 -24.92
CA ALA D 418 -51.05 25.19 -25.05
C ALA D 418 -51.47 24.64 -23.67
N LEU D 419 -50.51 24.40 -22.78
CA LEU D 419 -50.83 23.90 -21.44
C LEU D 419 -51.78 24.83 -20.67
N ILE D 420 -51.53 26.14 -20.77
CA ILE D 420 -52.41 27.15 -20.19
C ILE D 420 -53.86 27.03 -20.69
N ARG D 421 -54.04 26.92 -22.01
CA ARG D 421 -55.37 26.77 -22.58
C ARG D 421 -56.08 25.54 -22.05
N VAL D 422 -55.39 24.41 -22.11
CA VAL D 422 -55.97 23.14 -21.73
C VAL D 422 -56.38 23.15 -20.26
N ALA D 423 -55.61 23.83 -19.44
CA ALA D 423 -55.92 23.93 -18.03
C ALA D 423 -57.20 24.75 -17.80
N SER D 424 -57.54 25.64 -18.73
CA SER D 424 -58.78 26.40 -18.62
C SER D 424 -59.97 25.53 -18.97
N LYS D 425 -59.82 24.70 -19.99
CA LYS D 425 -60.87 23.80 -20.40
C LYS D 425 -61.19 22.81 -19.29
N LEU D 426 -60.22 22.59 -18.40
CA LEU D 426 -60.36 21.61 -17.33
C LEU D 426 -60.89 22.17 -16.00
N ALA D 427 -61.25 23.44 -15.98
CA ALA D 427 -61.64 24.12 -14.75
C ALA D 427 -62.84 23.50 -14.00
N ASP D 428 -63.70 22.80 -14.71
CA ASP D 428 -64.86 22.17 -14.08
C ASP D 428 -64.61 20.70 -13.68
N LEU D 429 -63.43 20.18 -13.98
CA LEU D 429 -63.14 18.78 -13.74
C LEU D 429 -63.10 18.45 -12.25
N ARG D 430 -63.73 17.34 -11.87
CA ARG D 430 -63.79 16.95 -10.46
C ARG D 430 -63.49 15.47 -10.22
N GLY D 431 -63.18 15.16 -8.97
CA GLY D 431 -62.95 13.80 -8.54
C GLY D 431 -64.05 13.25 -7.64
N GLN D 432 -63.73 12.15 -6.98
CA GLN D 432 -64.63 11.44 -6.07
C GLN D 432 -64.77 12.14 -4.73
N ASN D 433 -63.67 12.72 -4.27
CA ASN D 433 -63.63 13.40 -2.98
C ASN D 433 -62.81 14.68 -3.06
N GLU D 434 -62.87 15.48 -2.00
CA GLU D 434 -62.09 16.70 -1.90
C GLU D 434 -60.60 16.47 -2.22
N ASP D 435 -60.01 15.40 -1.70
CA ASP D 435 -58.57 15.19 -1.91
C ASP D 435 -58.21 14.96 -3.38
N GLN D 436 -59.13 14.39 -4.15
CA GLN D 436 -58.88 14.23 -5.59
C GLN D 436 -59.03 15.57 -6.31
N ASN D 437 -59.98 16.38 -5.84
CA ASN D 437 -60.14 17.72 -6.33
C ASN D 437 -58.87 18.57 -6.16
N VAL D 438 -58.30 18.51 -4.97
CA VAL D 438 -57.07 19.23 -4.69
C VAL D 438 -55.95 18.74 -5.61
N GLY D 439 -55.90 17.43 -5.83
CA GLY D 439 -54.95 16.87 -6.76
C GLY D 439 -55.13 17.39 -8.18
N ILE D 440 -56.38 17.51 -8.60
CA ILE D 440 -56.71 18.03 -9.93
C ILE D 440 -56.24 19.48 -10.07
N LYS D 441 -56.52 20.28 -9.04
CA LYS D 441 -56.07 21.66 -9.00
C LYS D 441 -54.55 21.77 -8.99
N VAL D 442 -53.88 20.90 -8.22
CA VAL D 442 -52.43 20.82 -8.21
C VAL D 442 -51.88 20.69 -9.64
N ALA D 443 -52.38 19.69 -10.38
CA ALA D 443 -52.00 19.49 -11.78
C ALA D 443 -52.28 20.70 -12.67
N LEU D 444 -53.44 21.33 -12.48
CA LEU D 444 -53.84 22.44 -13.35
C LEU D 444 -53.01 23.69 -13.13
N ARG D 445 -52.60 23.93 -11.89
CA ARG D 445 -51.66 25.03 -11.59
C ARG D 445 -50.30 24.72 -12.21
N ALA D 446 -49.85 23.49 -12.04
CA ALA D 446 -48.58 23.04 -12.60
C ALA D 446 -48.45 23.32 -14.10
N MET D 447 -49.57 23.24 -14.81
CA MET D 447 -49.55 23.46 -16.25
C MET D 447 -49.22 24.90 -16.62
N GLU D 448 -49.28 25.81 -15.65
CA GLU D 448 -48.89 27.20 -15.88
C GLU D 448 -47.38 27.39 -15.76
N ALA D 449 -46.68 26.38 -15.26
CA ALA D 449 -45.28 26.54 -14.87
C ALA D 449 -44.30 26.81 -16.02
N PRO D 450 -44.44 26.10 -17.15
CA PRO D 450 -43.53 26.38 -18.25
C PRO D 450 -43.63 27.82 -18.74
N LEU D 451 -44.84 28.32 -18.95
CA LEU D 451 -45.02 29.70 -19.44
C LEU D 451 -44.51 30.72 -18.41
N ARG D 452 -44.82 30.47 -17.14
CA ARG D 452 -44.36 31.35 -16.08
C ARG D 452 -42.82 31.37 -16.00
N GLN D 453 -42.20 30.20 -16.15
CA GLN D 453 -40.74 30.09 -16.06
C GLN D 453 -40.08 30.76 -17.25
N ILE D 454 -40.63 30.54 -18.44
CA ILE D 454 -40.18 31.20 -19.65
C ILE D 454 -40.17 32.71 -19.47
N VAL D 455 -41.27 33.23 -18.95
CA VAL D 455 -41.40 34.66 -18.70
C VAL D 455 -40.42 35.12 -17.61
N LEU D 456 -40.27 34.32 -16.56
CA LEU D 456 -39.43 34.72 -15.44
C LEU D 456 -37.99 34.90 -15.91
N ASN D 457 -37.58 34.06 -16.85
CA ASN D 457 -36.26 34.17 -17.46
C ASN D 457 -36.08 35.43 -18.31
N CYS D 458 -37.17 36.15 -18.55
CA CYS D 458 -37.10 37.42 -19.28
C CYS D 458 -36.90 38.61 -18.36
N GLY D 459 -36.99 38.37 -17.05
CA GLY D 459 -37.02 39.44 -16.08
C GLY D 459 -38.37 40.14 -16.01
N GLU D 460 -39.42 39.43 -16.45
CA GLU D 460 -40.77 39.98 -16.52
C GLU D 460 -41.67 39.32 -15.47
N GLU D 461 -42.70 40.03 -15.02
CA GLU D 461 -43.60 39.49 -14.00
C GLU D 461 -44.47 38.38 -14.60
N PRO D 462 -44.28 37.15 -14.12
CA PRO D 462 -44.93 36.00 -14.75
C PRO D 462 -46.44 36.02 -14.54
N SER D 463 -46.88 36.66 -13.47
CA SER D 463 -48.30 36.71 -13.17
C SER D 463 -49.06 37.65 -14.09
N VAL D 464 -48.38 38.72 -14.50
CA VAL D 464 -48.97 39.64 -15.48
C VAL D 464 -49.11 38.96 -16.85
N VAL D 465 -48.05 38.30 -17.29
CA VAL D 465 -48.08 37.65 -18.60
C VAL D 465 -49.07 36.50 -18.60
N ALA D 466 -48.97 35.64 -17.59
CA ALA D 466 -49.90 34.52 -17.45
C ALA D 466 -51.35 35.01 -17.47
N ASN D 467 -51.64 36.04 -16.68
CA ASN D 467 -52.98 36.59 -16.59
C ASN D 467 -53.46 37.20 -17.91
N THR D 468 -52.53 37.81 -18.65
CA THR D 468 -52.87 38.45 -19.91
C THR D 468 -53.14 37.40 -20.98
N VAL D 469 -52.34 36.33 -20.98
CA VAL D 469 -52.55 35.22 -21.89
C VAL D 469 -53.85 34.48 -21.61
N LYS D 470 -54.15 34.28 -20.33
CA LYS D 470 -55.41 33.67 -19.95
C LYS D 470 -56.61 34.49 -20.44
N GLY D 471 -56.50 35.81 -20.37
CA GLY D 471 -57.56 36.69 -20.77
C GLY D 471 -57.87 36.63 -22.25
N GLY D 472 -56.90 36.17 -23.04
CA GLY D 472 -57.10 36.01 -24.48
C GLY D 472 -57.66 34.63 -24.79
N ASP D 473 -57.81 34.33 -26.07
CA ASP D 473 -58.35 33.04 -26.50
C ASP D 473 -57.43 32.35 -27.50
N GLY D 474 -57.51 31.02 -27.55
CA GLY D 474 -56.82 30.29 -28.60
C GLY D 474 -55.31 30.39 -28.60
N ASN D 475 -54.76 30.87 -29.70
CA ASN D 475 -53.31 30.91 -29.90
C ASN D 475 -52.62 32.20 -29.45
N TYR D 476 -53.40 33.13 -28.92
CA TYR D 476 -52.85 34.30 -28.27
C TYR D 476 -51.88 33.86 -27.19
N GLY D 477 -50.69 34.46 -27.17
CA GLY D 477 -49.66 34.13 -26.20
C GLY D 477 -48.55 35.15 -26.16
N TYR D 478 -47.46 34.79 -25.50
CA TYR D 478 -46.33 35.69 -25.31
C TYR D 478 -45.09 35.23 -26.07
N ASN D 479 -44.60 36.09 -26.94
CA ASN D 479 -43.37 35.79 -27.67
C ASN D 479 -42.21 36.31 -26.85
N ALA D 480 -41.43 35.39 -26.32
CA ALA D 480 -40.38 35.74 -25.36
C ALA D 480 -39.12 36.26 -26.03
N ALA D 481 -39.01 36.04 -27.34
CA ALA D 481 -37.87 36.55 -28.09
C ALA D 481 -38.00 38.05 -28.26
N THR D 482 -39.18 38.49 -28.68
CA THR D 482 -39.43 39.90 -28.94
C THR D 482 -40.08 40.61 -27.76
N GLU D 483 -40.39 39.86 -26.71
CA GLU D 483 -41.11 40.39 -25.55
C GLU D 483 -42.41 41.10 -25.96
N GLU D 484 -43.15 40.47 -26.87
CA GLU D 484 -44.41 41.01 -27.40
C GLU D 484 -45.47 39.91 -27.52
N TYR D 485 -46.72 40.25 -27.23
CA TYR D 485 -47.83 39.30 -27.43
C TYR D 485 -48.17 39.15 -28.92
N GLY D 486 -48.85 38.06 -29.25
CA GLY D 486 -49.30 37.84 -30.61
C GLY D 486 -49.87 36.44 -30.79
N ASN D 487 -50.03 36.05 -32.06
CA ASN D 487 -50.53 34.71 -32.35
C ASN D 487 -49.38 33.74 -32.53
N MET D 488 -49.27 32.79 -31.59
CA MET D 488 -48.13 31.87 -31.56
C MET D 488 -47.93 31.12 -32.89
N ILE D 489 -49.00 30.59 -33.44
CA ILE D 489 -48.90 29.92 -34.73
C ILE D 489 -48.40 30.87 -35.81
N ASP D 490 -48.90 32.10 -35.83
CA ASP D 490 -48.53 33.06 -36.85
C ASP D 490 -47.08 33.50 -36.67
N MET D 491 -46.64 33.59 -35.43
CA MET D 491 -45.29 34.04 -35.12
C MET D 491 -44.29 32.90 -35.23
N GLY D 492 -44.78 31.71 -35.58
CA GLY D 492 -43.93 30.57 -35.84
C GLY D 492 -43.41 29.87 -34.59
N ILE D 493 -44.10 30.06 -33.46
CA ILE D 493 -43.66 29.41 -32.25
C ILE D 493 -44.54 28.19 -32.01
N LEU D 494 -43.97 27.01 -32.30
CA LEU D 494 -44.77 25.80 -32.39
C LEU D 494 -44.12 24.67 -31.59
N ASP D 495 -44.95 23.90 -30.91
CA ASP D 495 -44.46 22.71 -30.28
C ASP D 495 -45.15 21.51 -30.89
N PRO D 496 -44.41 20.42 -31.09
CA PRO D 496 -45.08 19.17 -31.44
C PRO D 496 -45.97 18.79 -30.28
N THR D 497 -47.24 18.51 -30.56
CA THR D 497 -48.18 18.09 -29.55
C THR D 497 -47.59 16.92 -28.77
N LYS D 498 -46.91 16.01 -29.46
CA LYS D 498 -46.30 14.87 -28.79
C LYS D 498 -45.33 15.28 -27.70
N VAL D 499 -44.54 16.32 -27.97
CA VAL D 499 -43.57 16.79 -26.97
C VAL D 499 -44.28 17.30 -25.73
N THR D 500 -45.25 18.19 -25.91
CA THR D 500 -45.98 18.78 -24.80
C THR D 500 -46.65 17.71 -23.92
N ARG D 501 -47.39 16.80 -24.54
CA ARG D 501 -48.09 15.77 -23.78
C ARG D 501 -47.12 14.77 -23.16
N SER D 502 -46.04 14.44 -23.88
CA SER D 502 -45.03 13.55 -23.34
C SER D 502 -44.41 14.13 -22.07
N ALA D 503 -44.19 15.43 -22.06
CA ALA D 503 -43.59 16.10 -20.91
C ALA D 503 -44.55 16.12 -19.72
N LEU D 504 -45.83 16.34 -19.99
CA LEU D 504 -46.83 16.34 -18.94
C LEU D 504 -46.99 14.94 -18.36
N GLN D 505 -47.21 13.96 -19.24
CA GLN D 505 -47.42 12.57 -18.82
C GLN D 505 -46.25 12.04 -18.01
N TYR D 506 -45.03 12.27 -18.47
CA TYR D 506 -43.85 11.76 -17.77
C TYR D 506 -43.64 12.48 -16.44
N ALA D 507 -43.83 13.79 -16.42
CA ALA D 507 -43.75 14.56 -15.18
C ALA D 507 -44.76 14.09 -14.12
N ALA D 508 -46.01 13.89 -14.54
CA ALA D 508 -47.05 13.49 -13.60
C ALA D 508 -46.77 12.10 -13.07
N SER D 509 -46.16 11.27 -13.92
CA SER D 509 -45.74 9.93 -13.51
C SER D 509 -44.85 9.96 -12.27
N VAL D 510 -43.67 10.55 -12.39
CA VAL D 510 -42.73 10.63 -11.28
C VAL D 510 -43.29 11.36 -10.07
N ALA D 511 -44.14 12.35 -10.31
CA ALA D 511 -44.73 13.13 -9.23
C ALA D 511 -45.64 12.25 -8.38
N GLY D 512 -46.44 11.42 -9.05
CA GLY D 512 -47.33 10.51 -8.39
C GLY D 512 -46.56 9.48 -7.58
N LEU D 513 -45.45 9.02 -8.13
CA LEU D 513 -44.57 8.12 -7.40
C LEU D 513 -43.99 8.74 -6.11
N MET D 514 -43.53 9.98 -6.19
CA MET D 514 -42.89 10.60 -5.02
C MET D 514 -43.91 10.93 -3.95
N ILE D 515 -45.11 11.28 -4.38
CA ILE D 515 -46.19 11.66 -3.49
C ILE D 515 -46.69 10.44 -2.70
N THR D 516 -46.56 9.27 -3.32
CA THR D 516 -46.91 7.98 -2.72
C THR D 516 -45.73 7.18 -2.11
N THR D 517 -44.54 7.78 -2.05
CA THR D 517 -43.37 7.14 -1.44
C THR D 517 -43.35 7.29 0.09
N GLU D 518 -43.37 6.18 0.83
CA GLU D 518 -43.21 6.27 2.28
C GLU D 518 -41.84 5.93 2.87
N CYS D 519 -40.95 5.42 2.04
CA CYS D 519 -39.68 4.90 2.55
C CYS D 519 -38.59 5.00 1.48
N MET D 520 -37.37 5.24 1.93
CA MET D 520 -36.22 5.26 1.03
C MET D 520 -35.08 4.48 1.66
N VAL D 521 -34.43 3.68 0.84
CA VAL D 521 -33.29 2.89 1.29
C VAL D 521 -32.08 3.24 0.44
N THR D 522 -30.96 3.56 1.10
CA THR D 522 -29.71 3.83 0.38
C THR D 522 -28.49 3.41 1.19
N ASP D 523 -27.31 3.60 0.61
CA ASP D 523 -26.05 3.26 1.26
C ASP D 523 -25.72 4.26 2.36
N LEU D 524 -24.86 3.85 3.28
CA LEU D 524 -24.40 4.75 4.33
C LEU D 524 -23.47 5.81 3.77
N PRO D 525 -23.61 7.06 4.27
CA PRO D 525 -22.84 8.25 3.87
C PRO D 525 -21.33 8.01 3.73
N ALA E 2 -19.86 11.73 -10.52
CA ALA E 2 -19.61 11.97 -9.12
C ALA E 2 -20.45 13.14 -8.60
N ALA E 3 -20.67 13.15 -7.29
CA ALA E 3 -21.47 14.20 -6.66
C ALA E 3 -20.90 15.56 -6.99
N LYS E 4 -21.77 16.55 -7.13
CA LYS E 4 -21.38 17.88 -7.61
C LYS E 4 -21.64 18.96 -6.57
N ASP E 5 -20.90 20.05 -6.67
CA ASP E 5 -21.17 21.24 -5.88
C ASP E 5 -21.92 22.19 -6.81
N VAL E 6 -23.12 22.59 -6.40
CA VAL E 6 -23.94 23.46 -7.24
C VAL E 6 -24.19 24.81 -6.59
N LYS E 7 -23.78 25.89 -7.24
CA LYS E 7 -24.04 27.24 -6.75
C LYS E 7 -25.03 27.96 -7.66
N PHE E 8 -25.83 28.87 -7.10
CA PHE E 8 -26.77 29.65 -7.90
C PHE E 8 -26.56 31.16 -7.76
N GLY E 9 -27.01 31.90 -8.76
CA GLY E 9 -27.17 33.34 -8.64
C GLY E 9 -25.97 34.14 -8.15
N ASN E 10 -26.24 35.19 -7.38
CA ASN E 10 -25.17 36.05 -6.89
CA ASN E 10 -25.20 36.07 -6.86
C ASN E 10 -24.11 35.29 -6.12
N ASP E 11 -24.53 34.24 -5.44
CA ASP E 11 -23.60 33.38 -4.73
C ASP E 11 -22.59 32.80 -5.71
N ALA E 12 -23.07 32.37 -6.87
CA ALA E 12 -22.20 31.77 -7.90
C ALA E 12 -21.36 32.83 -8.59
N ARG E 13 -21.98 33.97 -8.88
CA ARG E 13 -21.33 35.03 -9.63
C ARG E 13 -20.19 35.76 -8.89
N VAL E 14 -20.24 35.81 -7.56
CA VAL E 14 -19.11 36.40 -6.82
C VAL E 14 -17.86 35.55 -6.98
N LYS E 15 -18.03 34.24 -6.85
CA LYS E 15 -16.95 33.29 -7.03
C LYS E 15 -16.32 33.44 -8.39
N MET E 16 -17.17 33.51 -9.42
CA MET E 16 -16.70 33.68 -10.79
C MET E 16 -15.91 34.99 -10.91
N LEU E 17 -16.46 36.04 -10.34
CA LEU E 17 -15.78 37.34 -10.34
C LEU E 17 -14.41 37.31 -9.66
N ARG E 18 -14.32 36.57 -8.55
CA ARG E 18 -13.05 36.44 -7.80
C ARG E 18 -11.97 35.80 -8.65
N GLY E 19 -12.33 34.72 -9.34
CA GLY E 19 -11.38 34.00 -10.16
C GLY E 19 -10.93 34.83 -11.34
N VAL E 20 -11.87 35.59 -11.90
CA VAL E 20 -11.54 36.51 -12.97
C VAL E 20 -10.58 37.58 -12.47
N ASN E 21 -10.86 38.14 -11.31
CA ASN E 21 -9.96 39.14 -10.70
C ASN E 21 -8.55 38.64 -10.42
N VAL E 22 -8.40 37.38 -10.03
CA VAL E 22 -7.06 36.84 -9.82
C VAL E 22 -6.32 36.74 -11.15
N LEU E 23 -6.95 36.12 -12.13
CA LEU E 23 -6.35 35.98 -13.45
C LEU E 23 -5.95 37.34 -14.04
N ALA E 24 -6.93 38.23 -14.14
CA ALA E 24 -6.72 39.51 -14.78
C ALA E 24 -5.69 40.36 -14.04
N ASP E 25 -5.75 40.37 -12.71
CA ASP E 25 -4.79 41.16 -11.94
C ASP E 25 -3.34 40.66 -12.08
N ALA E 26 -3.17 39.38 -12.37
CA ALA E 26 -1.84 38.80 -12.57
C ALA E 26 -1.31 39.10 -13.95
N VAL E 27 -2.20 39.00 -14.93
CA VAL E 27 -1.88 39.16 -16.33
C VAL E 27 -1.75 40.63 -16.76
N LYS E 28 -2.64 41.49 -16.28
CA LYS E 28 -2.67 42.87 -16.76
C LYS E 28 -1.45 43.73 -16.38
N VAL E 29 -0.68 43.32 -15.37
CA VAL E 29 0.55 44.03 -15.03
C VAL E 29 1.61 43.95 -16.16
N THR E 30 1.42 43.02 -17.09
CA THR E 30 2.37 42.86 -18.19
C THR E 30 1.96 43.62 -19.44
N LEU E 31 0.83 44.31 -19.40
CA LEU E 31 0.30 44.98 -20.57
C LEU E 31 1.17 46.15 -21.02
N GLY E 32 1.44 46.20 -22.32
CA GLY E 32 2.15 47.34 -22.88
C GLY E 32 3.66 47.26 -22.75
N PRO E 33 4.35 48.29 -23.26
CA PRO E 33 5.81 48.33 -23.33
C PRO E 33 6.46 48.44 -21.96
N LYS E 34 5.72 49.00 -21.01
CA LYS E 34 6.19 49.23 -19.65
C LYS E 34 5.82 48.17 -18.60
N GLY E 35 5.23 47.07 -19.06
CA GLY E 35 4.74 46.04 -18.16
C GLY E 35 5.72 45.56 -17.10
N ARG E 36 5.16 45.21 -15.94
CA ARG E 36 5.94 44.79 -14.76
C ARG E 36 6.38 43.33 -14.82
N ASN E 37 7.10 42.90 -13.79
CA ASN E 37 7.56 41.52 -13.67
C ASN E 37 6.61 40.64 -12.88
N VAL E 38 6.45 39.40 -13.31
CA VAL E 38 5.75 38.39 -12.52
C VAL E 38 6.72 37.24 -12.25
N VAL E 39 6.95 36.95 -10.98
CA VAL E 39 7.79 35.81 -10.59
C VAL E 39 6.97 34.53 -10.54
N LEU E 40 7.44 33.49 -11.22
CA LEU E 40 6.72 32.22 -11.31
C LEU E 40 7.56 31.09 -10.75
N ASP E 41 7.11 30.49 -9.67
CA ASP E 41 7.88 29.45 -9.00
C ASP E 41 8.07 28.17 -9.82
N LYS E 42 9.20 27.51 -9.57
CA LYS E 42 9.47 26.18 -10.10
C LYS E 42 9.66 25.21 -8.94
N SER E 43 9.47 23.92 -9.19
CA SER E 43 9.55 22.92 -8.14
C SER E 43 10.95 22.80 -7.53
N PHE E 44 11.95 23.30 -8.25
CA PHE E 44 13.32 23.26 -7.76
C PHE E 44 14.13 24.44 -8.27
N GLY E 45 15.13 24.85 -7.50
CA GLY E 45 16.00 25.94 -7.88
C GLY E 45 15.30 27.28 -7.85
N ALA E 46 15.86 28.25 -8.58
CA ALA E 46 15.35 29.61 -8.53
C ALA E 46 14.09 29.80 -9.38
N PRO E 47 13.26 30.77 -8.98
CA PRO E 47 12.04 31.14 -9.70
C PRO E 47 12.33 31.69 -11.08
N THR E 48 11.31 31.68 -11.91
CA THR E 48 11.35 32.21 -13.25
C THR E 48 10.71 33.59 -13.25
N ILE E 49 11.36 34.55 -13.90
CA ILE E 49 10.83 35.90 -13.98
C ILE E 49 10.42 36.20 -15.43
N THR E 50 9.22 36.74 -15.61
CA THR E 50 8.71 36.97 -16.95
C THR E 50 7.86 38.25 -17.07
N LYS E 51 7.98 38.93 -18.20
CA LYS E 51 7.10 40.03 -18.55
C LYS E 51 5.99 39.56 -19.47
N ASP E 52 5.94 38.25 -19.73
CA ASP E 52 5.04 37.70 -20.74
C ASP E 52 3.67 37.30 -20.15
N GLY E 53 2.64 38.03 -20.56
CA GLY E 53 1.30 37.80 -20.06
C GLY E 53 0.76 36.41 -20.36
N VAL E 54 1.19 35.83 -21.47
CA VAL E 54 0.73 34.50 -21.85
C VAL E 54 1.30 33.43 -20.91
N SER E 55 2.57 33.61 -20.52
CA SER E 55 3.22 32.68 -19.59
C SER E 55 2.58 32.72 -18.21
N VAL E 56 2.17 33.91 -17.79
CA VAL E 56 1.53 34.09 -16.50
C VAL E 56 0.14 33.44 -16.46
N ALA E 57 -0.67 33.68 -17.50
CA ALA E 57 -2.02 33.13 -17.55
C ALA E 57 -1.98 31.61 -17.53
N ARG E 58 -0.99 31.05 -18.21
CA ARG E 58 -0.87 29.61 -18.35
C ARG E 58 -0.76 28.96 -16.98
N GLU E 59 -0.11 29.66 -16.05
CA GLU E 59 0.15 29.13 -14.72
C GLU E 59 -1.05 29.20 -13.77
N ILE E 60 -2.01 30.05 -14.07
CA ILE E 60 -3.07 30.33 -13.10
C ILE E 60 -4.13 29.23 -13.06
N GLU E 61 -4.24 28.62 -11.89
CA GLU E 61 -5.27 27.65 -11.58
C GLU E 61 -5.60 27.91 -10.12
N LEU E 62 -6.88 27.92 -9.80
CA LEU E 62 -7.31 28.35 -8.47
C LEU E 62 -7.86 27.15 -7.70
N GLU E 63 -7.74 27.21 -6.38
CA GLU E 63 -8.07 26.07 -5.55
C GLU E 63 -9.58 25.93 -5.44
N ASP E 64 -10.26 27.06 -5.25
CA ASP E 64 -11.71 27.09 -5.22
C ASP E 64 -12.21 26.83 -6.62
N LYS E 65 -13.03 25.81 -6.78
CA LYS E 65 -13.36 25.32 -8.11
C LYS E 65 -14.27 26.28 -8.87
N PHE E 66 -15.04 27.09 -8.14
CA PHE E 66 -15.91 28.05 -8.79
C PHE E 66 -15.11 29.24 -9.30
N GLU E 67 -14.24 29.76 -8.44
CA GLU E 67 -13.27 30.80 -8.79
C GLU E 67 -12.42 30.35 -9.98
N ASN E 68 -11.92 29.12 -9.92
CA ASN E 68 -11.10 28.58 -11.01
C ASN E 68 -11.86 28.48 -12.32
N MET E 69 -13.16 28.22 -12.23
CA MET E 69 -14.00 28.21 -13.43
C MET E 69 -14.05 29.59 -14.06
N GLY E 70 -14.14 30.62 -13.23
CA GLY E 70 -14.12 31.98 -13.69
C GLY E 70 -12.85 32.31 -14.43
N ALA E 71 -11.72 31.95 -13.83
CA ALA E 71 -10.43 32.26 -14.44
C ALA E 71 -10.26 31.53 -15.78
N GLN E 72 -10.60 30.25 -15.83
CA GLN E 72 -10.42 29.47 -17.05
C GLN E 72 -11.33 29.93 -18.18
N MET E 73 -12.52 30.41 -17.84
CA MET E 73 -13.45 30.93 -18.84
C MET E 73 -12.85 32.11 -19.60
N VAL E 74 -12.18 33.00 -18.87
CA VAL E 74 -11.60 34.20 -19.45
C VAL E 74 -10.28 33.91 -20.17
N LYS E 75 -9.50 32.95 -19.66
CA LYS E 75 -8.28 32.55 -20.33
C LYS E 75 -8.59 32.03 -21.71
N GLU E 76 -9.57 31.14 -21.77
CA GLU E 76 -9.94 30.48 -23.00
C GLU E 76 -10.38 31.47 -24.08
N VAL E 77 -11.21 32.44 -23.70
CA VAL E 77 -11.73 33.40 -24.65
C VAL E 77 -10.64 34.39 -25.07
N ALA E 78 -9.88 34.88 -24.10
CA ALA E 78 -8.80 35.82 -24.38
C ALA E 78 -7.76 35.16 -25.26
N SER E 79 -7.49 33.89 -24.98
CA SER E 79 -6.64 33.07 -25.81
C SER E 79 -7.14 32.99 -27.27
N LYS E 80 -8.46 33.07 -27.47
CA LYS E 80 -9.04 32.99 -28.81
C LYS E 80 -8.76 34.24 -29.62
N ALA E 81 -8.88 35.40 -28.99
CA ALA E 81 -8.55 36.67 -29.65
C ALA E 81 -7.15 36.59 -30.24
N ASN E 82 -6.21 36.11 -29.45
CA ASN E 82 -4.82 36.03 -29.88
C ASN E 82 -4.60 35.02 -31.00
N ALA E 83 -5.48 34.03 -31.10
CA ALA E 83 -5.40 33.03 -32.16
C ALA E 83 -5.97 33.50 -33.49
N ALA E 84 -6.94 34.41 -33.43
CA ALA E 84 -7.59 34.92 -34.63
C ALA E 84 -6.98 36.23 -35.13
N ALA E 85 -5.99 36.72 -34.40
CA ALA E 85 -5.41 38.05 -34.57
C ALA E 85 -3.90 37.98 -34.70
N GLY E 86 -3.25 37.40 -33.68
CA GLY E 86 -1.81 37.42 -33.55
C GLY E 86 -1.42 38.27 -32.37
N ASP E 87 -2.41 38.95 -31.80
CA ASP E 87 -2.24 39.69 -30.56
C ASP E 87 -3.59 39.96 -29.89
N GLY E 88 -3.53 40.59 -28.73
CA GLY E 88 -4.73 41.03 -28.03
C GLY E 88 -5.09 40.25 -26.78
N THR E 89 -4.41 39.14 -26.51
CA THR E 89 -4.73 38.33 -25.33
C THR E 89 -4.77 39.14 -24.05
N THR E 90 -3.73 39.94 -23.81
CA THR E 90 -3.73 40.71 -22.57
C THR E 90 -4.77 41.83 -22.65
N THR E 91 -4.87 42.49 -23.81
CA THR E 91 -5.88 43.51 -24.00
C THR E 91 -7.28 42.95 -23.72
N ALA E 92 -7.54 41.75 -24.27
CA ALA E 92 -8.84 41.12 -24.13
C ALA E 92 -9.13 40.82 -22.67
N THR E 93 -8.13 40.33 -21.95
CA THR E 93 -8.29 40.00 -20.54
C THR E 93 -8.64 41.24 -19.73
N VAL E 94 -7.90 42.32 -19.97
CA VAL E 94 -8.13 43.60 -19.31
C VAL E 94 -9.54 44.12 -19.60
N LEU E 95 -9.99 43.92 -20.83
CA LEU E 95 -11.32 44.33 -21.25
C LEU E 95 -12.40 43.49 -20.60
N ALA E 96 -12.23 42.17 -20.65
CA ALA E 96 -13.17 41.26 -20.03
C ALA E 96 -13.39 41.62 -18.57
N GLN E 97 -12.31 41.85 -17.82
CA GLN E 97 -12.42 42.21 -16.42
C GLN E 97 -13.19 43.50 -16.17
N ALA E 98 -12.99 44.50 -17.01
CA ALA E 98 -13.68 45.78 -16.86
C ALA E 98 -15.17 45.59 -17.06
N ILE E 99 -15.53 44.88 -18.14
CA ILE E 99 -16.93 44.65 -18.43
C ILE E 99 -17.57 43.75 -17.36
N ILE E 100 -16.93 42.61 -17.10
CA ILE E 100 -17.44 41.65 -16.13
C ILE E 100 -17.65 42.32 -14.77
N THR E 101 -16.69 43.11 -14.34
CA THR E 101 -16.78 43.76 -13.02
C THR E 101 -17.97 44.69 -12.92
N GLU E 102 -18.12 45.62 -13.86
CA GLU E 102 -19.22 46.57 -13.83
C GLU E 102 -20.56 45.88 -14.05
N GLY E 103 -20.59 44.95 -15.01
CA GLY E 103 -21.80 44.25 -15.33
C GLY E 103 -22.33 43.52 -14.12
N LEU E 104 -21.46 42.70 -13.51
CA LEU E 104 -21.82 41.90 -12.34
C LEU E 104 -22.29 42.75 -11.17
N LYS E 105 -21.67 43.91 -10.97
CA LYS E 105 -22.11 44.86 -9.95
C LYS E 105 -23.53 45.37 -10.25
N ALA E 106 -23.82 45.63 -11.52
CA ALA E 106 -25.14 46.07 -11.93
C ALA E 106 -26.23 45.01 -11.71
N VAL E 107 -25.86 43.74 -11.91
CA VAL E 107 -26.78 42.63 -11.71
C VAL E 107 -27.16 42.47 -10.25
N ALA E 108 -26.15 42.52 -9.37
CA ALA E 108 -26.37 42.44 -7.93
C ALA E 108 -27.24 43.59 -7.44
N ALA E 109 -27.20 44.71 -8.15
CA ALA E 109 -28.05 45.86 -7.82
C ALA E 109 -29.50 45.63 -8.28
N GLY E 110 -29.75 44.54 -9.01
CA GLY E 110 -31.09 44.18 -9.40
C GLY E 110 -31.49 44.51 -10.82
N MET E 111 -30.53 44.96 -11.62
CA MET E 111 -30.79 45.25 -13.03
C MET E 111 -30.95 43.99 -13.88
N ASN E 112 -31.74 44.10 -14.96
CA ASN E 112 -32.05 42.95 -15.80
C ASN E 112 -30.81 42.53 -16.58
N PRO E 113 -30.32 41.32 -16.29
CA PRO E 113 -29.05 40.86 -16.86
C PRO E 113 -29.10 40.74 -18.37
N MET E 114 -30.26 40.38 -18.91
CA MET E 114 -30.38 40.18 -20.34
C MET E 114 -30.32 41.54 -20.99
N ASP E 115 -30.96 42.52 -20.36
CA ASP E 115 -30.89 43.90 -20.82
C ASP E 115 -29.45 44.46 -20.80
N LEU E 116 -28.72 44.21 -19.72
CA LEU E 116 -27.32 44.64 -19.62
C LEU E 116 -26.47 44.06 -20.73
N LYS E 117 -26.70 42.79 -21.05
CA LYS E 117 -25.96 42.14 -22.12
C LYS E 117 -26.31 42.78 -23.45
N ARG E 118 -27.57 43.15 -23.62
CA ARG E 118 -28.02 43.71 -24.89
C ARG E 118 -27.40 45.08 -25.11
N GLY E 119 -27.33 45.86 -24.03
CA GLY E 119 -26.70 47.17 -24.07
C GLY E 119 -25.23 47.07 -24.40
N ILE E 120 -24.55 46.13 -23.74
CA ILE E 120 -23.14 45.89 -24.00
C ILE E 120 -22.93 45.48 -25.45
N ASP E 121 -23.76 44.56 -25.93
CA ASP E 121 -23.64 44.04 -27.28
C ASP E 121 -23.88 45.14 -28.31
N LYS E 122 -24.85 46.00 -28.01
CA LYS E 122 -25.20 47.09 -28.90
C LYS E 122 -24.06 48.09 -28.99
N ALA E 123 -23.45 48.41 -27.85
CA ALA E 123 -22.32 49.31 -27.83
C ALA E 123 -21.14 48.71 -28.59
N VAL E 124 -20.89 47.41 -28.41
CA VAL E 124 -19.79 46.74 -29.09
C VAL E 124 -19.98 46.72 -30.61
N THR E 125 -21.21 46.46 -31.05
CA THR E 125 -21.52 46.49 -32.47
C THR E 125 -21.21 47.84 -33.04
N ALA E 126 -21.61 48.88 -32.31
CA ALA E 126 -21.39 50.26 -32.73
C ALA E 126 -19.91 50.60 -32.74
N ALA E 127 -19.19 50.09 -31.74
CA ALA E 127 -17.76 50.34 -31.59
C ALA E 127 -16.98 49.66 -32.70
N VAL E 128 -17.40 48.44 -33.02
CA VAL E 128 -16.82 47.70 -34.12
C VAL E 128 -16.99 48.46 -35.44
N GLU E 129 -18.14 49.13 -35.60
CA GLU E 129 -18.39 49.95 -36.78
C GLU E 129 -17.55 51.22 -36.78
N GLU E 130 -17.35 51.79 -35.60
CA GLU E 130 -16.60 53.02 -35.47
C GLU E 130 -15.12 52.73 -35.70
N LEU E 131 -14.67 51.57 -35.22
CA LEU E 131 -13.31 51.11 -35.46
C LEU E 131 -13.07 50.95 -36.96
N LYS E 132 -14.09 50.48 -37.65
CA LYS E 132 -14.00 50.20 -39.07
C LYS E 132 -13.87 51.48 -39.87
N ALA E 133 -14.58 52.52 -39.44
CA ALA E 133 -14.54 53.81 -40.11
C ALA E 133 -13.28 54.59 -39.75
N LEU E 134 -12.85 54.41 -38.50
CA LEU E 134 -11.63 55.01 -38.00
C LEU E 134 -10.41 54.37 -38.65
N SER E 135 -10.57 53.13 -39.07
CA SER E 135 -9.46 52.36 -39.63
C SER E 135 -8.87 52.97 -40.88
N VAL E 136 -7.57 52.73 -41.07
CA VAL E 136 -6.84 53.24 -42.22
C VAL E 136 -5.99 52.11 -42.81
N PRO E 137 -5.86 52.08 -44.16
CA PRO E 137 -5.14 51.03 -44.89
C PRO E 137 -3.68 50.85 -44.48
N CYS E 138 -3.22 49.60 -44.49
CA CYS E 138 -1.81 49.28 -44.28
C CYS E 138 -1.26 48.73 -45.58
N SER E 139 -0.43 49.51 -46.26
CA SER E 139 -0.03 49.22 -47.64
C SER E 139 1.48 49.19 -47.83
N ASP E 140 2.12 50.34 -47.61
CA ASP E 140 3.56 50.50 -47.78
C ASP E 140 4.37 49.63 -46.82
N SER E 141 5.61 49.33 -47.21
CA SER E 141 6.47 48.44 -46.43
C SER E 141 6.79 49.01 -45.05
N LYS E 142 6.70 50.33 -44.93
CA LYS E 142 7.00 51.02 -43.68
C LYS E 142 6.03 50.59 -42.59
N ALA E 143 4.74 50.71 -42.89
CA ALA E 143 3.69 50.40 -41.92
C ALA E 143 3.60 48.90 -41.64
N ILE E 144 3.91 48.09 -42.65
CA ILE E 144 3.92 46.65 -42.49
C ILE E 144 4.99 46.25 -41.47
N ALA E 145 6.15 46.92 -41.56
CA ALA E 145 7.26 46.68 -40.65
C ALA E 145 6.93 47.16 -39.23
N GLN E 146 6.23 48.29 -39.14
CA GLN E 146 5.81 48.84 -37.85
C GLN E 146 4.84 47.91 -37.11
N VAL E 147 3.91 47.33 -37.86
CA VAL E 147 2.95 46.40 -37.29
C VAL E 147 3.64 45.16 -36.73
N GLY E 148 4.60 44.62 -37.49
CA GLY E 148 5.37 43.47 -37.06
C GLY E 148 6.27 43.79 -35.88
N THR E 149 6.87 44.97 -35.91
CA THR E 149 7.72 45.44 -34.81
C THR E 149 6.95 45.52 -33.49
N ILE E 150 5.79 46.17 -33.53
CA ILE E 150 4.96 46.32 -32.33
C ILE E 150 4.54 44.98 -31.70
N SER E 151 4.16 44.02 -32.54
CA SER E 151 3.70 42.72 -32.06
C SER E 151 4.85 41.86 -31.55
N ALA E 152 6.07 42.22 -31.95
CA ALA E 152 7.29 41.50 -31.56
C ALA E 152 7.92 42.10 -30.29
N ASN E 153 7.21 43.04 -29.68
CA ASN E 153 7.71 43.82 -28.53
C ASN E 153 8.93 44.67 -28.87
N SER E 154 8.71 45.69 -29.69
CA SER E 154 9.71 46.68 -30.07
C SER E 154 10.92 46.09 -30.75
N ASP E 155 10.75 44.93 -31.37
CA ASP E 155 11.85 44.35 -32.13
C ASP E 155 11.70 44.75 -33.59
N GLU E 156 12.61 45.59 -34.06
CA GLU E 156 12.54 46.12 -35.41
C GLU E 156 13.02 45.06 -36.41
N THR E 157 13.79 44.10 -35.91
CA THR E 157 14.30 43.02 -36.75
C THR E 157 13.18 42.16 -37.31
N VAL E 158 12.16 41.92 -36.48
CA VAL E 158 11.04 41.07 -36.89
C VAL E 158 10.17 41.72 -37.97
N GLY E 159 9.76 42.96 -37.75
CA GLY E 159 8.95 43.68 -38.73
C GLY E 159 9.68 43.88 -40.05
N LYS E 160 11.00 44.01 -39.97
CA LYS E 160 11.81 44.19 -41.16
C LYS E 160 11.87 42.90 -41.95
N LEU E 161 11.95 41.78 -41.25
CA LEU E 161 12.02 40.46 -41.89
C LEU E 161 10.73 40.11 -42.62
N ILE E 162 9.60 40.30 -41.94
CA ILE E 162 8.30 40.03 -42.54
C ILE E 162 8.04 40.87 -43.78
N ALA E 163 8.35 42.16 -43.69
CA ALA E 163 8.12 43.09 -44.78
C ALA E 163 8.92 42.70 -46.02
N GLU E 164 10.04 42.02 -45.81
CA GLU E 164 10.85 41.55 -46.92
C GLU E 164 10.19 40.34 -47.57
N ALA E 165 9.53 39.53 -46.74
CA ALA E 165 8.80 38.36 -47.23
C ALA E 165 7.67 38.79 -48.15
N MET E 166 6.93 39.82 -47.74
CA MET E 166 5.81 40.32 -48.53
C MET E 166 6.29 41.14 -49.71
N ASP E 167 7.51 41.67 -49.60
CA ASP E 167 8.08 42.49 -50.65
C ASP E 167 8.40 41.62 -51.86
N LYS E 168 8.49 40.31 -51.62
CA LYS E 168 8.81 39.33 -52.66
C LYS E 168 7.54 38.64 -53.14
N VAL E 169 6.89 37.92 -52.23
CA VAL E 169 5.75 37.06 -52.57
C VAL E 169 4.40 37.77 -52.54
N GLY E 170 4.39 39.05 -52.16
CA GLY E 170 3.16 39.82 -52.13
C GLY E 170 2.54 39.83 -50.74
N LYS E 171 1.73 40.83 -50.46
CA LYS E 171 1.16 40.98 -49.12
C LYS E 171 0.15 39.88 -48.82
N GLU E 172 -0.52 39.39 -49.84
CA GLU E 172 -1.46 38.29 -49.67
C GLU E 172 -0.80 36.95 -49.96
N GLY E 173 0.51 36.99 -50.22
CA GLY E 173 1.27 35.80 -50.57
C GLY E 173 1.39 34.81 -49.43
N VAL E 174 1.83 33.60 -49.76
CA VAL E 174 1.98 32.55 -48.76
C VAL E 174 3.35 32.61 -48.11
N ILE E 175 3.38 32.73 -46.78
CA ILE E 175 4.63 32.82 -46.03
C ILE E 175 4.69 31.77 -44.92
N THR E 176 5.87 31.18 -44.73
CA THR E 176 6.07 30.18 -43.70
C THR E 176 7.37 30.43 -42.97
N VAL E 177 7.35 30.25 -41.65
CA VAL E 177 8.55 30.43 -40.84
C VAL E 177 8.94 29.11 -40.17
N GLU E 178 10.19 28.70 -40.37
CA GLU E 178 10.71 27.46 -39.81
C GLU E 178 12.08 27.70 -39.17
N ASP E 179 12.58 26.70 -38.45
CA ASP E 179 13.80 26.86 -37.66
C ASP E 179 14.96 27.42 -38.47
N GLY E 180 15.61 28.45 -37.93
CA GLY E 180 16.80 29.03 -38.54
C GLY E 180 18.01 28.16 -38.36
N THR E 181 18.79 28.01 -39.43
CA THR E 181 19.97 27.16 -39.41
C THR E 181 21.17 27.80 -38.71
N GLY E 182 21.47 29.04 -39.07
CA GLY E 182 22.62 29.74 -38.54
C GLY E 182 22.25 30.81 -37.53
N LEU E 183 23.12 31.80 -37.39
CA LEU E 183 22.83 32.95 -36.55
C LEU E 183 21.92 33.94 -37.27
N GLN E 184 22.09 34.06 -38.58
CA GLN E 184 21.31 35.04 -39.32
C GLN E 184 20.12 34.46 -40.09
N ASP E 185 19.05 35.23 -40.15
CA ASP E 185 17.81 34.82 -40.81
C ASP E 185 18.06 34.69 -42.31
N GLU E 186 17.25 33.87 -42.97
CA GLU E 186 17.32 33.75 -44.43
C GLU E 186 15.95 33.59 -45.08
N LEU E 187 15.82 34.11 -46.29
CA LEU E 187 14.54 34.15 -46.99
C LEU E 187 14.64 33.58 -48.41
N ASP E 188 13.90 32.52 -48.68
CA ASP E 188 13.91 31.89 -49.99
C ASP E 188 12.50 31.66 -50.52
N VAL E 189 12.25 32.09 -51.76
CA VAL E 189 10.96 31.86 -52.42
C VAL E 189 11.03 30.57 -53.23
N VAL E 190 10.14 29.63 -52.93
CA VAL E 190 10.13 28.33 -53.60
C VAL E 190 8.74 28.04 -54.18
N GLU E 191 8.67 27.09 -55.12
CA GLU E 191 7.39 26.73 -55.73
C GLU E 191 6.61 25.78 -54.81
N GLY E 192 5.41 26.22 -54.42
CA GLY E 192 4.57 25.47 -53.52
C GLY E 192 3.25 26.21 -53.37
N MET E 193 2.34 25.66 -52.56
CA MET E 193 1.05 26.32 -52.39
C MET E 193 0.39 26.02 -51.05
N GLN E 194 -0.75 26.65 -50.83
CA GLN E 194 -1.53 26.44 -49.62
C GLN E 194 -3.01 26.45 -50.00
N PHE E 195 -3.74 25.47 -49.50
CA PHE E 195 -5.17 25.36 -49.78
C PHE E 195 -5.87 24.95 -48.50
N ASP E 196 -7.20 25.03 -48.44
CA ASP E 196 -7.82 24.73 -47.17
C ASP E 196 -8.21 23.27 -47.13
N ALA E 197 -7.43 22.52 -46.34
CA ALA E 197 -7.74 21.16 -45.96
C ALA E 197 -7.16 21.02 -44.57
N GLY E 198 -7.91 20.44 -43.64
CA GLY E 198 -7.38 20.16 -42.33
C GLY E 198 -7.00 18.70 -42.25
N TYR E 199 -6.28 18.32 -41.21
CA TYR E 199 -6.05 16.91 -40.96
C TYR E 199 -7.38 16.25 -40.65
N LEU E 200 -7.68 15.15 -41.35
CA LEU E 200 -8.94 14.44 -41.15
C LEU E 200 -9.04 13.91 -39.72
N SER E 201 -7.89 13.63 -39.12
CA SER E 201 -7.84 13.22 -37.73
C SER E 201 -6.87 14.10 -36.95
N PRO E 202 -7.23 14.44 -35.70
CA PRO E 202 -6.36 15.22 -34.81
C PRO E 202 -5.18 14.36 -34.36
N TYR E 203 -5.37 13.05 -34.41
CA TYR E 203 -4.45 12.10 -33.79
C TYR E 203 -3.05 12.05 -34.39
N PHE E 204 -2.86 12.65 -35.56
CA PHE E 204 -1.49 12.86 -36.00
C PHE E 204 -1.13 14.34 -36.06
N ILE E 205 -0.30 14.77 -35.11
CA ILE E 205 0.40 16.04 -35.17
C ILE E 205 1.76 15.82 -34.51
N ASN E 206 2.82 16.31 -35.13
CA ASN E 206 4.16 16.09 -34.59
C ASN E 206 4.53 17.04 -33.45
N LYS E 207 4.24 18.32 -33.63
CA LYS E 207 4.59 19.32 -32.63
C LYS E 207 3.36 19.91 -31.93
N PRO E 208 3.28 19.73 -30.61
CA PRO E 208 2.13 20.05 -29.77
C PRO E 208 1.86 21.55 -29.60
N GLU E 209 2.90 22.38 -29.73
CA GLU E 209 2.75 23.81 -29.45
C GLU E 209 2.00 24.54 -30.55
N THR E 210 2.27 24.18 -31.80
CA THR E 210 1.57 24.77 -32.94
C THR E 210 0.39 23.92 -33.40
N GLY E 211 0.22 22.76 -32.78
CA GLY E 211 -0.86 21.84 -33.11
C GLY E 211 -0.97 21.46 -34.58
N ALA E 212 0.18 21.36 -35.26
CA ALA E 212 0.19 21.06 -36.69
C ALA E 212 1.03 19.81 -37.03
N VAL E 213 0.74 19.23 -38.19
CA VAL E 213 1.48 18.07 -38.68
C VAL E 213 2.73 18.51 -39.41
N GLU E 214 3.84 17.80 -39.19
CA GLU E 214 5.08 18.09 -39.89
C GLU E 214 5.60 16.85 -40.60
N LEU E 215 5.66 16.92 -41.93
CA LEU E 215 6.16 15.82 -42.73
C LEU E 215 7.32 16.28 -43.61
N GLU E 216 8.46 15.60 -43.50
CA GLU E 216 9.66 16.02 -44.21
C GLU E 216 9.93 15.15 -45.44
N SER E 217 10.02 15.81 -46.61
CA SER E 217 10.24 15.12 -47.88
C SER E 217 9.32 13.92 -48.08
N PRO E 218 8.01 14.11 -47.85
CA PRO E 218 7.15 12.93 -47.96
C PRO E 218 6.57 12.69 -49.36
N PHE E 219 5.89 11.56 -49.51
CA PHE E 219 5.10 11.27 -50.71
C PHE E 219 3.72 11.91 -50.64
N ILE E 220 3.15 12.18 -51.79
CA ILE E 220 1.82 12.75 -51.84
C ILE E 220 0.92 11.92 -52.76
N LEU E 221 -0.17 11.41 -52.20
CA LEU E 221 -1.13 10.62 -52.96
C LEU E 221 -2.31 11.47 -53.40
N LEU E 222 -2.70 11.31 -54.66
CA LEU E 222 -3.83 12.06 -55.20
C LEU E 222 -4.82 11.11 -55.83
N ALA E 223 -6.01 11.01 -55.24
CA ALA E 223 -7.04 10.08 -55.68
C ALA E 223 -8.38 10.78 -55.87
N ASP E 224 -9.10 10.41 -56.93
CA ASP E 224 -10.35 11.06 -57.28
C ASP E 224 -11.55 10.40 -56.60
N LYS E 225 -11.26 9.41 -55.75
CA LYS E 225 -12.33 8.67 -55.08
C LYS E 225 -12.19 8.74 -53.56
N LYS E 226 -13.29 8.48 -52.87
CA LYS E 226 -13.24 8.27 -51.43
C LYS E 226 -12.66 6.89 -51.18
N ILE E 227 -11.77 6.77 -50.20
CA ILE E 227 -11.19 5.47 -49.88
C ILE E 227 -11.85 4.94 -48.62
N SER E 228 -12.69 3.93 -48.79
CA SER E 228 -13.38 3.31 -47.66
C SER E 228 -12.72 2.03 -47.19
N ASN E 229 -11.66 1.61 -47.88
CA ASN E 229 -11.06 0.31 -47.62
C ASN E 229 -9.53 0.34 -47.64
N ILE E 230 -8.93 -0.29 -46.64
CA ILE E 230 -7.48 -0.33 -46.51
C ILE E 230 -6.82 -1.18 -47.59
N ARG E 231 -7.57 -2.14 -48.11
CA ARG E 231 -7.01 -3.12 -49.06
C ARG E 231 -6.55 -2.49 -50.37
N GLU E 232 -7.15 -1.35 -50.74
CA GLU E 232 -6.75 -0.66 -51.96
C GLU E 232 -5.46 0.14 -51.77
N MET E 233 -5.12 0.43 -50.51
CA MET E 233 -3.94 1.23 -50.19
C MET E 233 -2.71 0.39 -49.87
N LEU E 234 -2.86 -0.93 -49.88
CA LEU E 234 -1.78 -1.83 -49.48
C LEU E 234 -0.52 -1.73 -50.33
N PRO E 235 -0.66 -1.89 -51.66
CA PRO E 235 0.51 -1.88 -52.55
C PRO E 235 1.29 -0.56 -52.50
N VAL E 236 0.58 0.55 -52.37
CA VAL E 236 1.23 1.86 -52.25
C VAL E 236 1.76 2.11 -50.84
N LEU E 237 1.04 1.62 -49.84
CA LEU E 237 1.42 1.78 -48.44
C LEU E 237 2.71 1.02 -48.12
N GLU E 238 2.85 -0.16 -48.70
CA GLU E 238 4.05 -0.96 -48.53
C GLU E 238 5.25 -0.31 -49.21
N ALA E 239 5.03 0.22 -50.41
CA ALA E 239 6.08 0.88 -51.18
C ALA E 239 6.65 2.06 -50.41
N VAL E 240 5.76 2.83 -49.78
CA VAL E 240 6.14 4.02 -49.04
C VAL E 240 6.95 3.70 -47.78
N ALA E 241 6.47 2.73 -47.00
CA ALA E 241 7.14 2.33 -45.77
C ALA E 241 8.56 1.83 -46.05
N LYS E 242 8.75 1.23 -47.21
CA LYS E 242 10.04 0.69 -47.61
C LYS E 242 10.97 1.77 -48.16
N ALA E 243 10.41 2.93 -48.50
CA ALA E 243 11.19 4.01 -49.08
C ALA E 243 11.76 4.94 -48.01
N GLY E 244 11.32 4.75 -46.77
CA GLY E 244 11.80 5.56 -45.66
C GLY E 244 11.31 7.00 -45.77
N LYS E 245 10.08 7.16 -46.24
CA LYS E 245 9.50 8.48 -46.39
C LYS E 245 8.06 8.50 -45.89
N PRO E 246 7.64 9.62 -45.30
CA PRO E 246 6.26 9.80 -44.82
C PRO E 246 5.29 9.99 -45.99
N LEU E 247 4.00 9.83 -45.73
CA LEU E 247 3.00 9.92 -46.80
C LEU E 247 1.89 10.92 -46.50
N LEU E 248 1.60 11.80 -47.46
CA LEU E 248 0.44 12.67 -47.36
C LEU E 248 -0.63 12.21 -48.34
N ILE E 249 -1.83 12.00 -47.82
CA ILE E 249 -2.93 11.53 -48.65
C ILE E 249 -3.96 12.63 -48.90
N ILE E 250 -4.17 12.95 -50.19
CA ILE E 250 -5.21 13.89 -50.58
C ILE E 250 -6.20 13.19 -51.49
N ALA E 251 -7.43 12.99 -51.00
CA ALA E 251 -8.44 12.26 -51.76
C ALA E 251 -9.82 12.90 -51.59
N GLU E 252 -10.82 12.32 -52.23
CA GLU E 252 -12.19 12.82 -52.11
C GLU E 252 -12.62 12.76 -50.64
N ASP E 253 -12.09 11.77 -49.94
CA ASP E 253 -12.31 11.62 -48.50
C ASP E 253 -11.56 10.39 -47.98
N VAL E 254 -11.38 10.33 -46.68
CA VAL E 254 -10.82 9.15 -46.02
C VAL E 254 -11.73 8.78 -44.85
N GLU E 255 -12.31 7.60 -44.92
CA GLU E 255 -13.30 7.18 -43.94
C GLU E 255 -13.31 5.66 -43.78
N GLY E 256 -14.28 5.15 -43.02
CA GLY E 256 -14.43 3.71 -42.81
C GLY E 256 -13.23 3.11 -42.12
N GLU E 257 -12.87 1.89 -42.52
CA GLU E 257 -11.73 1.19 -41.93
C GLU E 257 -10.43 1.89 -42.29
N ALA E 258 -10.43 2.62 -43.40
CA ALA E 258 -9.25 3.32 -43.88
C ALA E 258 -8.75 4.37 -42.88
N LEU E 259 -9.64 5.28 -42.50
CA LEU E 259 -9.28 6.36 -41.57
C LEU E 259 -8.92 5.84 -40.19
N ALA E 260 -9.75 4.92 -39.68
CA ALA E 260 -9.52 4.36 -38.35
C ALA E 260 -8.18 3.61 -38.30
N THR E 261 -7.84 2.93 -39.38
CA THR E 261 -6.60 2.18 -39.46
C THR E 261 -5.39 3.11 -39.51
N LEU E 262 -5.50 4.21 -40.24
CA LEU E 262 -4.41 5.16 -40.38
C LEU E 262 -4.11 5.90 -39.08
N VAL E 263 -5.13 6.03 -38.23
CA VAL E 263 -4.96 6.62 -36.91
C VAL E 263 -4.43 5.55 -35.95
N VAL E 264 -4.37 4.31 -36.45
CA VAL E 264 -3.72 3.22 -35.72
C VAL E 264 -2.22 3.24 -35.98
N ASN E 265 -1.83 3.01 -37.23
CA ASN E 265 -0.44 2.77 -37.58
C ASN E 265 0.35 4.08 -37.66
N THR E 266 -0.32 5.19 -37.37
CA THR E 266 0.35 6.47 -37.17
C THR E 266 0.52 6.76 -35.69
N MET E 267 -0.60 6.89 -34.98
CA MET E 267 -0.59 7.12 -33.54
C MET E 267 0.27 6.14 -32.77
N ARG E 268 0.12 4.85 -33.08
CA ARG E 268 0.78 3.79 -32.32
C ARG E 268 2.30 3.87 -32.40
N GLY E 269 2.80 4.17 -33.60
CA GLY E 269 4.16 3.84 -33.96
C GLY E 269 4.32 3.72 -35.47
N ILE E 270 5.28 2.91 -35.89
CA ILE E 270 5.57 2.65 -37.30
C ILE E 270 5.87 3.94 -38.06
N VAL E 271 5.42 4.02 -39.31
CA VAL E 271 5.65 5.21 -40.14
C VAL E 271 4.65 6.38 -39.98
N LYS E 272 5.09 7.59 -40.26
CA LYS E 272 4.24 8.76 -40.12
C LYS E 272 3.43 9.01 -41.38
N VAL E 273 2.13 9.25 -41.20
CA VAL E 273 1.23 9.53 -42.33
C VAL E 273 0.14 10.51 -41.88
N ALA E 274 -0.41 11.26 -42.85
CA ALA E 274 -1.50 12.19 -42.56
C ALA E 274 -2.40 12.37 -43.78
N ALA E 275 -3.69 12.59 -43.55
CA ALA E 275 -4.66 12.69 -44.64
C ALA E 275 -5.54 13.93 -44.55
N VAL E 276 -5.82 14.52 -45.72
CA VAL E 276 -6.70 15.69 -45.81
C VAL E 276 -7.67 15.55 -46.98
N LYS E 277 -8.84 16.16 -46.86
CA LYS E 277 -9.83 16.14 -47.95
C LYS E 277 -9.40 17.04 -49.10
N ALA E 278 -9.80 16.67 -50.31
CA ALA E 278 -9.56 17.49 -51.48
C ALA E 278 -10.55 18.66 -51.46
N PRO E 279 -10.04 19.89 -51.49
CA PRO E 279 -10.85 21.10 -51.31
C PRO E 279 -11.95 21.21 -52.36
N GLY E 280 -13.13 21.63 -51.93
CA GLY E 280 -14.26 21.80 -52.82
C GLY E 280 -14.85 20.49 -53.29
N PHE E 281 -15.76 20.56 -54.26
CA PHE E 281 -16.39 19.37 -54.81
C PHE E 281 -16.70 19.54 -56.29
N GLY E 282 -17.27 18.50 -56.90
CA GLY E 282 -17.57 18.53 -58.32
C GLY E 282 -16.32 18.45 -59.17
N ASP E 283 -16.30 19.22 -60.25
CA ASP E 283 -15.15 19.24 -61.16
C ASP E 283 -14.05 20.16 -60.66
N ARG E 284 -14.39 21.04 -59.73
CA ARG E 284 -13.40 21.93 -59.14
C ARG E 284 -12.46 21.14 -58.24
N ARG E 285 -13.00 20.10 -57.61
CA ARG E 285 -12.18 19.20 -56.80
C ARG E 285 -11.20 18.43 -57.69
N LYS E 286 -11.69 18.00 -58.85
CA LYS E 286 -10.85 17.29 -59.81
C LYS E 286 -9.80 18.22 -60.39
N ALA E 287 -10.20 19.43 -60.74
CA ALA E 287 -9.27 20.40 -61.28
C ALA E 287 -8.18 20.74 -60.27
N MET E 288 -8.59 20.92 -59.01
CA MET E 288 -7.66 21.26 -57.93
C MET E 288 -6.71 20.12 -57.59
N LEU E 289 -7.22 18.89 -57.63
CA LEU E 289 -6.38 17.71 -57.43
C LEU E 289 -5.26 17.66 -58.46
N GLN E 290 -5.61 17.98 -59.71
CA GLN E 290 -4.63 17.99 -60.79
C GLN E 290 -3.60 19.11 -60.58
N ASP E 291 -4.08 20.24 -60.05
CA ASP E 291 -3.20 21.36 -59.72
C ASP E 291 -2.11 20.96 -58.74
N ILE E 292 -2.50 20.28 -57.67
CA ILE E 292 -1.56 19.77 -56.69
C ILE E 292 -0.61 18.78 -57.33
N ALA E 293 -1.16 17.90 -58.16
CA ALA E 293 -0.38 16.90 -58.88
C ALA E 293 0.65 17.56 -59.78
N THR E 294 0.24 18.60 -60.50
CA THR E 294 1.14 19.32 -61.37
C THR E 294 2.25 19.98 -60.58
N LEU E 295 1.90 20.50 -59.40
CA LEU E 295 2.86 21.15 -58.54
C LEU E 295 3.80 20.14 -57.87
N THR E 296 3.26 19.00 -57.48
CA THR E 296 4.03 18.01 -56.74
C THR E 296 4.72 16.98 -57.64
N GLY E 297 4.49 17.08 -58.93
CA GLY E 297 5.07 16.12 -59.87
C GLY E 297 4.50 14.73 -59.69
N GLY E 298 3.17 14.62 -59.76
CA GLY E 298 2.52 13.35 -59.49
C GLY E 298 1.27 13.16 -60.33
N THR E 299 0.72 11.95 -60.28
CA THR E 299 -0.42 11.59 -61.11
C THR E 299 -1.68 11.38 -60.28
N VAL E 300 -2.80 11.96 -60.74
CA VAL E 300 -4.09 11.78 -60.07
C VAL E 300 -4.68 10.42 -60.43
N ILE E 301 -5.18 9.71 -59.41
CA ILE E 301 -5.77 8.39 -59.62
C ILE E 301 -7.29 8.48 -59.61
N SER E 302 -7.91 8.28 -60.76
CA SER E 302 -9.35 8.42 -60.91
C SER E 302 -10.02 7.10 -61.28
N GLU E 303 -11.20 6.87 -60.73
CA GLU E 303 -12.00 5.72 -61.14
C GLU E 303 -12.66 6.04 -62.49
N GLU E 304 -12.77 7.34 -62.77
CA GLU E 304 -13.45 7.81 -63.97
C GLU E 304 -12.75 7.37 -65.25
N ILE E 305 -11.42 7.30 -65.21
CA ILE E 305 -10.64 6.82 -66.36
C ILE E 305 -10.41 5.31 -66.28
N GLY E 306 -10.76 4.71 -65.15
CA GLY E 306 -10.56 3.28 -64.94
C GLY E 306 -9.30 2.94 -64.21
N MET E 307 -8.68 3.95 -63.59
CA MET E 307 -7.44 3.77 -62.84
C MET E 307 -7.72 3.07 -61.52
N GLU E 308 -6.69 2.45 -60.96
CA GLU E 308 -6.83 1.72 -59.71
C GLU E 308 -5.65 1.99 -58.77
N LEU E 309 -5.92 1.98 -57.48
CA LEU E 309 -4.92 2.32 -56.47
C LEU E 309 -3.89 1.21 -56.30
N GLU E 310 -4.31 -0.03 -56.50
CA GLU E 310 -3.41 -1.18 -56.41
C GLU E 310 -2.37 -1.12 -57.52
N LYS E 311 -2.73 -0.46 -58.62
CA LYS E 311 -1.84 -0.31 -59.76
C LYS E 311 -0.90 0.87 -59.58
N ALA E 312 -1.17 1.70 -58.57
CA ALA E 312 -0.37 2.89 -58.32
C ALA E 312 1.02 2.54 -57.80
N THR E 313 2.04 3.06 -58.49
CA THR E 313 3.43 2.86 -58.10
C THR E 313 3.97 4.11 -57.42
N LEU E 314 5.25 4.10 -57.07
CA LEU E 314 5.88 5.27 -56.44
C LEU E 314 5.96 6.45 -57.40
N GLU E 315 5.91 6.18 -58.69
CA GLU E 315 6.05 7.21 -59.71
C GLU E 315 4.77 8.03 -59.88
N ASP E 316 3.64 7.45 -59.52
CA ASP E 316 2.35 8.13 -59.63
C ASP E 316 2.19 9.16 -58.52
N LEU E 317 2.90 8.94 -57.42
CA LEU E 317 2.86 9.85 -56.28
C LEU E 317 3.79 11.03 -56.51
N GLY E 318 3.31 12.22 -56.17
CA GLY E 318 4.15 13.40 -56.17
C GLY E 318 4.93 13.47 -54.87
N GLN E 319 5.84 14.44 -54.77
CA GLN E 319 6.53 14.68 -53.50
C GLN E 319 7.02 16.13 -53.40
N ALA E 320 7.28 16.55 -52.17
CA ALA E 320 7.80 17.89 -51.90
C ALA E 320 8.81 17.85 -50.74
N LYS E 321 9.39 19.01 -50.42
CA LYS E 321 10.39 19.08 -49.37
C LYS E 321 9.77 19.11 -47.98
N ARG E 322 8.71 19.88 -47.82
CA ARG E 322 8.01 19.97 -46.54
C ARG E 322 6.51 20.19 -46.73
N VAL E 323 5.72 19.54 -45.87
CA VAL E 323 4.27 19.76 -45.87
C VAL E 323 3.77 20.02 -44.46
N VAL E 324 3.09 21.15 -44.27
CA VAL E 324 2.53 21.50 -42.98
C VAL E 324 1.02 21.51 -43.03
N ILE E 325 0.41 20.62 -42.27
CA ILE E 325 -1.04 20.47 -42.24
C ILE E 325 -1.61 20.96 -40.93
N ASN E 326 -2.33 22.07 -40.98
CA ASN E 326 -2.96 22.63 -39.78
C ASN E 326 -4.35 22.05 -39.64
N LYS E 327 -5.11 22.59 -38.69
CA LYS E 327 -6.52 22.25 -38.56
C LYS E 327 -7.28 22.86 -39.72
N ASP E 328 -7.00 24.13 -39.99
CA ASP E 328 -7.64 24.87 -41.09
C ASP E 328 -7.03 24.63 -42.47
N THR E 329 -5.70 24.57 -42.56
CA THR E 329 -5.02 24.61 -43.85
C THR E 329 -3.95 23.55 -44.06
N THR E 330 -3.57 23.38 -45.33
CA THR E 330 -2.48 22.50 -45.72
C THR E 330 -1.52 23.28 -46.61
N THR E 331 -0.22 23.17 -46.32
CA THR E 331 0.78 23.91 -47.08
C THR E 331 1.86 23.01 -47.66
N ILE E 332 2.02 23.08 -48.98
CA ILE E 332 3.06 22.33 -49.67
C ILE E 332 4.23 23.24 -50.00
N ILE E 333 5.42 22.87 -49.55
CA ILE E 333 6.62 23.68 -49.70
C ILE E 333 7.66 22.99 -50.58
N ASP E 334 8.14 23.68 -51.61
CA ASP E 334 9.08 23.09 -52.56
C ASP E 334 8.52 21.88 -53.30
N GLY E 335 7.56 22.11 -54.19
CA GLY E 335 7.04 21.07 -55.05
C GLY E 335 8.08 20.54 -56.02
N VAL E 336 7.98 19.26 -56.37
CA VAL E 336 8.95 18.61 -57.23
C VAL E 336 8.61 18.74 -58.72
N GLY E 337 7.40 19.19 -59.02
CA GLY E 337 6.94 19.32 -60.39
C GLY E 337 7.79 20.25 -61.24
N GLU E 338 7.87 19.97 -62.53
CA GLU E 338 8.65 20.77 -63.46
C GLU E 338 7.99 22.12 -63.70
N GLU E 339 8.79 23.20 -63.69
CA GLU E 339 8.27 24.55 -63.91
C GLU E 339 7.56 24.69 -65.25
N ALA E 340 8.01 23.92 -66.23
CA ALA E 340 7.40 23.92 -67.56
C ALA E 340 5.99 23.33 -67.46
N ALA E 341 5.80 22.42 -66.52
CA ALA E 341 4.50 21.82 -66.27
C ALA E 341 3.57 22.79 -65.55
N ILE E 342 4.13 23.51 -64.58
CA ILE E 342 3.37 24.47 -63.79
C ILE E 342 2.94 25.65 -64.65
N GLN E 343 3.86 26.17 -65.44
CA GLN E 343 3.60 27.34 -66.30
C GLN E 343 2.62 27.01 -67.42
N GLY E 344 2.64 25.75 -67.87
CA GLY E 344 1.70 25.28 -68.87
C GLY E 344 0.31 25.07 -68.28
N ARG E 345 0.28 24.72 -67.00
CA ARG E 345 -0.99 24.54 -66.29
C ARG E 345 -1.60 25.90 -65.97
N VAL E 346 -0.76 26.86 -65.60
CA VAL E 346 -1.20 28.22 -65.32
C VAL E 346 -1.82 28.85 -66.57
N ALA E 347 -1.18 28.63 -67.72
CA ALA E 347 -1.67 29.16 -68.99
C ALA E 347 -3.03 28.58 -69.38
N GLN E 348 -3.22 27.28 -69.14
CA GLN E 348 -4.48 26.61 -69.44
C GLN E 348 -5.60 27.10 -68.54
N ILE E 349 -5.27 27.40 -67.29
CA ILE E 349 -6.24 27.97 -66.36
C ILE E 349 -6.57 29.40 -66.79
N ARG E 350 -5.55 30.16 -67.16
CA ARG E 350 -5.74 31.53 -67.62
C ARG E 350 -6.53 31.58 -68.92
N GLN E 351 -6.51 30.47 -69.66
CA GLN E 351 -7.25 30.36 -70.91
C GLN E 351 -8.73 30.11 -70.64
N GLN E 352 -9.02 29.42 -69.53
CA GLN E 352 -10.40 29.12 -69.18
C GLN E 352 -11.10 30.36 -68.62
N ILE E 353 -10.31 31.34 -68.18
CA ILE E 353 -10.84 32.58 -67.63
C ILE E 353 -11.47 33.44 -68.72
N GLU E 354 -10.90 33.39 -69.92
CA GLU E 354 -11.43 34.11 -71.06
C GLU E 354 -12.69 33.43 -71.58
N GLU E 355 -12.84 32.16 -71.24
CA GLU E 355 -13.99 31.38 -71.66
C GLU E 355 -15.08 31.32 -70.58
N ALA E 356 -14.81 31.95 -69.45
CA ALA E 356 -15.72 31.91 -68.30
C ALA E 356 -16.93 32.82 -68.48
N THR E 357 -18.12 32.23 -68.35
CA THR E 357 -19.37 32.96 -68.50
C THR E 357 -19.93 33.45 -67.16
N SER E 358 -19.20 33.17 -66.09
CA SER E 358 -19.63 33.53 -64.73
C SER E 358 -18.53 34.30 -64.01
N ASP E 359 -18.93 35.25 -63.17
CA ASP E 359 -17.96 36.05 -62.42
C ASP E 359 -17.45 35.24 -61.22
N TYR E 360 -18.22 34.23 -60.83
CA TYR E 360 -17.80 33.31 -59.78
C TYR E 360 -16.74 32.36 -60.32
N ASP E 361 -16.94 31.88 -61.55
CA ASP E 361 -15.96 31.02 -62.22
C ASP E 361 -14.64 31.74 -62.43
N ARG E 362 -14.71 33.05 -62.66
CA ARG E 362 -13.52 33.87 -62.86
C ARG E 362 -12.66 33.92 -61.60
N GLU E 363 -13.28 34.22 -60.47
CA GLU E 363 -12.58 34.35 -59.20
C GLU E 363 -11.96 33.03 -58.71
N LYS E 364 -12.70 31.93 -58.85
CA LYS E 364 -12.20 30.61 -58.43
C LYS E 364 -11.05 30.12 -59.32
N LEU E 365 -11.03 30.58 -60.57
CA LEU E 365 -9.95 30.22 -61.48
C LEU E 365 -8.68 31.01 -61.17
N GLN E 366 -8.85 32.25 -60.72
CA GLN E 366 -7.70 33.12 -60.46
C GLN E 366 -6.98 32.78 -59.15
N GLU E 367 -7.68 32.11 -58.23
CA GLU E 367 -7.04 31.69 -56.98
C GLU E 367 -6.27 30.38 -57.15
N ARG E 368 -6.56 29.65 -58.23
CA ARG E 368 -5.75 28.50 -58.59
C ARG E 368 -4.47 28.92 -59.30
N VAL E 369 -4.55 29.99 -60.08
CA VAL E 369 -3.36 30.50 -60.76
C VAL E 369 -2.49 31.24 -59.76
N ALA E 370 -3.12 31.75 -58.70
CA ALA E 370 -2.40 32.42 -57.63
C ALA E 370 -1.56 31.42 -56.84
N LYS E 371 -2.15 30.29 -56.49
CA LYS E 371 -1.44 29.25 -55.76
C LYS E 371 -0.30 28.66 -56.59
N LEU E 372 -0.60 28.28 -57.82
CA LEU E 372 0.40 27.72 -58.73
C LEU E 372 1.54 28.70 -59.04
N ALA E 373 1.19 29.88 -59.54
CA ALA E 373 2.17 30.87 -59.97
C ALA E 373 2.86 31.56 -58.79
N GLY E 374 2.09 31.80 -57.73
CA GLY E 374 2.58 32.55 -56.58
C GLY E 374 3.76 31.93 -55.86
N GLY E 375 3.68 30.63 -55.60
CA GLY E 375 4.71 29.96 -54.83
C GLY E 375 4.62 30.29 -53.35
N VAL E 376 5.70 30.04 -52.61
CA VAL E 376 5.72 30.25 -51.17
C VAL E 376 6.99 30.97 -50.72
N ALA E 377 6.87 31.81 -49.70
CA ALA E 377 8.03 32.48 -49.12
C ALA E 377 8.42 31.81 -47.80
N VAL E 378 9.63 31.28 -47.73
CA VAL E 378 10.09 30.59 -46.53
C VAL E 378 11.01 31.45 -45.67
N ILE E 379 10.70 31.52 -44.38
CA ILE E 379 11.51 32.27 -43.43
C ILE E 379 12.21 31.36 -42.44
N LYS E 380 13.54 31.37 -42.45
CA LYS E 380 14.35 30.63 -41.50
C LYS E 380 15.02 31.64 -40.56
N VAL E 381 14.76 31.52 -39.25
CA VAL E 381 15.24 32.54 -38.32
C VAL E 381 16.33 32.03 -37.35
N GLY E 382 17.56 32.48 -37.58
CA GLY E 382 18.66 32.26 -36.67
C GLY E 382 18.61 33.09 -35.39
N ALA E 383 18.69 32.44 -34.24
CA ALA E 383 18.95 33.17 -32.98
C ALA E 383 20.38 33.15 -32.43
N ALA E 384 21.28 32.42 -33.07
CA ALA E 384 22.63 32.12 -32.54
C ALA E 384 22.66 31.03 -31.47
N THR E 385 21.50 30.66 -30.93
CA THR E 385 21.41 29.55 -29.98
C THR E 385 20.03 28.91 -30.03
N GLU E 386 19.91 27.73 -29.47
CA GLU E 386 18.67 26.95 -29.54
C GLU E 386 17.47 27.62 -28.89
N VAL E 387 17.61 28.01 -27.63
CA VAL E 387 16.50 28.56 -26.85
C VAL E 387 16.02 29.92 -27.40
N GLU E 388 16.93 30.68 -27.97
CA GLU E 388 16.59 32.00 -28.52
C GLU E 388 15.89 31.88 -29.87
N MET E 389 16.23 30.82 -30.61
CA MET E 389 15.71 30.62 -31.95
C MET E 389 14.23 30.24 -31.93
N LYS E 390 13.87 29.34 -31.02
CA LYS E 390 12.49 28.93 -30.86
C LYS E 390 11.67 30.12 -30.40
N GLU E 391 12.25 30.92 -29.50
CA GLU E 391 11.55 32.07 -28.93
C GLU E 391 11.30 33.11 -30.00
N LYS E 392 12.34 33.45 -30.74
CA LYS E 392 12.23 34.46 -31.80
C LYS E 392 11.30 33.96 -32.90
N LYS E 393 11.52 32.72 -33.34
CA LYS E 393 10.68 32.10 -34.35
C LYS E 393 9.20 32.14 -33.96
N ALA E 394 8.91 32.01 -32.66
CA ALA E 394 7.53 32.07 -32.18
C ALA E 394 6.99 33.51 -32.17
N ARG E 395 7.90 34.48 -32.07
CA ARG E 395 7.51 35.88 -32.15
C ARG E 395 7.21 36.25 -33.60
N VAL E 396 8.04 35.76 -34.50
CA VAL E 396 7.85 36.00 -35.92
C VAL E 396 6.53 35.38 -36.40
N GLU E 397 6.16 34.24 -35.84
CA GLU E 397 4.88 33.60 -36.18
C GLU E 397 3.69 34.42 -35.71
N ASP E 398 3.85 35.09 -34.57
CA ASP E 398 2.80 35.96 -34.05
C ASP E 398 2.73 37.26 -34.86
N ALA E 399 3.88 37.87 -35.09
CA ALA E 399 3.95 39.12 -35.83
C ALA E 399 3.41 38.95 -37.25
N LEU E 400 3.73 37.82 -37.87
CA LEU E 400 3.28 37.52 -39.22
C LEU E 400 1.76 37.45 -39.25
N HIS E 401 1.18 36.78 -38.25
CA HIS E 401 -0.26 36.67 -38.15
C HIS E 401 -0.91 38.03 -37.94
N ALA E 402 -0.27 38.88 -37.14
CA ALA E 402 -0.79 40.23 -36.88
C ALA E 402 -0.65 41.12 -38.11
N THR E 403 0.31 40.81 -38.98
CA THR E 403 0.57 41.61 -40.16
C THR E 403 -0.47 41.33 -41.24
N ARG E 404 -0.86 40.06 -41.35
CA ARG E 404 -1.92 39.68 -42.26
C ARG E 404 -3.22 40.36 -41.86
N ALA E 405 -3.47 40.39 -40.55
CA ALA E 405 -4.64 41.06 -40.00
C ALA E 405 -4.59 42.57 -40.28
N ALA E 406 -3.40 43.15 -40.17
CA ALA E 406 -3.21 44.54 -40.52
C ALA E 406 -3.54 44.79 -41.99
N VAL E 407 -3.14 43.85 -42.84
CA VAL E 407 -3.37 43.96 -44.28
C VAL E 407 -4.85 43.90 -44.64
N GLU E 408 -5.56 42.93 -44.07
CA GLU E 408 -6.99 42.72 -44.37
C GLU E 408 -7.88 43.86 -43.88
N GLU E 409 -7.84 44.12 -42.58
CA GLU E 409 -8.73 45.11 -41.97
C GLU E 409 -8.12 46.49 -41.69
N GLY E 410 -6.84 46.68 -41.99
CA GLY E 410 -6.18 47.95 -41.75
C GLY E 410 -5.66 48.11 -40.33
N VAL E 411 -5.14 49.30 -40.01
CA VAL E 411 -4.61 49.56 -38.67
C VAL E 411 -5.18 50.82 -38.01
N VAL E 412 -5.05 50.90 -36.68
CA VAL E 412 -5.51 52.04 -35.91
C VAL E 412 -4.47 52.43 -34.85
N ALA E 413 -4.77 53.49 -34.10
CA ALA E 413 -3.83 54.01 -33.09
C ALA E 413 -3.67 53.07 -31.90
N GLY E 414 -2.43 52.70 -31.61
CA GLY E 414 -2.14 51.80 -30.51
C GLY E 414 -2.23 52.47 -29.17
N GLY E 415 -1.74 51.80 -28.12
CA GLY E 415 -1.77 52.33 -26.78
C GLY E 415 -3.19 52.49 -26.25
N GLY E 416 -4.14 51.79 -26.85
CA GLY E 416 -5.52 51.84 -26.41
C GLY E 416 -6.20 53.15 -26.78
N VAL E 417 -5.54 53.92 -27.65
CA VAL E 417 -6.09 55.18 -28.14
C VAL E 417 -7.35 54.97 -28.99
N ALA E 418 -7.34 53.94 -29.83
CA ALA E 418 -8.48 53.72 -30.72
C ALA E 418 -9.77 53.50 -29.93
N LEU E 419 -9.72 52.65 -28.91
CA LEU E 419 -10.89 52.38 -28.10
C LEU E 419 -11.43 53.63 -27.40
N ILE E 420 -10.54 54.45 -26.87
CA ILE E 420 -10.92 55.73 -26.28
C ILE E 420 -11.65 56.62 -27.28
N ARG E 421 -11.12 56.71 -28.49
CA ARG E 421 -11.69 57.58 -29.51
C ARG E 421 -13.07 57.09 -29.91
N VAL E 422 -13.19 55.79 -30.06
CA VAL E 422 -14.44 55.16 -30.43
C VAL E 422 -15.46 55.32 -29.32
N ALA E 423 -15.00 55.16 -28.08
CA ALA E 423 -15.87 55.33 -26.92
C ALA E 423 -16.42 56.75 -26.77
N SER E 424 -15.66 57.75 -27.21
CA SER E 424 -16.14 59.13 -27.14
C SER E 424 -17.16 59.48 -28.23
N LYS E 425 -17.18 58.70 -29.30
CA LYS E 425 -18.14 58.89 -30.39
C LYS E 425 -19.50 58.32 -30.02
N LEU E 426 -19.49 57.33 -29.12
CA LEU E 426 -20.70 56.61 -28.73
C LEU E 426 -21.40 57.18 -27.49
N ALA E 427 -20.91 58.31 -27.00
CA ALA E 427 -21.44 58.92 -25.79
C ALA E 427 -22.95 59.18 -25.80
N ASP E 428 -23.54 59.40 -26.97
CA ASP E 428 -24.99 59.63 -27.05
C ASP E 428 -25.84 58.38 -27.36
N LEU E 429 -25.18 57.24 -27.51
CA LEU E 429 -25.86 56.00 -27.83
C LEU E 429 -26.77 55.51 -26.69
N ARG E 430 -28.01 55.16 -27.03
CA ARG E 430 -28.98 54.69 -26.03
C ARG E 430 -29.59 53.34 -26.38
N GLY E 431 -30.57 52.91 -25.58
CA GLY E 431 -31.11 51.56 -25.69
C GLY E 431 -32.58 51.51 -25.37
N GLN E 432 -33.18 50.33 -25.56
CA GLN E 432 -34.62 50.12 -25.40
C GLN E 432 -35.14 50.60 -24.04
N ASN E 433 -34.33 50.42 -23.00
CA ASN E 433 -34.69 50.84 -21.66
C ASN E 433 -33.46 51.18 -20.81
N GLU E 434 -33.72 51.57 -19.56
CA GLU E 434 -32.68 52.01 -18.65
C GLU E 434 -31.57 50.99 -18.41
N ASP E 435 -31.94 49.72 -18.34
CA ASP E 435 -30.94 48.69 -18.08
C ASP E 435 -29.98 48.58 -19.26
N GLN E 436 -30.48 48.76 -20.47
CA GLN E 436 -29.63 48.68 -21.65
C GLN E 436 -28.70 49.87 -21.70
N ASN E 437 -29.22 51.03 -21.29
CA ASN E 437 -28.41 52.24 -21.21
C ASN E 437 -27.23 52.06 -20.28
N VAL E 438 -27.47 51.43 -19.13
CA VAL E 438 -26.42 51.16 -18.18
C VAL E 438 -25.42 50.18 -18.76
N GLY E 439 -25.92 49.23 -19.54
CA GLY E 439 -25.08 48.27 -20.23
C GLY E 439 -24.14 48.94 -21.22
N ILE E 440 -24.65 49.92 -21.96
CA ILE E 440 -23.84 50.65 -22.93
C ILE E 440 -22.71 51.41 -22.23
N LYS E 441 -23.06 52.09 -21.14
CA LYS E 441 -22.07 52.83 -20.35
C LYS E 441 -21.00 51.91 -19.76
N VAL E 442 -21.42 50.71 -19.38
CA VAL E 442 -20.48 49.72 -18.90
C VAL E 442 -19.44 49.42 -19.97
N ALA E 443 -19.89 49.12 -21.18
CA ALA E 443 -18.98 48.89 -22.30
C ALA E 443 -18.07 50.09 -22.57
N LEU E 444 -18.64 51.29 -22.64
CA LEU E 444 -17.85 52.48 -22.98
C LEU E 444 -16.74 52.76 -21.97
N ARG E 445 -17.04 52.59 -20.68
CA ARG E 445 -16.02 52.77 -19.65
C ARG E 445 -14.93 51.72 -19.80
N ALA E 446 -15.33 50.49 -20.11
CA ALA E 446 -14.37 49.41 -20.28
C ALA E 446 -13.38 49.72 -21.40
N MET E 447 -13.86 50.40 -22.43
CA MET E 447 -13.01 50.74 -23.57
C MET E 447 -11.76 51.57 -23.20
N GLU E 448 -11.80 52.21 -22.03
CA GLU E 448 -10.64 52.98 -21.55
C GLU E 448 -9.63 52.13 -20.78
N ALA E 449 -9.99 50.90 -20.45
CA ALA E 449 -9.19 50.12 -19.52
C ALA E 449 -7.77 49.85 -20.03
N PRO E 450 -7.64 49.49 -21.31
CA PRO E 450 -6.30 49.17 -21.82
C PRO E 450 -5.32 50.33 -21.72
N LEU E 451 -5.73 51.53 -22.13
CA LEU E 451 -4.86 52.70 -22.02
C LEU E 451 -4.49 52.97 -20.57
N ARG E 452 -5.48 52.95 -19.70
CA ARG E 452 -5.25 53.22 -18.29
C ARG E 452 -4.31 52.20 -17.64
N GLN E 453 -4.45 50.93 -18.01
CA GLN E 453 -3.58 49.91 -17.47
C GLN E 453 -2.16 50.09 -17.98
N ILE E 454 -2.03 50.38 -19.28
CA ILE E 454 -0.75 50.69 -19.88
C ILE E 454 -0.04 51.81 -19.13
N VAL E 455 -0.79 52.85 -18.78
CA VAL E 455 -0.23 53.97 -18.07
C VAL E 455 0.10 53.58 -16.62
N LEU E 456 -0.83 52.91 -15.97
CA LEU E 456 -0.61 52.45 -14.59
C LEU E 456 0.67 51.61 -14.48
N ASN E 457 0.92 50.75 -15.46
CA ASN E 457 2.14 49.96 -15.48
C ASN E 457 3.39 50.86 -15.64
N CYS E 458 3.22 52.01 -16.30
CA CYS E 458 4.31 52.98 -16.44
C CYS E 458 4.64 53.65 -15.12
N GLY E 459 3.68 53.66 -14.20
CA GLY E 459 3.88 54.28 -12.91
C GLY E 459 3.39 55.72 -12.89
N GLU E 460 2.65 56.11 -13.93
CA GLU E 460 2.03 57.44 -13.95
C GLU E 460 0.55 57.32 -13.56
N GLU E 461 -0.16 58.43 -13.48
CA GLU E 461 -1.58 58.40 -13.10
C GLU E 461 -2.49 58.14 -14.30
N PRO E 462 -3.19 56.99 -14.29
CA PRO E 462 -4.09 56.63 -15.38
C PRO E 462 -5.15 57.70 -15.61
N SER E 463 -5.69 58.24 -14.53
CA SER E 463 -6.76 59.22 -14.64
C SER E 463 -6.31 60.48 -15.38
N VAL E 464 -5.09 60.95 -15.06
CA VAL E 464 -4.56 62.16 -15.66
C VAL E 464 -4.29 61.97 -17.15
N VAL E 465 -3.62 60.88 -17.49
CA VAL E 465 -3.26 60.61 -18.86
C VAL E 465 -4.50 60.32 -19.71
N ALA E 466 -5.42 59.53 -19.18
CA ALA E 466 -6.67 59.22 -19.87
C ALA E 466 -7.41 60.50 -20.25
N ASN E 467 -7.43 61.45 -19.32
CA ASN E 467 -8.12 62.72 -19.51
C ASN E 467 -7.40 63.59 -20.54
N THR E 468 -6.07 63.54 -20.56
CA THR E 468 -5.31 64.33 -21.53
C THR E 468 -5.52 63.80 -22.95
N VAL E 469 -5.41 62.49 -23.12
CA VAL E 469 -5.66 61.87 -24.41
C VAL E 469 -7.07 62.19 -24.90
N LYS E 470 -8.05 62.03 -24.01
CA LYS E 470 -9.44 62.33 -24.31
C LYS E 470 -9.63 63.74 -24.84
N GLY E 471 -8.94 64.69 -24.22
CA GLY E 471 -9.08 66.10 -24.57
C GLY E 471 -8.46 66.45 -25.92
N GLY E 472 -7.71 65.51 -26.48
CA GLY E 472 -7.15 65.68 -27.80
C GLY E 472 -8.02 65.01 -28.84
N ASP E 473 -7.56 65.01 -30.09
CA ASP E 473 -8.35 64.44 -31.18
C ASP E 473 -7.57 63.40 -31.99
N GLY E 474 -8.29 62.57 -32.73
CA GLY E 474 -7.68 61.66 -33.67
C GLY E 474 -6.66 60.69 -33.09
N ASN E 475 -5.46 60.72 -33.67
CA ASN E 475 -4.40 59.78 -33.33
C ASN E 475 -3.49 60.27 -32.19
N TYR E 476 -3.84 61.42 -31.61
CA TYR E 476 -3.16 61.92 -30.43
C TYR E 476 -3.24 60.90 -29.29
N GLY E 477 -2.11 60.61 -28.66
CA GLY E 477 -2.06 59.64 -27.59
C GLY E 477 -0.80 59.74 -26.76
N TYR E 478 -0.66 58.81 -25.82
CA TYR E 478 0.49 58.76 -24.92
C TYR E 478 1.42 57.62 -25.32
N ASN E 479 2.67 57.95 -25.62
CA ASN E 479 3.68 56.94 -25.91
C ASN E 479 4.24 56.49 -24.57
N ALA E 480 4.02 55.22 -24.23
CA ALA E 480 4.36 54.71 -22.90
C ALA E 480 5.84 54.38 -22.77
N ALA E 481 6.49 54.19 -23.91
CA ALA E 481 7.92 53.91 -23.94
C ALA E 481 8.74 55.17 -23.66
N THR E 482 8.41 56.26 -24.36
CA THR E 482 9.13 57.52 -24.23
C THR E 482 8.53 58.45 -23.16
N GLU E 483 7.35 58.09 -22.65
CA GLU E 483 6.62 58.92 -21.67
C GLU E 483 6.26 60.32 -22.19
N GLU E 484 6.06 60.43 -23.50
CA GLU E 484 5.67 61.70 -24.11
C GLU E 484 4.38 61.50 -24.91
N TYR E 485 3.62 62.57 -25.13
CA TYR E 485 2.45 62.49 -25.99
C TYR E 485 2.83 62.78 -27.44
N GLY E 486 1.87 62.63 -28.34
CA GLY E 486 2.11 62.77 -29.77
C GLY E 486 1.20 61.94 -30.65
N ASN E 487 1.46 61.98 -31.96
CA ASN E 487 0.69 61.18 -32.92
C ASN E 487 1.11 59.70 -32.88
N MET E 488 0.16 58.82 -32.62
CA MET E 488 0.45 57.39 -32.45
C MET E 488 0.84 56.72 -33.76
N ILE E 489 0.27 57.19 -34.86
CA ILE E 489 0.66 56.70 -36.18
C ILE E 489 2.08 57.17 -36.53
N ASP E 490 2.38 58.45 -36.28
CA ASP E 490 3.70 59.00 -36.58
C ASP E 490 4.80 58.30 -35.77
N MET E 491 4.50 57.97 -34.52
CA MET E 491 5.49 57.37 -33.64
C MET E 491 5.63 55.87 -33.86
N GLY E 492 4.82 55.34 -34.76
CA GLY E 492 4.93 53.95 -35.19
C GLY E 492 4.15 52.93 -34.38
N ILE E 493 3.32 53.41 -33.47
CA ILE E 493 2.62 52.50 -32.58
C ILE E 493 1.27 52.19 -33.21
N LEU E 494 1.13 50.98 -33.73
CA LEU E 494 -0.01 50.61 -34.57
C LEU E 494 -0.59 49.28 -34.15
N ASP E 495 -1.90 49.26 -33.91
CA ASP E 495 -2.62 48.02 -33.67
C ASP E 495 -3.47 47.68 -34.89
N PRO E 496 -3.32 46.45 -35.41
CA PRO E 496 -4.21 46.07 -36.52
C PRO E 496 -5.64 46.16 -36.03
N THR E 497 -6.50 46.82 -36.80
CA THR E 497 -7.88 47.06 -36.40
C THR E 497 -8.55 45.76 -35.94
N LYS E 498 -8.20 44.66 -36.63
CA LYS E 498 -8.73 43.33 -36.34
C LYS E 498 -8.43 42.89 -34.90
N VAL E 499 -7.26 43.30 -34.40
CA VAL E 499 -6.82 42.93 -33.08
C VAL E 499 -7.64 43.65 -32.01
N THR E 500 -7.80 44.95 -32.17
CA THR E 500 -8.62 45.75 -31.27
C THR E 500 -10.06 45.25 -31.29
N ARG E 501 -10.58 45.07 -32.50
CA ARG E 501 -11.89 44.49 -32.74
C ARG E 501 -12.04 43.14 -32.01
N SER E 502 -11.22 42.17 -32.40
CA SER E 502 -11.28 40.85 -31.81
C SER E 502 -11.11 40.86 -30.29
N ALA E 503 -10.25 41.75 -29.78
CA ALA E 503 -10.06 41.82 -28.33
C ALA E 503 -11.35 42.26 -27.67
N LEU E 504 -11.94 43.35 -28.14
CA LEU E 504 -13.20 43.86 -27.61
C LEU E 504 -14.33 42.84 -27.73
N GLN E 505 -14.49 42.28 -28.94
CA GLN E 505 -15.57 41.32 -29.20
C GLN E 505 -15.51 40.07 -28.32
N TYR E 506 -14.33 39.48 -28.22
CA TYR E 506 -14.17 38.29 -27.39
C TYR E 506 -14.37 38.58 -25.90
N ALA E 507 -13.82 39.70 -25.44
CA ALA E 507 -14.00 40.12 -24.06
C ALA E 507 -15.48 40.33 -23.74
N ALA E 508 -16.22 40.93 -24.68
CA ALA E 508 -17.62 41.24 -24.44
C ALA E 508 -18.48 39.99 -24.51
N SER E 509 -18.04 39.02 -25.33
CA SER E 509 -18.71 37.72 -25.41
C SER E 509 -18.69 36.98 -24.07
N VAL E 510 -17.50 36.79 -23.51
CA VAL E 510 -17.38 36.00 -22.28
C VAL E 510 -17.99 36.74 -21.11
N ALA E 511 -17.94 38.07 -21.17
CA ALA E 511 -18.51 38.92 -20.13
C ALA E 511 -20.03 38.82 -20.19
N GLY E 512 -20.56 38.77 -21.41
CA GLY E 512 -21.99 38.59 -21.62
C GLY E 512 -22.48 37.26 -21.07
N LEU E 513 -21.67 36.22 -21.25
CA LEU E 513 -21.99 34.92 -20.71
C LEU E 513 -22.00 34.90 -19.18
N MET E 514 -21.08 35.61 -18.55
CA MET E 514 -20.97 35.56 -17.09
C MET E 514 -22.07 36.39 -16.45
N ILE E 515 -22.36 37.51 -17.08
CA ILE E 515 -23.46 38.37 -16.66
C ILE E 515 -24.80 37.64 -16.74
N THR E 516 -24.90 36.71 -17.69
CA THR E 516 -26.13 35.94 -17.90
C THR E 516 -26.16 34.55 -17.23
N THR E 517 -25.16 34.25 -16.40
CA THR E 517 -25.04 32.95 -15.75
C THR E 517 -25.82 32.86 -14.43
N GLU E 518 -26.81 31.97 -14.35
CA GLU E 518 -27.47 31.70 -13.07
C GLU E 518 -26.98 30.51 -12.27
N CYS E 519 -26.19 29.64 -12.89
CA CYS E 519 -25.83 28.41 -12.21
C CYS E 519 -24.47 27.86 -12.62
N MET E 520 -23.75 27.33 -11.65
CA MET E 520 -22.46 26.70 -11.89
C MET E 520 -22.43 25.35 -11.20
N VAL E 521 -22.01 24.35 -11.96
CA VAL E 521 -21.89 22.98 -11.47
C VAL E 521 -20.42 22.56 -11.55
N THR E 522 -19.91 21.97 -10.48
CA THR E 522 -18.52 21.50 -10.46
C THR E 522 -18.37 20.33 -9.49
N ASP E 523 -17.15 19.83 -9.33
CA ASP E 523 -16.87 18.72 -8.43
C ASP E 523 -16.81 19.17 -6.97
N LEU E 524 -17.09 18.24 -6.06
CA LEU E 524 -16.94 18.49 -4.63
C LEU E 524 -15.48 18.76 -4.27
N PRO E 525 -15.25 19.66 -3.30
CA PRO E 525 -13.90 20.04 -2.85
C PRO E 525 -13.03 18.85 -2.42
N ALA F 2 -1.83 22.26 -11.23
CA ALA F 2 -2.19 22.34 -9.82
C ALA F 2 -2.59 23.76 -9.44
N ALA F 3 -3.43 23.87 -8.41
CA ALA F 3 -3.89 25.15 -7.91
C ALA F 3 -2.71 25.95 -7.37
N LYS F 4 -2.73 27.25 -7.58
CA LYS F 4 -1.61 28.13 -7.19
C LYS F 4 -2.02 29.11 -6.11
N ASP F 5 -1.04 29.55 -5.35
CA ASP F 5 -1.21 30.68 -4.45
C ASP F 5 -0.72 31.94 -5.19
N VAL F 6 -1.51 33.01 -5.18
CA VAL F 6 -1.11 34.22 -5.88
C VAL F 6 -1.11 35.47 -4.99
N LYS F 7 0.04 36.14 -4.92
CA LYS F 7 0.14 37.41 -4.20
C LYS F 7 0.50 38.58 -5.12
N PHE F 8 0.02 39.76 -4.76
CA PHE F 8 0.21 40.94 -5.58
C PHE F 8 0.87 42.07 -4.80
N GLY F 9 1.54 42.94 -5.54
CA GLY F 9 1.96 44.23 -5.03
C GLY F 9 2.74 44.22 -3.74
N ASN F 10 2.31 45.03 -2.80
CA ASN F 10 2.95 45.13 -1.50
C ASN F 10 3.05 43.81 -0.76
N ASP F 11 1.92 43.12 -0.65
CA ASP F 11 1.88 41.81 -0.02
C ASP F 11 2.95 40.89 -0.62
N ALA F 12 3.16 41.01 -1.92
CA ALA F 12 4.14 40.19 -2.62
C ALA F 12 5.58 40.62 -2.32
N ARG F 13 5.79 41.92 -2.19
CA ARG F 13 7.13 42.45 -2.00
C ARG F 13 7.67 42.33 -0.57
N VAL F 14 6.79 42.34 0.43
CA VAL F 14 7.26 42.14 1.82
C VAL F 14 7.60 40.68 2.08
N LYS F 15 6.92 39.76 1.38
CA LYS F 15 7.28 38.35 1.44
C LYS F 15 8.69 38.14 0.91
N MET F 16 8.96 38.69 -0.28
CA MET F 16 10.29 38.61 -0.86
C MET F 16 11.34 39.20 0.07
N LEU F 17 11.08 40.40 0.58
CA LEU F 17 12.02 41.08 1.46
C LEU F 17 12.35 40.25 2.69
N ARG F 18 11.32 39.63 3.25
CA ARG F 18 11.45 38.75 4.41
CA ARG F 18 11.46 38.75 4.42
C ARG F 18 12.43 37.61 4.12
N GLY F 19 12.25 36.98 2.97
CA GLY F 19 13.10 35.87 2.58
C GLY F 19 14.52 36.33 2.33
N VAL F 20 14.65 37.52 1.75
CA VAL F 20 15.96 38.09 1.50
C VAL F 20 16.65 38.35 2.83
N ASN F 21 15.88 38.82 3.81
CA ASN F 21 16.41 39.06 5.15
C ASN F 21 17.00 37.82 5.83
N VAL F 22 16.27 36.71 5.79
CA VAL F 22 16.78 35.48 6.38
C VAL F 22 18.10 35.06 5.73
N LEU F 23 18.09 34.97 4.41
CA LEU F 23 19.29 34.62 3.65
C LEU F 23 20.46 35.55 3.98
N ALA F 24 20.24 36.85 3.81
CA ALA F 24 21.32 37.82 3.97
C ALA F 24 21.81 37.92 5.41
N ASP F 25 20.88 37.84 6.37
CA ASP F 25 21.27 37.96 7.76
C ASP F 25 22.10 36.76 8.22
N ALA F 26 21.84 35.61 7.62
CA ALA F 26 22.61 34.41 7.90
C ALA F 26 23.96 34.46 7.21
N VAL F 27 23.98 34.95 5.97
CA VAL F 27 25.19 35.00 5.17
C VAL F 27 26.15 36.12 5.60
N LYS F 28 25.63 37.27 5.98
CA LYS F 28 26.46 38.46 6.19
C LYS F 28 27.29 38.49 7.48
N VAL F 29 26.94 37.65 8.45
CA VAL F 29 27.73 37.58 9.67
C VAL F 29 29.09 36.96 9.38
N THR F 30 29.20 36.30 8.22
CA THR F 30 30.46 35.69 7.84
C THR F 30 31.38 36.62 7.04
N LEU F 31 30.97 37.88 6.86
CA LEU F 31 31.75 38.80 6.05
C LEU F 31 33.04 39.23 6.73
N GLY F 32 34.15 39.17 5.99
CA GLY F 32 35.42 39.71 6.48
C GLY F 32 36.17 38.84 7.49
N PRO F 33 37.35 39.31 7.91
CA PRO F 33 38.28 38.55 8.76
C PRO F 33 37.75 38.32 10.18
N LYS F 34 36.85 39.17 10.63
CA LYS F 34 36.16 39.03 11.92
C LYS F 34 34.81 38.33 11.79
N GLY F 35 34.54 37.78 10.60
CA GLY F 35 33.30 37.06 10.38
C GLY F 35 32.98 36.05 11.46
N ARG F 36 31.71 36.02 11.87
CA ARG F 36 31.23 35.10 12.89
C ARG F 36 31.03 33.70 12.31
N ASN F 37 31.06 32.71 13.18
CA ASN F 37 30.77 31.34 12.78
C ASN F 37 29.29 31.06 12.54
N VAL F 38 29.01 30.29 11.49
CA VAL F 38 27.67 29.78 11.26
C VAL F 38 27.68 28.25 11.32
N VAL F 39 26.79 27.66 12.12
CA VAL F 39 26.72 26.21 12.25
C VAL F 39 25.66 25.58 11.33
N LEU F 40 26.12 24.73 10.44
CA LEU F 40 25.27 24.12 9.43
C LEU F 40 25.05 22.66 9.74
N ASP F 41 23.79 22.26 9.90
CA ASP F 41 23.49 20.90 10.31
C ASP F 41 23.58 19.90 9.17
N LYS F 42 23.96 18.67 9.51
CA LYS F 42 23.88 17.57 8.56
C LYS F 42 22.91 16.52 9.08
N SER F 43 22.36 15.73 8.17
CA SER F 43 21.46 14.65 8.53
C SER F 43 22.15 13.66 9.48
N PHE F 44 23.44 13.45 9.26
CA PHE F 44 24.21 12.49 10.05
C PHE F 44 25.52 13.07 10.57
N GLY F 45 25.78 12.89 11.86
CA GLY F 45 27.06 13.25 12.44
C GLY F 45 27.22 14.70 12.85
N ALA F 46 28.45 15.08 13.12
CA ALA F 46 28.77 16.41 13.64
C ALA F 46 28.47 17.53 12.64
N PRO F 47 27.94 18.64 13.15
CA PRO F 47 27.62 19.84 12.37
C PRO F 47 28.87 20.45 11.75
N THR F 48 28.64 21.25 10.73
CA THR F 48 29.68 21.96 10.02
C THR F 48 29.71 23.39 10.53
N ILE F 49 30.90 23.87 10.87
CA ILE F 49 31.07 25.22 11.35
C ILE F 49 31.84 25.98 10.29
N THR F 50 31.26 27.04 9.76
CA THR F 50 31.89 27.70 8.63
C THR F 50 31.77 29.21 8.68
N LYS F 51 32.82 29.88 8.21
CA LYS F 51 32.81 31.31 7.97
C LYS F 51 32.58 31.65 6.50
N ASP F 52 32.37 30.62 5.68
CA ASP F 52 32.29 30.82 4.23
C ASP F 52 30.87 31.06 3.73
N GLY F 53 30.62 32.27 3.26
CA GLY F 53 29.30 32.68 2.84
C GLY F 53 28.68 31.79 1.78
N VAL F 54 29.51 31.16 0.96
CA VAL F 54 29.03 30.31 -0.11
C VAL F 54 28.34 29.08 0.48
N SER F 55 28.97 28.50 1.50
CA SER F 55 28.44 27.33 2.20
C SER F 55 27.12 27.61 2.91
N VAL F 56 27.02 28.76 3.56
CA VAL F 56 25.81 29.16 4.25
C VAL F 56 24.63 29.40 3.29
N ALA F 57 24.89 30.10 2.19
CA ALA F 57 23.83 30.44 1.26
C ALA F 57 23.25 29.20 0.61
N ARG F 58 24.13 28.27 0.25
CA ARG F 58 23.72 27.04 -0.41
C ARG F 58 22.69 26.31 0.42
N GLU F 59 22.79 26.46 1.74
CA GLU F 59 21.92 25.75 2.66
C GLU F 59 20.54 26.38 2.83
N ILE F 60 20.38 27.65 2.48
CA ILE F 60 19.14 28.36 2.81
C ILE F 60 17.95 28.01 1.92
N GLU F 61 16.89 27.51 2.56
CA GLU F 61 15.60 27.33 1.93
C GLU F 61 14.51 27.56 2.98
N LEU F 62 13.41 28.20 2.58
CA LEU F 62 12.41 28.66 3.53
C LEU F 62 11.09 27.98 3.35
N GLU F 63 10.32 27.88 4.43
CA GLU F 63 9.05 27.15 4.37
C GLU F 63 8.01 27.90 3.59
N ASP F 64 7.81 29.16 3.95
CA ASP F 64 6.93 30.03 3.23
C ASP F 64 7.46 30.12 1.81
N LYS F 65 6.61 29.80 0.84
CA LYS F 65 7.06 29.66 -0.54
C LYS F 65 7.37 30.98 -1.20
N PHE F 66 6.72 32.05 -0.76
CA PHE F 66 7.00 33.35 -1.33
C PHE F 66 8.32 33.86 -0.81
N GLU F 67 8.51 33.76 0.51
CA GLU F 67 9.78 34.15 1.13
C GLU F 67 10.94 33.38 0.53
N ASN F 68 10.74 32.08 0.33
CA ASN F 68 11.73 31.24 -0.31
C ASN F 68 12.11 31.70 -1.73
N MET F 69 11.11 32.10 -2.52
CA MET F 69 11.38 32.65 -3.86
C MET F 69 12.29 33.87 -3.76
N GLY F 70 11.99 34.74 -2.80
CA GLY F 70 12.86 35.88 -2.53
C GLY F 70 14.30 35.48 -2.32
N ALA F 71 14.52 34.53 -1.41
CA ALA F 71 15.88 34.11 -1.07
C ALA F 71 16.60 33.44 -2.25
N GLN F 72 15.89 32.56 -2.96
CA GLN F 72 16.47 31.86 -4.11
C GLN F 72 16.88 32.79 -5.23
N MET F 73 16.13 33.88 -5.38
CA MET F 73 16.45 34.90 -6.38
C MET F 73 17.79 35.56 -6.08
N VAL F 74 18.00 35.94 -4.82
CA VAL F 74 19.27 36.55 -4.43
C VAL F 74 20.40 35.53 -4.40
N LYS F 75 20.10 34.32 -3.97
CA LYS F 75 21.09 33.24 -4.01
C LYS F 75 21.63 33.02 -5.41
N GLU F 76 20.74 33.03 -6.39
CA GLU F 76 21.12 32.69 -7.75
C GLU F 76 22.05 33.74 -8.30
N VAL F 77 21.73 34.98 -8.00
CA VAL F 77 22.49 36.12 -8.48
C VAL F 77 23.87 36.19 -7.83
N ALA F 78 23.94 35.93 -6.54
CA ALA F 78 25.23 35.97 -5.85
C ALA F 78 26.15 34.80 -6.26
N SER F 79 25.58 33.68 -6.68
CA SER F 79 26.43 32.55 -7.09
C SER F 79 26.96 32.76 -8.51
N LYS F 80 26.16 33.39 -9.35
CA LYS F 80 26.63 33.86 -10.65
C LYS F 80 27.81 34.82 -10.50
N ALA F 81 27.80 35.62 -9.44
CA ALA F 81 28.92 36.51 -9.16
C ALA F 81 30.18 35.72 -8.78
N ASN F 82 30.07 34.87 -7.77
CA ASN F 82 31.16 34.00 -7.35
C ASN F 82 31.67 33.12 -8.48
N ALA F 83 30.79 32.75 -9.40
CA ALA F 83 31.19 31.92 -10.52
C ALA F 83 31.89 32.71 -11.63
N ALA F 84 31.47 33.96 -11.81
CA ALA F 84 32.12 34.85 -12.77
C ALA F 84 33.50 35.37 -12.33
N ALA F 85 33.55 36.00 -11.15
CA ALA F 85 34.80 36.58 -10.67
C ALA F 85 35.66 35.72 -9.72
N GLY F 86 35.12 34.62 -9.23
CA GLY F 86 35.84 33.79 -8.29
C GLY F 86 35.64 34.09 -6.80
N ASP F 87 34.86 35.12 -6.48
CA ASP F 87 34.60 35.46 -5.08
C ASP F 87 33.48 36.49 -5.03
N GLY F 88 33.06 36.88 -3.84
CA GLY F 88 32.14 37.99 -3.69
C GLY F 88 30.70 37.66 -3.35
N THR F 89 30.42 36.37 -3.16
CA THR F 89 29.09 35.91 -2.75
C THR F 89 28.54 36.70 -1.55
N THR F 90 29.35 36.84 -0.51
CA THR F 90 28.90 37.49 0.71
C THR F 90 28.65 38.97 0.47
N THR F 91 29.61 39.64 -0.16
CA THR F 91 29.45 41.04 -0.55
C THR F 91 28.21 41.25 -1.45
N ALA F 92 28.10 40.47 -2.52
CA ALA F 92 26.94 40.51 -3.40
C ALA F 92 25.63 40.45 -2.61
N THR F 93 25.59 39.58 -1.62
CA THR F 93 24.40 39.39 -0.80
C THR F 93 24.08 40.56 0.15
N VAL F 94 25.08 41.15 0.79
CA VAL F 94 24.78 42.30 1.64
C VAL F 94 24.38 43.52 0.80
N LEU F 95 24.99 43.63 -0.38
CA LEU F 95 24.65 44.69 -1.31
C LEU F 95 23.21 44.60 -1.75
N ALA F 96 22.83 43.42 -2.22
CA ALA F 96 21.46 43.15 -2.66
C ALA F 96 20.44 43.45 -1.57
N GLN F 97 20.70 42.99 -0.35
CA GLN F 97 19.80 43.22 0.77
C GLN F 97 19.60 44.71 1.01
N ALA F 98 20.69 45.46 0.87
CA ALA F 98 20.64 46.92 1.09
C ALA F 98 19.86 47.64 0.01
N ILE F 99 20.13 47.34 -1.25
CA ILE F 99 19.43 48.00 -2.36
C ILE F 99 17.94 47.66 -2.33
N ILE F 100 17.64 46.38 -2.18
CA ILE F 100 16.26 45.91 -2.09
C ILE F 100 15.51 46.56 -0.92
N THR F 101 16.14 46.59 0.24
CA THR F 101 15.50 47.17 1.41
C THR F 101 15.10 48.63 1.22
N GLU F 102 16.02 49.46 0.77
CA GLU F 102 15.75 50.89 0.62
C GLU F 102 14.88 51.17 -0.61
N GLY F 103 15.09 50.37 -1.65
CA GLY F 103 14.27 50.47 -2.84
C GLY F 103 12.81 50.27 -2.50
N LEU F 104 12.49 49.15 -1.86
CA LEU F 104 11.12 48.86 -1.45
C LEU F 104 10.52 49.94 -0.53
N LYS F 105 11.31 50.46 0.41
CA LYS F 105 10.84 51.56 1.24
C LYS F 105 10.38 52.71 0.38
N ALA F 106 11.15 53.01 -0.66
CA ALA F 106 10.79 54.10 -1.57
C ALA F 106 9.48 53.80 -2.27
N VAL F 107 9.29 52.53 -2.67
CA VAL F 107 8.06 52.14 -3.34
C VAL F 107 6.89 52.34 -2.39
N ALA F 108 7.08 51.95 -1.13
CA ALA F 108 6.10 52.14 -0.08
C ALA F 108 5.73 53.60 0.11
N ALA F 109 6.58 54.52 -0.35
CA ALA F 109 6.27 55.94 -0.28
C ALA F 109 5.47 56.39 -1.52
N GLY F 110 5.32 55.48 -2.49
CA GLY F 110 4.52 55.76 -3.66
C GLY F 110 5.32 56.29 -4.84
N MET F 111 6.63 56.13 -4.76
CA MET F 111 7.53 56.51 -5.85
C MET F 111 7.50 55.50 -6.96
N ASN F 112 7.74 55.97 -8.19
CA ASN F 112 7.71 55.13 -9.37
C ASN F 112 8.80 54.09 -9.31
N PRO F 113 8.43 52.81 -9.26
CA PRO F 113 9.44 51.75 -9.16
C PRO F 113 10.28 51.63 -10.44
N MET F 114 9.72 52.03 -11.57
CA MET F 114 10.41 51.92 -12.85
C MET F 114 11.54 52.93 -12.92
N ASP F 115 11.28 54.13 -12.41
CA ASP F 115 12.31 55.16 -12.29
C ASP F 115 13.35 54.81 -11.20
N LEU F 116 12.92 54.14 -10.14
CA LEU F 116 13.85 53.69 -9.11
C LEU F 116 14.90 52.77 -9.69
N LYS F 117 14.44 51.76 -10.42
CA LYS F 117 15.34 50.86 -11.14
C LYS F 117 16.23 51.64 -12.09
N ARG F 118 15.64 52.62 -12.76
CA ARG F 118 16.38 53.42 -13.75
C ARG F 118 17.54 54.15 -13.07
N GLY F 119 17.27 54.71 -11.90
CA GLY F 119 18.28 55.45 -11.14
C GLY F 119 19.37 54.54 -10.61
N ILE F 120 18.96 53.40 -10.07
CA ILE F 120 19.91 52.42 -9.55
C ILE F 120 20.85 51.96 -10.66
N ASP F 121 20.29 51.73 -11.84
CA ASP F 121 21.06 51.24 -12.97
C ASP F 121 22.10 52.28 -13.41
N LYS F 122 21.67 53.53 -13.49
CA LYS F 122 22.58 54.59 -13.87
C LYS F 122 23.72 54.73 -12.85
N ALA F 123 23.39 54.62 -11.57
CA ALA F 123 24.39 54.78 -10.52
C ALA F 123 25.43 53.65 -10.60
N VAL F 124 24.95 52.44 -10.82
CA VAL F 124 25.83 51.28 -10.97
C VAL F 124 26.71 51.33 -12.22
N THR F 125 26.15 51.79 -13.33
CA THR F 125 26.92 51.92 -14.57
C THR F 125 28.10 52.84 -14.35
N ALA F 126 27.82 53.97 -13.71
CA ALA F 126 28.83 54.96 -13.38
C ALA F 126 29.84 54.37 -12.41
N ALA F 127 29.33 53.63 -11.44
CA ALA F 127 30.14 52.96 -10.43
C ALA F 127 31.13 51.99 -11.06
N VAL F 128 30.70 51.35 -12.13
CA VAL F 128 31.54 50.37 -12.79
C VAL F 128 32.68 51.03 -13.52
N GLU F 129 32.38 52.12 -14.22
CA GLU F 129 33.41 52.91 -14.88
C GLU F 129 34.39 53.46 -13.86
N GLU F 130 33.85 53.94 -12.74
CA GLU F 130 34.66 54.56 -11.70
C GLU F 130 35.57 53.51 -11.08
N LEU F 131 35.07 52.28 -11.05
CA LEU F 131 35.79 51.16 -10.47
C LEU F 131 36.93 50.70 -11.40
N LYS F 132 36.75 50.87 -12.70
CA LYS F 132 37.74 50.44 -13.68
C LYS F 132 38.90 51.43 -13.76
N ALA F 133 38.56 52.71 -13.67
CA ALA F 133 39.56 53.77 -13.69
C ALA F 133 40.43 53.71 -12.44
N LEU F 134 39.81 53.37 -11.31
CA LEU F 134 40.49 53.31 -10.03
C LEU F 134 41.36 52.06 -9.91
N SER F 135 41.00 51.01 -10.67
CA SER F 135 41.72 49.75 -10.61
C SER F 135 43.22 49.89 -10.90
N VAL F 136 44.03 49.14 -10.15
CA VAL F 136 45.47 49.14 -10.32
C VAL F 136 45.94 47.74 -10.68
N PRO F 137 46.96 47.63 -11.52
CA PRO F 137 47.50 46.35 -11.97
C PRO F 137 47.96 45.46 -10.81
N CYS F 138 47.78 44.15 -10.97
CA CYS F 138 48.37 43.18 -10.06
C CYS F 138 49.40 42.38 -10.87
N SER F 139 50.68 42.60 -10.57
CA SER F 139 51.76 42.05 -11.41
C SER F 139 52.80 41.24 -10.62
N ASP F 140 53.49 41.91 -9.70
CA ASP F 140 54.55 41.25 -8.93
C ASP F 140 54.00 40.17 -8.01
N SER F 141 54.81 39.15 -7.76
CA SER F 141 54.37 37.98 -7.01
C SER F 141 54.01 38.32 -5.56
N LYS F 142 54.40 39.50 -5.11
CA LYS F 142 54.02 39.94 -3.77
C LYS F 142 52.52 40.23 -3.70
N ALA F 143 52.04 41.04 -4.64
CA ALA F 143 50.64 41.43 -4.67
C ALA F 143 49.75 40.23 -4.94
N ILE F 144 50.20 39.38 -5.86
CA ILE F 144 49.50 38.14 -6.16
C ILE F 144 49.29 37.30 -4.89
N ALA F 145 50.33 37.21 -4.07
CA ALA F 145 50.22 36.51 -2.79
C ALA F 145 49.24 37.20 -1.85
N GLN F 146 49.25 38.53 -1.84
CA GLN F 146 48.32 39.30 -1.02
C GLN F 146 46.84 39.06 -1.37
N VAL F 147 46.49 39.15 -2.66
CA VAL F 147 45.09 38.90 -3.06
C VAL F 147 44.73 37.44 -2.89
N GLY F 148 45.71 36.57 -3.11
CA GLY F 148 45.53 35.15 -2.87
C GLY F 148 45.15 34.93 -1.41
N THR F 149 45.92 35.56 -0.52
CA THR F 149 45.63 35.48 0.91
C THR F 149 44.23 36.02 1.25
N ILE F 150 43.89 37.19 0.73
CA ILE F 150 42.57 37.77 0.94
C ILE F 150 41.45 36.88 0.38
N SER F 151 41.64 36.38 -0.84
CA SER F 151 40.64 35.52 -1.47
C SER F 151 40.55 34.17 -0.76
N ALA F 152 41.62 33.81 -0.05
CA ALA F 152 41.75 32.54 0.64
C ALA F 152 41.19 32.66 2.05
N ASN F 153 40.52 33.78 2.29
CA ASN F 153 39.91 34.07 3.58
C ASN F 153 40.95 34.26 4.65
N SER F 154 42.03 34.92 4.26
CA SER F 154 43.09 35.36 5.17
C SER F 154 44.16 34.30 5.48
N ASP F 155 44.00 33.10 4.94
CA ASP F 155 45.03 32.08 5.09
C ASP F 155 46.21 32.46 4.20
N GLU F 156 47.37 32.68 4.81
CA GLU F 156 48.53 33.18 4.08
C GLU F 156 49.37 32.04 3.52
N THR F 157 49.05 30.82 3.93
CA THR F 157 49.74 29.66 3.39
C THR F 157 49.22 29.45 1.98
N VAL F 158 47.91 29.62 1.83
CA VAL F 158 47.27 29.45 0.52
C VAL F 158 47.73 30.53 -0.46
N GLY F 159 47.68 31.79 -0.02
CA GLY F 159 48.14 32.90 -0.84
C GLY F 159 49.57 32.71 -1.32
N LYS F 160 50.44 32.22 -0.43
CA LYS F 160 51.84 32.00 -0.77
C LYS F 160 51.97 30.87 -1.78
N LEU F 161 51.18 29.82 -1.60
CA LEU F 161 51.17 28.69 -2.53
C LEU F 161 50.77 29.12 -3.93
N ILE F 162 49.62 29.77 -4.03
CA ILE F 162 49.11 30.27 -5.30
C ILE F 162 50.16 31.12 -6.02
N ALA F 163 50.80 32.01 -5.27
CA ALA F 163 51.84 32.85 -5.82
C ALA F 163 53.03 32.02 -6.30
N GLU F 164 53.41 31.01 -5.52
CA GLU F 164 54.51 30.12 -5.90
C GLU F 164 54.20 29.36 -7.17
N ALA F 165 52.96 28.91 -7.28
CA ALA F 165 52.49 28.21 -8.47
C ALA F 165 52.67 29.11 -9.70
N MET F 166 52.20 30.34 -9.58
CA MET F 166 52.26 31.30 -10.69
C MET F 166 53.67 31.68 -11.13
N ASP F 167 54.65 31.63 -10.22
CA ASP F 167 56.03 31.93 -10.59
CA ASP F 167 56.01 31.94 -10.64
C ASP F 167 56.65 30.77 -11.37
N LYS F 168 56.24 29.55 -11.02
CA LYS F 168 56.72 28.35 -11.71
C LYS F 168 56.09 28.14 -13.09
N VAL F 169 54.76 28.19 -13.16
CA VAL F 169 54.07 27.99 -14.44
C VAL F 169 53.65 29.27 -15.17
N GLY F 170 53.94 30.42 -14.55
CA GLY F 170 53.55 31.70 -15.14
C GLY F 170 52.12 32.07 -14.79
N LYS F 171 51.78 33.35 -14.91
CA LYS F 171 50.45 33.84 -14.53
C LYS F 171 49.33 33.20 -15.35
N GLU F 172 49.61 32.84 -16.60
CA GLU F 172 48.63 32.17 -17.45
C GLU F 172 48.80 30.65 -17.42
N GLY F 173 49.79 30.19 -16.67
CA GLY F 173 50.13 28.78 -16.63
C GLY F 173 49.03 27.91 -16.02
N VAL F 174 49.20 26.59 -16.14
CA VAL F 174 48.22 25.63 -15.64
C VAL F 174 48.40 25.33 -14.15
N ILE F 175 47.35 25.55 -13.37
CA ILE F 175 47.37 25.31 -11.94
C ILE F 175 46.16 24.51 -11.47
N THR F 176 46.42 23.32 -10.93
CA THR F 176 45.35 22.45 -10.47
C THR F 176 45.43 22.31 -8.96
N VAL F 177 44.26 22.17 -8.34
CA VAL F 177 44.22 21.93 -6.91
C VAL F 177 43.52 20.59 -6.60
N GLU F 178 44.22 19.68 -5.93
CA GLU F 178 43.65 18.38 -5.59
C GLU F 178 43.87 18.00 -4.13
N ASP F 179 43.14 16.98 -3.68
CA ASP F 179 43.19 16.55 -2.28
C ASP F 179 44.60 16.13 -1.86
N GLY F 180 44.93 16.36 -0.59
CA GLY F 180 46.22 15.97 -0.05
C GLY F 180 46.17 14.71 0.80
N THR F 181 47.35 14.17 1.12
CA THR F 181 47.45 12.96 1.93
C THR F 181 47.33 13.22 3.43
N GLY F 182 47.64 14.45 3.84
CA GLY F 182 47.64 14.81 5.25
C GLY F 182 47.36 16.27 5.50
N LEU F 183 47.39 16.67 6.77
CA LEU F 183 47.09 18.05 7.16
C LEU F 183 47.91 19.10 6.41
N GLN F 184 49.20 18.86 6.26
CA GLN F 184 50.08 19.79 5.56
C GLN F 184 49.76 19.80 4.08
N ASP F 185 49.47 20.99 3.55
CA ASP F 185 49.10 21.15 2.15
C ASP F 185 50.30 21.61 1.31
N GLU F 186 50.74 20.75 0.40
CA GLU F 186 51.98 21.00 -0.36
C GLU F 186 51.68 21.55 -1.77
N LEU F 187 52.75 21.89 -2.49
CA LEU F 187 52.65 22.33 -3.87
C LEU F 187 53.73 21.64 -4.68
N ASP F 188 53.31 20.89 -5.69
CA ASP F 188 54.26 20.20 -6.54
C ASP F 188 53.93 20.46 -8.00
N VAL F 189 54.96 20.76 -8.77
CA VAL F 189 54.80 20.95 -10.20
C VAL F 189 55.22 19.67 -10.91
N VAL F 190 54.39 19.18 -11.82
CA VAL F 190 54.62 17.90 -12.47
C VAL F 190 54.41 17.99 -13.98
N GLU F 191 54.91 16.98 -14.70
CA GLU F 191 54.73 16.94 -16.15
C GLU F 191 53.25 16.84 -16.48
N GLY F 192 52.77 17.74 -17.33
CA GLY F 192 51.37 17.77 -17.71
C GLY F 192 51.13 18.91 -18.68
N MET F 193 49.94 18.94 -19.28
CA MET F 193 49.61 19.99 -20.21
C MET F 193 48.12 20.19 -20.33
N GLN F 194 47.74 21.35 -20.87
CA GLN F 194 46.33 21.64 -21.12
C GLN F 194 46.21 22.16 -22.54
N PHE F 195 45.40 21.48 -23.34
CA PHE F 195 45.13 21.91 -24.70
C PHE F 195 43.62 21.97 -24.90
N ASP F 196 43.16 22.66 -25.93
CA ASP F 196 41.72 22.82 -26.06
C ASP F 196 41.14 21.71 -26.94
N ALA F 197 40.45 20.79 -26.28
CA ALA F 197 39.71 19.74 -26.93
C ALA F 197 38.46 19.49 -26.09
N GLY F 198 37.31 19.46 -26.73
CA GLY F 198 36.08 19.20 -26.01
C GLY F 198 35.78 17.72 -26.00
N TYR F 199 35.02 17.26 -25.02
CA TYR F 199 34.46 15.92 -25.07
C TYR F 199 33.54 15.87 -26.28
N LEU F 200 33.66 14.83 -27.10
CA LEU F 200 32.83 14.72 -28.29
C LEU F 200 31.35 14.60 -27.95
N SER F 201 31.03 13.70 -27.03
CA SER F 201 29.66 13.60 -26.51
C SER F 201 29.54 14.36 -25.18
N PRO F 202 28.50 15.19 -25.07
CA PRO F 202 28.22 15.99 -23.86
C PRO F 202 28.00 15.10 -22.65
N TYR F 203 27.74 13.82 -22.91
CA TYR F 203 27.49 12.84 -21.85
C TYR F 203 28.79 12.42 -21.19
N PHE F 204 28.70 11.40 -20.35
CA PHE F 204 29.83 10.90 -19.55
C PHE F 204 30.56 11.98 -18.75
N ILE F 205 29.81 12.97 -18.33
CA ILE F 205 30.32 13.98 -17.42
C ILE F 205 30.27 13.40 -16.01
N ASN F 206 31.42 13.33 -15.35
CA ASN F 206 31.50 12.79 -13.99
C ASN F 206 30.98 13.78 -12.96
N LYS F 207 31.69 14.90 -12.81
CA LYS F 207 31.27 15.95 -11.89
C LYS F 207 30.24 16.86 -12.55
N PRO F 208 29.00 16.84 -12.06
CA PRO F 208 27.92 17.69 -12.58
C PRO F 208 28.15 19.16 -12.29
N GLU F 209 28.74 19.48 -11.14
CA GLU F 209 28.93 20.87 -10.72
C GLU F 209 29.97 21.58 -11.58
N THR F 210 31.05 20.89 -11.90
CA THR F 210 32.12 21.47 -12.71
C THR F 210 31.88 21.24 -14.20
N GLY F 211 30.88 20.42 -14.50
CA GLY F 211 30.55 20.10 -15.88
C GLY F 211 31.71 19.46 -16.63
N ALA F 212 32.56 18.73 -15.91
CA ALA F 212 33.74 18.12 -16.49
C ALA F 212 33.85 16.65 -16.10
N VAL F 213 34.69 15.91 -16.81
CA VAL F 213 34.91 14.50 -16.52
C VAL F 213 36.02 14.33 -15.50
N GLU F 214 36.24 13.09 -15.08
CA GLU F 214 37.36 12.74 -14.21
C GLU F 214 37.84 11.35 -14.59
N LEU F 215 39.16 11.18 -14.68
CA LEU F 215 39.72 9.85 -14.88
C LEU F 215 40.91 9.69 -13.94
N GLU F 216 40.83 8.69 -13.07
CA GLU F 216 41.91 8.46 -12.11
C GLU F 216 42.87 7.41 -12.64
N SER F 217 44.12 7.83 -12.88
CA SER F 217 45.16 6.98 -13.46
C SER F 217 44.70 6.22 -14.71
N PRO F 218 44.12 6.95 -15.68
CA PRO F 218 43.58 6.35 -16.90
C PRO F 218 44.65 6.00 -17.93
N PHE F 219 44.36 4.99 -18.75
CA PHE F 219 45.17 4.75 -19.93
C PHE F 219 44.75 5.77 -20.98
N ILE F 220 45.65 6.07 -21.91
CA ILE F 220 45.37 7.05 -22.94
C ILE F 220 45.73 6.52 -24.31
N LEU F 221 44.72 6.39 -25.17
CA LEU F 221 44.92 5.88 -26.52
C LEU F 221 45.22 7.01 -27.50
N LEU F 222 46.31 6.86 -28.24
CA LEU F 222 46.67 7.87 -29.24
C LEU F 222 46.71 7.24 -30.63
N ALA F 223 45.78 7.67 -31.48
CA ALA F 223 45.67 7.13 -32.84
C ALA F 223 45.52 8.25 -33.87
N ASP F 224 46.49 8.35 -34.78
CA ASP F 224 46.46 9.36 -35.83
C ASP F 224 45.30 9.07 -36.79
N LYS F 225 44.72 7.88 -36.66
CA LYS F 225 43.59 7.49 -37.49
C LYS F 225 42.31 8.20 -37.06
N LYS F 226 41.35 8.27 -37.97
CA LYS F 226 39.99 8.60 -37.62
C LYS F 226 39.31 7.27 -37.26
N ILE F 227 38.57 7.23 -36.16
CA ILE F 227 37.92 5.98 -35.80
C ILE F 227 36.44 6.03 -36.15
N SER F 228 36.07 5.31 -37.21
CA SER F 228 34.67 5.23 -37.63
C SER F 228 33.98 3.95 -37.14
N ASN F 229 34.71 3.08 -36.48
CA ASN F 229 34.17 1.77 -36.10
C ASN F 229 34.76 1.17 -34.84
N ILE F 230 33.96 0.37 -34.14
CA ILE F 230 34.36 -0.21 -32.87
C ILE F 230 35.03 -1.58 -33.05
N ARG F 231 35.01 -2.09 -34.28
CA ARG F 231 35.54 -3.43 -34.56
C ARG F 231 37.05 -3.55 -34.31
N GLU F 232 37.82 -2.55 -34.71
CA GLU F 232 39.27 -2.62 -34.56
C GLU F 232 39.77 -2.06 -33.22
N MET F 233 38.87 -1.47 -32.45
CA MET F 233 39.25 -0.96 -31.13
C MET F 233 38.95 -1.93 -29.98
N LEU F 234 38.37 -3.07 -30.31
CA LEU F 234 38.03 -4.09 -29.30
C LEU F 234 39.22 -4.78 -28.62
N PRO F 235 40.26 -5.15 -29.39
CA PRO F 235 41.44 -5.80 -28.80
C PRO F 235 42.08 -4.94 -27.71
N VAL F 236 41.78 -3.65 -27.75
CA VAL F 236 42.30 -2.70 -26.78
C VAL F 236 41.27 -2.42 -25.69
N LEU F 237 40.13 -1.87 -26.10
CA LEU F 237 39.06 -1.46 -25.20
C LEU F 237 38.65 -2.56 -24.21
N GLU F 238 38.84 -3.82 -24.60
CA GLU F 238 38.62 -4.94 -23.69
C GLU F 238 39.80 -5.11 -22.73
N ALA F 239 41.01 -4.83 -23.23
CA ALA F 239 42.22 -4.98 -22.44
C ALA F 239 42.29 -3.99 -21.28
N VAL F 240 41.73 -2.80 -21.49
CA VAL F 240 41.76 -1.77 -20.46
C VAL F 240 40.72 -2.01 -19.36
N ALA F 241 39.56 -2.54 -19.76
CA ALA F 241 38.49 -2.83 -18.81
C ALA F 241 38.90 -3.96 -17.88
N LYS F 242 39.68 -4.90 -18.41
CA LYS F 242 40.18 -6.01 -17.62
C LYS F 242 41.19 -5.51 -16.59
N ALA F 243 41.90 -4.43 -16.94
CA ALA F 243 42.94 -3.89 -16.06
C ALA F 243 42.36 -2.97 -14.98
N GLY F 244 41.08 -2.65 -15.08
CA GLY F 244 40.42 -1.84 -14.09
C GLY F 244 40.70 -0.36 -14.20
N LYS F 245 41.63 -0.01 -15.09
CA LYS F 245 41.99 1.39 -15.33
C LYS F 245 41.03 2.04 -16.32
N PRO F 246 40.79 3.34 -16.17
CA PRO F 246 39.95 4.09 -17.11
C PRO F 246 40.65 4.27 -18.46
N LEU F 247 39.97 4.89 -19.41
CA LEU F 247 40.53 5.09 -20.74
C LEU F 247 40.19 6.44 -21.34
N LEU F 248 41.20 7.10 -21.90
CA LEU F 248 40.98 8.30 -22.67
C LEU F 248 41.50 8.07 -24.09
N ILE F 249 40.69 8.43 -25.07
CA ILE F 249 41.08 8.29 -26.47
C ILE F 249 41.29 9.64 -27.12
N ILE F 250 42.42 9.78 -27.80
CA ILE F 250 42.70 10.97 -28.59
C ILE F 250 43.04 10.51 -30.00
N ALA F 251 42.18 10.86 -30.95
CA ALA F 251 42.37 10.47 -32.35
C ALA F 251 41.89 11.60 -33.25
N GLU F 252 42.01 11.42 -34.56
CA GLU F 252 41.55 12.43 -35.50
C GLU F 252 40.07 12.75 -35.28
N ASP F 253 39.31 11.74 -34.88
CA ASP F 253 37.90 11.93 -34.55
C ASP F 253 37.24 10.61 -34.14
N VAL F 254 36.10 10.72 -33.46
CA VAL F 254 35.28 9.58 -33.12
C VAL F 254 33.86 9.86 -33.55
N GLU F 255 33.35 9.07 -34.49
CA GLU F 255 32.03 9.29 -35.05
C GLU F 255 31.46 8.00 -35.63
N GLY F 256 30.14 7.97 -35.83
CA GLY F 256 29.49 6.79 -36.36
C GLY F 256 29.34 5.70 -35.31
N GLU F 257 29.53 4.46 -35.73
CA GLU F 257 29.38 3.29 -34.85
C GLU F 257 30.21 3.40 -33.58
N ALA F 258 31.32 4.13 -33.65
CA ALA F 258 32.20 4.31 -32.51
C ALA F 258 31.63 5.31 -31.51
N LEU F 259 31.49 6.56 -31.94
CA LEU F 259 30.95 7.63 -31.11
C LEU F 259 29.57 7.29 -30.56
N ALA F 260 28.74 6.65 -31.38
CA ALA F 260 27.41 6.21 -30.98
C ALA F 260 27.44 5.30 -29.77
N THR F 261 28.02 4.12 -29.93
CA THR F 261 28.01 3.08 -28.89
C THR F 261 28.74 3.49 -27.61
N LEU F 262 29.78 4.30 -27.74
CA LEU F 262 30.58 4.74 -26.58
C LEU F 262 29.78 5.60 -25.61
N VAL F 263 28.71 6.21 -26.12
CA VAL F 263 27.89 7.12 -25.34
C VAL F 263 27.04 6.44 -24.28
N VAL F 264 26.31 5.41 -24.68
CA VAL F 264 25.50 4.64 -23.72
C VAL F 264 26.32 4.13 -22.52
N ASN F 265 27.44 3.46 -22.82
CA ASN F 265 28.23 2.78 -21.81
C ASN F 265 28.69 3.64 -20.63
N THR F 266 28.81 4.95 -20.86
CA THR F 266 29.23 5.86 -19.81
C THR F 266 28.09 5.97 -18.82
N MET F 267 26.90 6.25 -19.32
CA MET F 267 25.71 6.19 -18.49
C MET F 267 25.40 4.74 -18.11
N ARG F 268 25.58 3.83 -19.06
CA ARG F 268 25.37 2.40 -18.84
C ARG F 268 26.37 1.79 -17.87
N GLY F 269 27.55 2.37 -17.78
CA GLY F 269 28.60 1.82 -16.93
C GLY F 269 29.33 0.66 -17.59
N ILE F 270 29.91 -0.21 -16.78
CA ILE F 270 30.77 -1.33 -17.24
C ILE F 270 32.16 -0.90 -17.73
N VAL F 271 32.33 0.40 -17.97
CA VAL F 271 33.60 0.93 -18.46
C VAL F 271 33.76 2.38 -18.03
N LYS F 272 35.01 2.83 -17.92
CA LYS F 272 35.30 4.24 -17.71
C LYS F 272 35.95 4.80 -18.96
N VAL F 273 35.23 5.65 -19.68
CA VAL F 273 35.70 6.10 -20.98
C VAL F 273 35.45 7.58 -21.24
N ALA F 274 36.39 8.20 -21.95
CA ALA F 274 36.25 9.59 -22.37
C ALA F 274 36.90 9.73 -23.74
N ALA F 275 36.26 10.51 -24.62
CA ALA F 275 36.77 10.68 -25.97
C ALA F 275 36.83 12.15 -26.39
N VAL F 276 38.04 12.60 -26.72
CA VAL F 276 38.24 13.95 -27.19
C VAL F 276 38.92 13.95 -28.55
N LYS F 277 38.65 14.98 -29.34
CA LYS F 277 39.25 15.11 -30.66
C LYS F 277 40.58 15.85 -30.57
N ALA F 278 41.60 15.29 -31.21
CA ALA F 278 42.94 15.88 -31.19
C ALA F 278 42.93 17.27 -31.82
N PRO F 279 43.53 18.25 -31.14
CA PRO F 279 43.56 19.64 -31.57
C PRO F 279 44.39 19.85 -32.83
N GLY F 280 44.18 20.96 -33.52
CA GLY F 280 44.93 21.28 -34.72
C GLY F 280 44.42 20.59 -35.97
N PHE F 281 45.35 20.23 -36.85
CA PHE F 281 45.04 19.61 -38.13
C PHE F 281 46.34 19.33 -38.87
N GLY F 282 46.29 18.45 -39.87
CA GLY F 282 47.45 18.16 -40.69
C GLY F 282 48.67 17.67 -39.91
N ASP F 283 49.86 18.02 -40.40
CA ASP F 283 51.10 17.63 -39.75
C ASP F 283 51.17 18.13 -38.32
N ARG F 284 50.72 19.37 -38.10
CA ARG F 284 50.72 19.94 -36.76
C ARG F 284 49.84 19.13 -35.81
N ARG F 285 48.79 18.51 -36.33
CA ARG F 285 47.91 17.68 -35.52
C ARG F 285 48.63 16.38 -35.14
N LYS F 286 49.45 15.87 -36.06
CA LYS F 286 50.24 14.67 -35.82
C LYS F 286 51.21 14.94 -34.68
N ALA F 287 51.88 16.07 -34.77
CA ALA F 287 52.85 16.47 -33.75
C ALA F 287 52.23 16.60 -32.36
N MET F 288 50.99 17.10 -32.28
CA MET F 288 50.31 17.25 -31.00
C MET F 288 50.15 15.90 -30.32
N LEU F 289 49.79 14.88 -31.10
CA LEU F 289 49.59 13.54 -30.56
C LEU F 289 50.90 12.94 -30.08
N GLN F 290 51.93 13.07 -30.91
CA GLN F 290 53.26 12.61 -30.55
C GLN F 290 53.73 13.28 -29.25
N ASP F 291 53.42 14.56 -29.10
CA ASP F 291 53.75 15.31 -27.89
C ASP F 291 53.04 14.74 -26.67
N ILE F 292 51.74 14.48 -26.81
CA ILE F 292 50.97 13.89 -25.73
C ILE F 292 51.45 12.47 -25.42
N ALA F 293 51.98 11.80 -26.45
CA ALA F 293 52.48 10.44 -26.30
C ALA F 293 53.78 10.42 -25.49
N THR F 294 54.70 11.31 -25.84
CA THR F 294 55.96 11.42 -25.12
C THR F 294 55.71 11.82 -23.66
N LEU F 295 54.65 12.59 -23.43
CA LEU F 295 54.28 13.04 -22.10
C LEU F 295 53.74 11.87 -21.28
N THR F 296 52.90 11.06 -21.92
CA THR F 296 52.28 9.91 -21.26
C THR F 296 53.08 8.62 -21.50
N GLY F 297 54.21 8.75 -22.18
CA GLY F 297 55.07 7.61 -22.45
C GLY F 297 54.35 6.53 -23.22
N GLY F 298 53.43 6.95 -24.07
CA GLY F 298 52.66 6.04 -24.88
C GLY F 298 53.11 6.05 -26.33
N THR F 299 52.30 5.44 -27.20
CA THR F 299 52.64 5.35 -28.61
C THR F 299 51.45 5.76 -29.50
N VAL F 300 51.75 6.42 -30.60
CA VAL F 300 50.72 6.80 -31.56
C VAL F 300 50.55 5.68 -32.59
N ILE F 301 49.31 5.41 -32.96
CA ILE F 301 49.02 4.37 -33.94
C ILE F 301 48.52 4.98 -35.26
N SER F 302 49.33 4.89 -36.30
CA SER F 302 49.02 5.53 -37.58
C SER F 302 48.85 4.53 -38.71
N GLU F 303 47.93 4.83 -39.63
CA GLU F 303 47.70 3.98 -40.79
C GLU F 303 48.81 4.15 -41.81
N GLU F 304 49.61 5.20 -41.64
CA GLU F 304 50.69 5.50 -42.57
C GLU F 304 51.72 4.38 -42.60
N ILE F 305 52.22 4.00 -41.42
CA ILE F 305 53.22 2.95 -41.29
C ILE F 305 52.60 1.57 -41.47
N GLY F 306 51.28 1.50 -41.36
CA GLY F 306 50.58 0.23 -41.44
C GLY F 306 50.14 -0.24 -40.06
N MET F 307 50.40 0.59 -39.06
CA MET F 307 50.00 0.31 -37.69
C MET F 307 48.49 0.07 -37.61
N GLU F 308 48.09 -0.87 -36.76
CA GLU F 308 46.68 -1.21 -36.61
C GLU F 308 46.28 -1.22 -35.13
N LEU F 309 45.06 -0.78 -34.85
CA LEU F 309 44.58 -0.64 -33.47
C LEU F 309 44.56 -1.98 -32.72
N GLU F 310 44.34 -3.06 -33.47
CA GLU F 310 44.34 -4.40 -32.88
C GLU F 310 45.77 -4.85 -32.58
N LYS F 311 46.74 -4.19 -33.21
CA LYS F 311 48.15 -4.44 -32.95
C LYS F 311 48.58 -3.68 -31.70
N ALA F 312 47.74 -2.76 -31.24
CA ALA F 312 48.04 -1.97 -30.06
C ALA F 312 48.07 -2.84 -28.81
N THR F 313 48.86 -2.40 -27.83
CA THR F 313 48.99 -3.10 -26.57
C THR F 313 48.93 -2.10 -25.42
N LEU F 314 48.79 -2.59 -24.20
CA LEU F 314 48.77 -1.72 -23.01
C LEU F 314 50.02 -0.86 -22.92
N GLU F 315 51.11 -1.31 -23.54
CA GLU F 315 52.35 -0.55 -23.59
C GLU F 315 52.27 0.62 -24.57
N ASP F 316 51.51 0.41 -25.65
CA ASP F 316 51.33 1.45 -26.67
C ASP F 316 50.47 2.59 -26.14
N LEU F 317 49.71 2.30 -25.07
CA LEU F 317 48.85 3.30 -24.46
C LEU F 317 49.62 4.15 -23.44
N GLY F 318 49.33 5.44 -23.42
CA GLY F 318 49.94 6.35 -22.45
C GLY F 318 49.21 6.30 -21.13
N GLN F 319 49.81 6.88 -20.10
CA GLN F 319 49.23 6.88 -18.76
C GLN F 319 49.41 8.22 -18.08
N ALA F 320 48.72 8.42 -16.96
CA ALA F 320 48.88 9.62 -16.14
C ALA F 320 48.00 9.54 -14.89
N LYS F 321 48.35 10.36 -13.90
CA LYS F 321 47.65 10.35 -12.62
C LYS F 321 46.16 10.66 -12.79
N ARG F 322 45.86 11.87 -13.23
CA ARG F 322 44.47 12.30 -13.40
C ARG F 322 44.30 13.12 -14.67
N VAL F 323 43.12 13.02 -15.28
CA VAL F 323 42.78 13.83 -16.45
C VAL F 323 41.43 14.51 -16.27
N VAL F 324 41.36 15.77 -16.65
CA VAL F 324 40.12 16.53 -16.52
C VAL F 324 39.70 17.09 -17.88
N ILE F 325 38.56 16.61 -18.36
CA ILE F 325 38.04 17.07 -19.64
C ILE F 325 36.83 17.97 -19.44
N ASN F 326 36.84 19.10 -20.14
CA ASN F 326 35.80 20.12 -19.99
C ASN F 326 35.05 20.26 -21.32
N LYS F 327 34.11 21.19 -21.39
CA LYS F 327 33.39 21.47 -22.62
C LYS F 327 34.35 21.86 -23.74
N ASP F 328 35.13 22.91 -23.51
CA ASP F 328 36.18 23.34 -24.44
C ASP F 328 37.61 22.89 -24.09
N THR F 329 37.79 22.20 -22.95
CA THR F 329 39.13 22.01 -22.39
C THR F 329 39.46 20.59 -21.95
N THR F 330 40.73 20.20 -22.09
CA THR F 330 41.22 18.95 -21.56
C THR F 330 42.59 19.12 -20.90
N THR F 331 42.69 18.71 -19.63
CA THR F 331 43.94 18.85 -18.89
C THR F 331 44.49 17.51 -18.45
N ILE F 332 45.73 17.25 -18.80
CA ILE F 332 46.41 16.02 -18.39
C ILE F 332 47.38 16.30 -17.26
N ILE F 333 47.25 15.54 -16.17
CA ILE F 333 48.00 15.83 -14.96
C ILE F 333 48.94 14.70 -14.55
N ASP F 334 50.25 15.01 -14.55
CA ASP F 334 51.28 14.07 -14.13
C ASP F 334 51.33 12.80 -14.99
N GLY F 335 51.75 12.94 -16.23
CA GLY F 335 51.94 11.82 -17.12
C GLY F 335 53.08 10.91 -16.73
N VAL F 336 53.00 9.64 -17.14
CA VAL F 336 53.99 8.63 -16.76
C VAL F 336 55.22 8.64 -17.64
N GLY F 337 55.23 9.51 -18.65
CA GLY F 337 56.34 9.61 -19.57
C GLY F 337 57.66 9.89 -18.89
N GLU F 338 58.68 9.10 -19.22
CA GLU F 338 59.99 9.25 -18.62
C GLU F 338 60.60 10.60 -18.98
N GLU F 339 61.33 11.19 -18.02
CA GLU F 339 61.96 12.49 -18.23
C GLU F 339 62.91 12.49 -19.43
N ALA F 340 63.47 11.32 -19.73
CA ALA F 340 64.32 11.15 -20.89
C ALA F 340 63.61 11.57 -22.18
N ALA F 341 62.56 10.85 -22.52
CA ALA F 341 61.80 11.10 -23.75
C ALA F 341 61.29 12.54 -23.86
N ILE F 342 60.64 13.02 -22.80
CA ILE F 342 60.03 14.34 -22.81
C ILE F 342 61.05 15.46 -23.01
N GLN F 343 62.05 15.52 -22.14
CA GLN F 343 63.06 16.58 -22.16
C GLN F 343 63.89 16.54 -23.44
N GLY F 344 63.96 15.37 -24.07
CA GLY F 344 64.64 15.23 -25.34
C GLY F 344 63.79 15.77 -26.49
N ARG F 345 62.49 15.49 -26.45
CA ARG F 345 61.57 15.98 -27.47
C ARG F 345 61.40 17.49 -27.37
N VAL F 346 61.52 18.01 -26.16
CA VAL F 346 61.49 19.45 -25.95
C VAL F 346 62.65 20.09 -26.69
N ALA F 347 63.83 19.52 -26.52
CA ALA F 347 65.03 19.99 -27.21
C ALA F 347 64.85 19.87 -28.71
N GLN F 348 64.17 18.80 -29.14
CA GLN F 348 63.88 18.61 -30.56
C GLN F 348 63.10 19.79 -31.09
N ILE F 349 61.96 20.07 -30.46
CA ILE F 349 61.10 21.18 -30.87
C ILE F 349 61.85 22.50 -30.80
N ARG F 350 62.60 22.69 -29.72
CA ARG F 350 63.44 23.88 -29.56
C ARG F 350 64.36 24.09 -30.76
N GLN F 351 65.00 23.02 -31.19
CA GLN F 351 65.89 23.07 -32.34
C GLN F 351 65.10 23.32 -33.61
N GLN F 352 63.87 22.83 -33.65
CA GLN F 352 62.99 23.03 -34.80
C GLN F 352 62.61 24.51 -34.93
N ILE F 353 62.54 25.19 -33.80
CA ILE F 353 62.19 26.61 -33.79
C ILE F 353 63.28 27.42 -34.51
N GLU F 354 64.51 26.92 -34.45
CA GLU F 354 65.63 27.57 -35.12
C GLU F 354 65.51 27.46 -36.64
N GLU F 355 65.03 26.31 -37.11
CA GLU F 355 64.93 26.02 -38.53
C GLU F 355 63.73 26.69 -39.21
N ALA F 356 62.61 26.74 -38.48
CA ALA F 356 61.38 27.32 -39.03
C ALA F 356 61.57 28.77 -39.46
N THR F 357 61.21 29.05 -40.71
CA THR F 357 61.47 30.36 -41.29
C THR F 357 60.29 31.33 -41.21
N SER F 358 59.19 30.90 -40.61
CA SER F 358 57.99 31.75 -40.54
C SER F 358 57.64 32.14 -39.11
N ASP F 359 57.27 33.40 -38.92
CA ASP F 359 56.90 33.91 -37.60
C ASP F 359 55.73 33.14 -37.01
N TYR F 360 54.74 32.85 -37.86
CA TYR F 360 53.58 32.08 -37.43
C TYR F 360 53.98 30.63 -37.16
N ASP F 361 54.82 30.09 -38.05
CA ASP F 361 55.29 28.72 -37.92
C ASP F 361 55.98 28.50 -36.58
N ARG F 362 56.62 29.55 -36.07
CA ARG F 362 57.28 29.50 -34.78
C ARG F 362 56.29 29.63 -33.61
N GLU F 363 55.29 30.49 -33.77
CA GLU F 363 54.29 30.72 -32.74
C GLU F 363 53.57 29.42 -32.36
N LYS F 364 53.44 28.52 -33.33
CA LYS F 364 52.84 27.21 -33.09
C LYS F 364 53.82 26.28 -32.38
N LEU F 365 55.08 26.33 -32.80
CA LEU F 365 56.14 25.50 -32.22
C LEU F 365 56.43 25.85 -30.76
N GLN F 366 56.34 27.14 -30.43
CA GLN F 366 56.62 27.61 -29.08
C GLN F 366 55.42 27.39 -28.15
N GLU F 367 54.26 27.10 -28.73
CA GLU F 367 53.08 26.74 -27.96
C GLU F 367 53.19 25.30 -27.48
N ARG F 368 53.76 24.44 -28.31
CA ARG F 368 53.94 23.04 -27.95
C ARG F 368 54.99 22.85 -26.86
N VAL F 369 56.12 23.55 -26.99
CA VAL F 369 57.16 23.50 -25.96
C VAL F 369 56.70 24.12 -24.65
N ALA F 370 55.90 25.17 -24.75
CA ALA F 370 55.38 25.85 -23.57
C ALA F 370 54.60 24.87 -22.70
N LYS F 371 53.78 24.05 -23.34
CA LYS F 371 52.98 23.06 -22.64
C LYS F 371 53.84 21.92 -22.11
N LEU F 372 54.66 21.36 -22.98
CA LEU F 372 55.41 20.15 -22.66
C LEU F 372 56.51 20.37 -21.62
N ALA F 373 57.23 21.48 -21.72
CA ALA F 373 58.28 21.79 -20.76
C ALA F 373 57.76 22.61 -19.59
N GLY F 374 56.52 23.09 -19.71
CA GLY F 374 55.93 23.94 -18.70
C GLY F 374 55.39 23.17 -17.51
N GLY F 375 54.92 21.96 -17.76
CA GLY F 375 54.39 21.11 -16.70
C GLY F 375 53.08 21.65 -16.14
N VAL F 376 52.56 20.97 -15.13
CA VAL F 376 51.35 21.41 -14.44
C VAL F 376 51.63 21.57 -12.94
N ALA F 377 51.10 22.65 -12.37
CA ALA F 377 51.32 22.92 -10.96
C ALA F 377 50.17 22.36 -10.14
N VAL F 378 50.46 21.35 -9.34
CA VAL F 378 49.43 20.74 -8.52
C VAL F 378 49.50 21.27 -7.10
N ILE F 379 48.47 22.01 -6.69
CA ILE F 379 48.37 22.44 -5.32
C ILE F 379 47.58 21.42 -4.52
N LYS F 380 48.22 20.81 -3.54
CA LYS F 380 47.55 19.80 -2.71
C LYS F 380 47.11 20.43 -1.40
N VAL F 381 45.79 20.59 -1.26
CA VAL F 381 45.20 21.10 -0.03
C VAL F 381 45.18 19.96 0.98
N GLY F 382 45.15 20.30 2.27
CA GLY F 382 45.14 19.26 3.28
C GLY F 382 44.41 19.65 4.54
N ALA F 383 43.97 18.63 5.28
CA ALA F 383 43.11 18.82 6.44
C ALA F 383 43.23 17.62 7.38
N ALA F 384 42.77 17.81 8.62
CA ALA F 384 42.76 16.74 9.60
C ALA F 384 41.74 15.66 9.23
N THR F 385 40.54 16.09 8.82
CA THR F 385 39.49 15.15 8.45
C THR F 385 39.33 15.06 6.93
N GLU F 386 38.45 14.19 6.48
CA GLU F 386 38.13 14.11 5.05
C GLU F 386 37.15 15.20 4.67
N VAL F 387 36.21 15.48 5.58
CA VAL F 387 35.21 16.51 5.33
C VAL F 387 35.87 17.86 5.12
N GLU F 388 37.06 18.03 5.70
CA GLU F 388 37.76 19.32 5.68
C GLU F 388 38.54 19.58 4.39
N MET F 389 38.78 18.55 3.59
CA MET F 389 39.35 18.78 2.27
C MET F 389 38.29 19.32 1.32
N LYS F 390 37.13 18.67 1.29
CA LYS F 390 36.14 18.95 0.26
C LYS F 390 35.55 20.37 0.27
N GLU F 391 35.68 21.07 1.40
CA GLU F 391 35.37 22.50 1.44
C GLU F 391 36.61 23.34 1.07
N LYS F 392 37.68 23.20 1.84
CA LYS F 392 38.93 23.91 1.59
C LYS F 392 39.38 23.84 0.12
N LYS F 393 39.27 22.67 -0.49
CA LYS F 393 39.58 22.51 -1.90
C LYS F 393 38.68 23.40 -2.76
N ALA F 394 37.39 23.38 -2.45
CA ALA F 394 36.41 24.19 -3.19
C ALA F 394 36.68 25.69 -3.05
N ARG F 395 37.22 26.07 -1.89
CA ARG F 395 37.53 27.46 -1.59
C ARG F 395 38.80 27.91 -2.31
N VAL F 396 39.82 27.06 -2.25
CA VAL F 396 41.10 27.36 -2.90
C VAL F 396 40.94 27.47 -4.42
N GLU F 397 40.07 26.64 -4.99
CA GLU F 397 39.76 26.73 -6.41
C GLU F 397 39.20 28.10 -6.72
N ASP F 398 38.30 28.57 -5.85
CA ASP F 398 37.74 29.91 -5.98
C ASP F 398 38.79 30.98 -5.74
N ALA F 399 39.63 30.76 -4.72
CA ALA F 399 40.71 31.68 -4.39
C ALA F 399 41.67 31.82 -5.57
N LEU F 400 41.84 30.71 -6.28
CA LEU F 400 42.70 30.66 -7.44
C LEU F 400 42.03 31.39 -8.59
N HIS F 401 40.72 31.23 -8.72
CA HIS F 401 39.95 31.94 -9.74
C HIS F 401 40.04 33.45 -9.51
N ALA F 402 39.78 33.89 -8.28
CA ALA F 402 39.85 35.30 -7.91
C ALA F 402 41.21 35.90 -8.17
N THR F 403 42.25 35.11 -7.93
CA THR F 403 43.63 35.58 -8.10
C THR F 403 43.97 35.80 -9.58
N ARG F 404 43.51 34.88 -10.44
CA ARG F 404 43.60 35.10 -11.88
C ARG F 404 42.83 36.36 -12.29
N ALA F 405 41.62 36.50 -11.74
CA ALA F 405 40.78 37.65 -12.04
C ALA F 405 41.46 38.97 -11.69
N ALA F 406 42.20 38.97 -10.58
CA ALA F 406 42.95 40.15 -10.15
C ALA F 406 44.09 40.44 -11.09
N VAL F 407 44.72 39.38 -11.61
CA VAL F 407 45.82 39.54 -12.55
C VAL F 407 45.36 40.17 -13.87
N GLU F 408 44.22 39.72 -14.39
CA GLU F 408 43.71 40.25 -15.65
C GLU F 408 43.17 41.67 -15.54
N GLU F 409 42.21 41.87 -14.63
CA GLU F 409 41.51 43.14 -14.50
C GLU F 409 41.96 44.10 -13.39
N GLY F 410 42.96 43.70 -12.59
CA GLY F 410 43.50 44.57 -11.57
C GLY F 410 42.90 44.44 -10.17
N VAL F 411 43.34 45.30 -9.27
CA VAL F 411 42.79 45.33 -7.90
C VAL F 411 42.45 46.74 -7.43
N VAL F 412 41.59 46.81 -6.41
CA VAL F 412 41.22 48.06 -5.77
C VAL F 412 41.29 47.88 -4.26
N ALA F 413 41.01 48.94 -3.51
CA ALA F 413 41.17 48.87 -2.07
C ALA F 413 40.12 47.94 -1.45
N GLY F 414 40.60 46.96 -0.69
CA GLY F 414 39.74 45.99 -0.05
C GLY F 414 39.00 46.60 1.13
N GLY F 415 38.41 45.75 1.96
CA GLY F 415 37.70 46.19 3.15
C GLY F 415 36.53 47.07 2.80
N GLY F 416 36.08 47.00 1.56
CA GLY F 416 34.94 47.79 1.11
C GLY F 416 35.17 49.29 0.98
N VAL F 417 36.43 49.73 1.03
CA VAL F 417 36.69 51.17 0.90
C VAL F 417 36.61 51.65 -0.57
N ALA F 418 36.92 50.76 -1.50
CA ALA F 418 36.76 51.08 -2.93
C ALA F 418 35.33 51.54 -3.25
N LEU F 419 34.34 50.75 -2.83
CA LEU F 419 32.93 51.07 -3.04
C LEU F 419 32.51 52.35 -2.32
N ILE F 420 33.05 52.56 -1.11
CA ILE F 420 32.86 53.79 -0.36
C ILE F 420 33.41 54.99 -1.13
N ARG F 421 34.60 54.82 -1.68
CA ARG F 421 35.26 55.88 -2.45
C ARG F 421 34.51 56.20 -3.73
N VAL F 422 34.12 55.16 -4.44
CA VAL F 422 33.38 55.31 -5.68
C VAL F 422 32.02 55.99 -5.46
N ALA F 423 31.37 55.67 -4.35
CA ALA F 423 30.11 56.33 -4.00
C ALA F 423 30.29 57.84 -3.73
N SER F 424 31.38 58.23 -3.09
CA SER F 424 31.56 59.64 -2.78
C SER F 424 31.82 60.46 -4.04
N LYS F 425 32.37 59.82 -5.07
CA LYS F 425 32.60 60.49 -6.34
C LYS F 425 31.30 60.72 -7.10
N LEU F 426 30.31 59.86 -6.83
CA LEU F 426 29.04 59.90 -7.53
C LEU F 426 27.99 60.79 -6.85
N ALA F 427 28.42 61.50 -5.80
CA ALA F 427 27.54 62.31 -4.97
C ALA F 427 26.64 63.26 -5.76
N ASP F 428 27.16 63.78 -6.86
CA ASP F 428 26.42 64.76 -7.64
C ASP F 428 25.66 64.15 -8.82
N LEU F 429 25.73 62.82 -8.96
CA LEU F 429 25.06 62.13 -10.04
C LEU F 429 23.54 62.29 -9.95
N ARG F 430 22.91 62.60 -11.08
CA ARG F 430 21.47 62.89 -11.12
C ARG F 430 20.73 62.17 -12.24
N GLY F 431 19.44 61.96 -12.04
CA GLY F 431 18.56 61.39 -13.06
C GLY F 431 17.63 62.42 -13.67
N GLN F 432 16.58 61.94 -14.33
CA GLN F 432 15.67 62.81 -15.09
C GLN F 432 14.44 63.27 -14.30
N ASN F 433 14.34 62.82 -13.06
CA ASN F 433 13.30 63.29 -12.15
C ASN F 433 13.64 62.84 -10.73
N GLU F 434 12.81 63.21 -9.76
CA GLU F 434 13.11 62.95 -8.35
C GLU F 434 13.22 61.48 -8.04
N ASP F 435 12.38 60.67 -8.66
CA ASP F 435 12.36 59.24 -8.41
C ASP F 435 13.65 58.55 -8.84
N GLN F 436 14.21 58.96 -9.98
CA GLN F 436 15.47 58.42 -10.45
C GLN F 436 16.60 58.83 -9.50
N ASN F 437 16.52 60.07 -9.02
CA ASN F 437 17.47 60.56 -8.01
C ASN F 437 17.44 59.71 -6.75
N VAL F 438 16.24 59.42 -6.25
CA VAL F 438 16.09 58.60 -5.06
C VAL F 438 16.71 57.22 -5.28
N GLY F 439 16.55 56.72 -6.50
CA GLY F 439 17.12 55.44 -6.86
C GLY F 439 18.64 55.46 -6.81
N ILE F 440 19.23 56.54 -7.34
CA ILE F 440 20.68 56.73 -7.33
C ILE F 440 21.22 56.72 -5.90
N LYS F 441 20.60 57.50 -5.02
CA LYS F 441 20.98 57.54 -3.62
C LYS F 441 20.79 56.20 -2.91
N VAL F 442 19.81 55.42 -3.36
CA VAL F 442 19.64 54.07 -2.83
C VAL F 442 20.89 53.26 -3.13
N ALA F 443 21.31 53.27 -4.41
CA ALA F 443 22.52 52.58 -4.82
C ALA F 443 23.75 53.05 -4.05
N LEU F 444 23.94 54.37 -3.96
CA LEU F 444 25.10 54.96 -3.28
C LEU F 444 25.15 54.71 -1.79
N ARG F 445 23.99 54.57 -1.15
CA ARG F 445 23.92 54.23 0.26
CA ARG F 445 23.95 54.24 0.27
C ARG F 445 24.31 52.78 0.48
N ALA F 446 23.90 51.94 -0.47
CA ALA F 446 24.15 50.50 -0.39
C ALA F 446 25.63 50.19 -0.47
N MET F 447 26.38 51.06 -1.14
CA MET F 447 27.80 50.83 -1.34
C MET F 447 28.63 50.94 -0.05
N GLU F 448 28.03 51.48 1.01
CA GLU F 448 28.71 51.53 2.30
C GLU F 448 28.48 50.24 3.08
N ALA F 449 27.59 49.40 2.58
CA ALA F 449 27.12 48.27 3.35
C ALA F 449 28.23 47.27 3.68
N PRO F 450 29.07 46.94 2.69
CA PRO F 450 30.15 45.97 2.97
C PRO F 450 31.14 46.42 4.03
N LEU F 451 31.62 47.65 3.98
CA LEU F 451 32.53 48.16 5.02
C LEU F 451 31.86 48.10 6.40
N ARG F 452 30.62 48.60 6.46
CA ARG F 452 29.91 48.65 7.72
C ARG F 452 29.70 47.27 8.33
N GLN F 453 29.31 46.31 7.49
CA GLN F 453 29.11 44.94 7.94
C GLN F 453 30.40 44.34 8.48
N ILE F 454 31.51 44.62 7.80
CA ILE F 454 32.82 44.11 8.23
C ILE F 454 33.14 44.63 9.62
N VAL F 455 32.92 45.93 9.83
CA VAL F 455 33.17 46.56 11.11
C VAL F 455 32.24 46.00 12.18
N LEU F 456 30.97 45.82 11.81
CA LEU F 456 29.99 45.29 12.75
C LEU F 456 30.37 43.88 13.20
N ASN F 457 30.95 43.09 12.30
CA ASN F 457 31.37 41.74 12.64
C ASN F 457 32.60 41.73 13.54
N CYS F 458 33.32 42.84 13.56
CA CYS F 458 34.44 43.04 14.47
C CYS F 458 33.97 43.31 15.90
N GLY F 459 32.71 43.71 16.03
CA GLY F 459 32.17 44.09 17.33
C GLY F 459 32.50 45.54 17.61
N GLU F 460 32.81 46.28 16.55
CA GLU F 460 33.06 47.71 16.66
C GLU F 460 31.89 48.51 16.10
N GLU F 461 31.97 49.84 16.20
CA GLU F 461 30.88 50.70 15.72
CA GLU F 461 30.88 50.70 15.72
C GLU F 461 31.05 51.08 14.25
N PRO F 462 30.16 50.54 13.40
CA PRO F 462 30.23 50.74 11.95
C PRO F 462 30.20 52.20 11.52
N SER F 463 29.48 53.04 12.26
CA SER F 463 29.34 54.43 11.89
C SER F 463 30.60 55.23 12.16
N VAL F 464 31.25 54.91 13.28
CA VAL F 464 32.49 55.55 13.64
C VAL F 464 33.59 55.25 12.61
N VAL F 465 33.71 53.98 12.24
CA VAL F 465 34.74 53.60 11.27
C VAL F 465 34.44 54.16 9.88
N ALA F 466 33.17 54.11 9.48
CA ALA F 466 32.73 54.57 8.17
C ALA F 466 32.98 56.06 7.99
N ASN F 467 32.59 56.84 9.00
CA ASN F 467 32.88 58.27 9.02
C ASN F 467 34.37 58.54 8.92
N THR F 468 35.16 57.83 9.71
CA THR F 468 36.61 58.01 9.68
C THR F 468 37.12 57.74 8.26
N VAL F 469 36.77 56.58 7.71
CA VAL F 469 37.19 56.23 6.35
C VAL F 469 36.73 57.23 5.30
N LYS F 470 35.48 57.68 5.40
CA LYS F 470 34.98 58.70 4.48
C LYS F 470 35.79 60.01 4.57
N GLY F 471 36.07 60.44 5.79
CA GLY F 471 36.83 61.67 5.99
C GLY F 471 38.24 61.59 5.47
N GLY F 472 38.68 60.37 5.15
CA GLY F 472 40.01 60.16 4.60
C GLY F 472 39.97 60.12 3.09
N ASP F 473 41.10 59.77 2.48
CA ASP F 473 41.19 59.81 1.03
C ASP F 473 41.91 58.63 0.42
N GLY F 474 41.64 58.40 -0.86
CA GLY F 474 42.29 57.37 -1.63
C GLY F 474 42.17 55.99 -1.02
N ASN F 475 43.33 55.37 -0.82
CA ASN F 475 43.38 54.00 -0.35
C ASN F 475 43.38 53.88 1.18
N TYR F 476 43.22 55.02 1.86
CA TYR F 476 43.05 55.02 3.30
C TYR F 476 41.81 54.20 3.67
N GLY F 477 41.99 53.23 4.55
CA GLY F 477 40.93 52.32 4.91
C GLY F 477 41.12 51.79 6.31
N TYR F 478 40.20 50.92 6.73
CA TYR F 478 40.26 50.29 8.04
C TYR F 478 40.65 48.83 7.89
N ASN F 479 41.68 48.43 8.63
CA ASN F 479 42.13 47.06 8.63
C ASN F 479 41.44 46.33 9.78
N ALA F 480 40.54 45.41 9.43
CA ALA F 480 39.67 44.77 10.42
C ALA F 480 40.41 43.68 11.21
N ALA F 481 41.50 43.16 10.65
CA ALA F 481 42.31 42.19 11.36
C ALA F 481 43.06 42.84 12.52
N THR F 482 43.69 43.97 12.25
CA THR F 482 44.50 44.65 13.23
C THR F 482 43.81 45.79 13.97
N GLU F 483 42.58 46.12 13.58
CA GLU F 483 41.85 47.24 14.16
C GLU F 483 42.58 48.59 13.97
N GLU F 484 43.38 48.69 12.92
CA GLU F 484 44.15 49.89 12.65
C GLU F 484 43.76 50.46 11.30
N TYR F 485 43.83 51.78 11.17
CA TYR F 485 43.64 52.40 9.86
C TYR F 485 44.97 52.45 9.11
N GLY F 486 44.94 52.95 7.88
CA GLY F 486 46.12 52.98 7.04
C GLY F 486 45.82 52.85 5.56
N ASN F 487 46.86 52.53 4.79
CA ASN F 487 46.73 52.36 3.34
C ASN F 487 46.49 50.88 3.01
N MET F 488 45.30 50.59 2.49
CA MET F 488 44.86 49.21 2.25
C MET F 488 45.80 48.47 1.29
N ILE F 489 46.37 49.20 0.34
CA ILE F 489 47.30 48.61 -0.61
C ILE F 489 48.62 48.24 0.06
N ASP F 490 49.18 49.16 0.84
CA ASP F 490 50.42 48.89 1.56
C ASP F 490 50.24 47.73 2.53
N MET F 491 49.07 47.68 3.18
CA MET F 491 48.75 46.64 4.13
C MET F 491 48.42 45.30 3.49
N GLY F 492 48.38 45.27 2.16
CA GLY F 492 48.12 44.06 1.42
C GLY F 492 46.68 43.58 1.46
N ILE F 493 45.74 44.50 1.67
CA ILE F 493 44.34 44.10 1.62
C ILE F 493 43.75 44.51 0.28
N LEU F 494 43.54 43.52 -0.58
CA LEU F 494 43.29 43.77 -1.99
C LEU F 494 42.12 42.95 -2.49
N ASP F 495 41.13 43.62 -3.07
CA ASP F 495 40.03 42.95 -3.76
C ASP F 495 40.23 42.96 -5.27
N PRO F 496 40.10 41.80 -5.93
CA PRO F 496 40.13 41.85 -7.39
C PRO F 496 39.03 42.78 -7.87
N THR F 497 39.36 43.72 -8.76
CA THR F 497 38.38 44.69 -9.22
C THR F 497 37.16 44.02 -9.82
N LYS F 498 37.38 42.89 -10.49
CA LYS F 498 36.29 42.14 -11.11
C LYS F 498 35.26 41.61 -10.11
N VAL F 499 35.69 41.24 -8.90
CA VAL F 499 34.71 40.74 -7.94
C VAL F 499 33.88 41.85 -7.31
N THR F 500 34.51 42.98 -7.02
CA THR F 500 33.80 44.16 -6.55
C THR F 500 32.78 44.61 -7.58
N ARG F 501 33.27 44.82 -8.80
CA ARG F 501 32.41 45.16 -9.92
C ARG F 501 31.26 44.16 -10.07
N SER F 502 31.59 42.88 -10.10
CA SER F 502 30.60 41.82 -10.27
C SER F 502 29.55 41.78 -9.17
N ALA F 503 30.00 41.85 -7.92
CA ALA F 503 29.10 41.82 -6.78
C ALA F 503 28.06 42.93 -6.87
N LEU F 504 28.50 44.14 -7.19
CA LEU F 504 27.59 45.27 -7.33
C LEU F 504 26.62 45.09 -8.51
N GLN F 505 27.14 44.65 -9.65
CA GLN F 505 26.31 44.47 -10.84
C GLN F 505 25.21 43.42 -10.65
N TYR F 506 25.56 42.27 -10.08
CA TYR F 506 24.58 41.23 -9.84
C TYR F 506 23.58 41.59 -8.75
N ALA F 507 24.07 42.21 -7.69
CA ALA F 507 23.20 42.68 -6.62
C ALA F 507 22.15 43.64 -7.15
N ALA F 508 22.56 44.56 -8.02
CA ALA F 508 21.65 45.56 -8.56
C ALA F 508 20.62 44.93 -9.50
N SER F 509 21.05 43.93 -10.25
CA SER F 509 20.17 43.22 -11.17
C SER F 509 18.94 42.63 -10.47
N VAL F 510 19.16 41.82 -9.43
CA VAL F 510 18.05 41.23 -8.68
C VAL F 510 17.22 42.26 -7.91
N ALA F 511 17.86 43.32 -7.44
CA ALA F 511 17.15 44.37 -6.73
C ALA F 511 16.19 45.07 -7.67
N GLY F 512 16.64 45.32 -8.90
CA GLY F 512 15.83 45.97 -9.91
C GLY F 512 14.64 45.14 -10.29
N LEU F 513 14.84 43.83 -10.39
CA LEU F 513 13.76 42.90 -10.69
C LEU F 513 12.73 42.89 -9.58
N MET F 514 13.20 42.83 -8.33
CA MET F 514 12.28 42.73 -7.20
C MET F 514 11.45 43.99 -7.04
N ILE F 515 12.09 45.14 -7.16
CA ILE F 515 11.41 46.42 -7.02
C ILE F 515 10.33 46.61 -8.11
N THR F 516 10.54 45.99 -9.26
CA THR F 516 9.58 46.02 -10.37
C THR F 516 8.60 44.83 -10.44
N THR F 517 8.65 43.94 -9.45
CA THR F 517 7.72 42.81 -9.39
C THR F 517 6.36 43.22 -8.83
N GLU F 518 5.29 43.06 -9.62
CA GLU F 518 3.92 43.21 -9.09
C GLU F 518 3.14 41.95 -8.74
N CYS F 519 3.65 40.77 -9.06
CA CYS F 519 2.89 39.55 -8.80
C CYS F 519 3.78 38.33 -8.62
N MET F 520 3.37 37.42 -7.73
CA MET F 520 4.06 36.17 -7.54
C MET F 520 3.11 34.98 -7.58
N VAL F 521 3.48 33.97 -8.35
CA VAL F 521 2.71 32.74 -8.41
C VAL F 521 3.57 31.59 -7.87
N THR F 522 3.01 30.82 -6.96
CA THR F 522 3.67 29.63 -6.44
C THR F 522 2.64 28.54 -6.13
N ASP F 523 3.11 27.40 -5.65
CA ASP F 523 2.23 26.30 -5.25
C ASP F 523 1.59 26.53 -3.88
N LEU F 524 0.46 25.88 -3.62
CA LEU F 524 -0.23 25.99 -2.34
C LEU F 524 0.59 25.42 -1.18
N PRO F 525 0.44 26.01 0.03
CA PRO F 525 1.20 25.56 1.22
C PRO F 525 1.03 24.07 1.51
N ALA G 2 15.10 20.92 1.36
CA ALA G 2 14.16 21.00 2.48
C ALA G 2 14.28 22.34 3.19
N ALA G 3 13.13 22.91 3.54
CA ALA G 3 13.08 24.18 4.24
C ALA G 3 13.81 24.08 5.56
N LYS G 4 14.42 25.18 5.99
CA LYS G 4 15.29 25.15 7.15
C LYS G 4 14.73 25.95 8.30
N ASP G 5 15.07 25.52 9.52
CA ASP G 5 14.87 26.33 10.70
C ASP G 5 16.15 27.13 10.92
N VAL G 6 16.02 28.44 11.07
CA VAL G 6 17.17 29.33 11.16
C VAL G 6 17.10 30.22 12.39
N LYS G 7 18.07 30.09 13.29
CA LYS G 7 18.11 30.94 14.48
C LYS G 7 19.36 31.80 14.50
N PHE G 8 19.28 32.91 15.22
CA PHE G 8 20.36 33.87 15.29
C PHE G 8 20.69 34.19 16.74
N GLY G 9 21.90 34.69 16.99
CA GLY G 9 22.29 35.28 18.26
C GLY G 9 22.05 34.50 19.54
N ASN G 10 21.53 35.17 20.56
CA ASN G 10 21.30 34.53 21.86
C ASN G 10 20.41 33.31 21.75
N ASP G 11 19.44 33.38 20.84
CA ASP G 11 18.54 32.28 20.54
C ASP G 11 19.34 31.06 20.10
N ALA G 12 20.20 31.26 19.12
CA ALA G 12 21.10 30.21 18.66
C ALA G 12 21.97 29.72 19.82
N ARG G 13 22.50 30.65 20.60
CA ARG G 13 23.49 30.29 21.63
C ARG G 13 22.90 29.61 22.87
N VAL G 14 21.70 30.02 23.31
CA VAL G 14 21.04 29.34 24.43
C VAL G 14 20.78 27.87 24.13
N LYS G 15 20.47 27.58 22.87
CA LYS G 15 20.17 26.21 22.48
C LYS G 15 21.41 25.34 22.40
N MET G 16 22.49 25.88 21.83
CA MET G 16 23.80 25.22 21.88
C MET G 16 24.19 24.90 23.33
N LEU G 17 24.06 25.90 24.21
CA LEU G 17 24.46 25.76 25.59
C LEU G 17 23.65 24.69 26.33
N ARG G 18 22.34 24.67 26.10
CA ARG G 18 21.48 23.66 26.72
CA ARG G 18 21.49 23.66 26.73
C ARG G 18 21.88 22.26 26.27
N GLY G 19 22.16 22.13 24.98
CA GLY G 19 22.61 20.87 24.43
C GLY G 19 23.99 20.48 24.94
N VAL G 20 24.88 21.46 25.10
CA VAL G 20 26.19 21.21 25.67
C VAL G 20 26.03 20.74 27.12
N ASN G 21 25.14 21.40 27.84
CA ASN G 21 24.85 21.06 29.22
C ASN G 21 24.36 19.65 29.43
N VAL G 22 23.50 19.17 28.52
CA VAL G 22 22.97 17.82 28.66
C VAL G 22 24.06 16.80 28.42
N LEU G 23 24.86 17.04 27.39
CA LEU G 23 26.01 16.18 27.12
C LEU G 23 27.02 16.16 28.26
N ALA G 24 27.45 17.34 28.70
CA ALA G 24 28.50 17.41 29.72
C ALA G 24 28.02 16.97 31.10
N ASP G 25 26.76 17.24 31.43
CA ASP G 25 26.22 16.83 32.72
C ASP G 25 26.12 15.32 32.83
N ALA G 26 25.88 14.64 31.71
CA ALA G 26 25.79 13.19 31.69
C ALA G 26 27.18 12.54 31.73
N VAL G 27 28.12 13.14 31.01
CA VAL G 27 29.48 12.63 30.93
C VAL G 27 30.30 12.96 32.19
N LYS G 28 30.19 14.18 32.68
CA LYS G 28 31.04 14.59 33.79
C LYS G 28 30.81 13.80 35.08
N VAL G 29 29.67 13.14 35.22
CA VAL G 29 29.44 12.42 36.47
C VAL G 29 30.35 11.19 36.58
N THR G 30 30.92 10.77 35.46
CA THR G 30 31.79 9.60 35.39
C THR G 30 33.28 9.88 35.59
N LEU G 31 33.64 11.12 35.91
CA LEU G 31 35.05 11.55 35.96
C LEU G 31 35.77 11.13 37.25
N GLY G 32 36.98 10.57 37.11
CA GLY G 32 37.78 10.21 38.27
C GLY G 32 37.40 8.91 38.95
N PRO G 33 38.17 8.50 39.96
CA PRO G 33 38.01 7.18 40.59
C PRO G 33 36.68 7.04 41.34
N LYS G 34 36.06 8.17 41.65
CA LYS G 34 34.74 8.22 42.28
C LYS G 34 33.56 8.38 41.32
N GLY G 35 33.81 8.28 40.03
CA GLY G 35 32.76 8.44 39.03
C GLY G 35 31.51 7.63 39.33
N ARG G 36 30.37 8.29 39.15
CA ARG G 36 29.06 7.67 39.27
C ARG G 36 28.72 6.83 38.04
N ASN G 37 27.76 5.92 38.20
CA ASN G 37 27.29 5.10 37.10
C ASN G 37 26.29 5.83 36.21
N VAL G 38 26.37 5.55 34.91
CA VAL G 38 25.36 6.02 33.97
C VAL G 38 24.72 4.80 33.30
N VAL G 39 23.39 4.72 33.35
CA VAL G 39 22.69 3.60 32.73
C VAL G 39 22.36 3.93 31.27
N LEU G 40 22.74 3.04 30.37
CA LEU G 40 22.56 3.26 28.94
C LEU G 40 21.68 2.17 28.34
N ASP G 41 20.58 2.57 27.73
CA ASP G 41 19.62 1.60 27.23
C ASP G 41 20.05 1.00 25.89
N LYS G 42 19.70 -0.26 25.67
CA LYS G 42 19.92 -0.92 24.40
C LYS G 42 18.55 -1.20 23.78
N SER G 43 18.50 -1.31 22.45
CA SER G 43 17.24 -1.53 21.73
C SER G 43 16.43 -2.66 22.34
N PHE G 44 17.12 -3.73 22.74
CA PHE G 44 16.47 -4.86 23.39
C PHE G 44 17.35 -5.43 24.51
N GLY G 45 16.71 -5.99 25.54
CA GLY G 45 17.44 -6.64 26.61
C GLY G 45 17.89 -5.72 27.72
N ALA G 46 18.85 -6.18 28.51
CA ALA G 46 19.29 -5.45 29.71
C ALA G 46 20.13 -4.24 29.36
N PRO G 47 19.97 -3.16 30.14
CA PRO G 47 20.73 -1.92 29.96
C PRO G 47 22.19 -2.10 30.34
N THR G 48 23.03 -1.24 29.77
CA THR G 48 24.45 -1.19 30.06
C THR G 48 24.69 -0.18 31.16
N ILE G 49 25.51 -0.55 32.13
CA ILE G 49 25.84 0.37 33.21
C ILE G 49 27.34 0.68 33.18
N THR G 50 27.68 1.95 33.05
CA THR G 50 29.06 2.31 32.79
C THR G 50 29.52 3.55 33.54
N LYS G 51 30.80 3.54 33.93
CA LYS G 51 31.49 4.73 34.39
C LYS G 51 32.34 5.37 33.28
N ASP G 52 32.26 4.83 32.07
CA ASP G 52 33.14 5.24 30.97
C ASP G 52 32.55 6.39 30.17
N GLY G 53 33.18 7.55 30.27
CA GLY G 53 32.68 8.77 29.64
C GLY G 53 32.58 8.66 28.13
N VAL G 54 33.46 7.86 27.54
CA VAL G 54 33.46 7.66 26.10
C VAL G 54 32.17 6.99 25.65
N SER G 55 31.71 6.00 26.41
CA SER G 55 30.48 5.28 26.08
C SER G 55 29.25 6.15 26.26
N VAL G 56 29.28 6.98 27.30
CA VAL G 56 28.16 7.86 27.61
C VAL G 56 27.98 8.93 26.55
N ALA G 57 29.08 9.58 26.15
CA ALA G 57 29.02 10.62 25.14
C ALA G 57 28.50 10.09 23.81
N ARG G 58 28.92 8.87 23.48
CA ARG G 58 28.56 8.22 22.23
C ARG G 58 27.05 8.09 22.04
N GLU G 59 26.33 7.91 23.14
CA GLU G 59 24.90 7.68 23.09
C GLU G 59 24.09 8.98 23.09
N ILE G 60 24.72 10.11 23.35
CA ILE G 60 23.96 11.35 23.48
C ILE G 60 23.57 11.92 22.12
N GLU G 61 22.27 12.05 21.92
CA GLU G 61 21.69 12.74 20.78
C GLU G 61 20.37 13.34 21.24
N LEU G 62 20.08 14.58 20.84
CA LEU G 62 18.91 15.30 21.37
C LEU G 62 17.81 15.54 20.33
N GLU G 63 16.57 15.61 20.82
CA GLU G 63 15.43 15.80 19.93
C GLU G 63 15.44 17.16 19.27
N ASP G 64 15.58 18.21 20.08
CA ASP G 64 15.72 19.55 19.54
C ASP G 64 17.01 19.58 18.70
N LYS G 65 16.89 20.01 17.44
CA LYS G 65 18.00 20.00 16.51
C LYS G 65 19.11 20.98 16.87
N PHE G 66 18.73 22.16 17.38
CA PHE G 66 19.73 23.18 17.72
C PHE G 66 20.50 22.76 18.96
N GLU G 67 19.78 22.24 19.94
CA GLU G 67 20.40 21.65 21.11
C GLU G 67 21.34 20.52 20.69
N ASN G 68 20.83 19.62 19.87
CA ASN G 68 21.64 18.51 19.36
C ASN G 68 22.95 18.93 18.71
N MET G 69 22.92 20.01 17.93
CA MET G 69 24.13 20.54 17.29
C MET G 69 25.16 20.95 18.32
N GLY G 70 24.69 21.55 19.42
CA GLY G 70 25.54 21.90 20.53
C GLY G 70 26.28 20.69 21.05
N ALA G 71 25.53 19.65 21.38
CA ALA G 71 26.12 18.41 21.89
C ALA G 71 27.09 17.74 20.91
N GLN G 72 26.70 17.61 19.64
CA GLN G 72 27.58 16.99 18.65
C GLN G 72 28.87 17.76 18.42
N MET G 73 28.84 19.07 18.67
CA MET G 73 30.02 19.90 18.48
C MET G 73 31.11 19.58 19.50
N VAL G 74 30.72 19.54 20.77
CA VAL G 74 31.62 19.19 21.85
C VAL G 74 32.04 17.72 21.79
N LYS G 75 31.12 16.84 21.38
CA LYS G 75 31.44 15.43 21.19
C LYS G 75 32.58 15.22 20.19
N GLU G 76 32.44 15.82 19.01
CA GLU G 76 33.43 15.65 17.97
C GLU G 76 34.81 16.08 18.43
N VAL G 77 34.84 17.14 19.20
CA VAL G 77 36.07 17.75 19.67
C VAL G 77 36.71 16.97 20.82
N ALA G 78 35.90 16.46 21.75
CA ALA G 78 36.40 15.58 22.81
C ALA G 78 36.84 14.25 22.22
N SER G 79 36.18 13.85 21.16
CA SER G 79 36.49 12.60 20.49
C SER G 79 37.85 12.69 19.79
N LYS G 80 38.20 13.88 19.31
CA LYS G 80 39.49 14.12 18.68
C LYS G 80 40.64 14.14 19.69
N ALA G 81 40.37 14.66 20.89
CA ALA G 81 41.35 14.59 21.97
C ALA G 81 41.70 13.13 22.27
N ASN G 82 40.67 12.31 22.43
CA ASN G 82 40.87 10.89 22.72
C ASN G 82 41.65 10.13 21.65
N ALA G 83 41.48 10.53 20.39
CA ALA G 83 42.21 9.89 19.29
C ALA G 83 43.65 10.38 19.17
N ALA G 84 43.86 11.66 19.48
CA ALA G 84 45.22 12.20 19.47
C ALA G 84 46.07 11.72 20.64
N ALA G 85 45.60 11.96 21.85
CA ALA G 85 46.29 11.59 23.09
C ALA G 85 46.10 10.14 23.60
N GLY G 86 44.91 9.58 23.40
CA GLY G 86 44.61 8.25 23.90
C GLY G 86 43.78 8.24 25.18
N ASP G 87 43.32 9.42 25.60
CA ASP G 87 42.48 9.55 26.79
C ASP G 87 42.12 11.02 26.93
N GLY G 88 41.28 11.34 27.90
CA GLY G 88 40.94 12.72 28.18
C GLY G 88 39.55 13.18 27.73
N THR G 89 38.76 12.27 27.16
CA THR G 89 37.44 12.60 26.63
C THR G 89 36.57 13.30 27.66
N THR G 90 36.52 12.75 28.86
CA THR G 90 35.65 13.32 29.89
C THR G 90 36.21 14.67 30.33
N THR G 91 37.52 14.71 30.54
CA THR G 91 38.23 15.93 30.91
C THR G 91 38.01 17.04 29.86
N ALA G 92 38.17 16.71 28.60
CA ALA G 92 37.91 17.66 27.53
C ALA G 92 36.47 18.16 27.54
N THR G 93 35.53 17.27 27.83
CA THR G 93 34.10 17.61 27.87
C THR G 93 33.82 18.54 29.03
N VAL G 94 34.35 18.20 30.20
CA VAL G 94 34.24 19.05 31.40
C VAL G 94 34.80 20.46 31.18
N LEU G 95 35.98 20.55 30.57
CA LEU G 95 36.60 21.85 30.31
C LEU G 95 35.75 22.66 29.35
N ALA G 96 35.31 22.02 28.28
CA ALA G 96 34.52 22.68 27.25
C ALA G 96 33.26 23.33 27.84
N GLN G 97 32.55 22.59 28.69
CA GLN G 97 31.37 23.16 29.33
C GLN G 97 31.73 24.39 30.18
N ALA G 98 32.87 24.33 30.87
CA ALA G 98 33.29 25.43 31.73
C ALA G 98 33.58 26.71 30.93
N ILE G 99 34.37 26.58 29.87
CA ILE G 99 34.73 27.71 29.02
C ILE G 99 33.51 28.28 28.31
N ILE G 100 32.68 27.40 27.75
CA ILE G 100 31.48 27.81 27.04
C ILE G 100 30.50 28.53 27.95
N THR G 101 30.29 27.98 29.13
CA THR G 101 29.35 28.60 30.05
C THR G 101 29.78 30.02 30.43
N GLU G 102 30.99 30.16 30.98
CA GLU G 102 31.48 31.47 31.39
C GLU G 102 31.72 32.41 30.21
N GLY G 103 32.10 31.85 29.07
CA GLY G 103 32.31 32.62 27.86
C GLY G 103 31.03 33.26 27.36
N LEU G 104 29.94 32.49 27.38
CA LEU G 104 28.65 33.01 26.93
C LEU G 104 28.07 34.04 27.92
N LYS G 105 28.35 33.88 29.20
CA LYS G 105 27.98 34.91 30.19
C LYS G 105 28.67 36.23 29.85
N ALA G 106 29.94 36.12 29.45
CA ALA G 106 30.70 37.28 29.02
C ALA G 106 30.11 37.93 27.76
N VAL G 107 29.72 37.10 26.79
CA VAL G 107 29.07 37.60 25.58
C VAL G 107 27.73 38.27 25.91
N ALA G 108 26.96 37.64 26.79
CA ALA G 108 25.66 38.18 27.18
C ALA G 108 25.75 39.52 27.91
N ALA G 109 26.88 39.73 28.60
CA ALA G 109 27.11 41.00 29.30
C ALA G 109 27.48 42.11 28.33
N GLY G 110 27.63 41.75 27.05
CA GLY G 110 27.91 42.72 26.01
C GLY G 110 29.38 42.84 25.65
N MET G 111 30.16 41.85 26.07
CA MET G 111 31.59 41.86 25.78
C MET G 111 31.90 41.32 24.38
N ASN G 112 32.96 41.86 23.77
CA ASN G 112 33.32 41.48 22.42
C ASN G 112 33.73 40.02 22.35
N PRO G 113 33.00 39.21 21.58
CA PRO G 113 33.26 37.77 21.47
C PRO G 113 34.60 37.48 20.81
N MET G 114 34.97 38.26 19.80
CA MET G 114 36.25 38.03 19.14
C MET G 114 37.41 38.26 20.11
N ASP G 115 37.30 39.28 20.96
CA ASP G 115 38.32 39.52 21.97
C ASP G 115 38.30 38.44 23.04
N LEU G 116 37.10 38.04 23.44
CA LEU G 116 36.93 36.97 24.41
C LEU G 116 37.65 35.71 23.97
N LYS G 117 37.44 35.35 22.70
CA LYS G 117 38.09 34.17 22.15
C LYS G 117 39.61 34.36 22.06
N ARG G 118 40.03 35.58 21.71
CA ARG G 118 41.45 35.88 21.60
C ARG G 118 42.19 35.70 22.92
N GLY G 119 41.55 36.06 24.03
CA GLY G 119 42.17 35.95 25.33
C GLY G 119 42.18 34.51 25.82
N ILE G 120 41.16 33.76 25.44
CA ILE G 120 41.07 32.34 25.78
C ILE G 120 42.23 31.61 25.14
N ASP G 121 42.50 31.96 23.88
CA ASP G 121 43.57 31.33 23.11
C ASP G 121 44.95 31.65 23.65
N LYS G 122 45.14 32.89 24.10
CA LYS G 122 46.41 33.28 24.69
C LYS G 122 46.63 32.46 25.95
N ALA G 123 45.60 32.37 26.78
CA ALA G 123 45.65 31.58 28.00
C ALA G 123 46.02 30.13 27.71
N VAL G 124 45.44 29.58 26.66
CA VAL G 124 45.67 28.19 26.33
C VAL G 124 47.08 27.98 25.77
N THR G 125 47.56 28.92 24.95
CA THR G 125 48.90 28.82 24.41
C THR G 125 49.94 28.93 25.53
N ALA G 126 49.68 29.82 26.47
CA ALA G 126 50.52 29.96 27.65
C ALA G 126 50.40 28.72 28.54
N ALA G 127 49.18 28.22 28.67
CA ALA G 127 48.96 27.05 29.53
C ALA G 127 49.68 25.84 28.97
N VAL G 128 49.72 25.73 27.64
CA VAL G 128 50.37 24.61 26.99
C VAL G 128 51.89 24.63 27.19
N GLU G 129 52.46 25.83 27.26
CA GLU G 129 53.91 25.95 27.49
C GLU G 129 54.26 25.61 28.93
N GLU G 130 53.46 26.11 29.87
CA GLU G 130 53.63 25.79 31.27
C GLU G 130 53.59 24.28 31.51
N LEU G 131 52.64 23.60 30.87
CA LEU G 131 52.56 22.14 30.98
C LEU G 131 53.84 21.48 30.47
N LYS G 132 54.38 21.98 29.37
CA LYS G 132 55.62 21.44 28.83
C LYS G 132 56.79 21.65 29.79
N ALA G 133 56.75 22.74 30.54
CA ALA G 133 57.77 23.04 31.53
C ALA G 133 57.63 22.14 32.75
N LEU G 134 56.38 21.95 33.15
CA LEU G 134 56.03 21.23 34.36
C LEU G 134 56.26 19.73 34.18
N SER G 135 56.30 19.32 32.92
CA SER G 135 56.33 17.90 32.60
C SER G 135 57.64 17.27 33.05
N VAL G 136 57.58 15.98 33.36
CA VAL G 136 58.78 15.19 33.60
C VAL G 136 58.67 13.86 32.88
N PRO G 137 59.81 13.29 32.49
CA PRO G 137 59.87 12.07 31.69
C PRO G 137 59.21 10.90 32.39
N CYS G 138 58.53 10.04 31.63
CA CYS G 138 58.20 8.75 32.19
C CYS G 138 59.19 7.85 31.47
N SER G 139 60.31 7.57 32.11
CA SER G 139 61.31 6.68 31.52
C SER G 139 61.39 5.30 32.12
N ASP G 140 60.61 5.08 33.17
CA ASP G 140 60.95 4.02 34.09
C ASP G 140 59.76 3.10 34.33
N SER G 141 60.07 1.82 34.47
CA SER G 141 59.05 0.77 34.51
C SER G 141 57.94 1.02 35.52
N LYS G 142 58.30 1.47 36.72
CA LYS G 142 57.29 1.79 37.72
C LYS G 142 56.34 2.85 37.21
N ALA G 143 56.91 3.92 36.64
CA ALA G 143 56.13 5.04 36.14
C ALA G 143 55.24 4.65 34.97
N ILE G 144 55.80 3.90 34.03
CA ILE G 144 55.04 3.44 32.87
C ILE G 144 53.87 2.59 33.32
N ALA G 145 54.11 1.71 34.28
CA ALA G 145 53.05 0.90 34.84
C ALA G 145 52.00 1.78 35.51
N GLN G 146 52.46 2.82 36.20
CA GLN G 146 51.55 3.72 36.89
C GLN G 146 50.62 4.43 35.92
N VAL G 147 51.21 5.02 34.89
CA VAL G 147 50.45 5.73 33.88
C VAL G 147 49.52 4.79 33.12
N GLY G 148 50.04 3.62 32.76
CA GLY G 148 49.23 2.60 32.13
C GLY G 148 48.01 2.29 32.98
N THR G 149 48.24 2.09 34.26
CA THR G 149 47.18 1.75 35.21
C THR G 149 46.10 2.81 35.28
N ILE G 150 46.50 4.08 35.19
CA ILE G 150 45.56 5.19 35.28
C ILE G 150 44.79 5.42 33.99
N SER G 151 45.44 5.14 32.85
CA SER G 151 44.77 5.23 31.55
C SER G 151 43.86 4.02 31.39
N ALA G 152 44.08 3.02 32.24
CA ALA G 152 43.35 1.76 32.24
C ALA G 152 42.18 1.80 33.20
N ASN G 153 41.88 2.98 33.71
CA ASN G 153 40.84 3.16 34.73
C ASN G 153 41.20 2.52 36.06
N SER G 154 42.46 2.69 36.45
CA SER G 154 42.98 2.20 37.73
C SER G 154 43.02 0.67 37.82
N ASP G 155 43.21 0.03 36.67
CA ASP G 155 43.44 -1.41 36.58
C ASP G 155 44.94 -1.68 36.55
N GLU G 156 45.47 -2.30 37.60
CA GLU G 156 46.91 -2.55 37.66
C GLU G 156 47.37 -3.54 36.60
N THR G 157 46.54 -4.55 36.36
CA THR G 157 46.92 -5.64 35.48
C THR G 157 47.25 -5.16 34.07
N VAL G 158 46.39 -4.32 33.51
CA VAL G 158 46.64 -3.80 32.17
C VAL G 158 47.82 -2.83 32.16
N GLY G 159 47.99 -2.08 33.24
CA GLY G 159 49.17 -1.25 33.40
C GLY G 159 50.42 -2.09 33.51
N LYS G 160 50.32 -3.21 34.23
CA LYS G 160 51.45 -4.11 34.41
C LYS G 160 51.82 -4.73 33.07
N LEU G 161 50.81 -5.11 32.30
CA LEU G 161 51.00 -5.72 30.99
C LEU G 161 51.72 -4.78 30.04
N ILE G 162 51.23 -3.54 29.96
CA ILE G 162 51.81 -2.56 29.06
C ILE G 162 53.27 -2.27 29.40
N ALA G 163 53.54 -2.03 30.67
CA ALA G 163 54.90 -1.77 31.11
C ALA G 163 55.76 -3.01 30.90
N GLU G 164 55.11 -4.18 30.89
CA GLU G 164 55.81 -5.44 30.67
C GLU G 164 56.20 -5.56 29.21
N ALA G 165 55.26 -5.24 28.34
CA ALA G 165 55.50 -5.25 26.90
C ALA G 165 56.67 -4.34 26.54
N MET G 166 56.60 -3.09 26.97
CA MET G 166 57.64 -2.11 26.66
C MET G 166 59.02 -2.51 27.17
N ASP G 167 59.07 -3.30 28.23
CA ASP G 167 60.35 -3.77 28.73
C ASP G 167 61.04 -4.63 27.70
N LYS G 168 60.27 -5.56 27.14
CA LYS G 168 60.82 -6.53 26.21
C LYS G 168 61.04 -5.97 24.81
N VAL G 169 60.03 -5.29 24.29
CA VAL G 169 60.09 -4.76 22.93
C VAL G 169 60.51 -3.29 22.86
N GLY G 170 60.77 -2.68 24.01
CA GLY G 170 61.19 -1.29 24.05
C GLY G 170 60.00 -0.34 24.02
N LYS G 171 60.24 0.92 24.33
CA LYS G 171 59.17 1.90 24.44
C LYS G 171 58.47 2.16 23.11
N GLU G 172 59.25 2.21 22.03
CA GLU G 172 58.71 2.45 20.69
C GLU G 172 58.44 1.14 19.95
N GLY G 173 58.66 0.02 20.63
CA GLY G 173 58.43 -1.30 20.03
C GLY G 173 56.99 -1.54 19.63
N VAL G 174 56.78 -2.58 18.82
CA VAL G 174 55.44 -2.91 18.34
C VAL G 174 54.64 -3.64 19.40
N ILE G 175 53.45 -3.13 19.69
CA ILE G 175 52.56 -3.77 20.64
C ILE G 175 51.15 -3.81 20.07
N THR G 176 50.53 -4.99 20.08
CA THR G 176 49.21 -5.14 19.49
C THR G 176 48.19 -5.72 20.46
N VAL G 177 46.91 -5.40 20.23
CA VAL G 177 45.83 -5.85 21.09
C VAL G 177 44.89 -6.84 20.39
N GLU G 178 44.59 -7.94 21.07
CA GLU G 178 43.70 -8.97 20.52
C GLU G 178 42.73 -9.54 21.57
N ASP G 179 41.92 -10.51 21.16
CA ASP G 179 40.90 -11.09 22.02
C ASP G 179 41.41 -12.29 22.81
N GLY G 180 41.71 -13.37 22.11
CA GLY G 180 42.15 -14.59 22.74
C GLY G 180 40.99 -15.28 23.46
N THR G 181 41.26 -16.46 24.01
CA THR G 181 40.24 -17.21 24.72
C THR G 181 40.58 -17.38 26.19
N GLY G 182 39.78 -16.77 27.05
CA GLY G 182 39.97 -16.90 28.50
C GLY G 182 39.19 -15.86 29.25
N LEU G 183 39.10 -16.03 30.57
CA LEU G 183 38.46 -15.05 31.43
C LEU G 183 39.47 -13.98 31.84
N GLN G 184 40.74 -14.26 31.59
CA GLN G 184 41.82 -13.34 31.96
C GLN G 184 42.74 -12.99 30.80
N ASP G 185 43.51 -11.92 30.97
CA ASP G 185 44.36 -11.36 29.91
C ASP G 185 45.81 -11.84 29.98
N GLU G 186 46.37 -12.17 28.82
CA GLU G 186 47.76 -12.66 28.75
C GLU G 186 48.60 -11.92 27.72
N LEU G 187 49.92 -12.02 27.88
CA LEU G 187 50.87 -11.34 27.00
C LEU G 187 51.85 -12.33 26.36
N ASP G 188 52.09 -12.15 25.06
CA ASP G 188 53.04 -12.97 24.33
C ASP G 188 53.98 -12.11 23.47
N VAL G 189 55.26 -12.47 23.45
CA VAL G 189 56.24 -11.76 22.61
C VAL G 189 56.79 -12.69 21.53
N VAL G 190 56.49 -12.38 20.28
CA VAL G 190 56.88 -13.25 19.17
C VAL G 190 57.74 -12.52 18.15
N GLU G 191 58.16 -13.24 17.12
CA GLU G 191 58.91 -12.63 16.03
C GLU G 191 57.96 -12.08 14.99
N GLY G 192 58.03 -10.78 14.75
CA GLY G 192 57.20 -10.17 13.73
C GLY G 192 57.64 -8.74 13.50
N MET G 193 57.00 -8.06 12.55
CA MET G 193 57.37 -6.69 12.26
C MET G 193 56.20 -5.88 11.73
N GLN G 194 56.34 -4.57 11.79
CA GLN G 194 55.32 -3.65 11.31
C GLN G 194 55.94 -2.56 10.45
N PHE G 195 55.53 -2.51 9.19
CA PHE G 195 55.99 -1.50 8.26
C PHE G 195 54.75 -0.81 7.72
N ASP G 196 54.90 0.36 7.10
CA ASP G 196 53.72 1.06 6.66
C ASP G 196 53.40 0.68 5.23
N ALA G 197 52.32 -0.10 5.09
CA ALA G 197 51.76 -0.43 3.80
C ALA G 197 50.25 -0.54 3.96
N GLY G 198 49.51 0.06 3.04
CA GLY G 198 48.06 0.04 3.12
C GLY G 198 47.47 -1.05 2.25
N TYR G 199 46.21 -1.39 2.50
CA TYR G 199 45.49 -2.30 1.63
C TYR G 199 45.37 -1.67 0.24
N LEU G 200 45.56 -2.48 -0.80
CA LEU G 200 45.46 -1.98 -2.18
C LEU G 200 44.01 -1.65 -2.55
N SER G 201 43.10 -2.50 -2.12
CA SER G 201 41.68 -2.20 -2.19
C SER G 201 41.08 -2.34 -0.79
N PRO G 202 40.17 -1.42 -0.43
CA PRO G 202 39.54 -1.40 0.90
C PRO G 202 38.65 -2.59 1.20
N TYR G 203 38.01 -3.17 0.19
CA TYR G 203 37.03 -4.23 0.39
C TYR G 203 37.62 -5.53 0.96
N PHE G 204 38.94 -5.59 1.04
CA PHE G 204 39.60 -6.70 1.69
C PHE G 204 39.19 -6.82 3.15
N ILE G 205 38.83 -5.69 3.75
CA ILE G 205 38.59 -5.61 5.18
C ILE G 205 37.52 -6.60 5.67
N ASN G 206 37.89 -7.44 6.63
CA ASN G 206 36.96 -8.40 7.21
C ASN G 206 36.33 -7.90 8.50
N LYS G 207 36.77 -6.74 8.96
CA LYS G 207 36.29 -6.17 10.21
C LYS G 207 36.11 -4.65 10.17
N PRO G 208 34.95 -4.21 9.67
CA PRO G 208 34.60 -2.80 9.45
C PRO G 208 34.82 -1.89 10.67
N GLU G 209 34.77 -2.45 11.88
CA GLU G 209 34.95 -1.64 13.09
C GLU G 209 36.30 -0.92 13.10
N THR G 210 37.38 -1.67 12.88
CA THR G 210 38.72 -1.08 12.85
C THR G 210 39.16 -0.76 11.42
N GLY G 211 38.31 -1.09 10.45
CA GLY G 211 38.60 -0.84 9.06
C GLY G 211 39.87 -1.49 8.57
N ALA G 212 40.13 -2.70 9.08
CA ALA G 212 41.37 -3.40 8.76
C ALA G 212 41.13 -4.86 8.36
N VAL G 213 42.15 -5.47 7.76
CA VAL G 213 42.09 -6.86 7.34
C VAL G 213 42.93 -7.74 8.25
N GLU G 214 42.37 -8.86 8.67
CA GLU G 214 43.14 -9.84 9.44
C GLU G 214 42.91 -11.27 8.96
N LEU G 215 43.99 -11.93 8.55
CA LEU G 215 43.93 -13.30 8.05
C LEU G 215 44.58 -14.26 9.05
N GLU G 216 44.03 -15.47 9.16
CA GLU G 216 44.47 -16.42 10.17
C GLU G 216 45.34 -17.53 9.60
N SER G 217 46.59 -17.58 10.04
CA SER G 217 47.57 -18.55 9.55
C SER G 217 47.75 -18.53 8.02
N PRO G 218 47.97 -17.33 7.45
CA PRO G 218 48.06 -17.20 5.99
C PRO G 218 49.45 -17.49 5.41
N PHE G 219 49.57 -17.25 4.10
CA PHE G 219 50.83 -17.36 3.40
C PHE G 219 51.22 -15.98 2.89
N ILE G 220 52.53 -15.76 2.70
CA ILE G 220 53.01 -14.47 2.23
C ILE G 220 53.70 -14.60 0.87
N LEU G 221 53.48 -13.62 0.00
CA LEU G 221 54.03 -13.61 -1.34
C LEU G 221 54.85 -12.34 -1.55
N LEU G 222 55.70 -12.32 -2.58
CA LEU G 222 56.59 -11.18 -2.78
C LEU G 222 57.00 -10.87 -4.23
N ALA G 223 57.30 -9.59 -4.46
CA ALA G 223 57.87 -9.07 -5.70
C ALA G 223 58.53 -7.77 -5.27
N ASP G 224 59.49 -7.22 -6.03
CA ASP G 224 59.91 -7.64 -7.37
C ASP G 224 58.82 -7.51 -8.44
N LYS G 225 58.64 -8.55 -9.25
CA LYS G 225 57.76 -8.44 -10.40
C LYS G 225 56.52 -9.34 -10.33
N LYS G 226 55.41 -8.83 -10.83
CA LYS G 226 55.41 -7.50 -11.44
C LYS G 226 54.54 -6.47 -10.71
N ILE G 227 53.22 -6.68 -10.67
CA ILE G 227 52.57 -7.82 -11.30
C ILE G 227 51.52 -7.33 -12.28
N SER G 228 51.74 -7.56 -13.56
CA SER G 228 50.82 -7.08 -14.59
C SER G 228 49.58 -7.96 -14.76
N ASN G 229 49.77 -9.27 -14.65
CA ASN G 229 48.69 -10.23 -14.95
C ASN G 229 48.59 -11.37 -13.93
N ILE G 230 47.35 -11.83 -13.70
CA ILE G 230 47.08 -12.90 -12.73
C ILE G 230 47.42 -14.28 -13.26
N ARG G 231 47.72 -14.36 -14.56
CA ARG G 231 47.97 -15.64 -15.21
C ARG G 231 49.04 -16.44 -14.48
N GLU G 232 50.04 -15.73 -13.94
CA GLU G 232 51.09 -16.37 -13.15
C GLU G 232 50.73 -16.43 -11.66
N MET G 233 49.60 -15.82 -11.30
CA MET G 233 49.11 -15.87 -9.93
C MET G 233 48.15 -17.04 -9.72
N LEU G 234 47.78 -17.70 -10.81
CA LEU G 234 46.86 -18.83 -10.77
C LEU G 234 47.42 -20.09 -10.08
N PRO G 235 48.62 -20.54 -10.49
CA PRO G 235 49.21 -21.78 -9.96
C PRO G 235 49.46 -21.73 -8.45
N VAL G 236 49.92 -20.59 -7.95
CA VAL G 236 50.17 -20.44 -6.52
C VAL G 236 48.87 -20.19 -5.74
N LEU G 237 47.83 -19.76 -6.45
CA LEU G 237 46.52 -19.55 -5.83
C LEU G 237 45.83 -20.88 -5.57
N GLU G 238 45.97 -21.81 -6.50
CA GLU G 238 45.44 -23.16 -6.38
C GLU G 238 45.95 -23.87 -5.12
N ALA G 239 47.25 -24.10 -5.06
CA ALA G 239 47.87 -24.78 -3.93
C ALA G 239 47.54 -24.15 -2.59
N VAL G 240 47.28 -22.84 -2.59
CA VAL G 240 46.88 -22.14 -1.38
C VAL G 240 45.40 -22.34 -1.08
N ALA G 241 44.62 -22.69 -2.11
CA ALA G 241 43.20 -22.95 -1.93
C ALA G 241 43.01 -24.13 -0.98
N LYS G 242 43.72 -25.22 -1.24
CA LYS G 242 43.73 -26.36 -0.35
C LYS G 242 44.43 -25.99 0.96
N ALA G 243 44.17 -26.77 2.01
CA ALA G 243 44.74 -26.54 3.34
C ALA G 243 44.00 -25.44 4.11
N GLY G 244 43.05 -24.80 3.43
CA GLY G 244 42.18 -23.82 4.07
C GLY G 244 42.92 -22.68 4.72
N LYS G 245 44.05 -22.29 4.13
CA LYS G 245 44.83 -21.18 4.65
C LYS G 245 44.73 -19.98 3.71
N PRO G 246 44.19 -18.87 4.20
CA PRO G 246 44.04 -17.64 3.41
C PRO G 246 45.41 -17.17 2.91
N LEU G 247 45.43 -16.51 1.77
CA LEU G 247 46.69 -16.04 1.19
C LEU G 247 46.87 -14.54 1.34
N LEU G 248 48.12 -14.12 1.52
CA LEU G 248 48.44 -12.71 1.52
C LEU G 248 49.53 -12.44 0.49
N ILE G 249 49.29 -11.44 -0.35
CA ILE G 249 50.28 -10.98 -1.32
C ILE G 249 50.61 -9.55 -0.96
N ILE G 250 51.89 -9.25 -0.78
CA ILE G 250 52.27 -7.90 -0.39
C ILE G 250 52.85 -7.09 -1.55
N ALA G 251 54.04 -7.49 -1.99
CA ALA G 251 54.79 -6.72 -2.96
C ALA G 251 54.92 -7.47 -4.27
N GLU G 252 55.04 -6.73 -5.36
CA GLU G 252 55.08 -5.28 -5.27
C GLU G 252 54.31 -4.64 -6.42
N ASP G 253 53.46 -3.67 -6.10
CA ASP G 253 52.69 -2.94 -7.10
C ASP G 253 51.85 -3.87 -7.97
N VAL G 254 50.85 -4.52 -7.38
CA VAL G 254 49.94 -5.34 -8.17
C VAL G 254 49.00 -4.43 -8.96
N GLU G 255 48.96 -4.63 -10.28
CA GLU G 255 48.23 -3.73 -11.17
C GLU G 255 47.53 -4.48 -12.30
N GLY G 256 46.61 -3.78 -12.96
CA GLY G 256 45.82 -4.40 -14.02
C GLY G 256 44.72 -5.26 -13.44
N GLU G 257 44.45 -6.38 -14.11
CA GLU G 257 43.43 -7.31 -13.65
C GLU G 257 43.89 -8.06 -12.40
N ALA G 258 45.19 -8.03 -12.14
CA ALA G 258 45.75 -8.62 -10.92
C ALA G 258 45.34 -7.79 -9.71
N LEU G 259 45.25 -6.48 -9.90
CA LEU G 259 44.77 -5.57 -8.86
C LEU G 259 43.25 -5.59 -8.77
N ALA G 260 42.59 -5.79 -9.91
CA ALA G 260 41.14 -5.73 -10.00
C ALA G 260 40.45 -7.08 -9.81
N THR G 261 40.68 -8.02 -10.72
CA THR G 261 40.00 -9.31 -10.67
C THR G 261 40.38 -10.11 -9.42
N LEU G 262 41.40 -9.67 -8.71
CA LEU G 262 41.73 -10.27 -7.42
C LEU G 262 40.74 -9.83 -6.35
N VAL G 263 40.34 -8.56 -6.38
CA VAL G 263 39.43 -8.02 -5.36
C VAL G 263 37.98 -8.51 -5.54
N VAL G 264 37.68 -9.08 -6.70
CA VAL G 264 36.34 -9.63 -6.92
C VAL G 264 36.11 -10.90 -6.09
N ASN G 265 37.08 -11.80 -6.12
CA ASN G 265 36.94 -13.08 -5.42
C ASN G 265 36.96 -12.93 -3.90
N THR G 266 37.30 -11.73 -3.44
CA THR G 266 37.29 -11.43 -2.02
C THR G 266 35.87 -11.19 -1.51
N MET G 267 35.04 -10.56 -2.35
CA MET G 267 33.66 -10.30 -1.98
C MET G 267 32.84 -11.58 -1.95
N ARG G 268 33.29 -12.58 -2.71
CA ARG G 268 32.62 -13.87 -2.73
C ARG G 268 33.26 -14.84 -1.73
N GLY G 269 32.42 -15.65 -1.08
CA GLY G 269 32.84 -16.43 0.08
C GLY G 269 33.74 -17.63 -0.15
N ILE G 270 34.21 -17.83 -1.37
CA ILE G 270 35.09 -18.96 -1.67
C ILE G 270 36.58 -18.60 -1.48
N VAL G 271 36.87 -17.32 -1.26
CA VAL G 271 38.26 -16.88 -1.17
C VAL G 271 38.52 -15.83 -0.08
N LYS G 272 39.70 -15.92 0.53
CA LYS G 272 40.21 -14.89 1.43
C LYS G 272 41.61 -14.47 1.00
N VAL G 273 41.76 -13.22 0.58
CA VAL G 273 43.05 -12.73 0.10
C VAL G 273 43.29 -11.28 0.53
N ALA G 274 44.54 -10.84 0.45
CA ALA G 274 44.91 -9.47 0.79
C ALA G 274 46.12 -9.01 0.00
N ALA G 275 46.25 -7.69 -0.16
CA ALA G 275 47.38 -7.11 -0.90
C ALA G 275 47.81 -5.79 -0.27
N VAL G 276 49.07 -5.42 -0.47
CA VAL G 276 49.61 -4.22 0.16
C VAL G 276 50.40 -3.33 -0.80
N LYS G 277 50.64 -2.09 -0.36
CA LYS G 277 51.30 -1.09 -1.19
C LYS G 277 52.77 -1.38 -1.46
N ALA G 278 53.32 -2.39 -0.77
CA ALA G 278 54.68 -2.85 -1.05
C ALA G 278 55.77 -1.93 -0.47
N PRO G 279 57.02 -2.41 -0.52
CA PRO G 279 58.29 -1.82 -0.03
C PRO G 279 58.65 -0.46 -0.63
N GLY G 280 59.64 0.16 0.01
CA GLY G 280 59.98 1.57 -0.11
C GLY G 280 60.89 1.88 -1.28
N PHE G 281 60.77 1.08 -2.34
CA PHE G 281 61.73 1.00 -3.44
C PHE G 281 61.79 2.31 -4.23
N GLY G 282 62.59 2.38 -5.30
CA GLY G 282 63.13 1.25 -6.04
C GLY G 282 64.13 0.26 -5.46
N ASP G 283 65.28 0.76 -4.99
CA ASP G 283 66.35 -0.16 -4.59
C ASP G 283 66.14 -0.78 -3.21
N ARG G 284 65.66 0.02 -2.26
CA ARG G 284 65.52 -0.40 -0.88
C ARG G 284 64.51 -1.53 -0.67
N ARG G 285 63.55 -1.64 -1.59
CA ARG G 285 62.52 -2.68 -1.49
C ARG G 285 63.16 -4.07 -1.53
N LYS G 286 64.23 -4.19 -2.30
CA LYS G 286 64.95 -5.45 -2.43
C LYS G 286 65.53 -5.84 -1.08
N ALA G 287 65.87 -4.83 -0.28
CA ALA G 287 66.35 -5.05 1.07
C ALA G 287 65.20 -5.39 2.02
N MET G 288 64.13 -4.60 1.95
CA MET G 288 62.97 -4.78 2.84
C MET G 288 62.30 -6.13 2.65
N LEU G 289 62.16 -6.54 1.39
CA LEU G 289 61.49 -7.81 1.07
C LEU G 289 62.23 -9.01 1.60
N GLN G 290 63.54 -9.06 1.37
CA GLN G 290 64.36 -10.15 1.87
C GLN G 290 64.32 -10.18 3.40
N ASP G 291 64.00 -9.04 4.00
CA ASP G 291 63.81 -8.97 5.44
C ASP G 291 62.50 -9.64 5.84
N ILE G 292 61.43 -9.32 5.13
CA ILE G 292 60.13 -9.96 5.35
C ILE G 292 60.20 -11.45 5.07
N ALA G 293 60.76 -11.80 3.92
CA ALA G 293 60.91 -13.19 3.52
C ALA G 293 61.72 -13.96 4.55
N THR G 294 62.77 -13.33 5.07
CA THR G 294 63.62 -13.95 6.08
C THR G 294 62.85 -14.18 7.39
N LEU G 295 61.92 -13.29 7.70
CA LEU G 295 61.11 -13.39 8.91
C LEU G 295 60.00 -14.43 8.77
N THR G 296 59.42 -14.51 7.57
CA THR G 296 58.31 -15.40 7.33
C THR G 296 58.77 -16.78 6.84
N GLY G 297 60.08 -16.96 6.79
CA GLY G 297 60.65 -18.23 6.36
C GLY G 297 60.41 -18.51 4.88
N GLY G 298 60.05 -17.47 4.15
CA GLY G 298 59.76 -17.62 2.72
C GLY G 298 60.92 -17.22 1.82
N THR G 299 60.76 -17.52 0.53
CA THR G 299 61.78 -17.18 -0.45
C THR G 299 61.30 -16.06 -1.37
N VAL G 300 62.24 -15.23 -1.82
CA VAL G 300 61.92 -14.12 -2.70
C VAL G 300 62.18 -14.51 -4.15
N ILE G 301 61.10 -14.61 -4.93
CA ILE G 301 61.23 -14.97 -6.35
C ILE G 301 60.92 -13.78 -7.26
N SER G 302 61.94 -13.37 -8.01
CA SER G 302 61.81 -12.25 -8.93
C SER G 302 62.11 -12.69 -10.35
N GLU G 303 61.61 -11.93 -11.33
CA GLU G 303 61.94 -12.15 -12.72
C GLU G 303 63.33 -11.58 -13.02
N GLU G 304 63.74 -10.59 -12.23
CA GLU G 304 65.06 -9.98 -12.36
C GLU G 304 66.16 -11.03 -12.29
N ILE G 305 66.08 -11.90 -11.27
CA ILE G 305 67.05 -12.98 -11.11
C ILE G 305 66.88 -14.03 -12.21
N GLY G 306 65.72 -14.01 -12.85
CA GLY G 306 65.40 -14.98 -13.89
C GLY G 306 64.36 -16.00 -13.47
N MET G 307 64.01 -15.99 -12.19
CA MET G 307 62.98 -16.89 -11.65
C MET G 307 61.58 -16.44 -12.06
N GLU G 308 60.64 -17.37 -12.07
CA GLU G 308 59.27 -17.07 -12.49
C GLU G 308 58.25 -17.38 -11.39
N LEU G 309 57.09 -16.75 -11.47
CA LEU G 309 56.03 -16.97 -10.49
C LEU G 309 55.32 -18.30 -10.69
N GLU G 310 55.63 -18.94 -11.82
CA GLU G 310 55.07 -20.25 -12.13
C GLU G 310 55.75 -21.35 -11.31
N LYS G 311 57.08 -21.31 -11.25
CA LYS G 311 57.85 -22.29 -10.52
C LYS G 311 57.62 -22.20 -9.02
N ALA G 312 57.12 -21.05 -8.57
CA ALA G 312 56.89 -20.82 -7.16
C ALA G 312 55.97 -21.89 -6.59
N THR G 313 56.44 -22.56 -5.53
CA THR G 313 55.71 -23.67 -4.95
C THR G 313 55.02 -23.27 -3.67
N LEU G 314 54.36 -24.24 -3.03
CA LEU G 314 53.64 -24.00 -1.78
C LEU G 314 54.58 -23.59 -0.64
N GLU G 315 55.76 -24.17 -0.62
CA GLU G 315 56.74 -23.88 0.42
C GLU G 315 57.56 -22.64 0.11
N ASP G 316 57.48 -22.18 -1.14
CA ASP G 316 58.22 -21.00 -1.57
C ASP G 316 57.67 -19.76 -0.86
N LEU G 317 56.46 -19.88 -0.34
CA LEU G 317 55.81 -18.80 0.39
C LEU G 317 56.33 -18.68 1.82
N GLY G 318 56.25 -17.47 2.37
CA GLY G 318 56.56 -17.27 3.78
C GLY G 318 55.33 -17.62 4.59
N GLN G 319 55.43 -17.53 5.92
CA GLN G 319 54.29 -17.85 6.76
C GLN G 319 54.29 -17.12 8.10
N ALA G 320 53.11 -16.94 8.66
CA ALA G 320 52.96 -16.32 9.96
C ALA G 320 51.66 -16.79 10.60
N LYS G 321 51.55 -16.67 11.91
CA LYS G 321 50.34 -17.08 12.62
C LYS G 321 49.15 -16.18 12.27
N ARG G 322 49.35 -14.88 12.41
CA ARG G 322 48.27 -13.92 12.22
C ARG G 322 48.81 -12.70 11.48
N VAL G 323 47.98 -12.10 10.64
CA VAL G 323 48.38 -10.90 9.91
C VAL G 323 47.28 -9.84 9.95
N VAL G 324 47.68 -8.58 10.07
CA VAL G 324 46.74 -7.47 10.13
C VAL G 324 47.12 -6.37 9.15
N ILE G 325 46.18 -6.01 8.28
CA ILE G 325 46.40 -4.93 7.32
C ILE G 325 45.42 -3.78 7.55
N ASN G 326 45.94 -2.65 7.98
CA ASN G 326 45.12 -1.46 8.23
C ASN G 326 45.11 -0.55 7.01
N LYS G 327 44.54 0.64 7.18
CA LYS G 327 44.51 1.62 6.10
C LYS G 327 45.91 2.05 5.69
N ASP G 328 46.68 2.58 6.64
CA ASP G 328 48.05 2.99 6.37
C ASP G 328 49.12 1.96 6.78
N THR G 329 48.71 0.86 7.39
CA THR G 329 49.69 -0.05 7.99
C THR G 329 49.36 -1.53 7.88
N THR G 330 50.41 -2.36 7.88
CA THR G 330 50.27 -3.81 7.84
C THR G 330 51.25 -4.48 8.80
N THR G 331 50.74 -5.35 9.66
CA THR G 331 51.55 -5.97 10.70
C THR G 331 51.62 -7.49 10.57
N ILE G 332 52.79 -8.04 10.86
CA ILE G 332 52.98 -9.49 10.84
C ILE G 332 53.25 -10.04 12.25
N ILE G 333 52.35 -10.90 12.72
CA ILE G 333 52.45 -11.46 14.06
C ILE G 333 52.95 -12.90 14.01
N ASP G 334 54.07 -13.14 14.71
CA ASP G 334 54.64 -14.48 14.84
C ASP G 334 55.00 -15.16 13.51
N GLY G 335 56.03 -14.63 12.84
CA GLY G 335 56.56 -15.23 11.63
C GLY G 335 57.17 -16.58 11.92
N VAL G 336 57.12 -17.47 10.94
CA VAL G 336 57.57 -18.85 11.12
C VAL G 336 59.04 -19.04 10.70
N GLY G 337 59.69 -17.95 10.30
CA GLY G 337 61.08 -18.02 9.87
C GLY G 337 62.03 -18.49 10.96
N GLU G 338 63.03 -19.27 10.58
CA GLU G 338 64.00 -19.80 11.54
C GLU G 338 64.83 -18.70 12.19
N GLU G 339 65.19 -18.91 13.45
CA GLU G 339 65.91 -17.91 14.23
C GLU G 339 67.37 -17.76 13.77
N ALA G 340 67.96 -18.85 13.29
CA ALA G 340 69.30 -18.80 12.73
C ALA G 340 69.32 -17.93 11.48
N ALA G 341 68.32 -18.12 10.62
CA ALA G 341 68.12 -17.27 9.45
C ALA G 341 68.00 -15.80 9.86
N ILE G 342 66.95 -15.50 10.61
CA ILE G 342 66.67 -14.14 11.08
C ILE G 342 67.88 -13.48 11.75
N GLN G 343 68.59 -14.24 12.57
CA GLN G 343 69.72 -13.69 13.33
C GLN G 343 70.86 -13.28 12.42
N GLY G 344 71.20 -14.13 11.46
CA GLY G 344 72.24 -13.84 10.49
C GLY G 344 71.89 -12.67 9.60
N ARG G 345 70.60 -12.52 9.29
CA ARG G 345 70.11 -11.41 8.49
C ARG G 345 70.27 -10.10 9.24
N VAL G 346 70.22 -10.16 10.56
CA VAL G 346 70.47 -8.99 11.40
C VAL G 346 71.91 -8.55 11.26
N ALA G 347 72.83 -9.49 11.48
CA ALA G 347 74.26 -9.21 11.39
C ALA G 347 74.67 -8.67 10.01
N GLN G 348 74.06 -9.22 8.96
CA GLN G 348 74.32 -8.78 7.58
C GLN G 348 74.02 -7.29 7.42
N ILE G 349 72.93 -6.84 8.03
CA ILE G 349 72.53 -5.44 7.97
C ILE G 349 73.36 -4.58 8.93
N ARG G 350 73.84 -5.20 10.01
CA ARG G 350 74.61 -4.47 11.01
C ARG G 350 76.02 -4.14 10.52
N GLN G 351 76.53 -4.92 9.57
CA GLN G 351 77.81 -4.61 8.95
C GLN G 351 77.68 -3.32 8.15
N GLN G 352 76.54 -3.15 7.49
CA GLN G 352 76.31 -2.00 6.62
C GLN G 352 76.25 -0.67 7.37
N ILE G 353 76.24 -0.72 8.70
CA ILE G 353 76.29 0.50 9.50
C ILE G 353 77.65 1.19 9.38
N GLU G 354 78.73 0.41 9.50
CA GLU G 354 80.08 0.92 9.24
C GLU G 354 80.27 1.06 7.73
N GLU G 355 79.40 0.39 6.98
CA GLU G 355 79.44 0.40 5.52
C GLU G 355 78.58 1.53 4.98
N ALA G 356 77.99 2.31 5.88
CA ALA G 356 77.13 3.43 5.50
C ALA G 356 77.94 4.71 5.29
N THR G 357 77.79 5.31 4.11
CA THR G 357 78.52 6.52 3.75
C THR G 357 77.72 7.80 4.02
N SER G 358 76.53 7.66 4.61
CA SER G 358 75.67 8.81 4.88
C SER G 358 74.80 8.61 6.12
N ASP G 359 74.39 9.71 6.75
CA ASP G 359 73.51 9.67 7.91
C ASP G 359 72.13 9.13 7.53
N TYR G 360 71.80 9.23 6.25
CA TYR G 360 70.47 8.86 5.75
C TYR G 360 70.31 7.34 5.63
N ASP G 361 71.41 6.65 5.34
CA ASP G 361 71.39 5.19 5.24
C ASP G 361 71.29 4.55 6.63
N ARG G 362 72.10 5.04 7.57
CA ARG G 362 72.11 4.50 8.93
C ARG G 362 70.76 4.65 9.64
N GLU G 363 69.92 5.53 9.11
CA GLU G 363 68.55 5.67 9.59
C GLU G 363 67.71 4.51 9.10
N LYS G 364 67.54 4.44 7.78
CA LYS G 364 66.78 3.37 7.13
C LYS G 364 67.16 1.97 7.60
N LEU G 365 68.41 1.58 7.34
CA LEU G 365 68.88 0.24 7.70
C LEU G 365 68.73 -0.06 9.19
N GLN G 366 68.80 0.98 10.02
CA GLN G 366 68.60 0.83 11.45
C GLN G 366 67.11 0.68 11.78
N GLU G 367 66.27 1.24 10.90
CA GLU G 367 64.83 1.07 11.01
C GLU G 367 64.45 -0.37 10.68
N ARG G 368 65.24 -1.01 9.81
CA ARG G 368 65.00 -2.39 9.42
C ARG G 368 65.39 -3.37 10.52
N VAL G 369 66.54 -3.12 11.13
CA VAL G 369 67.01 -3.98 12.22
C VAL G 369 66.11 -3.84 13.44
N ALA G 370 65.40 -2.73 13.52
CA ALA G 370 64.44 -2.52 14.60
C ALA G 370 63.17 -3.33 14.35
N LYS G 371 62.87 -3.60 13.08
CA LYS G 371 61.70 -4.39 12.72
C LYS G 371 61.95 -5.87 12.97
N LEU G 372 63.10 -6.37 12.50
CA LEU G 372 63.43 -7.78 12.63
C LEU G 372 63.89 -8.18 14.03
N ALA G 373 64.77 -7.37 14.62
CA ALA G 373 65.34 -7.69 15.93
C ALA G 373 64.40 -7.36 17.08
N GLY G 374 63.47 -6.44 16.85
CA GLY G 374 62.57 -5.97 17.89
C GLY G 374 61.45 -6.93 18.25
N GLY G 375 60.88 -7.59 17.26
CA GLY G 375 59.78 -8.50 17.50
C GLY G 375 58.50 -7.76 17.82
N VAL G 376 57.45 -8.51 18.12
CA VAL G 376 56.15 -7.92 18.40
C VAL G 376 55.51 -8.48 19.68
N ALA G 377 55.27 -7.61 20.65
CA ALA G 377 54.59 -8.02 21.87
C ALA G 377 53.09 -7.98 21.67
N VAL G 378 52.43 -9.11 21.89
CA VAL G 378 50.99 -9.20 21.70
C VAL G 378 50.26 -9.47 23.02
N ILE G 379 49.33 -8.58 23.36
CA ILE G 379 48.50 -8.78 24.54
C ILE G 379 47.09 -9.19 24.13
N LYS G 380 46.54 -10.16 24.85
CA LYS G 380 45.20 -10.65 24.57
C LYS G 380 44.26 -10.25 25.72
N VAL G 381 43.31 -9.37 25.41
CA VAL G 381 42.43 -8.77 26.41
C VAL G 381 41.80 -9.81 27.32
N GLY G 382 41.31 -10.89 26.71
CA GLY G 382 40.78 -12.02 27.46
C GLY G 382 39.63 -11.67 28.39
N ALA G 383 38.92 -10.58 28.11
CA ALA G 383 37.70 -10.29 28.82
C ALA G 383 36.67 -11.25 28.28
N ALA G 384 36.05 -12.05 29.15
CA ALA G 384 35.24 -13.16 28.65
C ALA G 384 33.76 -12.83 28.67
N THR G 385 33.24 -12.63 27.46
CA THR G 385 31.84 -12.33 27.18
C THR G 385 31.82 -12.05 25.68
N GLU G 386 30.65 -11.97 25.07
CA GLU G 386 30.58 -11.53 23.69
C GLU G 386 30.71 -10.02 23.64
N VAL G 387 30.01 -9.34 24.57
CA VAL G 387 30.01 -7.88 24.63
C VAL G 387 31.25 -7.30 25.32
N GLU G 388 31.71 -7.96 26.38
CA GLU G 388 32.85 -7.48 27.17
C GLU G 388 34.16 -7.50 26.39
N MET G 389 34.24 -8.36 25.38
CA MET G 389 35.45 -8.52 24.59
C MET G 389 35.65 -7.37 23.60
N LYS G 390 34.58 -7.04 22.87
CA LYS G 390 34.64 -6.02 21.82
C LYS G 390 34.93 -4.64 22.41
N GLU G 391 34.60 -4.47 23.69
CA GLU G 391 34.77 -3.19 24.38
C GLU G 391 36.16 -3.02 24.98
N LYS G 392 36.50 -3.91 25.91
CA LYS G 392 37.76 -3.85 26.65
C LYS G 392 38.99 -3.83 25.74
N LYS G 393 38.84 -4.34 24.52
CA LYS G 393 39.90 -4.28 23.51
C LYS G 393 40.09 -2.85 23.01
N ALA G 394 39.02 -2.08 23.03
CA ALA G 394 39.03 -0.69 22.59
C ALA G 394 39.60 0.26 23.65
N ARG G 395 39.41 -0.08 24.92
CA ARG G 395 39.94 0.73 26.01
C ARG G 395 41.43 0.45 26.22
N VAL G 396 41.82 -0.82 26.16
CA VAL G 396 43.22 -1.19 26.32
C VAL G 396 44.04 -0.68 25.14
N GLU G 397 43.41 -0.66 23.97
CA GLU G 397 44.04 -0.09 22.77
C GLU G 397 44.36 1.39 23.00
N ASP G 398 43.46 2.09 23.68
CA ASP G 398 43.66 3.49 24.02
C ASP G 398 44.59 3.67 25.22
N ALA G 399 44.49 2.75 26.18
CA ALA G 399 45.34 2.78 27.36
C ALA G 399 46.80 2.63 26.96
N LEU G 400 47.02 1.89 25.87
CA LEU G 400 48.36 1.72 25.32
C LEU G 400 48.79 3.00 24.62
N HIS G 401 47.84 3.64 23.94
CA HIS G 401 48.12 4.88 23.23
C HIS G 401 48.48 5.98 24.22
N ALA G 402 47.81 6.01 25.36
CA ALA G 402 48.07 7.03 26.37
C ALA G 402 49.44 6.82 27.04
N THR G 403 49.85 5.57 27.19
CA THR G 403 51.14 5.28 27.80
C THR G 403 52.23 5.71 26.85
N ARG G 404 52.06 5.40 25.57
CA ARG G 404 52.97 5.87 24.54
C ARG G 404 53.09 7.39 24.55
N ALA G 405 51.96 8.07 24.73
CA ALA G 405 51.97 9.53 24.85
C ALA G 405 52.75 9.97 26.08
N ALA G 406 52.62 9.23 27.18
CA ALA G 406 53.37 9.54 28.39
C ALA G 406 54.87 9.40 28.14
N VAL G 407 55.24 8.35 27.43
CA VAL G 407 56.65 8.09 27.12
C VAL G 407 57.23 9.16 26.20
N GLU G 408 56.40 9.72 25.33
CA GLU G 408 56.86 10.75 24.39
C GLU G 408 57.02 12.13 25.05
N GLU G 409 55.90 12.70 25.48
CA GLU G 409 55.90 14.07 26.05
C GLU G 409 55.95 14.15 27.57
N GLY G 410 55.96 13.01 28.26
CA GLY G 410 56.08 12.99 29.71
C GLY G 410 54.78 12.93 30.50
N VAL G 411 54.88 13.17 31.80
CA VAL G 411 53.71 13.14 32.69
C VAL G 411 53.66 14.33 33.65
N VAL G 412 52.46 14.60 34.15
CA VAL G 412 52.23 15.67 35.12
C VAL G 412 51.28 15.14 36.17
N ALA G 413 51.18 15.87 37.28
CA ALA G 413 50.31 15.45 38.38
C ALA G 413 48.87 15.35 37.93
N GLY G 414 48.26 14.19 38.20
CA GLY G 414 46.88 13.95 37.83
C GLY G 414 45.89 14.59 38.78
N GLY G 415 44.64 14.14 38.71
CA GLY G 415 43.59 14.65 39.58
C GLY G 415 43.29 16.12 39.35
N GLY G 416 43.63 16.62 38.16
CA GLY G 416 43.38 18.01 37.80
C GLY G 416 44.33 18.99 38.48
N VAL G 417 45.36 18.46 39.13
CA VAL G 417 46.33 19.28 39.85
C VAL G 417 47.19 20.12 38.89
N ALA G 418 47.65 19.49 37.81
CA ALA G 418 48.48 20.18 36.81
C ALA G 418 47.81 21.42 36.22
N LEU G 419 46.53 21.32 35.85
CA LEU G 419 45.80 22.47 35.33
C LEU G 419 45.61 23.55 36.40
N ILE G 420 45.38 23.14 37.65
CA ILE G 420 45.32 24.06 38.77
C ILE G 420 46.63 24.84 38.93
N ARG G 421 47.75 24.13 38.82
CA ARG G 421 49.08 24.73 38.97
C ARG G 421 49.42 25.68 37.85
N VAL G 422 49.08 25.28 36.62
CA VAL G 422 49.35 26.09 35.45
C VAL G 422 48.58 27.40 35.54
N ALA G 423 47.35 27.33 36.03
CA ALA G 423 46.52 28.52 36.15
C ALA G 423 47.07 29.50 37.18
N SER G 424 47.72 28.98 38.21
CA SER G 424 48.26 29.84 39.25
C SER G 424 49.46 30.60 38.70
N LYS G 425 50.25 29.94 37.85
CA LYS G 425 51.39 30.57 37.22
C LYS G 425 50.98 31.65 36.21
N LEU G 426 49.78 31.50 35.64
CA LEU G 426 49.28 32.43 34.62
C LEU G 426 48.49 33.61 35.21
N ALA G 427 48.47 33.72 36.54
CA ALA G 427 47.74 34.79 37.23
C ALA G 427 48.00 36.21 36.69
N ASP G 428 49.23 36.46 36.22
CA ASP G 428 49.58 37.79 35.73
C ASP G 428 49.35 38.04 34.22
N LEU G 429 49.01 36.99 33.50
CA LEU G 429 48.85 37.08 32.05
C LEU G 429 47.78 38.10 31.66
N ARG G 430 48.05 38.88 30.61
CA ARG G 430 47.13 39.93 30.18
C ARG G 430 46.93 39.96 28.66
N GLY G 431 45.85 40.62 28.23
CA GLY G 431 45.55 40.79 26.82
C GLY G 431 45.75 42.21 26.30
N GLN G 432 45.24 42.48 25.11
CA GLN G 432 45.37 43.82 24.51
C GLN G 432 44.36 44.79 25.10
N ASN G 433 43.23 44.26 25.58
CA ASN G 433 42.18 45.08 26.17
C ASN G 433 41.48 44.30 27.27
N GLU G 434 40.48 44.90 27.90
CA GLU G 434 39.81 44.25 29.01
C GLU G 434 39.05 42.98 28.64
N ASP G 435 38.42 42.99 27.46
CA ASP G 435 37.66 41.83 27.00
C ASP G 435 38.56 40.62 26.80
N GLN G 436 39.76 40.85 26.26
CA GLN G 436 40.75 39.79 26.16
C GLN G 436 41.16 39.32 27.56
N ASN G 437 41.25 40.26 28.50
CA ASN G 437 41.54 39.93 29.89
C ASN G 437 40.50 38.98 30.47
N VAL G 438 39.23 39.33 30.32
CA VAL G 438 38.12 38.48 30.81
C VAL G 438 38.16 37.08 30.19
N GLY G 439 38.42 37.03 28.88
CA GLY G 439 38.66 35.77 28.21
C GLY G 439 39.72 34.95 28.91
N ILE G 440 40.86 35.56 29.20
CA ILE G 440 41.95 34.91 29.90
C ILE G 440 41.49 34.30 31.24
N LYS G 441 40.87 35.12 32.08
CA LYS G 441 40.31 34.63 33.35
C LYS G 441 39.26 33.52 33.16
N VAL G 442 38.50 33.58 32.06
CA VAL G 442 37.55 32.52 31.75
C VAL G 442 38.27 31.18 31.60
N ALA G 443 39.30 31.15 30.76
CA ALA G 443 40.14 29.97 30.63
C ALA G 443 40.74 29.52 31.97
N LEU G 444 41.36 30.43 32.71
CA LEU G 444 41.98 30.06 34.00
C LEU G 444 40.98 29.50 35.02
N ARG G 445 39.75 30.00 35.01
CA ARG G 445 38.73 29.44 35.91
C ARG G 445 38.38 28.01 35.50
N ALA G 446 38.31 27.77 34.19
CA ALA G 446 37.93 26.47 33.67
C ALA G 446 38.91 25.40 34.06
N MET G 447 40.18 25.77 34.12
CA MET G 447 41.25 24.83 34.42
C MET G 447 41.10 24.18 35.80
N GLU G 448 40.23 24.75 36.63
CA GLU G 448 39.94 24.15 37.92
C GLU G 448 38.82 23.11 37.84
N ALA G 449 38.08 23.09 36.74
CA ALA G 449 36.87 22.30 36.64
C ALA G 449 37.10 20.79 36.80
N PRO G 450 38.18 20.27 36.18
CA PRO G 450 38.43 18.83 36.32
C PRO G 450 38.63 18.40 37.77
N LEU G 451 39.46 19.12 38.53
CA LEU G 451 39.67 18.79 39.93
C LEU G 451 38.34 18.89 40.70
N ARG G 452 37.66 20.02 40.53
CA ARG G 452 36.42 20.26 41.23
C ARG G 452 35.38 19.17 40.97
N GLN G 453 35.28 18.72 39.73
CA GLN G 453 34.32 17.70 39.33
C GLN G 453 34.70 16.34 39.91
N ILE G 454 35.98 16.00 39.85
CA ILE G 454 36.48 14.78 40.48
C ILE G 454 36.09 14.76 41.94
N VAL G 455 36.26 15.88 42.61
CA VAL G 455 35.99 15.97 44.04
C VAL G 455 34.49 15.87 44.31
N LEU G 456 33.70 16.59 43.52
CA LEU G 456 32.25 16.55 43.61
C LEU G 456 31.72 15.11 43.46
N ASN G 457 32.32 14.34 42.57
CA ASN G 457 31.93 12.95 42.41
C ASN G 457 32.27 12.10 43.64
N CYS G 458 33.11 12.65 44.52
CA CYS G 458 33.48 11.97 45.76
C CYS G 458 32.46 12.22 46.86
N GLY G 459 31.60 13.22 46.65
CA GLY G 459 30.66 13.64 47.67
C GLY G 459 31.30 14.56 48.70
N GLU G 460 32.47 15.10 48.35
CA GLU G 460 33.13 16.10 49.18
C GLU G 460 32.94 17.48 48.56
N GLU G 461 33.44 18.52 49.23
CA GLU G 461 33.22 19.89 48.75
C GLU G 461 34.37 20.40 47.88
N PRO G 462 34.08 20.61 46.59
CA PRO G 462 35.07 21.01 45.59
C PRO G 462 35.77 22.30 46.00
N SER G 463 35.01 23.22 46.58
CA SER G 463 35.52 24.51 47.01
C SER G 463 36.67 24.36 48.01
N VAL G 464 36.43 23.56 49.05
CA VAL G 464 37.40 23.31 50.11
C VAL G 464 38.65 22.59 49.63
N VAL G 465 38.45 21.57 48.80
CA VAL G 465 39.57 20.78 48.32
C VAL G 465 40.42 21.60 47.35
N ALA G 466 39.74 22.32 46.46
CA ALA G 466 40.42 23.16 45.47
C ALA G 466 41.25 24.22 46.18
N ASN G 467 40.64 24.87 47.17
CA ASN G 467 41.32 25.81 48.03
C ASN G 467 42.56 25.21 48.69
N THR G 468 42.38 24.03 49.28
CA THR G 468 43.47 23.36 49.98
C THR G 468 44.62 23.00 49.05
N VAL G 469 44.29 22.54 47.84
CA VAL G 469 45.30 22.19 46.87
C VAL G 469 46.03 23.42 46.33
N LYS G 470 45.28 24.46 46.00
CA LYS G 470 45.85 25.72 45.55
C LYS G 470 46.81 26.28 46.60
N GLY G 471 46.47 26.08 47.86
CA GLY G 471 47.31 26.57 48.95
C GLY G 471 48.62 25.82 49.07
N GLY G 472 48.70 24.70 48.36
CA GLY G 472 49.90 23.88 48.36
C GLY G 472 50.85 24.19 47.22
N ASP G 473 51.73 23.25 46.94
CA ASP G 473 52.89 23.50 46.10
C ASP G 473 53.15 22.31 45.19
N GLY G 474 53.71 22.57 44.01
CA GLY G 474 54.19 21.49 43.17
C GLY G 474 53.16 20.42 42.83
N ASN G 475 53.49 19.19 43.20
CA ASN G 475 52.67 18.01 42.93
C ASN G 475 51.71 17.58 44.06
N TYR G 476 51.68 18.39 45.12
CA TYR G 476 50.70 18.23 46.19
C TYR G 476 49.31 18.23 45.55
N GLY G 477 48.47 17.25 45.90
CA GLY G 477 47.14 17.16 45.33
C GLY G 477 46.21 16.35 46.21
N TYR G 478 44.97 16.18 45.76
CA TYR G 478 44.00 15.35 46.47
C TYR G 478 43.89 14.00 45.80
N ASN G 479 44.08 12.93 46.58
CA ASN G 479 43.88 11.59 46.05
C ASN G 479 42.44 11.20 46.34
N ALA G 480 41.64 11.11 45.28
CA ALA G 480 40.21 10.93 45.40
C ALA G 480 39.83 9.48 45.71
N ALA G 481 40.77 8.55 45.49
CA ALA G 481 40.56 7.16 45.84
C ALA G 481 40.64 6.98 47.36
N THR G 482 41.69 7.53 47.96
CA THR G 482 41.89 7.35 49.39
C THR G 482 41.35 8.51 50.24
N GLU G 483 40.86 9.55 49.60
CA GLU G 483 40.42 10.76 50.29
C GLU G 483 41.54 11.39 51.13
N GLU G 484 42.74 11.49 50.57
CA GLU G 484 43.88 12.06 51.29
C GLU G 484 44.80 12.89 50.39
N TYR G 485 45.48 13.87 50.98
CA TYR G 485 46.37 14.70 50.21
C TYR G 485 47.76 14.08 50.18
N GLY G 486 48.65 14.69 49.40
CA GLY G 486 50.01 14.20 49.31
C GLY G 486 50.57 14.46 47.93
N ASN G 487 51.76 13.92 47.69
CA ASN G 487 52.40 14.09 46.41
C ASN G 487 51.75 13.16 45.37
N MET G 488 51.22 13.76 44.30
CA MET G 488 50.51 12.99 43.29
C MET G 488 51.44 12.01 42.56
N ILE G 489 52.64 12.47 42.24
CA ILE G 489 53.61 11.64 41.54
C ILE G 489 54.07 10.45 42.39
N ASP G 490 54.28 10.68 43.68
CA ASP G 490 54.68 9.60 44.57
C ASP G 490 53.52 8.62 44.71
N MET G 491 52.33 9.16 44.88
CA MET G 491 51.11 8.36 44.97
C MET G 491 50.77 7.66 43.64
N GLY G 492 51.51 7.98 42.59
CA GLY G 492 51.38 7.30 41.32
C GLY G 492 50.16 7.72 40.53
N ILE G 493 49.65 8.92 40.76
CA ILE G 493 48.55 9.39 39.94
C ILE G 493 49.09 10.36 38.90
N LEU G 494 49.19 9.87 37.67
CA LEU G 494 49.98 10.51 36.63
C LEU G 494 49.16 10.68 35.36
N ASP G 495 48.99 11.92 34.92
CA ASP G 495 48.41 12.16 33.61
C ASP G 495 49.50 12.31 32.56
N PRO G 496 49.34 11.65 31.41
CA PRO G 496 50.23 11.96 30.30
C PRO G 496 50.07 13.44 29.96
N THR G 497 51.18 14.18 29.85
CA THR G 497 51.10 15.60 29.54
C THR G 497 50.35 15.84 28.24
N LYS G 498 50.57 14.97 27.26
CA LYS G 498 49.89 15.09 25.97
C LYS G 498 48.37 15.02 26.12
N VAL G 499 47.91 14.27 27.12
CA VAL G 499 46.48 14.09 27.35
C VAL G 499 45.86 15.35 27.96
N THR G 500 46.49 15.87 29.01
CA THR G 500 46.01 17.08 29.66
C THR G 500 46.04 18.24 28.66
N ARG G 501 47.19 18.37 27.99
CA ARG G 501 47.39 19.35 26.93
C ARG G 501 46.29 19.27 25.85
N SER G 502 46.06 18.07 25.31
CA SER G 502 45.07 17.86 24.26
C SER G 502 43.65 18.17 24.72
N ALA G 503 43.31 17.76 25.94
CA ALA G 503 41.98 18.03 26.47
C ALA G 503 41.66 19.52 26.47
N LEU G 504 42.57 20.33 27.03
CA LEU G 504 42.39 21.77 27.11
C LEU G 504 42.32 22.42 25.73
N GLN G 505 43.24 22.05 24.85
CA GLN G 505 43.28 22.62 23.51
C GLN G 505 42.02 22.37 22.67
N TYR G 506 41.55 21.13 22.65
CA TYR G 506 40.31 20.81 21.94
C TYR G 506 39.10 21.44 22.60
N ALA G 507 39.07 21.42 23.92
CA ALA G 507 38.00 22.07 24.66
C ALA G 507 37.91 23.55 24.28
N ALA G 508 39.04 24.24 24.34
CA ALA G 508 39.11 25.66 24.03
C ALA G 508 38.78 25.98 22.57
N SER G 509 39.18 25.08 21.67
CA SER G 509 38.79 25.17 20.26
C SER G 509 37.28 25.29 20.08
N VAL G 510 36.54 24.26 20.48
CA VAL G 510 35.09 24.25 20.29
C VAL G 510 34.42 25.41 21.02
N ALA G 511 34.98 25.79 22.17
CA ALA G 511 34.39 26.86 22.96
C ALA G 511 34.56 28.21 22.26
N GLY G 512 35.68 28.39 21.59
CA GLY G 512 35.93 29.61 20.85
C GLY G 512 34.94 29.70 19.71
N LEU G 513 34.80 28.58 19.00
CA LEU G 513 33.82 28.48 17.92
C LEU G 513 32.40 28.86 18.36
N MET G 514 31.92 28.32 19.49
CA MET G 514 30.55 28.61 19.92
C MET G 514 30.36 30.05 20.35
N ILE G 515 31.36 30.58 21.04
CA ILE G 515 31.34 31.96 21.54
C ILE G 515 31.32 32.95 20.37
N THR G 516 31.90 32.54 19.26
CA THR G 516 31.92 33.28 17.99
C THR G 516 30.82 32.91 16.97
N THR G 517 29.84 32.10 17.41
CA THR G 517 28.74 31.68 16.56
C THR G 517 27.55 32.62 16.61
N GLU G 518 27.25 33.25 15.48
CA GLU G 518 26.06 34.09 15.38
C GLU G 518 24.80 33.45 14.76
N CYS G 519 24.94 32.31 14.10
CA CYS G 519 23.80 31.75 13.35
C CYS G 519 23.84 30.24 13.24
N MET G 520 22.67 29.61 13.31
CA MET G 520 22.57 28.16 13.11
C MET G 520 21.49 27.82 12.10
N VAL G 521 21.79 26.86 11.25
CA VAL G 521 20.82 26.38 10.27
C VAL G 521 20.60 24.88 10.41
N THR G 522 19.35 24.45 10.40
CA THR G 522 19.02 23.02 10.47
C THR G 522 17.70 22.72 9.79
N ASP G 523 17.29 21.46 9.81
CA ASP G 523 16.01 21.05 9.23
C ASP G 523 14.83 21.42 10.13
N LEU G 524 13.64 21.54 9.54
CA LEU G 524 12.43 21.80 10.30
C LEU G 524 11.99 20.58 11.10
N PRO G 525 11.59 20.80 12.37
CA PRO G 525 11.14 19.77 13.32
C PRO G 525 10.20 18.74 12.70
#